data_7NM5
#
_entry.id   7NM5
#
loop_
_entity.id
_entity.type
_entity.pdbx_description
1 polymer 'Mixed lineage kinase domain-like protein'
2 non-polymer '2-[(~{S})-methoxy-(4-phenylphenyl)methyl]-3~{H}-benzimidazole-5-carboxylic acid'
#
_entity_poly.entity_id   1
_entity_poly.type   'polypeptide(L)'
_entity_poly.pdbx_seq_one_letter_code
;GSPGENLKHIITLGQVIHKRCEEMKYCKKQCRRLGHRVLGLIKPLEMLQDQGKRSVPSEKLTTAMNRFKAALEEANGEIE
KFSNRSNICRFLTASQDKILFKDVNRKLSDVWKELSLLLQVEQRMPVSPISQGASWAQEDQQDADEDRRAFQMLRRD
;
_entity_poly.pdbx_strand_id   A
#
loop_
_chem_comp.id
_chem_comp.type
_chem_comp.name
_chem_comp.formula
UJ2 non-polymer '2-[(~{S})-methoxy-(4-phenylphenyl)methyl]-3~{H}-benzimidazole-5-carboxylic acid' 'C22 H18 N2 O3'
#
# COMPACT_ATOMS: atom_id res chain seq x y z
N GLY A 1 -4.44 -17.11 22.14
CA GLY A 1 -4.01 -18.00 21.08
C GLY A 1 -4.76 -17.74 19.78
N SER A 2 -5.96 -18.29 19.67
CA SER A 2 -6.76 -18.12 18.47
C SER A 2 -6.09 -18.76 17.26
N PRO A 3 -6.87 -19.03 16.21
CA PRO A 3 -6.37 -19.65 14.98
C PRO A 3 -5.48 -18.70 14.19
N GLY A 4 -5.14 -19.10 12.97
CA GLY A 4 -4.29 -18.28 12.13
C GLY A 4 -5.08 -17.37 11.21
N GLU A 5 -6.24 -16.92 11.68
CA GLU A 5 -7.10 -16.04 10.90
C GLU A 5 -6.48 -14.66 10.76
N ASN A 6 -5.80 -14.21 11.80
CA ASN A 6 -5.15 -12.90 11.80
C ASN A 6 -4.20 -12.76 10.62
N LEU A 7 -3.54 -13.86 10.27
CA LEU A 7 -2.59 -13.88 9.16
C LEU A 7 -3.29 -13.52 7.85
N LYS A 8 -4.47 -14.09 7.64
CA LYS A 8 -5.24 -13.83 6.42
C LYS A 8 -5.53 -12.35 6.27
N HIS A 9 -5.54 -11.63 7.39
CA HIS A 9 -5.79 -10.20 7.38
C HIS A 9 -4.87 -9.49 6.40
N ILE A 10 -3.57 -9.72 6.54
CA ILE A 10 -2.58 -9.10 5.67
C ILE A 10 -2.78 -9.53 4.21
N ILE A 11 -3.23 -10.77 4.02
CA ILE A 11 -3.47 -11.30 2.69
C ILE A 11 -4.63 -10.58 2.02
N THR A 12 -5.76 -10.53 2.71
CA THR A 12 -6.96 -9.87 2.18
C THR A 12 -6.78 -8.36 2.15
N LEU A 13 -6.61 -7.76 3.32
CA LEU A 13 -6.44 -6.32 3.43
C LEU A 13 -5.28 -5.85 2.56
N GLY A 14 -4.30 -6.72 2.37
CA GLY A 14 -3.14 -6.38 1.55
C GLY A 14 -3.49 -6.19 0.10
N GLN A 15 -4.15 -7.19 -0.49
CA GLN A 15 -4.56 -7.13 -1.89
C GLN A 15 -5.74 -6.20 -2.08
N VAL A 16 -6.56 -6.07 -1.04
CA VAL A 16 -7.74 -5.21 -1.09
C VAL A 16 -7.37 -3.81 -1.57
N ILE A 17 -6.15 -3.39 -1.27
CA ILE A 17 -5.67 -2.07 -1.67
C ILE A 17 -5.73 -1.90 -3.18
N HIS A 18 -5.20 -2.87 -3.91
CA HIS A 18 -5.20 -2.82 -5.36
C HIS A 18 -6.62 -3.01 -5.91
N LYS A 19 -7.42 -3.80 -5.21
CA LYS A 19 -8.79 -4.06 -5.63
C LYS A 19 -9.56 -2.75 -5.82
N ARG A 20 -9.17 -1.74 -5.07
CA ARG A 20 -9.83 -0.44 -5.14
C ARG A 20 -9.70 0.15 -6.55
N CYS A 21 -8.47 0.19 -7.06
CA CYS A 21 -8.21 0.73 -8.39
C CYS A 21 -9.12 0.07 -9.42
N GLU A 22 -9.50 -1.18 -9.16
CA GLU A 22 -10.36 -1.92 -10.07
C GLU A 22 -11.71 -1.22 -10.24
N GLU A 23 -12.16 -0.55 -9.19
CA GLU A 23 -13.43 0.16 -9.21
C GLU A 23 -13.21 1.65 -9.48
N MET A 24 -12.06 2.16 -9.04
CA MET A 24 -11.73 3.56 -9.22
C MET A 24 -11.58 3.90 -10.71
N LYS A 25 -11.45 5.19 -11.02
CA LYS A 25 -11.30 5.64 -12.39
C LYS A 25 -10.31 6.79 -12.48
N TYR A 26 -10.53 7.82 -11.67
CA TYR A 26 -9.66 8.99 -11.66
C TYR A 26 -8.32 8.66 -10.99
N CYS A 27 -8.38 7.93 -9.89
CA CYS A 27 -7.17 7.54 -9.16
C CYS A 27 -6.61 6.24 -9.70
N LYS A 28 -7.33 5.61 -10.62
CA LYS A 28 -6.91 4.35 -11.22
C LYS A 28 -5.46 4.44 -11.69
N LYS A 29 -5.05 5.64 -12.08
CA LYS A 29 -3.69 5.85 -12.56
C LYS A 29 -2.68 5.69 -11.42
N GLN A 30 -2.91 6.41 -10.33
CA GLN A 30 -2.02 6.34 -9.17
C GLN A 30 -2.19 5.02 -8.44
N CYS A 31 -3.43 4.70 -8.07
CA CYS A 31 -3.73 3.46 -7.35
C CYS A 31 -3.09 2.27 -8.06
N ARG A 32 -3.01 2.34 -9.39
CA ARG A 32 -2.43 1.26 -10.17
C ARG A 32 -1.05 0.87 -9.62
N ARG A 33 -0.17 1.85 -9.51
CA ARG A 33 1.18 1.61 -9.00
C ARG A 33 1.16 1.42 -7.49
N LEU A 34 0.25 2.11 -6.82
CA LEU A 34 0.13 2.01 -5.37
C LEU A 34 -0.08 0.57 -4.93
N GLY A 35 -1.12 -0.06 -5.48
CA GLY A 35 -1.42 -1.44 -5.15
C GLY A 35 -0.34 -2.40 -5.62
N HIS A 36 0.16 -2.16 -6.82
CA HIS A 36 1.20 -3.03 -7.39
C HIS A 36 2.43 -3.04 -6.50
N ARG A 37 2.77 -1.88 -5.94
CA ARG A 37 3.93 -1.76 -5.06
C ARG A 37 3.62 -2.28 -3.67
N VAL A 38 2.39 -2.08 -3.23
CA VAL A 38 1.96 -2.52 -1.91
C VAL A 38 1.80 -4.04 -1.87
N LEU A 39 1.43 -4.62 -3.01
CA LEU A 39 1.24 -6.07 -3.10
C LEU A 39 2.58 -6.79 -2.95
N GLY A 40 3.66 -6.09 -3.24
CA GLY A 40 4.98 -6.69 -3.14
C GLY A 40 5.31 -7.11 -1.72
N LEU A 41 4.63 -6.50 -0.76
CA LEU A 41 4.87 -6.82 0.65
C LEU A 41 4.04 -8.03 1.07
N ILE A 42 2.78 -8.07 0.66
CA ILE A 42 1.89 -9.17 1.00
C ILE A 42 2.17 -10.39 0.12
N LYS A 43 2.73 -10.14 -1.06
CA LYS A 43 3.06 -11.22 -1.99
C LYS A 43 3.80 -12.34 -1.28
N PRO A 44 4.95 -12.01 -0.69
CA PRO A 44 5.78 -12.97 0.03
C PRO A 44 5.13 -13.45 1.33
N LEU A 45 4.00 -12.85 1.66
CA LEU A 45 3.27 -13.21 2.87
C LEU A 45 2.24 -14.30 2.60
N GLU A 46 1.89 -14.46 1.33
CA GLU A 46 0.91 -15.46 0.93
C GLU A 46 1.52 -16.85 0.95
N MET A 47 2.82 -16.93 0.66
CA MET A 47 3.53 -18.21 0.65
C MET A 47 3.70 -18.75 2.08
N LEU A 48 3.76 -17.83 3.04
CA LEU A 48 3.92 -18.21 4.44
C LEU A 48 2.58 -18.34 5.13
N GLN A 49 1.58 -17.62 4.62
CA GLN A 49 0.24 -17.66 5.18
C GLN A 49 -0.26 -19.09 5.32
N ASP A 50 0.22 -19.97 4.44
CA ASP A 50 -0.18 -21.37 4.47
C ASP A 50 0.64 -22.14 5.51
N GLN A 51 1.95 -21.98 5.45
CA GLN A 51 2.83 -22.67 6.39
C GLN A 51 2.39 -22.43 7.83
N GLY A 52 1.82 -21.26 8.08
CA GLY A 52 1.36 -20.92 9.42
C GLY A 52 0.52 -22.02 10.04
N LYS A 53 1.04 -22.65 11.07
CA LYS A 53 0.32 -23.73 11.76
C LYS A 53 0.12 -23.41 13.23
N ARG A 54 1.19 -23.52 14.01
CA ARG A 54 1.13 -23.24 15.43
C ARG A 54 0.63 -21.82 15.68
N SER A 55 0.52 -21.45 16.96
CA SER A 55 0.04 -20.13 17.34
C SER A 55 0.97 -19.04 16.79
N VAL A 56 2.05 -18.78 17.52
CA VAL A 56 3.02 -17.76 17.10
C VAL A 56 4.40 -18.07 17.68
N PRO A 57 5.43 -17.94 16.83
CA PRO A 57 6.82 -18.19 17.23
C PRO A 57 7.35 -17.13 18.18
N SER A 58 7.21 -15.87 17.80
CA SER A 58 7.67 -14.76 18.62
C SER A 58 6.79 -13.54 18.45
N GLU A 59 6.11 -13.16 19.53
CA GLU A 59 5.21 -12.00 19.50
C GLU A 59 5.96 -10.75 19.05
N LYS A 60 7.28 -10.75 19.24
CA LYS A 60 8.11 -9.62 18.85
C LYS A 60 7.86 -9.23 17.39
N LEU A 61 7.86 -10.23 16.51
CA LEU A 61 7.63 -10.00 15.09
C LEU A 61 6.16 -9.72 14.82
N THR A 62 5.28 -10.45 15.48
CA THR A 62 3.85 -10.29 15.30
C THR A 62 3.43 -8.85 15.57
N THR A 63 4.12 -8.19 16.50
CA THR A 63 3.82 -6.81 16.84
C THR A 63 4.01 -5.89 15.65
N ALA A 64 4.92 -6.27 14.75
CA ALA A 64 5.19 -5.48 13.55
C ALA A 64 4.01 -5.49 12.60
N MET A 65 3.30 -6.62 12.54
CA MET A 65 2.14 -6.76 11.67
C MET A 65 0.94 -6.00 12.24
N ASN A 66 0.85 -5.96 13.57
CA ASN A 66 -0.25 -5.27 14.24
C ASN A 66 -0.38 -3.84 13.74
N ARG A 67 0.75 -3.12 13.68
CA ARG A 67 0.76 -1.75 13.23
C ARG A 67 0.74 -1.68 11.70
N PHE A 68 1.52 -2.56 11.06
CA PHE A 68 1.60 -2.59 9.61
C PHE A 68 0.22 -2.77 9.00
N LYS A 69 -0.59 -3.63 9.61
CA LYS A 69 -1.95 -3.88 9.12
C LYS A 69 -2.70 -2.58 8.90
N ALA A 70 -2.56 -1.66 9.85
CA ALA A 70 -3.23 -0.37 9.77
C ALA A 70 -2.59 0.51 8.69
N ALA A 71 -1.29 0.33 8.49
CA ALA A 71 -0.56 1.11 7.49
C ALA A 71 -1.28 1.08 6.15
N LEU A 72 -1.56 -0.12 5.65
CA LEU A 72 -2.24 -0.29 4.38
C LEU A 72 -3.74 -0.03 4.52
N GLU A 73 -4.27 -0.34 5.69
CA GLU A 73 -5.69 -0.14 5.96
C GLU A 73 -6.12 1.28 5.61
N GLU A 74 -5.21 2.23 5.82
CA GLU A 74 -5.51 3.64 5.52
C GLU A 74 -5.51 3.88 4.01
N ALA A 75 -4.67 3.14 3.30
CA ALA A 75 -4.59 3.28 1.85
C ALA A 75 -5.93 3.01 1.19
N ASN A 76 -6.50 1.85 1.44
CA ASN A 76 -7.79 1.48 0.88
C ASN A 76 -8.89 2.44 1.34
N GLY A 77 -8.77 2.90 2.59
CA GLY A 77 -9.76 3.81 3.13
C GLY A 77 -9.68 5.19 2.51
N GLU A 78 -8.46 5.61 2.14
CA GLU A 78 -8.26 6.92 1.53
C GLU A 78 -8.76 6.92 0.08
N ILE A 79 -8.57 5.80 -0.60
CA ILE A 79 -9.00 5.67 -1.99
C ILE A 79 -10.51 5.83 -2.11
N GLU A 80 -11.24 5.35 -1.12
CA GLU A 80 -12.70 5.44 -1.12
C GLU A 80 -13.15 6.90 -1.26
N LYS A 81 -12.75 7.73 -0.31
CA LYS A 81 -13.12 9.15 -0.33
C LYS A 81 -12.54 9.83 -1.56
N PHE A 82 -11.32 9.47 -1.92
CA PHE A 82 -10.65 10.04 -3.08
C PHE A 82 -11.53 9.96 -4.32
N SER A 83 -12.37 8.93 -4.36
CA SER A 83 -13.26 8.72 -5.50
C SER A 83 -14.01 10.01 -5.84
N ASN A 84 -14.33 10.80 -4.81
CA ASN A 84 -15.03 12.05 -5.00
C ASN A 84 -14.36 12.91 -6.07
N ARG A 85 -15.14 13.31 -7.07
CA ARG A 85 -14.62 14.13 -8.15
C ARG A 85 -14.07 15.46 -7.62
N SER A 86 -14.73 16.00 -6.60
CA SER A 86 -14.31 17.26 -6.00
C SER A 86 -13.02 17.09 -5.21
N ASN A 87 -12.88 15.93 -4.57
CA ASN A 87 -11.69 15.63 -3.77
C ASN A 87 -10.43 15.78 -4.60
N ILE A 88 -10.39 15.09 -5.74
CA ILE A 88 -9.24 15.15 -6.63
C ILE A 88 -9.13 16.51 -7.30
N CYS A 89 -10.27 17.07 -7.69
CA CYS A 89 -10.29 18.37 -8.34
C CYS A 89 -9.60 19.43 -7.48
N ARG A 90 -10.10 19.61 -6.27
CA ARG A 90 -9.53 20.59 -5.34
C ARG A 90 -8.07 20.28 -5.06
N PHE A 91 -7.73 18.99 -5.03
CA PHE A 91 -6.36 18.56 -4.77
C PHE A 91 -5.43 19.00 -5.90
N LEU A 92 -5.77 18.61 -7.12
CA LEU A 92 -4.97 18.97 -8.28
C LEU A 92 -4.97 20.47 -8.51
N THR A 93 -6.17 21.05 -8.57
CA THR A 93 -6.31 22.49 -8.78
C THR A 93 -5.50 23.28 -7.77
N ALA A 94 -5.44 22.76 -6.54
CA ALA A 94 -4.70 23.43 -5.47
C ALA A 94 -3.23 23.56 -5.83
N SER A 95 -2.69 22.57 -6.53
CA SER A 95 -1.30 22.58 -6.94
C SER A 95 -0.38 22.69 -5.72
N GLN A 96 -0.59 21.82 -4.74
CA GLN A 96 0.21 21.83 -3.53
C GLN A 96 1.13 20.61 -3.47
N ASP A 97 0.63 19.49 -3.97
CA ASP A 97 1.41 18.24 -3.98
C ASP A 97 1.28 17.53 -5.32
N LYS A 98 2.08 16.49 -5.51
CA LYS A 98 2.05 15.73 -6.75
C LYS A 98 1.51 14.33 -6.52
N ILE A 99 1.78 13.78 -5.34
CA ILE A 99 1.32 12.44 -5.00
C ILE A 99 -0.04 12.49 -4.31
N LEU A 100 -0.69 11.33 -4.19
CA LEU A 100 -1.99 11.25 -3.55
C LEU A 100 -1.95 10.36 -2.32
N PHE A 101 -1.20 9.26 -2.42
CA PHE A 101 -1.07 8.32 -1.31
C PHE A 101 0.38 8.22 -0.86
N LYS A 102 1.07 9.36 -0.85
CA LYS A 102 2.47 9.40 -0.43
C LYS A 102 2.59 9.19 1.07
N ASP A 103 1.64 9.72 1.82
CA ASP A 103 1.65 9.58 3.27
C ASP A 103 1.54 8.12 3.69
N VAL A 104 0.50 7.45 3.19
CA VAL A 104 0.28 6.04 3.51
C VAL A 104 1.42 5.17 2.98
N ASN A 105 2.04 5.63 1.88
CA ASN A 105 3.15 4.89 1.28
C ASN A 105 4.42 5.04 2.11
N ARG A 106 4.71 6.27 2.52
CA ARG A 106 5.91 6.54 3.31
C ARG A 106 5.92 5.69 4.57
N LYS A 107 4.76 5.60 5.24
CA LYS A 107 4.65 4.82 6.46
C LYS A 107 4.64 3.33 6.15
N LEU A 108 3.94 2.95 5.09
CA LEU A 108 3.85 1.56 4.68
C LEU A 108 5.24 0.95 4.48
N SER A 109 6.15 1.77 3.95
CA SER A 109 7.52 1.32 3.70
C SER A 109 8.35 1.39 4.97
N ASP A 110 8.06 2.38 5.82
CA ASP A 110 8.78 2.55 7.07
C ASP A 110 8.48 1.41 8.04
N VAL A 111 7.20 1.06 8.15
CA VAL A 111 6.78 -0.02 9.05
C VAL A 111 7.26 -1.37 8.53
N TRP A 112 7.35 -1.51 7.22
CA TRP A 112 7.81 -2.75 6.61
C TRP A 112 9.31 -2.96 6.82
N LYS A 113 10.05 -1.86 6.83
CA LYS A 113 11.49 -1.91 7.02
C LYS A 113 11.85 -2.77 8.24
N GLU A 114 11.30 -2.40 9.40
CA GLU A 114 11.56 -3.14 10.63
C GLU A 114 10.76 -4.45 10.65
N LEU A 115 9.50 -4.37 10.24
CA LEU A 115 8.63 -5.54 10.21
C LEU A 115 9.30 -6.70 9.47
N SER A 116 9.54 -6.51 8.19
CA SER A 116 10.18 -7.54 7.36
C SER A 116 11.45 -8.05 8.02
N LEU A 117 12.12 -7.17 8.77
CA LEU A 117 13.36 -7.53 9.45
C LEU A 117 13.11 -8.60 10.50
N LEU A 118 11.95 -8.51 11.17
CA LEU A 118 11.59 -9.48 12.20
C LEU A 118 11.10 -10.77 11.58
N LEU A 119 10.50 -10.67 10.40
CA LEU A 119 9.99 -11.84 9.69
C LEU A 119 11.12 -12.64 9.06
N GLN A 120 12.15 -11.93 8.61
CA GLN A 120 13.30 -12.57 7.97
C GLN A 120 14.21 -13.21 9.02
N VAL A 121 14.35 -12.54 10.16
CA VAL A 121 15.19 -13.05 11.24
C VAL A 121 14.53 -14.22 11.95
N GLU A 122 13.19 -14.17 12.05
CA GLU A 122 12.45 -15.23 12.71
C GLU A 122 12.41 -16.48 11.85
N GLN A 123 12.37 -16.30 10.54
CA GLN A 123 12.33 -17.42 9.61
C GLN A 123 12.60 -16.95 8.17
N ARG A 124 13.14 -17.85 7.36
CA ARG A 124 13.45 -17.53 5.96
C ARG A 124 12.22 -16.97 5.25
N MET A 125 12.16 -15.65 5.13
CA MET A 125 11.04 -15.00 4.47
C MET A 125 11.52 -13.85 3.59
N PRO A 126 11.22 -13.94 2.28
CA PRO A 126 11.61 -12.91 1.32
C PRO A 126 10.85 -11.61 1.51
N VAL A 127 11.58 -10.51 1.66
CA VAL A 127 10.97 -9.20 1.85
C VAL A 127 11.11 -8.34 0.60
N SER A 128 10.37 -7.25 0.55
CA SER A 128 10.40 -6.34 -0.60
C SER A 128 11.84 -6.02 -0.98
N PRO A 129 12.15 -6.15 -2.28
CA PRO A 129 13.49 -5.88 -2.81
C PRO A 129 13.83 -4.39 -2.78
N ILE A 130 12.84 -3.55 -3.07
CA ILE A 130 13.04 -2.11 -3.08
C ILE A 130 13.73 -1.65 -1.80
N SER A 131 14.29 -0.44 -1.83
CA SER A 131 14.98 0.12 -0.67
C SER A 131 14.00 0.42 0.45
N GLN A 132 12.75 0.71 0.07
CA GLN A 132 11.72 1.02 1.04
C GLN A 132 12.03 2.33 1.77
N GLY A 133 11.79 3.44 1.10
CA GLY A 133 12.04 4.74 1.70
C GLY A 133 11.96 5.87 0.70
N ALA A 134 13.07 6.17 0.03
CA ALA A 134 13.13 7.23 -0.96
C ALA A 134 12.70 6.72 -2.33
N SER A 135 13.06 5.47 -2.63
CA SER A 135 12.71 4.87 -3.91
C SER A 135 11.22 5.02 -4.20
N TRP A 136 10.40 4.93 -3.16
CA TRP A 136 8.96 5.07 -3.31
C TRP A 136 8.59 6.42 -3.91
N ALA A 137 9.09 7.49 -3.29
CA ALA A 137 8.81 8.84 -3.76
C ALA A 137 9.41 9.07 -5.14
N GLN A 138 10.55 8.43 -5.40
CA GLN A 138 11.22 8.57 -6.68
C GLN A 138 10.30 8.18 -7.83
N GLU A 139 9.69 7.00 -7.72
CA GLU A 139 8.79 6.51 -8.75
C GLU A 139 7.42 7.18 -8.64
N ASP A 140 6.97 7.40 -7.41
CA ASP A 140 5.68 8.03 -7.17
C ASP A 140 5.64 9.43 -7.78
N GLN A 141 6.74 10.16 -7.65
CA GLN A 141 6.83 11.51 -8.19
C GLN A 141 6.95 11.48 -9.70
N GLN A 142 7.80 10.58 -10.21
CA GLN A 142 8.01 10.46 -11.65
C GLN A 142 6.71 10.04 -12.35
N ASP A 143 6.01 9.08 -11.75
CA ASP A 143 4.76 8.59 -12.32
C ASP A 143 3.64 9.60 -12.12
N ALA A 144 3.66 10.30 -10.98
CA ALA A 144 2.65 11.29 -10.66
C ALA A 144 2.51 12.31 -11.79
N ASP A 145 3.60 12.55 -12.50
CA ASP A 145 3.60 13.51 -13.61
C ASP A 145 2.51 13.16 -14.61
N GLU A 146 2.30 11.86 -14.83
CA GLU A 146 1.30 11.39 -15.78
C GLU A 146 -0.10 11.90 -15.38
N ASP A 147 -0.31 12.05 -14.09
CA ASP A 147 -1.59 12.53 -13.57
C ASP A 147 -2.00 13.84 -14.25
N ARG A 148 -1.00 14.67 -14.56
CA ARG A 148 -1.24 15.95 -15.20
C ARG A 148 -2.12 15.77 -16.45
N ARG A 149 -1.54 15.18 -17.49
CA ARG A 149 -2.26 14.96 -18.73
C ARG A 149 -3.39 13.94 -18.54
N ALA A 150 -3.09 12.88 -17.79
CA ALA A 150 -4.07 11.83 -17.52
C ALA A 150 -5.38 12.43 -17.02
N PHE A 151 -5.27 13.35 -16.07
CA PHE A 151 -6.46 14.00 -15.49
C PHE A 151 -7.15 14.87 -16.54
N GLN A 152 -6.40 15.81 -17.10
CA GLN A 152 -6.94 16.71 -18.12
C GLN A 152 -7.66 15.93 -19.22
N MET A 153 -7.11 14.77 -19.56
CA MET A 153 -7.69 13.92 -20.60
C MET A 153 -9.06 13.40 -20.17
N LEU A 154 -9.16 12.96 -18.93
CA LEU A 154 -10.41 12.43 -18.40
C LEU A 154 -11.55 13.43 -18.60
N ARG A 155 -11.23 14.72 -18.54
CA ARG A 155 -12.22 15.77 -18.73
C ARG A 155 -12.19 16.30 -20.15
N ARG A 156 -12.79 15.56 -21.08
CA ARG A 156 -12.84 15.97 -22.48
C ARG A 156 -13.40 17.38 -22.62
N ASP A 157 -12.85 18.13 -23.57
CA ASP A 157 -13.30 19.50 -23.81
C ASP A 157 -13.85 19.65 -25.22
C4 UJ2 B . -1.03 -14.93 18.85
C5 UJ2 B . -0.79 -13.63 19.30
C6 UJ2 B . -0.69 -12.61 18.41
C8 UJ2 B . -0.94 -12.77 14.87
C10 UJ2 B . -0.95 -12.24 13.46
C13 UJ2 B . 1.49 -13.17 10.73
C15 UJ2 B . 2.62 -13.31 12.85
C17 UJ2 B . 3.89 -13.85 10.77
C20 UJ2 B . 6.21 -14.61 9.48
C21 UJ2 B . 6.04 -14.92 10.82
C22 UJ2 B . 4.88 -14.53 11.47
C24 UJ2 B . 0.22 -10.17 13.80
C1 UJ2 B . -0.81 -12.86 17.04
N7 UJ2 B . -0.75 -12.06 15.94
N9 UJ2 B . -1.13 -14.07 15.20
C11 UJ2 B . 0.32 -12.66 12.75
C12 UJ2 B . 0.33 -12.78 11.38
C16 UJ2 B . 1.47 -12.92 13.49
C14 UJ2 B . 2.64 -13.43 11.47
C18 UJ2 B . 4.06 -13.55 9.42
C19 UJ2 B . 5.23 -13.94 8.79
O23 UJ2 B . -1.02 -10.81 13.49
C2 UJ2 B . -1.05 -14.16 16.58
C3 UJ2 B . -1.16 -15.20 17.49
C25 UJ2 B . -1.14 -16.04 19.83
O26 UJ2 B . -1.30 -17.18 19.45
O27 UJ2 B . -1.06 -15.78 21.15
H29 UJ2 B . -0.69 -13.43 20.35
H30 UJ2 B . -0.50 -11.60 18.76
H32 UJ2 B . -1.81 -12.64 12.92
H34 UJ2 B . 1.50 -13.26 9.66
H35 UJ2 B . 3.51 -13.51 13.42
H39 UJ2 B . 7.11 -14.92 8.98
H40 UJ2 B . 6.81 -15.44 11.36
H41 UJ2 B . 4.75 -14.75 12.53
H42 UJ2 B . 0.03 -9.16 14.13
H44 UJ2 B . 0.85 -10.15 12.90
H43 UJ2 B . 0.74 -10.73 14.58
H31 UJ2 B . -1.28 -14.81 14.60
H33 UJ2 B . -0.56 -12.58 10.80
H36 UJ2 B . 1.45 -12.81 14.57
H37 UJ2 B . 3.30 -13.03 8.87
H38 UJ2 B . 5.37 -13.72 7.74
H28 UJ2 B . -1.34 -16.21 17.14
H45 UJ2 B . -1.59 -15.04 21.48
N GLY A 1 -6.91 -22.48 20.73
CA GLY A 1 -7.47 -22.06 19.46
C GLY A 1 -6.73 -20.89 18.85
N SER A 2 -6.24 -21.07 17.63
CA SER A 2 -5.50 -20.02 16.93
C SER A 2 -5.42 -20.30 15.44
N PRO A 3 -6.55 -20.12 14.75
CA PRO A 3 -6.64 -20.35 13.30
C PRO A 3 -5.87 -19.31 12.50
N GLY A 4 -6.04 -19.33 11.18
CA GLY A 4 -5.34 -18.38 10.33
C GLY A 4 -6.25 -17.27 9.84
N GLU A 5 -7.20 -16.87 10.69
CA GLU A 5 -8.14 -15.81 10.35
C GLU A 5 -7.44 -14.46 10.28
N ASN A 6 -6.52 -14.23 11.22
CA ASN A 6 -5.78 -12.97 11.27
C ASN A 6 -4.78 -12.89 10.11
N LEU A 7 -4.20 -14.03 9.74
CA LEU A 7 -3.24 -14.07 8.66
C LEU A 7 -3.87 -13.61 7.34
N LYS A 8 -5.10 -14.06 7.09
CA LYS A 8 -5.82 -13.68 5.88
C LYS A 8 -6.03 -12.17 5.82
N HIS A 9 -6.05 -11.53 6.98
CA HIS A 9 -6.25 -10.09 7.07
C HIS A 9 -5.25 -9.35 6.17
N ILE A 10 -3.97 -9.68 6.34
CA ILE A 10 -2.92 -9.05 5.56
C ILE A 10 -3.02 -9.44 4.08
N ILE A 11 -3.52 -10.65 3.83
CA ILE A 11 -3.68 -11.13 2.47
C ILE A 11 -4.78 -10.37 1.73
N THR A 12 -5.97 -10.34 2.33
CA THR A 12 -7.11 -9.64 1.73
C THR A 12 -6.92 -8.14 1.80
N LEU A 13 -6.84 -7.60 3.01
CA LEU A 13 -6.67 -6.16 3.21
C LEU A 13 -5.44 -5.66 2.46
N GLY A 14 -4.49 -6.56 2.22
CA GLY A 14 -3.28 -6.19 1.50
C GLY A 14 -3.51 -6.01 0.01
N GLN A 15 -4.13 -7.01 -0.60
CA GLN A 15 -4.40 -6.96 -2.04
C GLN A 15 -5.58 -6.03 -2.33
N VAL A 16 -6.48 -5.90 -1.37
CA VAL A 16 -7.65 -5.05 -1.53
C VAL A 16 -7.24 -3.64 -1.96
N ILE A 17 -6.06 -3.21 -1.55
CA ILE A 17 -5.54 -1.90 -1.90
C ILE A 17 -5.52 -1.70 -3.41
N HIS A 18 -4.91 -2.65 -4.12
CA HIS A 18 -4.82 -2.59 -5.57
C HIS A 18 -6.18 -2.82 -6.21
N LYS A 19 -6.98 -3.67 -5.58
CA LYS A 19 -8.31 -3.99 -6.10
C LYS A 19 -9.13 -2.72 -6.30
N ARG A 20 -8.92 -1.74 -5.42
CA ARG A 20 -9.64 -0.48 -5.51
C ARG A 20 -9.49 0.15 -6.89
N CYS A 21 -8.25 0.18 -7.38
CA CYS A 21 -7.95 0.76 -8.68
C CYS A 21 -8.90 0.19 -9.74
N GLU A 22 -9.31 -1.06 -9.56
CA GLU A 22 -10.21 -1.71 -10.50
C GLU A 22 -11.51 -0.93 -10.64
N GLU A 23 -11.95 -0.33 -9.54
CA GLU A 23 -13.19 0.45 -9.54
C GLU A 23 -12.91 1.92 -9.83
N MET A 24 -11.71 2.38 -9.45
CA MET A 24 -11.32 3.76 -9.68
C MET A 24 -11.21 4.07 -11.16
N LYS A 25 -11.48 5.31 -11.53
CA LYS A 25 -11.41 5.74 -12.92
C LYS A 25 -10.39 6.86 -13.10
N TYR A 26 -10.22 7.67 -12.07
CA TYR A 26 -9.27 8.78 -12.12
C TYR A 26 -7.98 8.42 -11.41
N CYS A 27 -8.06 8.25 -10.09
CA CYS A 27 -6.88 7.91 -9.28
C CYS A 27 -6.32 6.55 -9.71
N LYS A 28 -7.13 5.78 -10.41
CA LYS A 28 -6.71 4.46 -10.88
C LYS A 28 -5.35 4.54 -11.56
N LYS A 29 -5.08 5.66 -12.21
CA LYS A 29 -3.81 5.85 -12.90
C LYS A 29 -2.63 5.73 -11.94
N GLN A 30 -2.68 6.49 -10.85
CA GLN A 30 -1.62 6.45 -9.85
C GLN A 30 -1.72 5.20 -8.99
N CYS A 31 -2.94 4.85 -8.61
CA CYS A 31 -3.19 3.67 -7.78
C CYS A 31 -2.50 2.44 -8.38
N ARG A 32 -2.41 2.41 -9.71
CA ARG A 32 -1.78 1.29 -10.39
C ARG A 32 -0.40 0.99 -9.80
N ARG A 33 0.39 2.03 -9.61
CA ARG A 33 1.73 1.88 -9.05
C ARG A 33 1.67 1.61 -7.55
N LEU A 34 0.82 2.35 -6.86
CA LEU A 34 0.67 2.19 -5.41
C LEU A 34 0.33 0.74 -5.06
N GLY A 35 -0.72 0.22 -5.67
CA GLY A 35 -1.13 -1.15 -5.40
C GLY A 35 -0.05 -2.16 -5.76
N HIS A 36 0.56 -1.98 -6.93
CA HIS A 36 1.61 -2.88 -7.38
C HIS A 36 2.78 -2.88 -6.41
N ARG A 37 3.09 -1.71 -5.85
CA ARG A 37 4.19 -1.58 -4.91
C ARG A 37 3.78 -2.10 -3.53
N VAL A 38 2.51 -1.89 -3.17
CA VAL A 38 2.00 -2.33 -1.89
C VAL A 38 1.83 -3.85 -1.86
N LEU A 39 1.53 -4.43 -3.02
CA LEU A 39 1.34 -5.87 -3.13
C LEU A 39 2.63 -6.61 -2.82
N GLY A 40 3.76 -5.91 -2.93
CA GLY A 40 5.04 -6.52 -2.66
C GLY A 40 5.22 -6.89 -1.20
N LEU A 41 4.44 -6.24 -0.33
CA LEU A 41 4.50 -6.50 1.10
C LEU A 41 3.63 -7.70 1.48
N ILE A 42 2.54 -7.88 0.74
CA ILE A 42 1.62 -8.98 0.99
C ILE A 42 1.97 -10.19 0.14
N LYS A 43 2.65 -9.96 -0.98
CA LYS A 43 3.05 -11.03 -1.88
C LYS A 43 3.72 -12.16 -1.11
N PRO A 44 4.82 -11.83 -0.40
CA PRO A 44 5.57 -12.81 0.39
C PRO A 44 4.80 -13.29 1.61
N LEU A 45 3.64 -12.69 1.85
CA LEU A 45 2.80 -13.05 2.99
C LEU A 45 1.82 -14.16 2.61
N GLU A 46 1.58 -14.31 1.31
CA GLU A 46 0.67 -15.33 0.82
C GLU A 46 1.33 -16.70 0.83
N MET A 47 2.58 -16.75 0.39
CA MET A 47 3.33 -18.01 0.35
C MET A 47 3.35 -18.66 1.72
N LEU A 48 3.41 -17.84 2.76
CA LEU A 48 3.45 -18.33 4.13
C LEU A 48 2.03 -18.53 4.68
N GLN A 49 1.10 -17.73 4.19
CA GLN A 49 -0.29 -17.81 4.62
C GLN A 49 -0.83 -19.23 4.45
N ASP A 50 -0.72 -19.74 3.23
CA ASP A 50 -1.19 -21.09 2.92
C ASP A 50 -0.41 -22.14 3.72
N GLN A 51 0.90 -22.10 3.59
CA GLN A 51 1.76 -23.06 4.29
C GLN A 51 1.43 -23.08 5.78
N GLY A 52 1.06 -21.92 6.32
CA GLY A 52 0.73 -21.84 7.73
C GLY A 52 1.26 -20.57 8.37
N LYS A 53 2.49 -20.63 8.88
CA LYS A 53 3.11 -19.49 9.53
C LYS A 53 2.20 -18.91 10.60
N ARG A 54 1.42 -19.77 11.24
CA ARG A 54 0.50 -19.34 12.29
C ARG A 54 0.90 -19.94 13.64
N SER A 55 2.20 -20.07 13.86
CA SER A 55 2.72 -20.63 15.11
C SER A 55 2.96 -19.53 16.14
N VAL A 56 3.29 -18.34 15.65
CA VAL A 56 3.54 -17.20 16.53
C VAL A 56 4.72 -17.48 17.47
N PRO A 57 5.94 -17.28 16.97
CA PRO A 57 7.16 -17.51 17.76
C PRO A 57 7.34 -16.48 18.87
N SER A 58 6.99 -15.23 18.58
CA SER A 58 7.11 -14.15 19.56
C SER A 58 5.97 -13.15 19.40
N GLU A 59 5.64 -12.46 20.49
CA GLU A 59 4.57 -11.47 20.47
C GLU A 59 5.08 -10.13 19.90
N LYS A 60 6.39 -10.02 19.76
CA LYS A 60 6.99 -8.80 19.22
C LYS A 60 6.82 -8.74 17.70
N LEU A 61 7.39 -9.70 17.00
CA LEU A 61 7.30 -9.75 15.55
C LEU A 61 5.84 -9.83 15.10
N THR A 62 4.98 -10.32 15.97
CA THR A 62 3.56 -10.44 15.67
C THR A 62 2.87 -9.08 15.74
N THR A 63 3.09 -8.37 16.85
CA THR A 63 2.48 -7.06 17.03
C THR A 63 2.87 -6.10 15.91
N ALA A 64 4.08 -6.28 15.38
CA ALA A 64 4.58 -5.43 14.31
C ALA A 64 3.59 -5.39 13.15
N MET A 65 2.90 -6.50 12.92
CA MET A 65 1.93 -6.59 11.83
C MET A 65 0.60 -5.97 12.26
N ASN A 66 0.27 -6.09 13.54
CA ASN A 66 -0.97 -5.53 14.06
C ASN A 66 -1.13 -4.07 13.64
N ARG A 67 -0.06 -3.30 13.79
CA ARG A 67 -0.09 -1.88 13.43
C ARG A 67 0.05 -1.71 11.93
N PHE A 68 0.76 -2.63 11.28
CA PHE A 68 0.96 -2.57 9.84
C PHE A 68 -0.36 -2.72 9.10
N LYS A 69 -1.24 -3.54 9.64
CA LYS A 69 -2.55 -3.77 9.02
C LYS A 69 -3.32 -2.46 8.88
N ALA A 70 -3.16 -1.57 9.85
CA ALA A 70 -3.83 -0.28 9.82
C ALA A 70 -3.23 0.64 8.76
N ALA A 71 -1.91 0.53 8.57
CA ALA A 71 -1.20 1.35 7.59
C ALA A 71 -1.90 1.29 6.24
N LEU A 72 -2.11 0.08 5.73
CA LEU A 72 -2.76 -0.11 4.44
C LEU A 72 -4.26 0.12 4.55
N GLU A 73 -4.81 -0.15 5.73
CA GLU A 73 -6.24 0.04 5.97
C GLU A 73 -6.69 1.43 5.53
N GLU A 74 -5.82 2.41 5.72
CA GLU A 74 -6.12 3.79 5.37
C GLU A 74 -6.01 3.99 3.85
N ALA A 75 -5.09 3.26 3.23
CA ALA A 75 -4.88 3.36 1.79
C ALA A 75 -6.16 3.05 1.03
N ASN A 76 -6.71 1.87 1.28
CA ASN A 76 -7.95 1.44 0.62
C ASN A 76 -9.09 2.39 0.95
N GLY A 77 -9.11 2.87 2.18
CA GLY A 77 -10.16 3.78 2.60
C GLY A 77 -10.08 5.13 1.92
N GLU A 78 -8.85 5.57 1.64
CA GLU A 78 -8.63 6.86 0.98
C GLU A 78 -9.01 6.78 -0.49
N ILE A 79 -8.64 5.69 -1.14
CA ILE A 79 -8.94 5.49 -2.55
C ILE A 79 -10.42 5.68 -2.84
N GLU A 80 -11.26 5.29 -1.87
CA GLU A 80 -12.70 5.42 -2.02
C GLU A 80 -13.10 6.90 -2.12
N LYS A 81 -12.80 7.66 -1.07
CA LYS A 81 -13.14 9.07 -1.04
C LYS A 81 -12.46 9.82 -2.20
N PHE A 82 -11.24 9.40 -2.53
CA PHE A 82 -10.50 10.03 -3.62
C PHE A 82 -11.31 10.01 -4.91
N SER A 83 -12.22 9.04 -5.03
CA SER A 83 -13.04 8.90 -6.22
C SER A 83 -13.67 10.24 -6.60
N ASN A 84 -14.00 11.04 -5.59
CA ASN A 84 -14.61 12.34 -5.82
C ASN A 84 -13.76 13.18 -6.78
N ARG A 85 -14.28 13.39 -7.98
CA ARG A 85 -13.57 14.17 -9.00
C ARG A 85 -13.12 15.52 -8.43
N SER A 86 -13.89 16.04 -7.49
CA SER A 86 -13.58 17.32 -6.86
C SER A 86 -12.42 17.18 -5.88
N ASN A 87 -12.37 16.05 -5.19
CA ASN A 87 -11.33 15.78 -4.22
C ASN A 87 -9.95 15.73 -4.90
N ILE A 88 -9.89 15.04 -6.03
CA ILE A 88 -8.64 14.92 -6.78
C ILE A 88 -8.20 16.26 -7.34
N CYS A 89 -9.17 17.04 -7.82
CA CYS A 89 -8.88 18.36 -8.38
C CYS A 89 -8.14 19.23 -7.37
N ARG A 90 -8.76 19.46 -6.23
CA ARG A 90 -8.15 20.28 -5.19
C ARG A 90 -6.80 19.71 -4.75
N PHE A 91 -6.68 18.39 -4.80
CA PHE A 91 -5.44 17.72 -4.41
C PHE A 91 -4.33 18.02 -5.40
N LEU A 92 -4.58 17.72 -6.68
CA LEU A 92 -3.59 17.96 -7.72
C LEU A 92 -3.31 19.45 -7.87
N THR A 93 -4.37 20.24 -7.98
CA THR A 93 -4.23 21.69 -8.11
C THR A 93 -3.39 22.27 -7.00
N ALA A 94 -3.44 21.65 -5.83
CA ALA A 94 -2.67 22.10 -4.68
C ALA A 94 -1.20 22.34 -5.06
N SER A 95 -0.62 21.37 -5.76
CA SER A 95 0.77 21.47 -6.17
C SER A 95 1.69 21.61 -4.96
N GLN A 96 2.27 20.50 -4.52
CA GLN A 96 3.17 20.51 -3.37
C GLN A 96 3.95 19.20 -3.30
N ASP A 97 3.25 18.08 -3.44
CA ASP A 97 3.89 16.77 -3.39
C ASP A 97 3.74 16.04 -4.72
N LYS A 98 2.66 16.35 -5.45
CA LYS A 98 2.40 15.72 -6.73
C LYS A 98 2.06 14.25 -6.56
N ILE A 99 1.45 13.91 -5.42
CA ILE A 99 1.07 12.54 -5.13
C ILE A 99 -0.37 12.47 -4.62
N LEU A 100 -0.88 11.25 -4.47
CA LEU A 100 -2.24 11.05 -3.99
C LEU A 100 -2.24 10.23 -2.71
N PHE A 101 -1.45 9.16 -2.69
CA PHE A 101 -1.35 8.30 -1.52
C PHE A 101 0.07 8.30 -0.95
N LYS A 102 0.70 9.47 -0.94
CA LYS A 102 2.06 9.61 -0.44
C LYS A 102 2.09 9.45 1.08
N ASP A 103 1.06 9.98 1.74
CA ASP A 103 0.97 9.90 3.20
C ASP A 103 0.88 8.46 3.65
N VAL A 104 -0.10 7.72 3.12
CA VAL A 104 -0.29 6.32 3.48
C VAL A 104 0.90 5.48 3.03
N ASN A 105 1.55 5.91 1.95
CA ASN A 105 2.70 5.18 1.43
C ASN A 105 3.93 5.39 2.32
N ARG A 106 4.13 6.62 2.76
CA ARG A 106 5.26 6.95 3.62
C ARG A 106 5.27 6.07 4.86
N LYS A 107 4.12 5.94 5.50
CA LYS A 107 3.99 5.13 6.70
C LYS A 107 4.02 3.64 6.37
N LEU A 108 3.30 3.27 5.31
CA LEU A 108 3.26 1.88 4.88
C LEU A 108 4.66 1.29 4.75
N SER A 109 5.60 2.12 4.31
CA SER A 109 6.98 1.69 4.13
C SER A 109 7.72 1.66 5.47
N ASP A 110 7.36 2.61 6.34
CA ASP A 110 7.98 2.70 7.66
C ASP A 110 7.59 1.51 8.54
N VAL A 111 6.28 1.27 8.64
CA VAL A 111 5.77 0.17 9.45
C VAL A 111 6.32 -1.17 8.95
N TRP A 112 6.56 -1.26 7.65
CA TRP A 112 7.08 -2.48 7.05
C TRP A 112 8.57 -2.64 7.34
N LYS A 113 9.28 -1.52 7.36
CA LYS A 113 10.72 -1.54 7.62
C LYS A 113 11.03 -2.31 8.89
N GLU A 114 10.37 -1.95 9.99
CA GLU A 114 10.57 -2.62 11.27
C GLU A 114 9.87 -3.98 11.28
N LEU A 115 8.65 -4.01 10.77
CA LEU A 115 7.88 -5.25 10.73
C LEU A 115 8.67 -6.37 10.07
N SER A 116 8.98 -6.18 8.79
CA SER A 116 9.74 -7.17 8.03
C SER A 116 11.01 -7.57 8.77
N LEU A 117 11.59 -6.61 9.48
CA LEU A 117 12.82 -6.86 10.24
C LEU A 117 12.59 -7.90 11.32
N LEU A 118 11.39 -7.90 11.90
CA LEU A 118 11.04 -8.85 12.95
C LEU A 118 10.71 -10.22 12.35
N LEU A 119 10.19 -10.21 11.13
CA LEU A 119 9.83 -11.45 10.45
C LEU A 119 11.07 -12.17 9.92
N GLN A 120 11.96 -11.41 9.31
CA GLN A 120 13.19 -11.97 8.76
C GLN A 120 14.10 -12.49 9.87
N VAL A 121 14.15 -11.76 10.98
CA VAL A 121 14.97 -12.15 12.11
C VAL A 121 14.38 -13.36 12.84
N GLU A 122 13.05 -13.42 12.87
CA GLU A 122 12.37 -14.53 13.53
C GLU A 122 12.36 -15.77 12.65
N GLN A 123 12.26 -15.56 11.34
CA GLN A 123 12.24 -16.67 10.39
C GLN A 123 12.66 -16.20 8.99
N ARG A 124 12.86 -17.15 8.10
CA ARG A 124 13.27 -16.84 6.73
C ARG A 124 12.09 -16.30 5.92
N MET A 125 11.63 -15.10 6.26
CA MET A 125 10.50 -14.49 5.57
C MET A 125 10.98 -13.43 4.58
N PRO A 126 10.66 -13.62 3.30
CA PRO A 126 11.05 -12.68 2.23
C PRO A 126 10.30 -11.35 2.34
N VAL A 127 11.05 -10.26 2.31
CA VAL A 127 10.47 -8.93 2.40
C VAL A 127 10.69 -8.15 1.11
N SER A 128 9.99 -7.03 0.98
CA SER A 128 10.10 -6.19 -0.22
C SER A 128 11.57 -5.91 -0.54
N PRO A 129 11.90 -5.97 -1.84
CA PRO A 129 13.26 -5.71 -2.32
C PRO A 129 13.68 -4.25 -2.17
N ILE A 130 12.73 -3.35 -2.45
CA ILE A 130 13.00 -1.92 -2.35
C ILE A 130 13.63 -1.58 -1.00
N SER A 131 14.14 -0.35 -0.90
CA SER A 131 14.78 0.11 0.34
C SER A 131 13.72 0.36 1.42
N GLN A 132 12.51 0.69 1.00
CA GLN A 132 11.42 0.96 1.93
C GLN A 132 11.73 2.20 2.77
N GLY A 133 11.47 3.37 2.20
CA GLY A 133 11.71 4.62 2.90
C GLY A 133 11.69 5.82 1.99
N ALA A 134 12.61 5.84 1.02
CA ALA A 134 12.69 6.95 0.08
C ALA A 134 12.37 6.49 -1.34
N SER A 135 12.77 5.26 -1.66
CA SER A 135 12.52 4.70 -2.98
C SER A 135 11.05 4.83 -3.37
N TRP A 136 10.18 4.68 -2.37
CA TRP A 136 8.74 4.79 -2.60
C TRP A 136 8.39 6.08 -3.33
N ALA A 137 8.85 7.20 -2.77
CA ALA A 137 8.59 8.51 -3.37
C ALA A 137 9.19 8.60 -4.78
N GLN A 138 10.37 8.03 -4.95
CA GLN A 138 11.04 8.05 -6.25
C GLN A 138 10.15 7.42 -7.33
N GLU A 139 9.46 6.35 -6.98
CA GLU A 139 8.58 5.66 -7.92
C GLU A 139 7.27 6.41 -8.08
N ASP A 140 6.62 6.71 -6.96
CA ASP A 140 5.35 7.43 -6.97
C ASP A 140 5.47 8.74 -7.75
N GLN A 141 6.46 9.55 -7.38
CA GLN A 141 6.69 10.83 -8.05
C GLN A 141 6.87 10.64 -9.55
N GLN A 142 7.69 9.66 -9.92
CA GLN A 142 7.95 9.37 -11.32
C GLN A 142 6.65 9.09 -12.08
N ASP A 143 5.83 8.21 -11.53
CA ASP A 143 4.57 7.85 -12.14
C ASP A 143 3.60 9.04 -12.13
N ALA A 144 3.67 9.83 -11.06
CA ALA A 144 2.80 11.00 -10.93
C ALA A 144 2.92 11.91 -12.15
N ASP A 145 4.13 11.99 -12.70
CA ASP A 145 4.37 12.83 -13.87
C ASP A 145 3.41 12.47 -15.00
N GLU A 146 3.14 11.19 -15.16
CA GLU A 146 2.24 10.72 -16.21
C GLU A 146 0.78 10.98 -15.82
N ASP A 147 0.48 10.83 -14.54
CA ASP A 147 -0.87 11.05 -14.04
C ASP A 147 -1.30 12.50 -14.24
N ARG A 148 -0.35 13.42 -14.08
CA ARG A 148 -0.63 14.84 -14.23
C ARG A 148 -1.33 15.11 -15.56
N ARG A 149 -0.67 14.77 -16.66
CA ARG A 149 -1.24 14.98 -17.99
C ARG A 149 -2.51 14.15 -18.18
N ALA A 150 -2.52 12.95 -17.62
CA ALA A 150 -3.66 12.06 -17.73
C ALA A 150 -4.91 12.70 -17.12
N PHE A 151 -4.74 13.33 -15.97
CA PHE A 151 -5.85 13.98 -15.28
C PHE A 151 -6.54 14.98 -16.20
N GLN A 152 -5.76 15.88 -16.78
CA GLN A 152 -6.29 16.90 -17.69
C GLN A 152 -7.14 16.25 -18.80
N MET A 153 -6.71 15.07 -19.23
CA MET A 153 -7.43 14.34 -20.28
C MET A 153 -8.90 14.16 -19.91
N LEU A 154 -9.14 13.72 -18.69
CA LEU A 154 -10.50 13.50 -18.21
C LEU A 154 -11.36 14.73 -18.44
N ARG A 155 -12.23 14.65 -19.45
CA ARG A 155 -13.11 15.76 -19.79
C ARG A 155 -14.56 15.29 -19.84
N ARG A 156 -15.48 16.21 -19.52
CA ARG A 156 -16.91 15.88 -19.53
C ARG A 156 -17.75 17.15 -19.38
N ASP A 157 -18.87 17.20 -20.10
CA ASP A 157 -19.75 18.35 -20.04
C ASP A 157 -20.77 18.20 -18.91
C4 UJ2 B . -1.37 -13.88 19.51
C5 UJ2 B . -1.50 -15.17 18.98
C6 UJ2 B . -1.60 -15.36 17.64
C8 UJ2 B . -1.60 -12.87 15.09
C10 UJ2 B . -1.65 -12.35 13.68
C13 UJ2 B . 0.86 -12.87 10.92
C15 UJ2 B . 1.84 -13.59 12.99
C17 UJ2 B . 3.19 -13.78 10.90
C20 UJ2 B . 5.51 -14.46 9.56
C21 UJ2 B . 5.53 -14.28 10.93
C22 UJ2 B . 4.38 -13.93 11.61
C24 UJ2 B . -0.57 -10.23 14.02
C1 UJ2 B . -1.58 -14.26 16.76
N7 UJ2 B . -1.66 -14.13 15.43
N9 UJ2 B . -1.47 -12.11 16.21
C11 UJ2 B . -0.39 -12.72 12.95
C12 UJ2 B . -0.30 -12.53 11.59
C16 UJ2 B . 0.68 -13.25 13.66
C14 UJ2 B . 1.94 -13.41 11.62
C18 UJ2 B . 3.16 -13.96 9.52
C19 UJ2 B . 4.33 -14.30 8.86
O23 UJ2 B . -1.79 -10.93 13.71
C2 UJ2 B . -1.46 -12.96 17.29
C3 UJ2 B . -1.35 -12.78 18.66
C25 UJ2 B . -1.27 -13.70 20.97
O26 UJ2 B . -0.79 -14.58 21.67
O27 UJ2 B . -1.69 -12.55 21.53
H29 UJ2 B . -1.52 -16.03 19.64
H30 UJ2 B . -1.70 -16.36 17.23
H32 UJ2 B . -2.51 -12.78 13.16
H34 UJ2 B . 0.93 -12.72 9.85
H35 UJ2 B . 2.67 -14.00 13.55
H39 UJ2 B . 6.41 -14.73 9.04
H40 UJ2 B . 6.46 -14.41 11.48
H41 UJ2 B . 4.39 -13.79 12.67
H42 UJ2 B . -0.02 -10.05 13.10
H44 UJ2 B . 0.03 -10.85 14.69
H43 UJ2 B . -0.81 -9.29 14.51
H31 UJ2 B . -1.40 -11.14 16.24
H33 UJ2 B . -1.14 -12.12 11.04
H36 UJ2 B . 0.61 -13.40 14.72
H37 UJ2 B . 2.25 -13.84 8.97
H38 UJ2 B . 4.32 -14.45 7.79
H28 UJ2 B . -1.26 -11.78 19.07
H45 UJ2 B . -2.48 -12.60 22.10
N GLY A 1 -8.89 -11.92 15.94
CA GLY A 1 -9.90 -12.91 16.26
C GLY A 1 -9.31 -14.23 16.68
N SER A 2 -8.84 -15.01 15.70
CA SER A 2 -8.26 -16.32 15.97
C SER A 2 -6.85 -16.42 15.37
N PRO A 3 -6.07 -17.37 15.88
CA PRO A 3 -4.70 -17.60 15.41
C PRO A 3 -4.65 -18.17 14.00
N GLY A 4 -3.72 -17.67 13.19
CA GLY A 4 -3.60 -18.15 11.83
C GLY A 4 -4.51 -17.40 10.87
N GLU A 5 -5.82 -17.56 11.04
CA GLU A 5 -6.79 -16.90 10.18
C GLU A 5 -6.50 -15.41 10.08
N ASN A 6 -6.02 -14.83 11.18
CA ASN A 6 -5.70 -13.40 11.22
C ASN A 6 -4.71 -13.04 10.11
N LEU A 7 -3.75 -13.92 9.88
CA LEU A 7 -2.73 -13.69 8.85
C LEU A 7 -3.38 -13.35 7.51
N LYS A 8 -4.52 -13.98 7.23
CA LYS A 8 -5.25 -13.75 5.99
C LYS A 8 -5.55 -12.26 5.81
N HIS A 9 -5.65 -11.54 6.93
CA HIS A 9 -5.92 -10.10 6.89
C HIS A 9 -4.94 -9.39 5.98
N ILE A 10 -3.65 -9.63 6.20
CA ILE A 10 -2.60 -9.01 5.40
C ILE A 10 -2.68 -9.46 3.95
N ILE A 11 -3.09 -10.69 3.74
CA ILE A 11 -3.22 -11.25 2.39
C ILE A 11 -4.34 -10.58 1.63
N THR A 12 -5.53 -10.57 2.21
CA THR A 12 -6.70 -9.97 1.59
C THR A 12 -6.58 -8.45 1.57
N LEU A 13 -6.54 -7.85 2.76
CA LEU A 13 -6.42 -6.40 2.87
C LEU A 13 -5.23 -5.88 2.08
N GLY A 14 -4.20 -6.71 1.96
CA GLY A 14 -3.01 -6.32 1.24
C GLY A 14 -3.27 -6.10 -0.25
N GLN A 15 -3.85 -7.11 -0.89
CA GLN A 15 -4.16 -7.04 -2.31
C GLN A 15 -5.40 -6.17 -2.55
N VAL A 16 -6.28 -6.12 -1.56
CA VAL A 16 -7.50 -5.34 -1.67
C VAL A 16 -7.19 -3.90 -2.12
N ILE A 17 -6.02 -3.41 -1.76
CA ILE A 17 -5.61 -2.07 -2.13
C ILE A 17 -5.39 -1.95 -3.63
N HIS A 18 -4.75 -2.97 -4.20
CA HIS A 18 -4.47 -2.98 -5.64
C HIS A 18 -5.77 -3.15 -6.44
N LYS A 19 -6.68 -3.95 -5.91
CA LYS A 19 -7.96 -4.20 -6.56
C LYS A 19 -8.73 -2.90 -6.76
N ARG A 20 -8.51 -1.95 -5.86
CA ARG A 20 -9.19 -0.66 -5.93
C ARG A 20 -8.99 -0.01 -7.30
N CYS A 21 -7.76 -0.05 -7.79
CA CYS A 21 -7.43 0.54 -9.08
C CYS A 21 -8.39 0.03 -10.16
N GLU A 22 -8.85 -1.22 -10.00
CA GLU A 22 -9.76 -1.82 -10.97
C GLU A 22 -11.07 -1.04 -11.04
N GLU A 23 -11.47 -0.47 -9.90
CA GLU A 23 -12.70 0.31 -9.84
C GLU A 23 -12.44 1.78 -10.18
N MET A 24 -11.23 2.24 -9.90
CA MET A 24 -10.86 3.62 -10.17
C MET A 24 -10.80 3.87 -11.67
N LYS A 25 -11.05 5.12 -12.07
CA LYS A 25 -11.01 5.50 -13.47
C LYS A 25 -10.07 6.67 -13.70
N TYR A 26 -9.95 7.54 -12.70
CA TYR A 26 -9.08 8.70 -12.80
C TYR A 26 -7.74 8.44 -12.12
N CYS A 27 -7.79 7.82 -10.94
CA CYS A 27 -6.58 7.50 -10.19
C CYS A 27 -6.02 6.15 -10.60
N LYS A 28 -6.79 5.41 -11.39
CA LYS A 28 -6.38 4.09 -11.85
C LYS A 28 -4.97 4.14 -12.44
N LYS A 29 -4.63 5.28 -13.03
CA LYS A 29 -3.31 5.47 -13.63
C LYS A 29 -2.21 5.34 -12.58
N GLN A 30 -2.33 6.12 -11.51
CA GLN A 30 -1.35 6.09 -10.43
C GLN A 30 -1.51 4.84 -9.58
N CYS A 31 -2.75 4.58 -9.15
CA CYS A 31 -3.04 3.40 -8.32
C CYS A 31 -2.45 2.14 -8.94
N ARG A 32 -2.40 2.11 -10.27
CA ARG A 32 -1.86 0.96 -10.98
C ARG A 32 -0.49 0.58 -10.45
N ARG A 33 0.40 1.57 -10.35
CA ARG A 33 1.75 1.34 -9.86
C ARG A 33 1.75 1.13 -8.35
N LEU A 34 0.89 1.88 -7.65
CA LEU A 34 0.79 1.77 -6.19
C LEU A 34 0.55 0.33 -5.77
N GLY A 35 -0.49 -0.28 -6.33
CA GLY A 35 -0.81 -1.66 -6.00
C GLY A 35 0.32 -2.62 -6.33
N HIS A 36 0.92 -2.44 -7.51
CA HIS A 36 2.01 -3.29 -7.95
C HIS A 36 3.16 -3.26 -6.94
N ARG A 37 3.44 -2.08 -6.41
CA ARG A 37 4.52 -1.92 -5.44
C ARG A 37 4.07 -2.39 -4.05
N VAL A 38 2.81 -2.10 -3.71
CA VAL A 38 2.26 -2.49 -2.42
C VAL A 38 2.16 -4.01 -2.30
N LEU A 39 1.92 -4.67 -3.42
CA LEU A 39 1.79 -6.12 -3.44
C LEU A 39 3.13 -6.78 -3.11
N GLY A 40 4.22 -6.04 -3.31
CA GLY A 40 5.54 -6.58 -3.03
C GLY A 40 5.71 -6.94 -1.56
N LEU A 41 4.90 -6.35 -0.70
CA LEU A 41 4.97 -6.62 0.72
C LEU A 41 4.13 -7.84 1.10
N ILE A 42 2.92 -7.91 0.55
CA ILE A 42 2.02 -9.03 0.81
C ILE A 42 2.43 -10.26 0.01
N LYS A 43 3.18 -10.04 -1.06
CA LYS A 43 3.64 -11.14 -1.91
C LYS A 43 4.32 -12.22 -1.08
N PRO A 44 5.38 -11.83 -0.36
CA PRO A 44 6.14 -12.75 0.49
C PRO A 44 5.35 -13.20 1.71
N LEU A 45 4.16 -12.61 1.89
CA LEU A 45 3.31 -12.95 3.03
C LEU A 45 2.40 -14.12 2.69
N GLU A 46 2.11 -14.29 1.40
CA GLU A 46 1.26 -15.38 0.94
C GLU A 46 2.03 -16.70 0.92
N MET A 47 3.30 -16.63 0.57
CA MET A 47 4.15 -17.83 0.51
C MET A 47 4.12 -18.58 1.84
N LEU A 48 4.06 -17.83 2.93
CA LEU A 48 4.04 -18.43 4.27
C LEU A 48 2.61 -18.66 4.74
N GLN A 49 1.69 -17.81 4.26
CA GLN A 49 0.28 -17.93 4.63
C GLN A 49 -0.23 -19.34 4.39
N ASP A 50 0.35 -20.02 3.40
CA ASP A 50 -0.04 -21.38 3.07
C ASP A 50 -0.08 -22.26 4.32
N GLN A 51 0.82 -21.99 5.25
CA GLN A 51 0.89 -22.76 6.49
C GLN A 51 -0.48 -22.82 7.17
N GLY A 52 -0.96 -21.66 7.62
CA GLY A 52 -2.25 -21.60 8.28
C GLY A 52 -2.14 -21.75 9.78
N LYS A 53 -1.17 -22.54 10.22
CA LYS A 53 -0.96 -22.77 11.65
C LYS A 53 -0.82 -21.44 12.40
N ARG A 54 -0.77 -21.51 13.72
CA ARG A 54 -0.63 -20.32 14.55
C ARG A 54 0.52 -19.45 14.07
N SER A 55 1.73 -19.99 14.14
CA SER A 55 2.92 -19.27 13.72
C SER A 55 3.09 -17.98 14.51
N VAL A 56 3.28 -18.11 15.82
CA VAL A 56 3.44 -16.95 16.69
C VAL A 56 4.50 -17.22 17.74
N PRO A 57 5.77 -17.03 17.37
CA PRO A 57 6.91 -17.24 18.28
C PRO A 57 6.98 -16.18 19.37
N SER A 58 6.68 -14.94 19.01
CA SER A 58 6.72 -13.83 19.97
C SER A 58 5.63 -12.81 19.65
N GLU A 59 5.24 -12.04 20.66
CA GLU A 59 4.21 -11.02 20.48
C GLU A 59 4.80 -9.76 19.86
N LYS A 60 6.12 -9.69 19.80
CA LYS A 60 6.82 -8.53 19.23
C LYS A 60 6.75 -8.57 17.70
N LEU A 61 7.32 -9.61 17.12
CA LEU A 61 7.34 -9.76 15.67
C LEU A 61 5.91 -9.80 15.12
N THR A 62 4.96 -10.20 15.96
CA THR A 62 3.57 -10.28 15.55
C THR A 62 2.92 -8.89 15.55
N THR A 63 3.12 -8.15 16.62
CA THR A 63 2.55 -6.81 16.74
C THR A 63 2.89 -5.96 15.52
N ALA A 64 4.06 -6.21 14.94
CA ALA A 64 4.50 -5.46 13.76
C ALA A 64 3.45 -5.52 12.66
N MET A 65 2.65 -6.58 12.65
CA MET A 65 1.61 -6.76 11.65
C MET A 65 0.40 -5.89 11.97
N ASN A 66 0.14 -5.71 13.26
CA ASN A 66 -1.00 -4.89 13.70
C ASN A 66 -0.86 -3.46 13.19
N ARG A 67 0.34 -2.89 13.34
CA ARG A 67 0.60 -1.53 12.90
C ARG A 67 0.67 -1.45 11.39
N PHE A 68 1.21 -2.49 10.76
CA PHE A 68 1.33 -2.53 9.31
C PHE A 68 -0.03 -2.64 8.65
N LYS A 69 -0.89 -3.48 9.22
CA LYS A 69 -2.23 -3.69 8.69
C LYS A 69 -2.93 -2.35 8.46
N ALA A 70 -2.75 -1.43 9.40
CA ALA A 70 -3.36 -0.10 9.29
C ALA A 70 -2.69 0.73 8.21
N ALA A 71 -1.39 0.51 8.02
CA ALA A 71 -0.63 1.24 7.02
C ALA A 71 -1.34 1.21 5.67
N LEU A 72 -1.65 0.01 5.20
CA LEU A 72 -2.33 -0.16 3.92
C LEU A 72 -3.81 0.13 4.04
N GLU A 73 -4.35 -0.10 5.24
CA GLU A 73 -5.77 0.14 5.49
C GLU A 73 -6.18 1.53 5.02
N GLU A 74 -5.27 2.49 5.19
CA GLU A 74 -5.54 3.87 4.79
C GLU A 74 -5.54 4.01 3.28
N ALA A 75 -4.68 3.25 2.62
CA ALA A 75 -4.58 3.28 1.16
C ALA A 75 -5.94 2.99 0.52
N ASN A 76 -6.51 1.83 0.86
CA ASN A 76 -7.80 1.43 0.31
C ASN A 76 -8.90 2.42 0.72
N GLY A 77 -8.90 2.77 2.00
CA GLY A 77 -9.90 3.70 2.50
C GLY A 77 -9.87 5.04 1.78
N GLU A 78 -8.69 5.44 1.36
CA GLU A 78 -8.52 6.71 0.65
C GLU A 78 -8.95 6.58 -0.82
N ILE A 79 -8.46 5.53 -1.47
CA ILE A 79 -8.79 5.28 -2.87
C ILE A 79 -10.30 5.28 -3.08
N GLU A 80 -11.03 4.83 -2.07
CA GLU A 80 -12.50 4.79 -2.15
C GLU A 80 -13.08 6.18 -2.29
N LYS A 81 -12.83 7.03 -1.29
CA LYS A 81 -13.34 8.39 -1.30
C LYS A 81 -12.73 9.19 -2.45
N PHE A 82 -11.48 8.89 -2.78
CA PHE A 82 -10.79 9.57 -3.87
C PHE A 82 -11.55 9.40 -5.19
N SER A 83 -12.28 8.30 -5.30
CA SER A 83 -13.04 8.01 -6.51
C SER A 83 -13.87 9.22 -6.92
N ASN A 84 -14.35 9.97 -5.94
CA ASN A 84 -15.15 11.17 -6.22
C ASN A 84 -14.37 12.17 -7.05
N ARG A 85 -14.84 12.39 -8.28
CA ARG A 85 -14.19 13.32 -9.19
C ARG A 85 -13.98 14.68 -8.52
N SER A 86 -15.03 15.19 -7.88
CA SER A 86 -14.96 16.48 -7.20
C SER A 86 -13.82 16.50 -6.18
N ASN A 87 -13.59 15.36 -5.54
CA ASN A 87 -12.54 15.25 -4.54
C ASN A 87 -11.17 15.39 -5.20
N ILE A 88 -11.03 14.88 -6.41
CA ILE A 88 -9.77 14.95 -7.14
C ILE A 88 -9.54 16.35 -7.68
N CYS A 89 -10.58 16.97 -8.23
CA CYS A 89 -10.48 18.31 -8.79
C CYS A 89 -9.91 19.28 -7.76
N ARG A 90 -10.57 19.38 -6.62
CA ARG A 90 -10.13 20.28 -5.55
C ARG A 90 -8.71 19.92 -5.10
N PHE A 91 -8.40 18.63 -5.10
CA PHE A 91 -7.08 18.17 -4.68
C PHE A 91 -6.00 18.66 -5.65
N LEU A 92 -6.17 18.33 -6.93
CA LEU A 92 -5.22 18.74 -7.96
C LEU A 92 -5.16 20.26 -8.07
N THR A 93 -6.32 20.88 -8.21
CA THR A 93 -6.40 22.34 -8.33
C THR A 93 -5.69 23.03 -7.16
N ALA A 94 -5.76 22.41 -5.99
CA ALA A 94 -5.12 22.96 -4.79
C ALA A 94 -3.61 23.11 -5.00
N SER A 95 -3.04 22.21 -5.80
CA SER A 95 -1.61 22.24 -6.07
C SER A 95 -0.80 21.99 -4.80
N GLN A 96 -0.68 20.72 -4.42
CA GLN A 96 0.06 20.35 -3.21
C GLN A 96 1.22 19.42 -3.55
N ASP A 97 1.00 18.55 -4.53
CA ASP A 97 2.03 17.60 -4.96
C ASP A 97 1.65 16.94 -6.28
N LYS A 98 2.53 16.08 -6.78
CA LYS A 98 2.28 15.37 -8.03
C LYS A 98 1.61 14.03 -7.77
N ILE A 99 1.86 13.45 -6.60
CA ILE A 99 1.28 12.18 -6.24
C ILE A 99 -0.09 12.36 -5.59
N LEU A 100 -0.80 11.25 -5.41
CA LEU A 100 -2.13 11.29 -4.80
C LEU A 100 -2.18 10.41 -3.55
N PHE A 101 -1.52 9.26 -3.62
CA PHE A 101 -1.49 8.33 -2.50
C PHE A 101 -0.06 8.14 -2.00
N LYS A 102 0.72 9.21 -2.03
CA LYS A 102 2.11 9.15 -1.57
C LYS A 102 2.18 9.00 -0.06
N ASP A 103 1.31 9.72 0.65
CA ASP A 103 1.28 9.67 2.09
C ASP A 103 1.16 8.23 2.60
N VAL A 104 0.22 7.49 2.01
CA VAL A 104 0.00 6.09 2.39
C VAL A 104 1.11 5.21 1.86
N ASN A 105 1.72 5.62 0.75
CA ASN A 105 2.80 4.85 0.15
C ASN A 105 4.06 4.92 1.01
N ARG A 106 4.38 6.11 1.51
CA ARG A 106 5.56 6.31 2.34
C ARG A 106 5.41 5.57 3.67
N LYS A 107 4.31 5.83 4.36
CA LYS A 107 4.04 5.20 5.65
C LYS A 107 4.06 3.67 5.51
N LEU A 108 3.60 3.18 4.37
CA LEU A 108 3.56 1.74 4.12
C LEU A 108 4.97 1.17 4.05
N SER A 109 5.89 1.96 3.50
CA SER A 109 7.28 1.53 3.37
C SER A 109 8.03 1.69 4.69
N ASP A 110 7.70 2.75 5.42
CA ASP A 110 8.34 3.03 6.71
C ASP A 110 8.04 1.92 7.72
N VAL A 111 6.76 1.58 7.84
CA VAL A 111 6.33 0.53 8.76
C VAL A 111 6.89 -0.82 8.35
N TRP A 112 7.07 -1.02 7.05
CA TRP A 112 7.60 -2.27 6.53
C TRP A 112 9.06 -2.46 6.93
N LYS A 113 9.79 -1.35 7.00
CA LYS A 113 11.20 -1.39 7.37
C LYS A 113 11.40 -2.17 8.68
N GLU A 114 10.69 -1.75 9.72
CA GLU A 114 10.79 -2.40 11.02
C GLU A 114 10.03 -3.73 11.02
N LEU A 115 8.85 -3.73 10.41
CA LEU A 115 8.04 -4.94 10.34
C LEU A 115 8.82 -6.10 9.72
N SER A 116 9.21 -5.93 8.46
CA SER A 116 9.96 -6.95 7.75
C SER A 116 11.19 -7.38 8.54
N LEU A 117 11.79 -6.42 9.24
CA LEU A 117 12.97 -6.67 10.05
C LEU A 117 12.64 -7.56 11.24
N LEU A 118 11.42 -7.41 11.75
CA LEU A 118 10.98 -8.21 12.90
C LEU A 118 10.63 -9.63 12.47
N LEU A 119 10.19 -9.79 11.23
CA LEU A 119 9.83 -11.10 10.71
C LEU A 119 11.08 -11.89 10.34
N GLN A 120 12.02 -11.24 9.68
CA GLN A 120 13.25 -11.89 9.27
C GLN A 120 14.11 -12.25 10.48
N VAL A 121 14.27 -11.29 11.38
CA VAL A 121 15.07 -11.50 12.59
C VAL A 121 14.57 -12.70 13.38
N GLU A 122 13.25 -12.91 13.34
CA GLU A 122 12.64 -14.03 14.06
C GLU A 122 12.66 -15.30 13.19
N GLN A 123 11.88 -15.29 12.11
CA GLN A 123 11.81 -16.43 11.22
C GLN A 123 12.44 -16.10 9.86
N ARG A 124 12.77 -17.13 9.11
CA ARG A 124 13.37 -16.96 7.79
C ARG A 124 12.34 -16.51 6.77
N MET A 125 11.92 -15.25 6.88
CA MET A 125 10.93 -14.69 5.97
C MET A 125 11.55 -13.64 5.07
N PRO A 126 11.63 -13.94 3.75
CA PRO A 126 12.21 -13.03 2.76
C PRO A 126 11.33 -11.80 2.52
N VAL A 127 11.90 -10.61 2.71
CA VAL A 127 11.17 -9.38 2.51
C VAL A 127 11.40 -8.82 1.11
N SER A 128 10.64 -7.79 0.75
CA SER A 128 10.75 -7.18 -0.57
C SER A 128 12.19 -6.81 -0.87
N PRO A 129 12.57 -6.91 -2.16
CA PRO A 129 13.93 -6.60 -2.61
C PRO A 129 14.23 -5.11 -2.53
N ILE A 130 13.25 -4.28 -2.88
CA ILE A 130 13.41 -2.83 -2.85
C ILE A 130 13.96 -2.37 -1.50
N SER A 131 14.52 -1.17 -1.48
CA SER A 131 15.09 -0.62 -0.25
C SER A 131 14.00 -0.35 0.77
N GLN A 132 12.78 -0.16 0.29
CA GLN A 132 11.64 0.11 1.17
C GLN A 132 11.81 1.45 1.89
N GLY A 133 11.92 2.52 1.11
CA GLY A 133 12.08 3.85 1.68
C GLY A 133 11.66 4.95 0.73
N ALA A 134 12.62 5.77 0.31
CA ALA A 134 12.34 6.86 -0.61
C ALA A 134 11.99 6.34 -1.99
N SER A 135 12.62 5.24 -2.39
CA SER A 135 12.37 4.65 -3.69
C SER A 135 10.87 4.45 -3.93
N TRP A 136 10.16 4.12 -2.87
CA TRP A 136 8.72 3.91 -2.96
C TRP A 136 8.03 5.09 -3.65
N ALA A 137 8.39 6.29 -3.23
CA ALA A 137 7.82 7.50 -3.81
C ALA A 137 8.40 7.79 -5.19
N GLN A 138 9.68 7.48 -5.36
CA GLN A 138 10.36 7.70 -6.63
C GLN A 138 9.64 6.98 -7.76
N GLU A 139 9.16 5.78 -7.48
CA GLU A 139 8.45 4.98 -8.47
C GLU A 139 7.14 5.65 -8.88
N ASP A 140 6.45 6.21 -7.89
CA ASP A 140 5.18 6.89 -8.14
C ASP A 140 5.40 8.22 -8.84
N GLN A 141 6.44 8.94 -8.44
CA GLN A 141 6.76 10.23 -9.02
C GLN A 141 6.89 10.12 -10.54
N GLN A 142 7.52 9.05 -10.99
CA GLN A 142 7.71 8.83 -12.42
C GLN A 142 6.38 8.86 -13.16
N ASP A 143 5.38 8.16 -12.62
CA ASP A 143 4.06 8.11 -13.23
C ASP A 143 3.30 9.40 -12.97
N ALA A 144 3.53 10.01 -11.81
CA ALA A 144 2.87 11.25 -11.45
C ALA A 144 3.06 12.31 -12.53
N ASP A 145 4.23 12.30 -13.16
CA ASP A 145 4.54 13.26 -14.22
C ASP A 145 3.49 13.20 -15.32
N GLU A 146 3.22 12.00 -15.81
CA GLU A 146 2.24 11.81 -16.88
C GLU A 146 0.82 11.86 -16.32
N ASP A 147 0.66 11.41 -15.09
CA ASP A 147 -0.65 11.40 -14.44
C ASP A 147 -1.29 12.78 -14.49
N ARG A 148 -0.57 13.79 -13.99
CA ARG A 148 -1.08 15.16 -13.98
C ARG A 148 -1.44 15.61 -15.40
N ARG A 149 -0.63 15.18 -16.37
CA ARG A 149 -0.87 15.55 -17.77
C ARG A 149 -2.11 14.85 -18.31
N ALA A 150 -2.34 13.63 -17.85
CA ALA A 150 -3.49 12.85 -18.29
C ALA A 150 -4.80 13.45 -17.76
N PHE A 151 -4.76 13.94 -16.52
CA PHE A 151 -5.94 14.53 -15.91
C PHE A 151 -6.50 15.65 -16.78
N GLN A 152 -5.61 16.40 -17.42
CA GLN A 152 -6.03 17.51 -18.29
C GLN A 152 -7.07 17.04 -19.30
N MET A 153 -6.92 15.80 -19.76
CA MET A 153 -7.85 15.23 -20.74
C MET A 153 -9.21 14.97 -20.10
N LEU A 154 -9.19 14.59 -18.82
CA LEU A 154 -10.41 14.29 -18.09
C LEU A 154 -10.92 15.52 -17.35
N ARG A 155 -10.82 16.68 -18.00
CA ARG A 155 -11.27 17.92 -17.40
C ARG A 155 -12.76 17.88 -17.08
N ARG A 156 -13.25 18.92 -16.44
CA ARG A 156 -14.66 19.00 -16.06
C ARG A 156 -15.38 20.10 -16.86
N ASP A 157 -16.67 20.23 -16.63
CA ASP A 157 -17.47 21.25 -17.32
C ASP A 157 -16.97 22.65 -16.99
C4 UJ2 B . -1.91 -15.38 18.51
C5 UJ2 B . -1.77 -14.09 19.06
C6 UJ2 B . -1.67 -13.00 18.24
C8 UJ2 B . -1.73 -12.94 14.69
C10 UJ2 B . -1.68 -12.31 13.33
C13 UJ2 B . 1.02 -12.64 10.71
C15 UJ2 B . 1.85 -13.52 12.79
C17 UJ2 B . 3.34 -13.55 10.78
C20 UJ2 B . 5.75 -14.15 9.56
C21 UJ2 B . 5.69 -14.02 10.94
C22 UJ2 B . 4.48 -13.71 11.55
C24 UJ2 B . -0.62 -10.23 13.89
C1 UJ2 B . -1.71 -13.15 16.85
N7 UJ2 B . -1.64 -12.29 15.82
N9 UJ2 B . -1.85 -14.26 14.92
C11 UJ2 B . -0.37 -12.63 12.66
C12 UJ2 B . -0.18 -12.34 11.32
C16 UJ2 B . 0.64 -13.22 13.40
C14 UJ2 B . 2.04 -13.23 11.44
C18 UJ2 B . 3.41 -13.68 9.40
C19 UJ2 B . 4.61 -13.98 8.80
O23 UJ2 B . -1.81 -10.88 13.46
C2 UJ2 B . -1.85 -14.44 16.30
C3 UJ2 B . -1.95 -15.55 17.12
C25 UJ2 B . -2.02 -16.55 19.40
O26 UJ2 B . -1.04 -16.95 20.00
O27 UJ2 B . -3.20 -17.17 19.55
H29 UJ2 B . -1.74 -13.97 20.13
H30 UJ2 B . -1.56 -12.02 18.67
H32 UJ2 B . -2.50 -12.69 12.72
H34 UJ2 B . 1.16 -12.40 9.66
H35 UJ2 B . 2.64 -13.98 13.35
H39 UJ2 B . 6.69 -14.38 9.09
H40 UJ2 B . 6.58 -14.15 11.53
H41 UJ2 B . 4.44 -13.61 12.63
H42 UJ2 B . -0.01 -9.99 13.01
H44 UJ2 B . -0.06 -10.89 14.55
H43 UJ2 B . -0.88 -9.31 14.41
H31 UJ2 B . -1.94 -14.96 14.26
H33 UJ2 B . -0.98 -11.87 10.75
H36 UJ2 B . 0.50 -13.43 14.44
H37 UJ2 B . 2.52 -13.55 8.80
H38 UJ2 B . 4.67 -14.09 7.73
H28 UJ2 B . -2.05 -16.53 16.70
H45 UJ2 B . -3.97 -16.78 19.12
N GLY A 1 -3.06 -20.57 22.96
CA GLY A 1 -2.61 -20.13 21.65
C GLY A 1 -3.74 -20.04 20.65
N SER A 2 -3.80 -18.92 19.92
CA SER A 2 -4.84 -18.71 18.92
C SER A 2 -4.36 -19.15 17.53
N PRO A 3 -5.32 -19.39 16.63
CA PRO A 3 -5.03 -19.81 15.26
C PRO A 3 -4.39 -18.69 14.44
N GLY A 4 -4.23 -18.94 13.14
CA GLY A 4 -3.63 -17.94 12.26
C GLY A 4 -4.66 -17.27 11.37
N GLU A 5 -5.88 -17.12 11.88
CA GLU A 5 -6.95 -16.50 11.12
C GLU A 5 -6.71 -15.00 10.98
N ASN A 6 -6.16 -14.39 12.02
CA ASN A 6 -5.89 -12.95 12.02
C ASN A 6 -4.97 -12.58 10.86
N LEU A 7 -4.05 -13.49 10.53
CA LEU A 7 -3.11 -13.25 9.44
C LEU A 7 -3.85 -12.87 8.15
N LYS A 8 -5.03 -13.45 7.96
CA LYS A 8 -5.84 -13.17 6.78
C LYS A 8 -6.09 -11.67 6.64
N HIS A 9 -6.08 -10.96 7.78
CA HIS A 9 -6.32 -9.52 7.78
C HIS A 9 -5.37 -8.82 6.80
N ILE A 10 -4.08 -9.08 6.93
CA ILE A 10 -3.08 -8.48 6.07
C ILE A 10 -3.27 -8.93 4.62
N ILE A 11 -3.73 -10.16 4.44
CA ILE A 11 -3.96 -10.71 3.11
C ILE A 11 -5.10 -9.99 2.40
N THR A 12 -6.25 -9.91 3.06
CA THR A 12 -7.42 -9.25 2.51
C THR A 12 -7.22 -7.74 2.47
N LEU A 13 -7.08 -7.13 3.65
CA LEU A 13 -6.89 -5.69 3.76
C LEU A 13 -5.70 -5.23 2.90
N GLY A 14 -4.73 -6.12 2.73
CA GLY A 14 -3.57 -5.79 1.94
C GLY A 14 -3.89 -5.63 0.46
N GLN A 15 -4.56 -6.63 -0.11
CA GLN A 15 -4.92 -6.59 -1.51
C GLN A 15 -6.10 -5.66 -1.75
N VAL A 16 -6.93 -5.49 -0.72
CA VAL A 16 -8.10 -4.63 -0.81
C VAL A 16 -7.71 -3.24 -1.31
N ILE A 17 -6.49 -2.82 -0.99
CA ILE A 17 -6.00 -1.52 -1.41
C ILE A 17 -5.91 -1.42 -2.93
N HIS A 18 -5.25 -2.39 -3.54
CA HIS A 18 -5.08 -2.43 -4.99
C HIS A 18 -6.44 -2.47 -5.68
N LYS A 19 -7.35 -3.28 -5.14
CA LYS A 19 -8.69 -3.42 -5.71
C LYS A 19 -9.35 -2.06 -5.86
N ARG A 20 -9.04 -1.14 -4.95
CA ARG A 20 -9.60 0.20 -4.98
C ARG A 20 -9.38 0.85 -6.35
N CYS A 21 -8.18 0.67 -6.90
CA CYS A 21 -7.85 1.25 -8.20
C CYS A 21 -8.90 0.89 -9.24
N GLU A 22 -9.49 -0.29 -9.10
CA GLU A 22 -10.51 -0.75 -10.02
C GLU A 22 -11.71 0.19 -10.02
N GLU A 23 -11.99 0.78 -8.87
CA GLU A 23 -13.11 1.70 -8.73
C GLU A 23 -12.71 3.11 -9.16
N MET A 24 -11.43 3.43 -9.00
CA MET A 24 -10.92 4.74 -9.38
C MET A 24 -10.92 4.93 -10.88
N LYS A 25 -10.89 6.18 -11.32
CA LYS A 25 -10.91 6.49 -12.75
C LYS A 25 -9.75 7.44 -13.10
N TYR A 26 -9.75 8.61 -12.47
CA TYR A 26 -8.71 9.60 -12.72
C TYR A 26 -7.48 9.34 -11.85
N CYS A 27 -7.72 8.83 -10.65
CA CYS A 27 -6.62 8.53 -9.72
C CYS A 27 -6.10 7.11 -9.94
N LYS A 28 -6.88 6.30 -10.64
CA LYS A 28 -6.48 4.92 -10.92
C LYS A 28 -5.06 4.86 -11.46
N LYS A 29 -4.67 5.89 -12.20
CA LYS A 29 -3.34 5.96 -12.78
C LYS A 29 -2.27 5.94 -11.69
N GLN A 30 -2.41 6.85 -10.72
CA GLN A 30 -1.46 6.93 -9.62
C GLN A 30 -1.65 5.78 -8.64
N CYS A 31 -2.89 5.61 -8.18
CA CYS A 31 -3.21 4.54 -7.23
C CYS A 31 -2.69 3.20 -7.73
N ARG A 32 -2.74 2.99 -9.04
CA ARG A 32 -2.27 1.76 -9.64
C ARG A 32 -0.86 1.42 -9.17
N ARG A 33 0.01 2.42 -9.17
CA ARG A 33 1.39 2.22 -8.75
C ARG A 33 1.47 1.97 -7.24
N LEU A 34 0.59 2.63 -6.49
CA LEU A 34 0.55 2.48 -5.05
C LEU A 34 0.13 1.06 -4.65
N GLY A 35 -1.01 0.63 -5.17
CA GLY A 35 -1.50 -0.70 -4.86
C GLY A 35 -0.52 -1.78 -5.28
N HIS A 36 -0.08 -1.73 -6.53
CA HIS A 36 0.87 -2.71 -7.05
C HIS A 36 2.10 -2.83 -6.15
N ARG A 37 2.59 -1.68 -5.70
CA ARG A 37 3.77 -1.65 -4.83
C ARG A 37 3.42 -2.12 -3.42
N VAL A 38 2.20 -1.81 -2.98
CA VAL A 38 1.74 -2.21 -1.66
C VAL A 38 1.51 -3.72 -1.58
N LEU A 39 1.13 -4.31 -2.71
CA LEU A 39 0.88 -5.74 -2.77
C LEU A 39 2.17 -6.53 -2.55
N GLY A 40 3.30 -5.87 -2.77
CA GLY A 40 4.58 -6.54 -2.57
C GLY A 40 4.85 -6.85 -1.12
N LEU A 41 4.19 -6.14 -0.22
CA LEU A 41 4.35 -6.36 1.21
C LEU A 41 3.46 -7.48 1.72
N ILE A 42 2.45 -7.83 0.92
CA ILE A 42 1.51 -8.89 1.28
C ILE A 42 1.74 -10.12 0.42
N LYS A 43 2.33 -9.92 -0.75
CA LYS A 43 2.60 -11.02 -1.67
C LYS A 43 3.31 -12.17 -0.95
N PRO A 44 4.47 -11.86 -0.35
CA PRO A 44 5.28 -12.84 0.39
C PRO A 44 4.61 -13.29 1.68
N LEU A 45 3.51 -12.62 2.03
CA LEU A 45 2.77 -12.96 3.24
C LEU A 45 1.71 -14.02 2.97
N GLU A 46 1.28 -14.10 1.71
CA GLU A 46 0.28 -15.08 1.32
C GLU A 46 0.87 -16.48 1.21
N MET A 47 2.13 -16.54 0.78
CA MET A 47 2.83 -17.81 0.63
C MET A 47 2.85 -18.57 1.96
N LEU A 48 2.97 -17.84 3.06
CA LEU A 48 3.00 -18.45 4.38
C LEU A 48 1.60 -18.51 4.99
N GLN A 49 0.74 -17.60 4.58
CA GLN A 49 -0.63 -17.55 5.08
C GLN A 49 -1.31 -18.91 4.92
N ASP A 50 -0.87 -19.67 3.93
CA ASP A 50 -1.44 -20.98 3.66
C ASP A 50 -0.83 -22.03 4.59
N GLN A 51 0.49 -22.16 4.56
CA GLN A 51 1.19 -23.12 5.40
C GLN A 51 0.82 -22.93 6.86
N GLY A 52 1.19 -21.79 7.42
CA GLY A 52 0.89 -21.51 8.82
C GLY A 52 1.40 -22.59 9.75
N LYS A 53 2.69 -22.92 9.63
CA LYS A 53 3.30 -23.95 10.45
C LYS A 53 3.98 -23.32 11.67
N ARG A 54 3.41 -22.24 12.18
CA ARG A 54 3.96 -21.55 13.33
C ARG A 54 2.86 -20.84 14.13
N SER A 55 2.62 -21.30 15.35
CA SER A 55 1.60 -20.71 16.21
C SER A 55 2.13 -19.48 16.93
N VAL A 56 2.65 -18.53 16.17
CA VAL A 56 3.19 -17.30 16.73
C VAL A 56 4.34 -17.60 17.69
N PRO A 57 5.58 -17.44 17.19
CA PRO A 57 6.79 -17.69 17.98
C PRO A 57 6.98 -16.64 19.09
N SER A 58 6.79 -15.38 18.74
CA SER A 58 6.95 -14.29 19.69
C SER A 58 5.94 -13.17 19.42
N GLU A 59 5.66 -12.37 20.44
CA GLU A 59 4.72 -11.26 20.31
C GLU A 59 5.40 -10.05 19.67
N LYS A 60 6.72 -10.10 19.57
CA LYS A 60 7.48 -9.00 18.97
C LYS A 60 7.33 -9.00 17.46
N LEU A 61 7.74 -10.08 16.81
CA LEU A 61 7.65 -10.18 15.36
C LEU A 61 6.20 -10.03 14.90
N THR A 62 5.26 -10.36 15.79
CA THR A 62 3.84 -10.26 15.47
C THR A 62 3.34 -8.82 15.62
N THR A 63 3.86 -8.12 16.62
CA THR A 63 3.47 -6.74 16.87
C THR A 63 3.63 -5.89 15.62
N ALA A 64 4.70 -6.14 14.87
CA ALA A 64 4.96 -5.39 13.65
C ALA A 64 3.75 -5.43 12.72
N MET A 65 2.98 -6.51 12.79
CA MET A 65 1.79 -6.65 11.95
C MET A 65 0.67 -5.75 12.44
N ASN A 66 0.58 -5.58 13.75
CA ASN A 66 -0.47 -4.74 14.34
C ASN A 66 -0.37 -3.31 13.81
N ARG A 67 0.85 -2.78 13.78
CA ARG A 67 1.07 -1.43 13.29
C ARG A 67 1.03 -1.38 11.77
N PHE A 68 1.55 -2.43 11.13
CA PHE A 68 1.57 -2.50 9.68
C PHE A 68 0.16 -2.54 9.11
N LYS A 69 -0.67 -3.42 9.66
CA LYS A 69 -2.05 -3.55 9.21
C LYS A 69 -2.74 -2.20 9.17
N ALA A 70 -2.46 -1.35 10.15
CA ALA A 70 -3.05 -0.02 10.21
C ALA A 70 -2.47 0.89 9.15
N ALA A 71 -1.18 0.72 8.86
CA ALA A 71 -0.50 1.52 7.86
C ALA A 71 -1.29 1.54 6.55
N LEU A 72 -1.58 0.35 6.03
CA LEU A 72 -2.32 0.22 4.78
C LEU A 72 -3.81 0.51 5.00
N GLU A 73 -4.28 0.28 6.22
CA GLU A 73 -5.68 0.53 6.55
C GLU A 73 -6.11 1.92 6.14
N GLU A 74 -5.19 2.88 6.27
CA GLU A 74 -5.47 4.26 5.91
C GLU A 74 -5.44 4.44 4.39
N ALA A 75 -4.59 3.68 3.73
CA ALA A 75 -4.46 3.75 2.28
C ALA A 75 -5.81 3.60 1.60
N ASN A 76 -6.50 2.50 1.88
CA ASN A 76 -7.80 2.22 1.30
C ASN A 76 -8.82 3.28 1.74
N GLY A 77 -8.71 3.72 2.98
CA GLY A 77 -9.62 4.72 3.51
C GLY A 77 -9.49 6.05 2.79
N GLU A 78 -8.26 6.43 2.47
CA GLU A 78 -8.01 7.70 1.79
C GLU A 78 -8.49 7.64 0.35
N ILE A 79 -8.17 6.54 -0.33
CA ILE A 79 -8.58 6.36 -1.72
C ILE A 79 -10.09 6.58 -1.89
N GLU A 80 -10.84 6.19 -0.88
CA GLU A 80 -12.29 6.34 -0.91
C GLU A 80 -12.68 7.80 -1.15
N LYS A 81 -12.28 8.67 -0.24
CA LYS A 81 -12.57 10.09 -0.36
C LYS A 81 -11.97 10.67 -1.63
N PHE A 82 -10.71 10.33 -1.89
CA PHE A 82 -10.01 10.83 -3.07
C PHE A 82 -10.84 10.58 -4.33
N SER A 83 -11.61 9.50 -4.31
CA SER A 83 -12.46 9.13 -5.45
C SER A 83 -13.27 10.34 -5.93
N ASN A 84 -13.69 11.18 -4.99
CA ASN A 84 -14.48 12.36 -5.32
C ASN A 84 -13.75 13.21 -6.36
N ARG A 85 -14.45 13.51 -7.45
CA ARG A 85 -13.89 14.32 -8.52
C ARG A 85 -13.47 15.70 -8.01
N SER A 86 -14.24 16.22 -7.07
CA SER A 86 -13.96 17.53 -6.49
C SER A 86 -12.70 17.49 -5.63
N ASN A 87 -12.52 16.37 -4.91
CA ASN A 87 -11.37 16.20 -4.05
C ASN A 87 -10.06 16.39 -4.83
N ILE A 88 -9.97 15.74 -5.98
CA ILE A 88 -8.79 15.83 -6.82
C ILE A 88 -8.73 17.18 -7.53
N CYS A 89 -9.87 17.64 -8.04
CA CYS A 89 -9.95 18.92 -8.73
C CYS A 89 -9.36 20.04 -7.88
N ARG A 90 -9.76 20.09 -6.61
CA ARG A 90 -9.29 21.12 -5.69
C ARG A 90 -7.84 20.83 -5.28
N PHE A 91 -7.51 19.56 -5.16
CA PHE A 91 -6.15 19.16 -4.76
C PHE A 91 -5.13 19.61 -5.81
N LEU A 92 -5.33 19.18 -7.05
CA LEU A 92 -4.43 19.54 -8.14
C LEU A 92 -4.35 21.07 -8.29
N THR A 93 -5.51 21.70 -8.39
CA THR A 93 -5.57 23.15 -8.55
C THR A 93 -4.80 23.86 -7.44
N ALA A 94 -4.84 23.28 -6.24
CA ALA A 94 -4.14 23.85 -5.10
C ALA A 94 -2.63 23.88 -5.33
N SER A 95 -2.13 22.89 -6.08
CA SER A 95 -0.71 22.80 -6.37
C SER A 95 0.08 22.53 -5.09
N GLN A 96 -0.19 21.41 -4.45
CA GLN A 96 0.50 21.03 -3.22
C GLN A 96 0.70 19.52 -3.14
N ASP A 97 1.96 19.11 -3.06
CA ASP A 97 2.29 17.69 -2.99
C ASP A 97 1.85 16.96 -4.24
N LYS A 98 2.78 16.80 -5.19
CA LYS A 98 2.49 16.12 -6.44
C LYS A 98 1.87 14.74 -6.19
N ILE A 99 2.28 14.11 -5.09
CA ILE A 99 1.78 12.80 -4.72
C ILE A 99 0.41 12.90 -4.06
N LEU A 100 -0.29 11.78 -3.99
CA LEU A 100 -1.62 11.74 -3.37
C LEU A 100 -1.61 10.86 -2.12
N PHE A 101 -0.87 9.75 -2.19
CA PHE A 101 -0.77 8.83 -1.07
C PHE A 101 0.66 8.73 -0.57
N LYS A 102 1.37 9.86 -0.59
CA LYS A 102 2.75 9.91 -0.13
C LYS A 102 2.83 9.74 1.38
N ASP A 103 1.88 10.34 2.09
CA ASP A 103 1.84 10.25 3.55
C ASP A 103 1.70 8.80 4.00
N VAL A 104 0.69 8.12 3.47
CA VAL A 104 0.43 6.72 3.83
C VAL A 104 1.53 5.81 3.28
N ASN A 105 2.13 6.22 2.16
CA ASN A 105 3.20 5.44 1.54
C ASN A 105 4.48 5.52 2.37
N ARG A 106 4.82 6.72 2.81
CA ARG A 106 6.01 6.94 3.61
C ARG A 106 6.01 6.05 4.85
N LYS A 107 4.87 6.01 5.53
CA LYS A 107 4.73 5.21 6.74
C LYS A 107 4.63 3.73 6.40
N LEU A 108 3.95 3.42 5.30
CA LEU A 108 3.78 2.04 4.86
C LEU A 108 5.14 1.37 4.63
N SER A 109 6.10 2.16 4.15
CA SER A 109 7.44 1.65 3.89
C SER A 109 8.27 1.62 5.16
N ASP A 110 8.05 2.60 6.03
CA ASP A 110 8.78 2.69 7.29
C ASP A 110 8.38 1.54 8.22
N VAL A 111 7.08 1.29 8.31
CA VAL A 111 6.57 0.23 9.18
C VAL A 111 6.98 -1.14 8.65
N TRP A 112 7.07 -1.27 7.33
CA TRP A 112 7.45 -2.53 6.70
C TRP A 112 8.94 -2.78 6.86
N LYS A 113 9.73 -1.71 6.86
CA LYS A 113 11.18 -1.82 7.01
C LYS A 113 11.55 -2.70 8.20
N GLU A 114 10.96 -2.41 9.36
CA GLU A 114 11.22 -3.18 10.56
C GLU A 114 10.47 -4.51 10.53
N LEU A 115 9.18 -4.46 10.23
CA LEU A 115 8.37 -5.66 10.16
C LEU A 115 9.01 -6.72 9.28
N SER A 116 9.16 -6.40 8.00
CA SER A 116 9.77 -7.32 7.05
C SER A 116 11.11 -7.85 7.57
N LEU A 117 11.77 -7.04 8.39
CA LEU A 117 13.05 -7.42 8.96
C LEU A 117 12.87 -8.45 10.06
N LEU A 118 11.98 -8.16 11.01
CA LEU A 118 11.71 -9.07 12.12
C LEU A 118 10.95 -10.30 11.65
N LEU A 119 10.35 -10.20 10.47
CA LEU A 119 9.58 -11.30 9.89
C LEU A 119 10.51 -12.34 9.26
N GLN A 120 11.57 -11.87 8.62
CA GLN A 120 12.53 -12.75 7.98
C GLN A 120 13.49 -13.34 9.01
N VAL A 121 14.00 -12.49 9.89
CA VAL A 121 14.94 -12.92 10.92
C VAL A 121 14.40 -14.13 11.67
N GLU A 122 13.09 -14.19 11.84
CA GLU A 122 12.45 -15.30 12.54
C GLU A 122 12.49 -16.57 11.69
N GLN A 123 11.93 -16.48 10.48
CA GLN A 123 11.90 -17.63 9.58
C GLN A 123 12.06 -17.18 8.13
N ARG A 124 12.29 -18.14 7.24
CA ARG A 124 12.47 -17.84 5.83
C ARG A 124 11.28 -17.06 5.28
N MET A 125 11.45 -15.74 5.16
CA MET A 125 10.40 -14.88 4.66
C MET A 125 10.97 -13.73 3.82
N PRO A 126 10.98 -13.92 2.49
CA PRO A 126 11.50 -12.92 1.56
C PRO A 126 10.61 -11.67 1.49
N VAL A 127 11.21 -10.52 1.75
CA VAL A 127 10.47 -9.26 1.71
C VAL A 127 10.53 -8.62 0.33
N SER A 128 9.83 -7.51 0.16
CA SER A 128 9.80 -6.81 -1.12
C SER A 128 11.21 -6.57 -1.64
N PRO A 129 11.35 -6.55 -2.98
CA PRO A 129 12.65 -6.33 -3.63
C PRO A 129 13.15 -4.90 -3.45
N ILE A 130 12.25 -3.93 -3.62
CA ILE A 130 12.59 -2.52 -3.48
C ILE A 130 13.36 -2.28 -2.18
N SER A 131 14.09 -1.17 -2.13
CA SER A 131 14.87 -0.81 -0.95
C SER A 131 13.95 -0.41 0.19
N GLN A 132 12.77 0.09 -0.13
CA GLN A 132 11.80 0.52 0.87
C GLN A 132 12.32 1.73 1.64
N GLY A 133 11.98 2.92 1.15
CA GLY A 133 12.42 4.13 1.81
C GLY A 133 12.12 5.38 1.00
N ALA A 134 13.13 5.85 0.27
CA ALA A 134 12.97 7.05 -0.56
C ALA A 134 12.47 6.68 -1.96
N SER A 135 12.89 5.51 -2.44
CA SER A 135 12.50 5.05 -3.76
C SER A 135 10.97 5.12 -3.93
N TRP A 136 10.25 4.85 -2.84
CA TRP A 136 8.79 4.89 -2.87
C TRP A 136 8.29 6.20 -3.46
N ALA A 137 8.78 7.31 -2.91
CA ALA A 137 8.38 8.63 -3.39
C ALA A 137 9.04 8.96 -4.73
N GLN A 138 10.28 8.49 -4.90
CA GLN A 138 11.01 8.74 -6.14
C GLN A 138 10.24 8.23 -7.35
N GLU A 139 9.63 7.05 -7.20
CA GLU A 139 8.85 6.46 -8.28
C GLU A 139 7.48 7.12 -8.40
N ASP A 140 6.90 7.48 -7.27
CA ASP A 140 5.60 8.12 -7.23
C ASP A 140 5.65 9.49 -7.90
N GLN A 141 6.73 10.22 -7.64
CA GLN A 141 6.90 11.55 -8.21
C GLN A 141 6.77 11.52 -9.73
N GLN A 142 7.39 10.51 -10.35
CA GLN A 142 7.35 10.36 -11.79
C GLN A 142 5.92 10.11 -12.27
N ASP A 143 5.19 9.30 -11.52
CA ASP A 143 3.80 8.98 -11.87
C ASP A 143 2.90 10.19 -11.65
N ALA A 144 3.22 10.98 -10.63
CA ALA A 144 2.43 12.17 -10.31
C ALA A 144 2.59 13.25 -11.37
N ASP A 145 3.83 13.48 -11.78
CA ASP A 145 4.14 14.48 -12.79
C ASP A 145 3.32 14.23 -14.06
N GLU A 146 3.31 12.98 -14.52
CA GLU A 146 2.57 12.61 -15.72
C GLU A 146 1.07 12.67 -15.48
N ASP A 147 0.66 12.35 -14.26
CA ASP A 147 -0.76 12.37 -13.89
C ASP A 147 -1.38 13.72 -14.22
N ARG A 148 -0.60 14.78 -14.10
CA ARG A 148 -1.08 16.13 -14.39
C ARG A 148 -1.75 16.18 -15.75
N ARG A 149 -0.95 16.07 -16.81
CA ARG A 149 -1.46 16.11 -18.17
C ARG A 149 -2.55 15.05 -18.37
N ALA A 150 -2.35 13.89 -17.79
CA ALA A 150 -3.30 12.80 -17.90
C ALA A 150 -4.67 13.22 -17.37
N PHE A 151 -4.67 14.05 -16.32
CA PHE A 151 -5.91 14.52 -15.73
C PHE A 151 -6.65 15.46 -16.67
N GLN A 152 -5.96 16.53 -17.09
CA GLN A 152 -6.54 17.51 -17.99
C GLN A 152 -7.14 16.83 -19.22
N MET A 153 -6.48 15.78 -19.69
CA MET A 153 -6.94 15.04 -20.86
C MET A 153 -8.35 14.52 -20.65
N LEU A 154 -8.66 14.12 -19.41
CA LEU A 154 -9.97 13.60 -19.08
C LEU A 154 -11.00 14.73 -18.98
N ARG A 155 -11.90 14.79 -19.96
CA ARG A 155 -12.93 15.82 -19.99
C ARG A 155 -14.25 15.26 -20.52
N ARG A 156 -14.53 14.00 -20.20
CA ARG A 156 -15.75 13.35 -20.65
C ARG A 156 -15.87 11.95 -20.06
N ASP A 157 -17.02 11.33 -20.25
CA ASP A 157 -17.27 9.99 -19.74
C ASP A 157 -16.17 9.03 -20.17
C4 UJ2 B . -1.52 -14.88 18.97
C5 UJ2 B . -1.20 -13.58 19.39
C6 UJ2 B . -1.14 -12.55 18.50
C8 UJ2 B . -1.70 -12.69 15.00
C10 UJ2 B . -1.81 -12.15 13.60
C13 UJ2 B . 0.71 -12.40 10.79
C15 UJ2 B . 1.62 -13.50 12.74
C17 UJ2 B . 2.98 -13.43 10.66
C20 UJ2 B . 5.29 -14.05 9.25
C21 UJ2 B . 4.11 -13.75 8.56
C22 UJ2 B . 2.97 -13.45 9.27
C24 UJ2 B . -0.75 -10.02 13.85
C1 UJ2 B . -1.38 -12.79 17.15
N7 UJ2 B . -1.40 -11.99 16.05
N9 UJ2 B . -1.90 -14.00 15.34
C11 UJ2 B . -0.56 -12.48 12.82
C12 UJ2 B . -0.43 -12.10 11.50
C16 UJ2 B . 0.47 -13.18 13.45
C14 UJ2 B . 1.75 -13.09 11.42
C18 UJ2 B . 4.16 -13.73 11.34
C19 UJ2 B . 5.30 -14.04 10.63
O23 UJ2 B . -1.97 -10.73 13.65
C2 UJ2 B . -1.71 -14.09 16.70
C3 UJ2 B . -1.77 -15.13 17.62
C25 UJ2 B . -1.58 -15.98 19.94
O26 UJ2 B . -1.21 -17.09 19.63
O27 UJ2 B . -2.04 -15.75 21.19
H29 UJ2 B . -1.00 -13.39 20.44
H30 UJ2 B . -0.89 -11.55 18.84
H32 UJ2 B . -2.67 -12.59 13.10
H34 UJ2 B . 0.81 -12.10 9.77
H35 UJ2 B . 2.41 -14.04 13.24
H39 UJ2 B . 6.17 -14.29 8.70
H40 UJ2 B . 4.10 -13.76 7.48
H41 UJ2 B . 2.05 -13.22 8.73
H42 UJ2 B . -0.98 -9.02 14.24
H44 UJ2 B . -0.22 -9.92 12.90
H43 UJ2 B . -0.13 -10.55 14.55
H31 UJ2 B . -2.14 -14.72 14.74
H33 UJ2 B . -1.24 -11.56 11.02
H36 UJ2 B . 0.37 -13.48 14.48
H37 UJ2 B . 4.17 -13.72 12.42
H38 UJ2 B . 6.21 -14.27 11.16
H28 UJ2 B . -2.01 -16.13 17.29
H45 UJ2 B . -3.01 -15.68 21.29
N GLY A 1 -9.89 -18.11 18.07
CA GLY A 1 -8.93 -18.34 17.01
C GLY A 1 -8.25 -17.07 16.55
N SER A 2 -7.33 -16.58 17.36
CA SER A 2 -6.60 -15.35 17.03
C SER A 2 -5.69 -15.56 15.82
N PRO A 3 -4.74 -16.49 15.95
CA PRO A 3 -3.79 -16.81 14.88
C PRO A 3 -4.46 -17.51 13.71
N GLY A 4 -4.03 -17.18 12.49
CA GLY A 4 -4.59 -17.79 11.31
C GLY A 4 -5.54 -16.87 10.58
N GLU A 5 -6.73 -16.67 11.14
CA GLU A 5 -7.73 -15.80 10.54
C GLU A 5 -7.27 -14.35 10.55
N ASN A 6 -6.59 -13.95 11.62
CA ASN A 6 -6.10 -12.59 11.77
C ASN A 6 -5.16 -12.23 10.63
N LEU A 7 -4.26 -13.15 10.29
CA LEU A 7 -3.30 -12.94 9.21
C LEU A 7 -4.01 -12.53 7.93
N LYS A 8 -5.19 -13.09 7.71
CA LYS A 8 -5.97 -12.77 6.52
C LYS A 8 -6.19 -11.27 6.39
N HIS A 9 -6.19 -10.57 7.53
CA HIS A 9 -6.39 -9.13 7.54
C HIS A 9 -5.40 -8.44 6.60
N ILE A 10 -4.13 -8.76 6.75
CA ILE A 10 -3.09 -8.17 5.90
C ILE A 10 -3.23 -8.62 4.46
N ILE A 11 -3.72 -9.84 4.27
CA ILE A 11 -3.90 -10.39 2.93
C ILE A 11 -5.01 -9.65 2.18
N THR A 12 -6.19 -9.57 2.79
CA THR A 12 -7.32 -8.89 2.19
C THR A 12 -7.11 -7.37 2.17
N LEU A 13 -6.99 -6.79 3.36
CA LEU A 13 -6.78 -5.35 3.48
C LEU A 13 -5.56 -4.90 2.69
N GLY A 14 -4.63 -5.83 2.48
CA GLY A 14 -3.42 -5.51 1.73
C GLY A 14 -3.67 -5.42 0.24
N GLN A 15 -4.33 -6.43 -0.31
CA GLN A 15 -4.63 -6.46 -1.74
C GLN A 15 -5.78 -5.52 -2.08
N VAL A 16 -6.67 -5.31 -1.11
CA VAL A 16 -7.81 -4.43 -1.30
C VAL A 16 -7.37 -3.07 -1.83
N ILE A 17 -6.17 -2.65 -1.45
CA ILE A 17 -5.64 -1.36 -1.88
C ILE A 17 -5.51 -1.31 -3.41
N HIS A 18 -4.83 -2.31 -3.97
CA HIS A 18 -4.65 -2.38 -5.42
C HIS A 18 -5.99 -2.43 -6.14
N LYS A 19 -6.97 -3.08 -5.53
CA LYS A 19 -8.30 -3.19 -6.11
C LYS A 19 -8.98 -1.83 -6.19
N ARG A 20 -8.59 -0.93 -5.30
CA ARG A 20 -9.17 0.41 -5.26
C ARG A 20 -9.07 1.07 -6.64
N CYS A 21 -7.86 1.07 -7.20
CA CYS A 21 -7.64 1.67 -8.52
C CYS A 21 -8.65 1.16 -9.53
N GLU A 22 -9.10 -0.07 -9.34
CA GLU A 22 -10.08 -0.67 -10.24
C GLU A 22 -11.40 0.10 -10.23
N GLU A 23 -11.74 0.66 -9.06
CA GLU A 23 -12.97 1.42 -8.91
C GLU A 23 -12.75 2.88 -9.31
N MET A 24 -11.52 3.34 -9.16
CA MET A 24 -11.18 4.72 -9.51
C MET A 24 -11.30 4.96 -11.00
N LYS A 25 -10.84 6.12 -11.46
CA LYS A 25 -10.90 6.46 -12.88
C LYS A 25 -9.95 7.62 -13.20
N TYR A 26 -9.80 8.53 -12.24
CA TYR A 26 -8.93 9.68 -12.42
C TYR A 26 -7.53 9.39 -11.91
N CYS A 27 -7.44 8.95 -10.66
CA CYS A 27 -6.15 8.63 -10.05
C CYS A 27 -5.78 7.17 -10.31
N LYS A 28 -6.69 6.43 -10.91
CA LYS A 28 -6.46 5.02 -11.23
C LYS A 28 -5.12 4.84 -11.92
N LYS A 29 -4.71 5.83 -12.71
CA LYS A 29 -3.46 5.78 -13.43
C LYS A 29 -2.29 5.64 -12.46
N GLN A 30 -2.22 6.53 -11.48
CA GLN A 30 -1.14 6.50 -10.49
C GLN A 30 -1.36 5.36 -9.49
N CYS A 31 -2.59 5.22 -9.02
CA CYS A 31 -2.92 4.17 -8.06
C CYS A 31 -2.44 2.81 -8.55
N ARG A 32 -2.50 2.61 -9.86
CA ARG A 32 -2.07 1.35 -10.45
C ARG A 32 -0.67 0.97 -9.98
N ARG A 33 0.23 1.94 -9.95
CA ARG A 33 1.59 1.70 -9.51
C ARG A 33 1.66 1.55 -8.00
N LEU A 34 0.82 2.30 -7.30
CA LEU A 34 0.79 2.25 -5.84
C LEU A 34 0.39 0.86 -5.35
N GLY A 35 -0.74 0.37 -5.83
CA GLY A 35 -1.22 -0.95 -5.43
C GLY A 35 -0.24 -2.05 -5.80
N HIS A 36 0.19 -2.05 -7.06
CA HIS A 36 1.13 -3.07 -7.54
C HIS A 36 2.38 -3.10 -6.66
N ARG A 37 2.83 -1.93 -6.23
CA ARG A 37 4.02 -1.83 -5.39
C ARG A 37 3.69 -2.22 -3.94
N VAL A 38 2.48 -1.88 -3.51
CA VAL A 38 2.04 -2.19 -2.16
C VAL A 38 1.82 -3.69 -1.98
N LEU A 39 1.44 -4.36 -3.07
CA LEU A 39 1.19 -5.80 -3.03
C LEU A 39 2.49 -6.57 -2.81
N GLY A 40 3.61 -5.93 -3.11
CA GLY A 40 4.90 -6.56 -2.93
C GLY A 40 5.18 -6.91 -1.48
N LEU A 41 4.55 -6.19 -0.56
CA LEU A 41 4.72 -6.42 0.86
C LEU A 41 3.84 -7.59 1.34
N ILE A 42 2.59 -7.59 0.90
CA ILE A 42 1.65 -8.63 1.28
C ILE A 42 1.89 -9.91 0.46
N LYS A 43 2.55 -9.74 -0.68
CA LYS A 43 2.84 -10.87 -1.55
C LYS A 43 3.49 -12.02 -0.77
N PRO A 44 4.62 -11.72 -0.12
CA PRO A 44 5.36 -12.70 0.68
C PRO A 44 4.62 -13.08 1.95
N LEU A 45 3.48 -12.45 2.18
CA LEU A 45 2.68 -12.72 3.37
C LEU A 45 1.64 -13.81 3.09
N GLU A 46 1.27 -13.95 1.82
CA GLU A 46 0.29 -14.95 1.42
C GLU A 46 0.92 -16.34 1.35
N MET A 47 2.20 -16.39 0.99
CA MET A 47 2.91 -17.66 0.89
C MET A 47 2.86 -18.41 2.22
N LEU A 48 2.97 -17.67 3.31
CA LEU A 48 2.93 -18.26 4.65
C LEU A 48 1.50 -18.38 5.16
N GLN A 49 0.64 -17.46 4.72
CA GLN A 49 -0.75 -17.45 5.13
C GLN A 49 -1.41 -18.79 4.82
N ASP A 50 -1.33 -19.21 3.56
CA ASP A 50 -1.92 -20.48 3.14
C ASP A 50 -1.10 -21.66 3.64
N GLN A 51 0.23 -21.52 3.57
CA GLN A 51 1.12 -22.59 4.02
C GLN A 51 0.77 -23.04 5.43
N GLY A 52 0.35 -22.08 6.26
CA GLY A 52 -0.02 -22.40 7.63
C GLY A 52 1.19 -22.56 8.53
N LYS A 53 1.08 -23.43 9.52
CA LYS A 53 2.18 -23.67 10.46
C LYS A 53 2.69 -22.37 11.04
N ARG A 54 1.78 -21.42 11.26
CA ARG A 54 2.14 -20.12 11.81
C ARG A 54 1.66 -19.99 13.25
N SER A 55 2.52 -20.34 14.20
CA SER A 55 2.18 -20.26 15.62
C SER A 55 2.50 -18.88 16.18
N VAL A 56 2.42 -18.76 17.51
CA VAL A 56 2.71 -17.49 18.17
C VAL A 56 4.00 -17.58 18.98
N PRO A 57 5.14 -17.40 18.30
CA PRO A 57 6.46 -17.46 18.94
C PRO A 57 6.71 -16.26 19.86
N SER A 58 6.45 -15.07 19.35
CA SER A 58 6.64 -13.85 20.13
C SER A 58 5.57 -12.81 19.80
N GLU A 59 5.22 -11.99 20.78
CA GLU A 59 4.21 -10.96 20.59
C GLU A 59 4.82 -9.72 19.93
N LYS A 60 6.14 -9.68 19.87
CA LYS A 60 6.85 -8.56 19.26
C LYS A 60 6.75 -8.62 17.74
N LEU A 61 7.29 -9.69 17.16
CA LEU A 61 7.27 -9.86 15.71
C LEU A 61 5.84 -9.84 15.18
N THR A 62 4.89 -10.17 16.05
CA THR A 62 3.48 -10.18 15.68
C THR A 62 2.91 -8.77 15.62
N THR A 63 3.14 -8.00 16.69
CA THR A 63 2.65 -6.63 16.77
C THR A 63 3.03 -5.84 15.53
N ALA A 64 4.16 -6.20 14.92
CA ALA A 64 4.64 -5.52 13.72
C ALA A 64 3.55 -5.47 12.65
N MET A 65 2.65 -6.44 12.68
CA MET A 65 1.56 -6.51 11.71
C MET A 65 0.44 -5.54 12.10
N ASN A 66 0.21 -5.39 13.40
CA ASN A 66 -0.83 -4.49 13.89
C ASN A 66 -0.60 -3.07 13.39
N ARG A 67 0.63 -2.60 13.48
CA ARG A 67 0.98 -1.26 13.04
C ARG A 67 0.96 -1.16 11.52
N PHE A 68 1.48 -2.19 10.86
CA PHE A 68 1.53 -2.23 9.41
C PHE A 68 0.11 -2.23 8.82
N LYS A 69 -0.78 -2.97 9.46
CA LYS A 69 -2.16 -3.07 9.01
C LYS A 69 -2.78 -1.68 8.84
N ALA A 70 -2.43 -0.77 9.75
CA ALA A 70 -2.94 0.59 9.71
C ALA A 70 -2.32 1.37 8.57
N ALA A 71 -1.04 1.11 8.30
CA ALA A 71 -0.32 1.79 7.23
C ALA A 71 -1.12 1.75 5.93
N LEU A 72 -1.48 0.55 5.51
CA LEU A 72 -2.25 0.37 4.28
C LEU A 72 -3.71 0.78 4.47
N GLU A 73 -4.19 0.64 5.70
CA GLU A 73 -5.57 1.00 6.02
C GLU A 73 -5.90 2.40 5.51
N GLU A 74 -4.97 3.33 5.69
CA GLU A 74 -5.17 4.70 5.25
C GLU A 74 -5.12 4.80 3.72
N ALA A 75 -4.30 3.95 3.11
CA ALA A 75 -4.17 3.94 1.66
C ALA A 75 -5.51 3.69 0.98
N ASN A 76 -6.16 2.58 1.35
CA ASN A 76 -7.45 2.22 0.78
C ASN A 76 -8.53 3.20 1.22
N GLY A 77 -8.42 3.67 2.47
CA GLY A 77 -9.40 4.60 3.00
C GLY A 77 -9.37 5.93 2.28
N GLU A 78 -8.16 6.41 1.96
CA GLU A 78 -8.00 7.69 1.26
C GLU A 78 -8.52 7.59 -0.17
N ILE A 79 -8.10 6.55 -0.87
CA ILE A 79 -8.52 6.35 -2.26
C ILE A 79 -10.04 6.39 -2.38
N GLU A 80 -10.72 5.88 -1.36
CA GLU A 80 -12.18 5.87 -1.36
C GLU A 80 -12.74 7.28 -1.51
N LYS A 81 -12.42 8.15 -0.57
CA LYS A 81 -12.88 9.53 -0.59
C LYS A 81 -12.44 10.23 -1.88
N PHE A 82 -11.23 9.89 -2.34
CA PHE A 82 -10.69 10.49 -3.55
C PHE A 82 -11.65 10.31 -4.72
N SER A 83 -12.48 9.27 -4.65
CA SER A 83 -13.45 8.99 -5.71
C SER A 83 -14.21 10.25 -6.10
N ASN A 84 -14.46 11.11 -5.12
CA ASN A 84 -15.18 12.36 -5.36
C ASN A 84 -14.41 13.26 -6.31
N ARG A 85 -15.12 13.81 -7.29
CA ARG A 85 -14.50 14.70 -8.27
C ARG A 85 -13.96 15.97 -7.61
N SER A 86 -14.68 16.44 -6.59
CA SER A 86 -14.29 17.64 -5.86
C SER A 86 -13.03 17.39 -5.03
N ASN A 87 -12.90 16.18 -4.53
CA ASN A 87 -11.74 15.80 -3.71
C ASN A 87 -10.44 16.07 -4.47
N ILE A 88 -10.36 15.56 -5.70
CA ILE A 88 -9.17 15.75 -6.52
C ILE A 88 -9.05 17.20 -7.00
N CYS A 89 -10.19 17.78 -7.36
CA CYS A 89 -10.22 19.16 -7.84
C CYS A 89 -9.57 20.09 -6.83
N ARG A 90 -10.08 20.09 -5.60
CA ARG A 90 -9.55 20.94 -4.54
C ARG A 90 -8.09 20.61 -4.26
N PHE A 91 -7.74 19.33 -4.38
CA PHE A 91 -6.37 18.88 -4.14
C PHE A 91 -5.42 19.47 -5.17
N LEU A 92 -5.70 19.22 -6.44
CA LEU A 92 -4.87 19.73 -7.53
C LEU A 92 -4.84 21.25 -7.54
N THR A 93 -6.03 21.85 -7.50
CA THR A 93 -6.15 23.32 -7.51
C THR A 93 -5.35 23.93 -6.37
N ALA A 94 -5.29 23.23 -5.24
CA ALA A 94 -4.56 23.71 -4.08
C ALA A 94 -3.07 23.80 -4.38
N SER A 95 -2.63 23.09 -5.40
CA SER A 95 -1.22 23.09 -5.79
C SER A 95 -0.37 22.41 -4.73
N GLN A 96 -0.32 21.08 -4.77
CA GLN A 96 0.46 20.31 -3.81
C GLN A 96 1.41 19.36 -4.52
N ASP A 97 2.00 18.43 -3.77
CA ASP A 97 2.93 17.46 -4.33
C ASP A 97 2.34 16.78 -5.55
N LYS A 98 3.19 16.52 -6.54
CA LYS A 98 2.75 15.88 -7.77
C LYS A 98 2.05 14.56 -7.47
N ILE A 99 2.40 13.94 -6.35
CA ILE A 99 1.80 12.68 -5.95
C ILE A 99 0.46 12.91 -5.25
N LEU A 100 -0.29 11.81 -5.05
CA LEU A 100 -1.59 11.90 -4.40
C LEU A 100 -1.62 11.03 -3.14
N PHE A 101 -0.97 9.87 -3.21
CA PHE A 101 -0.92 8.95 -2.07
C PHE A 101 0.52 8.74 -1.62
N LYS A 102 1.31 9.80 -1.67
CA LYS A 102 2.71 9.74 -1.25
C LYS A 102 2.83 9.61 0.26
N ASP A 103 1.99 10.38 0.98
CA ASP A 103 2.00 10.36 2.43
C ASP A 103 1.84 8.93 2.96
N VAL A 104 0.78 8.26 2.53
CA VAL A 104 0.51 6.90 2.95
C VAL A 104 1.59 5.95 2.47
N ASN A 105 2.21 6.29 1.35
CA ASN A 105 3.28 5.47 0.77
C ASN A 105 4.56 5.57 1.60
N ARG A 106 4.85 6.79 2.06
CA ARG A 106 6.05 7.02 2.86
C ARG A 106 6.01 6.23 4.16
N LYS A 107 4.84 6.22 4.81
CA LYS A 107 4.66 5.50 6.05
C LYS A 107 4.59 3.99 5.81
N LEU A 108 3.92 3.61 4.73
CA LEU A 108 3.77 2.20 4.38
C LEU A 108 5.13 1.53 4.25
N SER A 109 6.11 2.28 3.75
CA SER A 109 7.46 1.76 3.57
C SER A 109 8.25 1.83 4.88
N ASP A 110 8.00 2.86 5.66
CA ASP A 110 8.68 3.05 6.94
C ASP A 110 8.28 1.95 7.92
N VAL A 111 6.98 1.67 8.01
CA VAL A 111 6.49 0.65 8.91
C VAL A 111 6.93 -0.74 8.47
N TRP A 112 7.08 -0.92 7.16
CA TRP A 112 7.50 -2.20 6.61
C TRP A 112 8.97 -2.47 6.91
N LYS A 113 9.77 -1.40 6.96
CA LYS A 113 11.19 -1.52 7.25
C LYS A 113 11.43 -2.36 8.50
N GLU A 114 10.77 -1.99 9.59
CA GLU A 114 10.91 -2.70 10.85
C GLU A 114 10.12 -4.01 10.82
N LEU A 115 8.89 -3.95 10.32
CA LEU A 115 8.04 -5.12 10.24
C LEU A 115 8.76 -6.26 9.51
N SER A 116 9.10 -6.04 8.25
CA SER A 116 9.79 -7.05 7.46
C SER A 116 11.01 -7.59 8.20
N LEU A 117 11.65 -6.73 8.98
CA LEU A 117 12.83 -7.11 9.75
C LEU A 117 12.43 -7.97 10.94
N LEU A 118 11.28 -7.68 11.52
CA LEU A 118 10.80 -8.43 12.68
C LEU A 118 10.32 -9.82 12.26
N LEU A 119 9.86 -9.94 11.02
CA LEU A 119 9.38 -11.21 10.50
C LEU A 119 10.55 -12.12 10.12
N GLN A 120 11.49 -11.58 9.36
CA GLN A 120 12.66 -12.35 8.93
C GLN A 120 13.51 -12.75 10.13
N VAL A 121 13.78 -11.80 11.01
CA VAL A 121 14.58 -12.04 12.20
C VAL A 121 14.04 -13.23 13.00
N GLU A 122 12.72 -13.37 12.99
CA GLU A 122 12.07 -14.46 13.71
C GLU A 122 12.02 -15.73 12.86
N GLN A 123 11.13 -15.74 11.88
CA GLN A 123 11.00 -16.89 10.99
C GLN A 123 11.38 -16.54 9.56
N ARG A 124 11.91 -17.51 8.83
CA ARG A 124 12.32 -17.28 7.45
C ARG A 124 11.18 -16.68 6.63
N MET A 125 11.27 -15.37 6.38
CA MET A 125 10.25 -14.67 5.62
C MET A 125 10.89 -13.65 4.68
N PRO A 126 10.85 -13.93 3.37
CA PRO A 126 11.41 -13.05 2.34
C PRO A 126 10.61 -11.76 2.19
N VAL A 127 11.29 -10.62 2.32
CA VAL A 127 10.63 -9.33 2.19
C VAL A 127 10.83 -8.75 0.79
N SER A 128 10.13 -7.67 0.49
CA SER A 128 10.22 -7.02 -0.81
C SER A 128 11.68 -6.74 -1.17
N PRO A 129 11.98 -6.73 -2.47
CA PRO A 129 13.33 -6.46 -2.98
C PRO A 129 13.76 -5.01 -2.76
N ILE A 130 12.87 -4.09 -3.10
CA ILE A 130 13.15 -2.66 -2.95
C ILE A 130 13.67 -2.36 -1.54
N SER A 131 14.42 -1.27 -1.42
CA SER A 131 14.97 -0.86 -0.14
C SER A 131 13.86 -0.47 0.83
N GLN A 132 12.68 -0.19 0.29
CA GLN A 132 11.54 0.20 1.11
C GLN A 132 11.79 1.53 1.80
N GLY A 133 11.81 2.61 1.02
CA GLY A 133 12.04 3.93 1.58
C GLY A 133 11.69 5.03 0.60
N ALA A 134 12.61 5.96 0.41
CA ALA A 134 12.40 7.09 -0.50
C ALA A 134 12.07 6.59 -1.91
N SER A 135 12.64 5.45 -2.28
CA SER A 135 12.42 4.87 -3.60
C SER A 135 10.93 4.80 -3.91
N TRP A 136 10.12 4.54 -2.89
CA TRP A 136 8.68 4.43 -3.07
C TRP A 136 8.12 5.68 -3.77
N ALA A 137 8.51 6.85 -3.26
CA ALA A 137 8.06 8.11 -3.85
C ALA A 137 8.76 8.38 -5.17
N GLN A 138 10.01 7.96 -5.28
CA GLN A 138 10.79 8.16 -6.49
C GLN A 138 10.07 7.56 -7.71
N GLU A 139 9.66 6.30 -7.57
CA GLU A 139 8.97 5.62 -8.66
C GLU A 139 7.61 6.25 -8.93
N ASP A 140 6.95 6.72 -7.86
CA ASP A 140 5.64 7.36 -7.99
C ASP A 140 5.75 8.67 -8.74
N GLN A 141 6.77 9.47 -8.40
CA GLN A 141 6.98 10.75 -9.04
C GLN A 141 6.99 10.61 -10.57
N GLN A 142 7.55 9.49 -11.04
CA GLN A 142 7.61 9.24 -12.48
C GLN A 142 6.22 9.26 -13.11
N ASP A 143 5.31 8.49 -12.54
CA ASP A 143 3.95 8.41 -13.04
C ASP A 143 3.18 9.70 -12.72
N ALA A 144 3.45 10.27 -11.55
CA ALA A 144 2.80 11.50 -11.12
C ALA A 144 2.94 12.59 -12.18
N ASP A 145 4.08 12.61 -12.85
CA ASP A 145 4.34 13.60 -13.89
C ASP A 145 3.25 13.57 -14.96
N GLU A 146 2.99 12.38 -15.49
CA GLU A 146 1.97 12.22 -16.52
C GLU A 146 0.57 12.40 -15.94
N ASP A 147 0.38 11.95 -14.70
CA ASP A 147 -0.90 12.05 -14.03
C ASP A 147 -1.40 13.50 -14.05
N ARG A 148 -0.50 14.44 -13.82
CA ARG A 148 -0.84 15.85 -13.82
C ARG A 148 -1.59 16.24 -15.09
N ARG A 149 -0.88 16.24 -16.21
CA ARG A 149 -1.46 16.59 -17.50
C ARG A 149 -2.71 15.75 -17.77
N ALA A 150 -2.67 14.50 -17.33
CA ALA A 150 -3.80 13.58 -17.53
C ALA A 150 -5.10 14.23 -17.05
N PHE A 151 -5.03 14.96 -15.95
CA PHE A 151 -6.21 15.61 -15.39
C PHE A 151 -6.71 16.71 -16.31
N GLN A 152 -5.82 17.65 -16.65
CA GLN A 152 -6.18 18.75 -17.53
C GLN A 152 -6.83 18.25 -18.81
N MET A 153 -6.35 17.10 -19.29
CA MET A 153 -6.89 16.51 -20.51
C MET A 153 -8.25 15.87 -20.26
N LEU A 154 -8.39 15.25 -19.10
CA LEU A 154 -9.65 14.60 -18.74
C LEU A 154 -10.80 15.60 -18.73
N ARG A 155 -11.56 15.61 -19.83
CA ARG A 155 -12.70 16.51 -19.96
C ARG A 155 -13.54 16.14 -21.17
N ARG A 156 -14.82 16.53 -21.13
CA ARG A 156 -15.74 16.24 -22.23
C ARG A 156 -15.23 16.83 -23.54
N ASP A 157 -15.72 16.31 -24.65
CA ASP A 157 -15.33 16.79 -25.97
C ASP A 157 -13.81 16.76 -26.12
C4 UJ2 B . -1.60 -13.42 19.62
C5 UJ2 B . -1.90 -14.68 19.07
C6 UJ2 B . -2.08 -14.82 17.73
C8 UJ2 B . -1.90 -12.29 15.24
C10 UJ2 B . -1.95 -11.72 13.84
C13 UJ2 B . 0.59 -12.09 11.08
C15 UJ2 B . 1.47 -13.15 13.07
C17 UJ2 B . 2.84 -13.15 11.00
C20 UJ2 B . 5.15 -13.85 9.63
C21 UJ2 B . 3.99 -13.54 8.93
C22 UJ2 B . 2.85 -13.20 9.60
C24 UJ2 B . -0.82 -9.64 14.16
C1 UJ2 B . -1.97 -13.71 16.88
N7 UJ2 B . -2.10 -13.54 15.54
N9 UJ2 B . -1.63 -11.57 16.36
C11 UJ2 B . -0.70 -12.10 13.10
C12 UJ2 B . -0.55 -11.75 11.77
C16 UJ2 B . 0.31 -12.81 13.74
C14 UJ2 B . 1.61 -12.79 11.73
C18 UJ2 B . 4.01 -13.47 11.70
C19 UJ2 B . 5.16 -13.81 11.02
O23 UJ2 B . -2.06 -10.30 13.91
C2 UJ2 B . -1.67 -12.44 17.42
C3 UJ2 B . -1.49 -12.30 18.79
C25 UJ2 B . -1.40 -13.28 21.07
O26 UJ2 B . -1.57 -14.24 21.80
O27 UJ2 B . -1.04 -12.09 21.59
H29 UJ2 B . -1.99 -15.53 19.72
H30 UJ2 B . -2.32 -15.79 17.32
H32 UJ2 B . -2.82 -12.13 13.31
H34 UJ2 B . 0.71 -11.81 10.04
H35 UJ2 B . 2.24 -13.69 13.58
H39 UJ2 B . 6.05 -14.12 9.10
H40 UJ2 B . 4.01 -13.57 7.85
H41 UJ2 B . 1.94 -12.97 9.06
H42 UJ2 B . -1.02 -8.67 14.63
H44 UJ2 B . -0.29 -9.48 13.22
H43 UJ2 B . -0.22 -10.25 14.83
H31 UJ2 B . -1.44 -10.62 16.40
H33 UJ2 B . -1.34 -11.21 11.26
H36 UJ2 B . 0.18 -13.08 14.78
H37 UJ2 B . 4.01 -13.43 12.78
H38 UJ2 B . 6.06 -14.04 11.55
H28 UJ2 B . -1.26 -11.34 19.22
H45 UJ2 B . -1.60 -11.33 21.38
N GLY A 1 -10.49 -18.07 19.74
CA GLY A 1 -10.38 -17.85 18.31
C GLY A 1 -9.17 -18.54 17.72
N SER A 2 -8.09 -18.60 18.48
CA SER A 2 -6.86 -19.23 18.01
C SER A 2 -6.29 -18.48 16.81
N PRO A 3 -4.99 -18.69 16.54
CA PRO A 3 -4.31 -18.06 15.42
C PRO A 3 -4.77 -18.59 14.07
N GLY A 4 -4.07 -18.21 13.01
CA GLY A 4 -4.43 -18.66 11.67
C GLY A 4 -5.16 -17.59 10.89
N GLU A 5 -6.43 -17.36 11.25
CA GLU A 5 -7.24 -16.37 10.56
C GLU A 5 -6.55 -15.01 10.55
N ASN A 6 -5.82 -14.71 11.61
CA ASN A 6 -5.11 -13.45 11.72
C ASN A 6 -4.15 -13.26 10.55
N LEU A 7 -3.32 -14.27 10.31
CA LEU A 7 -2.36 -14.22 9.21
C LEU A 7 -3.05 -13.96 7.89
N LYS A 8 -4.25 -14.52 7.73
CA LYS A 8 -5.02 -14.35 6.51
C LYS A 8 -5.45 -12.90 6.34
N HIS A 9 -5.56 -12.18 7.45
CA HIS A 9 -5.95 -10.77 7.41
C HIS A 9 -5.08 -9.98 6.45
N ILE A 10 -3.77 -10.06 6.65
CA ILE A 10 -2.82 -9.35 5.80
C ILE A 10 -2.97 -9.77 4.34
N ILE A 11 -3.28 -11.05 4.13
CA ILE A 11 -3.45 -11.58 2.77
C ILE A 11 -4.57 -10.84 2.04
N THR A 12 -5.76 -10.82 2.65
CA THR A 12 -6.90 -10.16 2.04
C THR A 12 -6.77 -8.64 2.13
N LEU A 13 -6.65 -8.13 3.35
CA LEU A 13 -6.51 -6.70 3.58
C LEU A 13 -5.40 -6.12 2.72
N GLY A 14 -4.41 -6.96 2.40
CA GLY A 14 -3.30 -6.51 1.58
C GLY A 14 -3.67 -6.34 0.12
N GLN A 15 -4.24 -7.40 -0.47
CA GLN A 15 -4.64 -7.36 -1.87
C GLN A 15 -5.86 -6.47 -2.06
N VAL A 16 -6.69 -6.38 -1.03
CA VAL A 16 -7.90 -5.55 -1.08
C VAL A 16 -7.56 -4.14 -1.54
N ILE A 17 -6.36 -3.68 -1.23
CA ILE A 17 -5.93 -2.35 -1.61
C ILE A 17 -5.95 -2.17 -3.12
N HIS A 18 -5.33 -3.11 -3.84
CA HIS A 18 -5.28 -3.06 -5.30
C HIS A 18 -6.65 -3.32 -5.89
N LYS A 19 -7.44 -4.17 -5.22
CA LYS A 19 -8.78 -4.50 -5.69
C LYS A 19 -9.60 -3.23 -5.94
N ARG A 20 -9.33 -2.20 -5.15
CA ARG A 20 -10.04 -0.93 -5.28
C ARG A 20 -9.79 -0.31 -6.65
N CYS A 21 -8.58 -0.50 -7.16
CA CYS A 21 -8.22 0.05 -8.47
C CYS A 21 -9.22 -0.37 -9.54
N GLU A 22 -9.79 -1.56 -9.38
CA GLU A 22 -10.76 -2.07 -10.33
C GLU A 22 -12.05 -1.25 -10.28
N GLU A 23 -12.35 -0.69 -9.11
CA GLU A 23 -13.56 0.12 -8.95
C GLU A 23 -13.27 1.58 -9.26
N MET A 24 -12.03 2.00 -9.04
CA MET A 24 -11.63 3.38 -9.31
C MET A 24 -11.54 3.64 -10.80
N LYS A 25 -11.49 4.92 -11.17
CA LYS A 25 -11.41 5.31 -12.57
C LYS A 25 -10.45 6.48 -12.76
N TYR A 26 -10.70 7.56 -12.01
CA TYR A 26 -9.86 8.75 -12.10
C TYR A 26 -8.49 8.50 -11.48
N CYS A 27 -8.49 7.86 -10.30
CA CYS A 27 -7.25 7.56 -9.60
C CYS A 27 -6.69 6.21 -10.05
N LYS A 28 -7.43 5.52 -10.90
CA LYS A 28 -7.02 4.22 -11.40
C LYS A 28 -5.57 4.26 -11.88
N LYS A 29 -5.14 5.43 -12.35
CA LYS A 29 -3.78 5.60 -12.83
C LYS A 29 -2.77 5.48 -11.70
N GLN A 30 -2.98 6.26 -10.64
CA GLN A 30 -2.08 6.24 -9.48
C GLN A 30 -2.32 4.99 -8.65
N CYS A 31 -3.57 4.72 -8.32
CA CYS A 31 -3.93 3.55 -7.52
C CYS A 31 -3.27 2.29 -8.08
N ARG A 32 -3.16 2.23 -9.41
CA ARG A 32 -2.56 1.07 -10.06
C ARG A 32 -1.21 0.73 -9.44
N ARG A 33 -0.33 1.73 -9.38
CA ARG A 33 1.00 1.53 -8.80
C ARG A 33 0.93 1.46 -7.28
N LEU A 34 0.03 2.24 -6.70
CA LEU A 34 -0.13 2.26 -5.24
C LEU A 34 -0.40 0.86 -4.70
N GLY A 35 -1.40 0.19 -5.26
CA GLY A 35 -1.74 -1.15 -4.81
C GLY A 35 -0.74 -2.18 -5.31
N HIS A 36 -0.28 -2.01 -6.55
CA HIS A 36 0.68 -2.94 -7.15
C HIS A 36 1.89 -3.12 -6.24
N ARG A 37 2.46 -2.01 -5.79
CA ARG A 37 3.63 -2.04 -4.92
C ARG A 37 3.24 -2.45 -3.50
N VAL A 38 2.03 -2.06 -3.10
CA VAL A 38 1.53 -2.38 -1.76
C VAL A 38 1.46 -3.89 -1.54
N LEU A 39 1.16 -4.63 -2.61
CA LEU A 39 1.06 -6.08 -2.55
C LEU A 39 2.44 -6.71 -2.38
N GLY A 40 3.48 -5.95 -2.75
CA GLY A 40 4.84 -6.45 -2.65
C GLY A 40 5.19 -6.87 -1.23
N LEU A 41 4.49 -6.30 -0.25
CA LEU A 41 4.73 -6.62 1.15
C LEU A 41 4.00 -7.90 1.55
N ILE A 42 2.74 -8.01 1.15
CA ILE A 42 1.94 -9.18 1.45
C ILE A 42 2.28 -10.35 0.54
N LYS A 43 2.89 -10.03 -0.60
CA LYS A 43 3.27 -11.05 -1.56
C LYS A 43 4.05 -12.18 -0.89
N PRO A 44 5.17 -11.82 -0.24
CA PRO A 44 6.02 -12.79 0.47
C PRO A 44 5.35 -13.34 1.72
N LEU A 45 4.20 -12.78 2.07
CA LEU A 45 3.45 -13.22 3.25
C LEU A 45 2.46 -14.31 2.89
N GLU A 46 2.18 -14.45 1.60
CA GLU A 46 1.24 -15.47 1.12
C GLU A 46 1.89 -16.84 1.09
N MET A 47 3.16 -16.88 0.68
CA MET A 47 3.89 -18.13 0.60
C MET A 47 3.91 -18.84 1.95
N LEU A 48 4.11 -18.06 3.02
CA LEU A 48 4.15 -18.61 4.37
C LEU A 48 2.74 -18.90 4.88
N GLN A 49 1.78 -18.11 4.42
CA GLN A 49 0.38 -18.29 4.82
C GLN A 49 -0.09 -19.71 4.51
N ASP A 50 0.14 -20.15 3.28
CA ASP A 50 -0.27 -21.48 2.86
C ASP A 50 0.60 -22.55 3.51
N GLN A 51 1.91 -22.40 3.36
CA GLN A 51 2.86 -23.37 3.93
C GLN A 51 2.57 -23.58 5.42
N GLY A 52 2.15 -22.52 6.09
CA GLY A 52 1.84 -22.63 7.51
C GLY A 52 0.61 -21.84 7.90
N LYS A 53 -0.36 -22.53 8.50
CA LYS A 53 -1.59 -21.89 8.93
C LYS A 53 -1.31 -20.64 9.75
N ARG A 54 -0.34 -20.74 10.65
CA ARG A 54 0.04 -19.61 11.50
C ARG A 54 1.32 -19.91 12.27
N SER A 55 2.05 -18.85 12.63
CA SER A 55 3.30 -19.00 13.36
C SER A 55 3.62 -17.73 14.15
N VAL A 56 3.99 -17.91 15.42
CA VAL A 56 4.33 -16.78 16.27
C VAL A 56 5.54 -17.10 17.14
N PRO A 57 6.74 -16.91 16.57
CA PRO A 57 8.00 -17.16 17.27
C PRO A 57 8.27 -16.15 18.37
N SER A 58 8.01 -14.88 18.07
CA SER A 58 8.22 -13.81 19.04
C SER A 58 7.16 -12.72 18.89
N GLU A 59 6.41 -12.48 19.96
CA GLU A 59 5.36 -11.47 19.95
C GLU A 59 5.90 -10.14 19.41
N LYS A 60 7.19 -9.92 19.57
CA LYS A 60 7.83 -8.71 19.10
C LYS A 60 7.51 -8.45 17.63
N LEU A 61 7.59 -9.50 16.83
CA LEU A 61 7.31 -9.40 15.40
C LEU A 61 5.81 -9.30 15.15
N THR A 62 5.04 -10.12 15.85
CA THR A 62 3.59 -10.13 15.70
C THR A 62 3.00 -8.73 15.94
N THR A 63 3.63 -7.97 16.83
CA THR A 63 3.18 -6.63 17.14
C THR A 63 3.33 -5.70 15.94
N ALA A 64 4.32 -6.00 15.10
CA ALA A 64 4.57 -5.19 13.91
C ALA A 64 3.41 -5.29 12.92
N MET A 65 2.80 -6.47 12.85
CA MET A 65 1.68 -6.69 11.94
C MET A 65 0.42 -6.00 12.47
N ASN A 66 0.28 -5.97 13.78
CA ASN A 66 -0.89 -5.35 14.42
C ASN A 66 -1.08 -3.92 13.91
N ARG A 67 0.01 -3.16 13.87
CA ARG A 67 -0.04 -1.78 13.41
C ARG A 67 -0.03 -1.72 11.89
N PHE A 68 0.76 -2.59 11.27
CA PHE A 68 0.87 -2.63 9.81
C PHE A 68 -0.50 -2.85 9.18
N LYS A 69 -1.26 -3.78 9.74
CA LYS A 69 -2.59 -4.09 9.22
C LYS A 69 -3.39 -2.80 8.99
N ALA A 70 -3.35 -1.89 9.96
CA ALA A 70 -4.06 -0.63 9.85
C ALA A 70 -3.39 0.30 8.84
N ALA A 71 -2.07 0.20 8.75
CA ALA A 71 -1.31 1.03 7.82
C ALA A 71 -1.91 0.99 6.42
N LEU A 72 -2.07 -0.22 5.89
CA LEU A 72 -2.64 -0.40 4.56
C LEU A 72 -4.16 -0.22 4.58
N GLU A 73 -4.76 -0.55 5.71
CA GLU A 73 -6.21 -0.43 5.87
C GLU A 73 -6.68 0.97 5.50
N GLU A 74 -5.85 1.97 5.81
CA GLU A 74 -6.18 3.36 5.52
C GLU A 74 -6.14 3.62 4.02
N ALA A 75 -5.25 2.91 3.33
CA ALA A 75 -5.12 3.07 1.89
C ALA A 75 -6.44 2.81 1.18
N ASN A 76 -7.00 1.63 1.38
CA ASN A 76 -8.26 1.26 0.75
C ASN A 76 -9.38 2.20 1.19
N GLY A 77 -9.27 2.71 2.42
CA GLY A 77 -10.28 3.62 2.93
C GLY A 77 -10.21 4.99 2.28
N GLU A 78 -9.01 5.40 1.89
CA GLU A 78 -8.82 6.70 1.24
C GLU A 78 -9.14 6.62 -0.24
N ILE A 79 -8.86 5.47 -0.84
CA ILE A 79 -9.11 5.26 -2.27
C ILE A 79 -10.59 5.41 -2.58
N GLU A 80 -11.43 4.85 -1.72
CA GLU A 80 -12.88 4.91 -1.91
C GLU A 80 -13.35 6.36 -1.96
N LYS A 81 -12.99 7.14 -0.94
CA LYS A 81 -13.38 8.55 -0.87
C LYS A 81 -12.81 9.33 -2.04
N PHE A 82 -11.60 8.96 -2.46
CA PHE A 82 -10.94 9.63 -3.58
C PHE A 82 -11.75 9.47 -4.86
N SER A 83 -12.61 8.46 -4.89
CA SER A 83 -13.45 8.20 -6.06
C SER A 83 -14.10 9.48 -6.55
N ASN A 84 -14.43 10.37 -5.62
CA ASN A 84 -15.07 11.63 -5.96
C ASN A 84 -14.15 12.50 -6.81
N ARG A 85 -14.57 12.76 -8.04
CA ARG A 85 -13.78 13.57 -8.96
C ARG A 85 -13.38 14.89 -8.32
N SER A 86 -14.24 15.39 -7.42
CA SER A 86 -13.98 16.64 -6.73
C SER A 86 -12.84 16.50 -5.74
N ASN A 87 -12.85 15.41 -4.98
CA ASN A 87 -11.82 15.15 -3.99
C ASN A 87 -10.43 15.13 -4.63
N ILE A 88 -10.37 14.63 -5.86
CA ILE A 88 -9.12 14.56 -6.60
C ILE A 88 -8.66 15.93 -7.05
N CYS A 89 -9.61 16.74 -7.52
CA CYS A 89 -9.31 18.09 -7.99
C CYS A 89 -8.61 18.90 -6.89
N ARG A 90 -9.25 19.01 -5.74
CA ARG A 90 -8.69 19.76 -4.63
C ARG A 90 -7.33 19.21 -4.23
N PHE A 91 -7.19 17.88 -4.32
CA PHE A 91 -5.94 17.22 -3.97
C PHE A 91 -4.83 17.60 -4.94
N LEU A 92 -5.06 17.36 -6.22
CA LEU A 92 -4.08 17.67 -7.25
C LEU A 92 -3.78 19.16 -7.29
N THR A 93 -4.84 19.98 -7.32
CA THR A 93 -4.69 21.42 -7.34
C THR A 93 -3.82 21.91 -6.19
N ALA A 94 -3.89 21.21 -5.07
CA ALA A 94 -3.11 21.57 -3.89
C ALA A 94 -1.64 21.75 -4.24
N SER A 95 -1.13 20.87 -5.09
CA SER A 95 0.28 20.94 -5.51
C SER A 95 1.20 21.04 -4.30
N GLN A 96 0.92 20.24 -3.28
CA GLN A 96 1.72 20.24 -2.06
C GLN A 96 2.64 19.03 -2.02
N ASP A 97 2.12 17.89 -2.44
CA ASP A 97 2.90 16.65 -2.45
C ASP A 97 3.03 16.10 -3.87
N LYS A 98 2.04 16.40 -4.71
CA LYS A 98 2.06 15.94 -6.09
C LYS A 98 1.82 14.44 -6.17
N ILE A 99 1.12 13.91 -5.17
CA ILE A 99 0.83 12.48 -5.12
C ILE A 99 -0.63 12.22 -4.78
N LEU A 100 -1.01 10.95 -4.72
CA LEU A 100 -2.38 10.58 -4.40
C LEU A 100 -2.44 9.86 -3.05
N PHE A 101 -1.67 8.77 -2.93
CA PHE A 101 -1.64 8.00 -1.70
C PHE A 101 -0.24 7.98 -1.11
N LYS A 102 0.43 9.13 -1.16
CA LYS A 102 1.79 9.24 -0.63
C LYS A 102 1.79 9.16 0.89
N ASP A 103 0.73 9.65 1.51
CA ASP A 103 0.60 9.62 2.96
C ASP A 103 0.51 8.18 3.47
N VAL A 104 -0.45 7.44 2.95
CA VAL A 104 -0.64 6.04 3.34
C VAL A 104 0.58 5.20 3.00
N ASN A 105 1.30 5.60 1.95
CA ASN A 105 2.49 4.88 1.53
C ASN A 105 3.66 5.17 2.46
N ARG A 106 3.78 6.41 2.92
CA ARG A 106 4.85 6.81 3.81
C ARG A 106 4.87 5.93 5.05
N LYS A 107 3.71 5.80 5.69
CA LYS A 107 3.59 4.98 6.91
C LYS A 107 3.69 3.50 6.57
N LEU A 108 3.12 3.12 5.43
CA LEU A 108 3.15 1.72 5.00
C LEU A 108 4.58 1.23 4.81
N SER A 109 5.44 2.12 4.30
CA SER A 109 6.84 1.77 4.08
C SER A 109 7.64 1.86 5.37
N ASP A 110 7.25 2.79 6.24
CA ASP A 110 7.93 2.98 7.51
C ASP A 110 7.65 1.82 8.46
N VAL A 111 6.39 1.40 8.52
CA VAL A 111 5.99 0.31 9.39
C VAL A 111 6.57 -1.02 8.89
N TRP A 112 6.66 -1.16 7.58
CA TRP A 112 7.20 -2.37 6.97
C TRP A 112 8.69 -2.48 7.22
N LYS A 113 9.37 -1.35 7.24
CA LYS A 113 10.82 -1.31 7.46
C LYS A 113 11.19 -2.11 8.70
N GLU A 114 10.59 -1.76 9.84
CA GLU A 114 10.87 -2.45 11.09
C GLU A 114 10.16 -3.80 11.13
N LEU A 115 8.90 -3.82 10.70
CA LEU A 115 8.12 -5.05 10.69
C LEU A 115 8.87 -6.17 9.98
N SER A 116 9.12 -5.97 8.69
CA SER A 116 9.83 -6.98 7.89
C SER A 116 11.13 -7.39 8.57
N LEU A 117 11.73 -6.46 9.31
CA LEU A 117 12.98 -6.72 10.01
C LEU A 117 12.78 -7.79 11.09
N LEU A 118 11.61 -7.75 11.74
CA LEU A 118 11.30 -8.70 12.79
C LEU A 118 10.93 -10.06 12.20
N LEU A 119 10.38 -10.04 10.99
CA LEU A 119 9.98 -11.27 10.32
C LEU A 119 11.20 -12.01 9.77
N GLN A 120 12.22 -11.25 9.36
CA GLN A 120 13.43 -11.84 8.82
C GLN A 120 14.33 -12.36 9.93
N VAL A 121 14.41 -11.61 11.02
CA VAL A 121 15.22 -11.99 12.16
C VAL A 121 14.62 -13.18 12.90
N GLU A 122 13.30 -13.24 12.94
CA GLU A 122 12.59 -14.32 13.61
C GLU A 122 12.58 -15.58 12.73
N GLN A 123 12.48 -15.38 11.43
CA GLN A 123 12.44 -16.49 10.48
C GLN A 123 12.95 -16.06 9.11
N ARG A 124 13.28 -17.04 8.27
CA ARG A 124 13.78 -16.76 6.93
C ARG A 124 12.64 -16.30 6.02
N MET A 125 12.17 -15.08 6.23
CA MET A 125 11.09 -14.53 5.42
C MET A 125 11.58 -13.38 4.56
N PRO A 126 11.49 -13.55 3.23
CA PRO A 126 11.94 -12.54 2.27
C PRO A 126 11.02 -11.31 2.27
N VAL A 127 11.62 -10.13 2.49
CA VAL A 127 10.87 -8.88 2.51
C VAL A 127 10.96 -8.16 1.17
N SER A 128 10.09 -7.17 0.98
CA SER A 128 10.08 -6.41 -0.26
C SER A 128 11.47 -5.90 -0.61
N PRO A 129 11.85 -6.05 -1.89
CA PRO A 129 13.16 -5.62 -2.38
C PRO A 129 13.29 -4.10 -2.42
N ILE A 130 12.23 -3.44 -2.87
CA ILE A 130 12.23 -1.98 -2.96
C ILE A 130 12.67 -1.34 -1.64
N SER A 131 13.53 -0.34 -1.75
CA SER A 131 14.03 0.36 -0.56
C SER A 131 12.94 1.21 0.07
N GLN A 132 12.15 0.61 0.95
CA GLN A 132 11.07 1.32 1.62
C GLN A 132 11.58 2.62 2.25
N GLY A 133 10.88 3.71 1.97
CA GLY A 133 11.28 5.00 2.51
C GLY A 133 11.50 6.05 1.42
N ALA A 134 11.94 5.60 0.26
CA ALA A 134 12.19 6.50 -0.87
C ALA A 134 11.76 5.87 -2.18
N SER A 135 12.06 4.58 -2.34
CA SER A 135 11.71 3.86 -3.55
C SER A 135 10.23 4.03 -3.89
N TRP A 136 9.39 3.95 -2.86
CA TRP A 136 7.95 4.09 -3.04
C TRP A 136 7.61 5.45 -3.67
N ALA A 137 8.10 6.52 -3.04
CA ALA A 137 7.85 7.87 -3.55
C ALA A 137 8.47 8.07 -4.92
N GLN A 138 9.61 7.42 -5.15
CA GLN A 138 10.31 7.54 -6.43
C GLN A 138 9.40 7.11 -7.58
N GLU A 139 8.59 6.08 -7.34
CA GLU A 139 7.67 5.59 -8.36
C GLU A 139 6.45 6.49 -8.47
N ASP A 140 5.92 6.91 -7.32
CA ASP A 140 4.75 7.77 -7.29
C ASP A 140 5.04 9.11 -7.95
N GLN A 141 6.03 9.82 -7.43
CA GLN A 141 6.41 11.12 -7.96
C GLN A 141 6.61 11.05 -9.48
N GLN A 142 7.09 9.89 -9.95
CA GLN A 142 7.33 9.69 -11.37
C GLN A 142 6.02 9.51 -12.13
N ASP A 143 5.10 8.76 -11.52
CA ASP A 143 3.80 8.51 -12.13
C ASP A 143 2.94 9.77 -12.14
N ALA A 144 3.08 10.58 -11.09
CA ALA A 144 2.32 11.81 -10.97
C ALA A 144 2.50 12.68 -12.21
N ASP A 145 3.68 12.64 -12.80
CA ASP A 145 3.97 13.42 -14.00
C ASP A 145 2.99 13.09 -15.12
N GLU A 146 2.85 11.81 -15.42
CA GLU A 146 1.95 11.36 -16.46
C GLU A 146 0.50 11.42 -16.00
N ASP A 147 0.28 11.18 -14.71
CA ASP A 147 -1.07 11.22 -14.15
C ASP A 147 -1.71 12.58 -14.36
N ARG A 148 -0.90 13.64 -14.28
CA ARG A 148 -1.39 14.99 -14.47
C ARG A 148 -2.15 15.12 -15.77
N ARG A 149 -1.43 15.01 -16.88
CA ARG A 149 -2.04 15.12 -18.21
C ARG A 149 -3.23 14.16 -18.33
N ALA A 150 -3.11 12.99 -17.72
CA ALA A 150 -4.16 11.99 -17.77
C ALA A 150 -5.44 12.51 -17.12
N PHE A 151 -5.28 13.23 -16.01
CA PHE A 151 -6.42 13.78 -15.29
C PHE A 151 -7.10 14.88 -16.10
N GLN A 152 -6.31 15.85 -16.56
CA GLN A 152 -6.83 16.96 -17.36
C GLN A 152 -7.52 16.44 -18.61
N MET A 153 -6.95 15.40 -19.21
CA MET A 153 -7.50 14.80 -20.41
C MET A 153 -8.83 14.11 -20.13
N LEU A 154 -8.91 13.43 -18.98
CA LEU A 154 -10.12 12.72 -18.59
C LEU A 154 -11.33 13.64 -18.65
N ARG A 155 -11.11 14.92 -18.36
CA ARG A 155 -12.19 15.91 -18.37
C ARG A 155 -12.05 16.84 -19.57
N ARG A 156 -13.18 17.29 -20.09
CA ARG A 156 -13.20 18.19 -21.24
C ARG A 156 -13.74 19.56 -20.86
N ASP A 157 -13.55 20.54 -21.74
CA ASP A 157 -14.02 21.90 -21.49
C ASP A 157 -15.52 21.90 -21.21
C4 UJ2 B . -0.82 -13.85 19.65
C5 UJ2 B . -0.79 -15.15 19.09
C6 UJ2 B . -0.82 -15.32 17.74
C8 UJ2 B . -0.96 -12.80 15.24
C10 UJ2 B . -1.01 -12.25 13.83
C13 UJ2 B . 1.42 -13.07 11.07
C15 UJ2 B . 2.61 -13.10 13.18
C17 UJ2 B . 3.86 -13.61 11.08
C20 UJ2 B . 6.21 -14.25 9.75
C21 UJ2 B . 6.08 -14.52 11.10
C22 UJ2 B . 4.92 -14.18 11.77
C24 UJ2 B . 0.04 -10.14 14.25
C1 UJ2 B . -0.88 -14.20 16.89
N7 UJ2 B . -0.91 -14.07 15.54
N9 UJ2 B . -0.95 -12.05 16.36
C11 UJ2 B . 0.26 -12.61 13.11
C12 UJ2 B . 0.26 -12.76 11.74
C16 UJ2 B . 1.43 -12.78 13.83
C14 UJ2 B . 2.61 -13.25 11.78
C18 UJ2 B . 3.99 -13.34 9.71
C19 UJ2 B . 5.17 -13.66 9.06
O23 UJ2 B . -1.15 -10.83 13.88
C2 UJ2 B . -0.90 -12.91 17.45
C3 UJ2 B . -0.88 -12.74 18.82
C25 UJ2 B . -0.78 -13.68 21.11
O26 UJ2 B . -1.15 -12.64 21.61
O27 UJ2 B . -0.35 -14.69 21.90
H29 UJ2 B . -0.75 -16.00 19.74
H30 UJ2 B . -0.81 -16.31 17.33
H32 UJ2 B . -1.86 -12.69 13.30
H34 UJ2 B . 1.42 -13.19 10.00
H35 UJ2 B . 3.52 -13.24 13.73
H39 UJ2 B . 7.12 -14.50 9.23
H40 UJ2 B . 6.90 -14.98 11.64
H41 UJ2 B . 4.83 -14.39 12.82
H42 UJ2 B . 0.70 -10.06 13.39
H44 UJ2 B . 0.54 -10.69 15.05
H43 UJ2 B . -0.22 -9.14 14.61
H31 UJ2 B . -0.98 -11.07 16.41
H33 UJ2 B . -0.66 -12.62 11.18
H36 UJ2 B . 1.44 -12.66 14.90
H37 UJ2 B . 3.17 -12.88 9.17
H38 UJ2 B . 5.26 -13.45 8.00
H28 UJ2 B . -0.90 -11.75 19.24
H45 UJ2 B . -0.06 -14.45 22.78
N GLY A 1 -12.57 -20.51 14.92
CA GLY A 1 -11.58 -19.75 15.66
C GLY A 1 -10.17 -20.13 15.29
N SER A 2 -9.28 -20.15 16.27
CA SER A 2 -7.88 -20.49 16.04
C SER A 2 -7.22 -19.48 15.12
N PRO A 3 -5.87 -19.43 15.15
CA PRO A 3 -5.09 -18.51 14.31
C PRO A 3 -5.15 -18.89 12.84
N GLY A 4 -5.13 -17.87 11.98
CA GLY A 4 -5.17 -18.11 10.55
C GLY A 4 -5.89 -17.01 9.80
N GLU A 5 -7.18 -16.82 10.11
CA GLU A 5 -7.98 -15.79 9.45
C GLU A 5 -7.32 -14.43 9.59
N ASN A 6 -6.66 -14.20 10.72
CA ASN A 6 -5.98 -12.92 10.96
C ASN A 6 -4.98 -12.62 9.86
N LEU A 7 -4.27 -13.64 9.41
CA LEU A 7 -3.27 -13.48 8.36
C LEU A 7 -3.92 -12.97 7.07
N LYS A 8 -5.10 -13.49 6.77
CA LYS A 8 -5.83 -13.08 5.58
C LYS A 8 -6.07 -11.57 5.57
N HIS A 9 -6.09 -10.97 6.74
CA HIS A 9 -6.29 -9.53 6.87
C HIS A 9 -5.32 -8.77 5.98
N ILE A 10 -4.04 -9.08 6.10
CA ILE A 10 -3.01 -8.42 5.32
C ILE A 10 -3.13 -8.79 3.84
N ILE A 11 -3.60 -10.01 3.58
CA ILE A 11 -3.76 -10.49 2.21
C ILE A 11 -4.86 -9.71 1.48
N THR A 12 -6.04 -9.67 2.08
CA THR A 12 -7.17 -8.96 1.49
C THR A 12 -6.97 -7.45 1.56
N LEU A 13 -6.88 -6.94 2.79
CA LEU A 13 -6.68 -5.50 2.99
C LEU A 13 -5.46 -5.00 2.24
N GLY A 14 -4.51 -5.90 2.00
CA GLY A 14 -3.29 -5.54 1.29
C GLY A 14 -3.52 -5.36 -0.20
N GLN A 15 -4.16 -6.36 -0.80
CA GLN A 15 -4.44 -6.31 -2.24
C GLN A 15 -5.59 -5.36 -2.55
N VAL A 16 -6.48 -5.18 -1.57
CA VAL A 16 -7.63 -4.29 -1.73
C VAL A 16 -7.18 -2.92 -2.22
N ILE A 17 -5.98 -2.51 -1.84
CA ILE A 17 -5.44 -1.22 -2.24
C ILE A 17 -5.32 -1.11 -3.75
N HIS A 18 -4.61 -2.06 -4.35
CA HIS A 18 -4.42 -2.09 -5.79
C HIS A 18 -5.77 -2.09 -6.52
N LYS A 19 -6.71 -2.86 -6.00
CA LYS A 19 -8.04 -2.97 -6.59
C LYS A 19 -8.65 -1.58 -6.77
N ARG A 20 -8.33 -0.67 -5.86
CA ARG A 20 -8.86 0.69 -5.91
C ARG A 20 -8.47 1.36 -7.23
N CYS A 21 -7.27 1.06 -7.71
CA CYS A 21 -6.78 1.64 -8.96
C CYS A 21 -7.78 1.40 -10.09
N GLU A 22 -8.47 0.27 -10.03
CA GLU A 22 -9.45 -0.07 -11.05
C GLU A 22 -10.63 0.89 -11.03
N GLU A 23 -10.93 1.41 -9.84
CA GLU A 23 -12.04 2.34 -9.68
C GLU A 23 -11.63 3.76 -10.06
N MET A 24 -10.33 4.06 -9.91
CA MET A 24 -9.81 5.37 -10.25
C MET A 24 -10.25 5.80 -11.65
N LYS A 25 -10.16 7.09 -11.93
CA LYS A 25 -10.54 7.62 -13.24
C LYS A 25 -9.48 8.57 -13.77
N TYR A 26 -8.87 9.35 -12.87
CA TYR A 26 -7.83 10.29 -13.26
C TYR A 26 -6.52 9.96 -12.58
N CYS A 27 -6.56 9.74 -11.27
CA CYS A 27 -5.37 9.42 -10.50
C CYS A 27 -4.97 7.96 -10.71
N LYS A 28 -5.79 7.23 -11.46
CA LYS A 28 -5.54 5.81 -11.73
C LYS A 28 -4.10 5.60 -12.17
N LYS A 29 -3.54 6.59 -12.86
CA LYS A 29 -2.17 6.51 -13.35
C LYS A 29 -1.19 6.44 -12.18
N GLN A 30 -1.35 7.35 -11.22
CA GLN A 30 -0.48 7.39 -10.05
C GLN A 30 -0.81 6.25 -9.10
N CYS A 31 -2.08 6.12 -8.76
CA CYS A 31 -2.53 5.07 -7.84
C CYS A 31 -2.00 3.71 -8.28
N ARG A 32 -1.93 3.51 -9.60
CA ARG A 32 -1.46 2.24 -10.15
C ARG A 32 -0.12 1.85 -9.53
N ARG A 33 0.79 2.81 -9.42
CA ARG A 33 2.11 2.56 -8.85
C ARG A 33 2.02 2.38 -7.33
N LEU A 34 1.10 3.11 -6.71
CA LEU A 34 0.91 3.03 -5.27
C LEU A 34 0.53 1.62 -4.84
N GLY A 35 -0.51 1.08 -5.46
CA GLY A 35 -0.95 -0.27 -5.14
C GLY A 35 0.01 -1.32 -5.63
N HIS A 36 0.44 -1.19 -6.88
CA HIS A 36 1.37 -2.15 -7.47
C HIS A 36 2.60 -2.32 -6.59
N ARG A 37 3.13 -1.21 -6.09
CA ARG A 37 4.31 -1.24 -5.24
C ARG A 37 3.97 -1.79 -3.85
N VAL A 38 2.75 -1.52 -3.41
CA VAL A 38 2.29 -1.98 -2.10
C VAL A 38 2.05 -3.49 -2.10
N LEU A 39 1.66 -4.02 -3.25
CA LEU A 39 1.40 -5.44 -3.39
C LEU A 39 2.68 -6.25 -3.20
N GLY A 40 3.82 -5.60 -3.41
CA GLY A 40 5.10 -6.27 -3.26
C GLY A 40 5.34 -6.76 -1.84
N LEU A 41 4.69 -6.11 -0.87
CA LEU A 41 4.84 -6.48 0.53
C LEU A 41 3.91 -7.64 0.88
N ILE A 42 2.68 -7.56 0.42
CA ILE A 42 1.70 -8.61 0.68
C ILE A 42 1.92 -9.82 -0.21
N LYS A 43 2.63 -9.60 -1.32
CA LYS A 43 2.93 -10.67 -2.27
C LYS A 43 3.52 -11.88 -1.56
N PRO A 44 4.67 -11.66 -0.88
CA PRO A 44 5.36 -12.72 -0.15
C PRO A 44 4.59 -13.17 1.09
N LEU A 45 3.50 -12.48 1.39
CA LEU A 45 2.67 -12.80 2.55
C LEU A 45 1.62 -13.85 2.20
N GLU A 46 1.24 -13.89 0.93
CA GLU A 46 0.25 -14.85 0.46
C GLU A 46 0.84 -16.26 0.38
N MET A 47 2.12 -16.34 0.03
CA MET A 47 2.81 -17.62 -0.08
C MET A 47 2.88 -18.30 1.27
N LEU A 48 3.01 -17.52 2.34
CA LEU A 48 3.09 -18.06 3.69
C LEU A 48 1.71 -18.08 4.35
N GLN A 49 0.79 -17.30 3.81
CA GLN A 49 -0.56 -17.23 4.34
C GLN A 49 -1.17 -18.63 4.47
N ASP A 50 -0.72 -19.54 3.61
CA ASP A 50 -1.22 -20.90 3.63
C ASP A 50 -0.69 -21.66 4.85
N GLN A 51 0.60 -21.50 5.13
CA GLN A 51 1.23 -22.17 6.27
C GLN A 51 0.57 -21.75 7.57
N GLY A 52 0.38 -20.44 7.74
CA GLY A 52 -0.24 -19.94 8.96
C GLY A 52 0.69 -20.00 10.15
N LYS A 53 0.16 -19.67 11.32
CA LYS A 53 0.96 -19.68 12.55
C LYS A 53 0.09 -20.08 13.74
N ARG A 54 0.74 -20.57 14.79
CA ARG A 54 0.04 -20.98 16.00
C ARG A 54 0.91 -20.79 17.23
N SER A 55 2.19 -21.15 17.11
CA SER A 55 3.11 -21.03 18.22
C SER A 55 3.20 -19.59 18.71
N VAL A 56 3.06 -18.64 17.78
CA VAL A 56 3.10 -17.22 18.11
C VAL A 56 4.44 -16.86 18.75
N PRO A 57 5.40 -16.44 17.91
CA PRO A 57 6.74 -16.04 18.36
C PRO A 57 6.72 -14.74 19.14
N SER A 58 7.89 -14.11 19.26
CA SER A 58 8.00 -12.86 19.99
C SER A 58 6.93 -11.87 19.55
N GLU A 59 6.16 -11.37 20.51
CA GLU A 59 5.10 -10.41 20.22
C GLU A 59 5.61 -9.27 19.35
N LYS A 60 6.90 -8.95 19.50
CA LYS A 60 7.52 -7.88 18.74
C LYS A 60 7.31 -8.10 17.23
N LEU A 61 7.37 -9.35 16.81
CA LEU A 61 7.19 -9.69 15.41
C LEU A 61 5.72 -9.62 15.02
N THR A 62 4.87 -10.28 15.79
CA THR A 62 3.44 -10.29 15.52
C THR A 62 2.85 -8.89 15.62
N THR A 63 3.44 -8.06 16.48
CA THR A 63 2.98 -6.69 16.67
C THR A 63 3.21 -5.85 15.42
N ALA A 64 4.29 -6.15 14.70
CA ALA A 64 4.63 -5.42 13.49
C ALA A 64 3.44 -5.38 12.53
N MET A 65 2.75 -6.51 12.42
CA MET A 65 1.60 -6.61 11.53
C MET A 65 0.43 -5.78 12.07
N ASN A 66 0.29 -5.75 13.39
CA ASN A 66 -0.79 -5.00 14.02
C ASN A 66 -0.80 -3.56 13.55
N ARG A 67 0.37 -2.93 13.54
CA ARG A 67 0.49 -1.54 13.11
C ARG A 67 0.52 -1.45 11.58
N PHE A 68 1.15 -2.44 10.95
CA PHE A 68 1.25 -2.46 9.50
C PHE A 68 -0.14 -2.48 8.86
N LYS A 69 -1.01 -3.34 9.38
CA LYS A 69 -2.37 -3.45 8.86
C LYS A 69 -3.03 -2.08 8.77
N ALA A 70 -2.79 -1.24 9.76
CA ALA A 70 -3.36 0.10 9.79
C ALA A 70 -2.70 1.00 8.75
N ALA A 71 -1.42 0.76 8.49
CA ALA A 71 -0.68 1.55 7.52
C ALA A 71 -1.34 1.51 6.15
N LEU A 72 -1.55 0.29 5.65
CA LEU A 72 -2.18 0.10 4.34
C LEU A 72 -3.66 0.48 4.40
N GLU A 73 -4.26 0.30 5.55
CA GLU A 73 -5.68 0.63 5.75
C GLU A 73 -5.98 2.04 5.26
N GLU A 74 -5.08 2.97 5.55
CA GLU A 74 -5.24 4.36 5.14
C GLU A 74 -5.08 4.51 3.64
N ALA A 75 -4.25 3.65 3.04
CA ALA A 75 -4.01 3.70 1.61
C ALA A 75 -5.29 3.46 0.82
N ASN A 76 -5.94 2.33 1.10
CA ASN A 76 -7.19 1.98 0.43
C ASN A 76 -8.29 2.99 0.75
N GLY A 77 -8.38 3.37 2.02
CA GLY A 77 -9.38 4.32 2.44
C GLY A 77 -9.21 5.67 1.78
N GLU A 78 -7.98 6.15 1.72
CA GLU A 78 -7.69 7.44 1.11
C GLU A 78 -8.09 7.45 -0.35
N ILE A 79 -7.69 6.41 -1.09
CA ILE A 79 -8.00 6.30 -2.49
C ILE A 79 -9.51 6.45 -2.74
N GLU A 80 -10.29 5.92 -1.81
CA GLU A 80 -11.75 6.00 -1.93
C GLU A 80 -12.21 7.45 -2.08
N LYS A 81 -11.91 8.27 -1.09
CA LYS A 81 -12.29 9.68 -1.11
C LYS A 81 -11.63 10.40 -2.30
N PHE A 82 -10.32 10.21 -2.43
CA PHE A 82 -9.58 10.84 -3.51
C PHE A 82 -10.24 10.57 -4.87
N SER A 83 -10.88 9.41 -4.98
CA SER A 83 -11.55 9.04 -6.22
C SER A 83 -12.46 10.16 -6.71
N ASN A 84 -13.08 10.86 -5.77
CA ASN A 84 -13.98 11.97 -6.10
C ASN A 84 -13.30 12.94 -7.07
N ARG A 85 -13.98 13.23 -8.17
CA ARG A 85 -13.45 14.14 -9.18
C ARG A 85 -13.13 15.51 -8.56
N SER A 86 -14.11 16.06 -7.85
CA SER A 86 -13.94 17.36 -7.21
C SER A 86 -12.74 17.35 -6.27
N ASN A 87 -12.58 16.26 -5.53
CA ASN A 87 -11.47 16.13 -4.59
C ASN A 87 -10.14 16.32 -5.29
N ILE A 88 -9.97 15.64 -6.42
CA ILE A 88 -8.73 15.74 -7.19
C ILE A 88 -8.63 17.08 -7.90
N CYS A 89 -9.76 17.57 -8.40
CA CYS A 89 -9.80 18.85 -9.09
C CYS A 89 -9.21 19.96 -8.22
N ARG A 90 -9.58 19.97 -6.95
CA ARG A 90 -9.10 20.97 -6.02
C ARG A 90 -7.67 20.66 -5.57
N PHE A 91 -7.36 19.37 -5.46
CA PHE A 91 -6.03 18.94 -5.04
C PHE A 91 -4.97 19.38 -6.05
N LEU A 92 -5.24 19.13 -7.33
CA LEU A 92 -4.31 19.50 -8.39
C LEU A 92 -4.23 21.02 -8.53
N THR A 93 -5.39 21.66 -8.70
CA THR A 93 -5.45 23.11 -8.85
C THR A 93 -4.76 23.81 -7.69
N ALA A 94 -4.87 23.22 -6.50
CA ALA A 94 -4.25 23.79 -5.30
C ALA A 94 -2.74 23.84 -5.44
N SER A 95 -2.18 22.82 -6.09
CA SER A 95 -0.73 22.75 -6.28
C SER A 95 -0.01 22.64 -4.95
N GLN A 96 0.07 21.41 -4.42
CA GLN A 96 0.73 21.16 -3.15
C GLN A 96 1.91 20.22 -3.32
N ASP A 97 1.68 19.12 -4.05
CA ASP A 97 2.73 18.13 -4.29
C ASP A 97 2.50 17.42 -5.62
N LYS A 98 3.35 16.44 -5.91
CA LYS A 98 3.23 15.67 -7.14
C LYS A 98 2.53 14.34 -6.90
N ILE A 99 2.78 13.75 -5.74
CA ILE A 99 2.17 12.48 -5.38
C ILE A 99 0.82 12.69 -4.70
N LEU A 100 0.03 11.63 -4.63
CA LEU A 100 -1.28 11.69 -4.00
C LEU A 100 -1.34 10.82 -2.75
N PHE A 101 -0.70 9.66 -2.82
CA PHE A 101 -0.67 8.73 -1.69
C PHE A 101 0.76 8.52 -1.21
N LYS A 102 1.56 9.57 -1.27
CA LYS A 102 2.96 9.50 -0.82
C LYS A 102 3.05 9.41 0.69
N ASP A 103 2.12 10.08 1.37
CA ASP A 103 2.08 10.08 2.83
C ASP A 103 1.88 8.67 3.36
N VAL A 104 0.92 7.96 2.78
CA VAL A 104 0.61 6.58 3.20
C VAL A 104 1.71 5.62 2.78
N ASN A 105 2.39 5.96 1.67
CA ASN A 105 3.47 5.12 1.16
C ASN A 105 4.72 5.24 2.03
N ARG A 106 4.99 6.46 2.50
CA ARG A 106 6.15 6.71 3.34
C ARG A 106 6.15 5.80 4.57
N LYS A 107 5.00 5.74 5.23
CA LYS A 107 4.85 4.90 6.42
C LYS A 107 4.77 3.43 6.05
N LEU A 108 4.01 3.12 5.01
CA LEU A 108 3.85 1.75 4.55
C LEU A 108 5.21 1.08 4.33
N SER A 109 6.19 1.89 3.91
CA SER A 109 7.53 1.38 3.66
C SER A 109 8.37 1.41 4.93
N ASP A 110 8.10 2.39 5.79
CA ASP A 110 8.82 2.52 7.05
C ASP A 110 8.43 1.41 8.03
N VAL A 111 7.18 1.00 7.98
CA VAL A 111 6.69 -0.05 8.86
C VAL A 111 7.15 -1.43 8.38
N TRP A 112 7.26 -1.59 7.07
CA TRP A 112 7.70 -2.85 6.48
C TRP A 112 9.18 -3.10 6.79
N LYS A 113 9.96 -2.04 6.86
CA LYS A 113 11.38 -2.14 7.15
C LYS A 113 11.63 -2.99 8.39
N GLU A 114 11.03 -2.57 9.50
CA GLU A 114 11.18 -3.30 10.76
C GLU A 114 10.33 -4.56 10.78
N LEU A 115 9.14 -4.47 10.18
CA LEU A 115 8.22 -5.60 10.12
C LEU A 115 8.88 -6.79 9.43
N SER A 116 9.10 -6.66 8.13
CA SER A 116 9.72 -7.72 7.34
C SER A 116 10.93 -8.30 8.07
N LEU A 117 11.62 -7.44 8.83
CA LEU A 117 12.79 -7.87 9.58
C LEU A 117 12.43 -8.89 10.65
N LEU A 118 11.42 -8.55 11.46
CA LEU A 118 10.97 -9.45 12.52
C LEU A 118 10.32 -10.70 11.94
N LEU A 119 9.83 -10.59 10.71
CA LEU A 119 9.18 -11.71 10.04
C LEU A 119 10.22 -12.68 9.48
N GLN A 120 11.11 -12.17 8.65
CA GLN A 120 12.14 -13.00 8.05
C GLN A 120 12.98 -13.68 9.12
N VAL A 121 13.38 -12.92 10.13
CA VAL A 121 14.19 -13.46 11.22
C VAL A 121 13.47 -14.61 11.92
N GLU A 122 12.14 -14.50 12.02
CA GLU A 122 11.35 -15.54 12.66
C GLU A 122 11.16 -16.73 11.74
N GLN A 123 10.68 -16.48 10.53
CA GLN A 123 10.47 -17.55 9.55
C GLN A 123 11.12 -17.20 8.22
N ARG A 124 11.73 -18.21 7.59
CA ARG A 124 12.39 -18.01 6.31
C ARG A 124 11.40 -17.58 5.24
N MET A 125 11.34 -16.28 4.98
CA MET A 125 10.43 -15.74 3.98
C MET A 125 11.02 -14.50 3.31
N PRO A 126 11.05 -14.51 1.96
CA PRO A 126 11.58 -13.38 1.19
C PRO A 126 10.70 -12.14 1.27
N VAL A 127 11.28 -11.03 1.70
CA VAL A 127 10.55 -9.78 1.82
C VAL A 127 10.58 -8.99 0.51
N SER A 128 10.03 -7.78 0.54
CA SER A 128 9.99 -6.93 -0.64
C SER A 128 11.36 -6.87 -1.31
N PRO A 129 11.37 -6.93 -2.65
CA PRO A 129 12.60 -6.88 -3.44
C PRO A 129 13.27 -5.52 -3.39
N ILE A 130 12.49 -4.47 -3.62
CA ILE A 130 13.00 -3.11 -3.60
C ILE A 130 13.80 -2.83 -2.33
N SER A 131 14.74 -1.90 -2.41
CA SER A 131 15.57 -1.54 -1.26
C SER A 131 14.74 -0.88 -0.18
N GLN A 132 13.56 -0.39 -0.56
CA GLN A 132 12.67 0.28 0.39
C GLN A 132 13.30 1.55 0.93
N GLY A 133 14.11 2.21 0.11
CA GLY A 133 14.77 3.44 0.52
C GLY A 133 14.49 4.59 -0.42
N ALA A 134 13.34 5.22 -0.24
CA ALA A 134 12.96 6.36 -1.08
C ALA A 134 12.74 5.91 -2.52
N SER A 135 12.64 4.61 -2.73
CA SER A 135 12.44 4.06 -4.07
C SER A 135 10.96 4.16 -4.47
N TRP A 136 10.08 4.11 -3.49
CA TRP A 136 8.64 4.19 -3.75
C TRP A 136 8.29 5.48 -4.45
N ALA A 137 8.72 6.61 -3.89
CA ALA A 137 8.45 7.91 -4.47
C ALA A 137 9.14 8.07 -5.82
N GLN A 138 10.29 7.42 -5.97
CA GLN A 138 11.06 7.48 -7.21
C GLN A 138 10.19 7.04 -8.39
N GLU A 139 9.43 5.97 -8.21
CA GLU A 139 8.56 5.46 -9.25
C GLU A 139 7.30 6.29 -9.37
N ASP A 140 6.61 6.49 -8.25
CA ASP A 140 5.38 7.29 -8.23
C ASP A 140 5.60 8.63 -8.91
N GLN A 141 6.72 9.27 -8.59
CA GLN A 141 7.04 10.58 -9.16
C GLN A 141 6.98 10.54 -10.67
N GLN A 142 7.49 9.46 -11.25
CA GLN A 142 7.49 9.29 -12.70
C GLN A 142 6.08 9.42 -13.27
N ASP A 143 5.14 8.72 -12.64
CA ASP A 143 3.75 8.76 -13.08
C ASP A 143 3.09 10.08 -12.71
N ALA A 144 3.47 10.63 -11.57
CA ALA A 144 2.92 11.89 -11.10
C ALA A 144 3.22 13.01 -12.08
N ASP A 145 4.41 12.98 -12.66
CA ASP A 145 4.83 14.00 -13.62
C ASP A 145 3.88 14.05 -14.80
N GLU A 146 3.63 12.89 -15.41
CA GLU A 146 2.74 12.81 -16.56
C GLU A 146 1.30 13.04 -16.14
N ASP A 147 0.95 12.61 -14.93
CA ASP A 147 -0.40 12.77 -14.42
C ASP A 147 -0.85 14.22 -14.51
N ARG A 148 0.10 15.14 -14.35
CA ARG A 148 -0.20 16.56 -14.42
C ARG A 148 -0.97 16.90 -15.69
N ARG A 149 -0.31 16.78 -16.84
CA ARG A 149 -0.93 17.07 -18.11
C ARG A 149 -1.97 16.01 -18.48
N ALA A 150 -1.64 14.76 -18.17
CA ALA A 150 -2.55 13.65 -18.46
C ALA A 150 -3.92 13.89 -17.86
N PHE A 151 -3.94 14.53 -16.68
CA PHE A 151 -5.19 14.82 -16.00
C PHE A 151 -6.17 15.55 -16.91
N GLN A 152 -5.66 16.56 -17.62
CA GLN A 152 -6.49 17.34 -18.53
C GLN A 152 -6.96 16.49 -19.70
N MET A 153 -6.12 15.55 -20.12
CA MET A 153 -6.47 14.66 -21.23
C MET A 153 -7.77 13.92 -20.95
N LEU A 154 -7.94 13.49 -19.71
CA LEU A 154 -9.14 12.76 -19.32
C LEU A 154 -10.40 13.52 -19.73
N ARG A 155 -11.04 13.05 -20.80
CA ARG A 155 -12.25 13.69 -21.31
C ARG A 155 -13.25 12.64 -21.80
N ARG A 156 -14.11 12.19 -20.91
CA ARG A 156 -15.11 11.19 -21.25
C ARG A 156 -16.47 11.84 -21.49
N ASP A 157 -17.48 11.01 -21.76
CA ASP A 157 -18.84 11.50 -22.00
C ASP A 157 -19.75 11.20 -20.82
C4 UJ2 B . -1.86 -13.87 18.83
C5 UJ2 B . -1.80 -15.10 18.17
C6 UJ2 B . -1.73 -15.16 16.81
C8 UJ2 B . -1.73 -12.43 14.53
C10 UJ2 B . -1.69 -11.76 13.19
C13 UJ2 B . 0.74 -12.70 10.45
C15 UJ2 B . 1.94 -12.59 12.55
C17 UJ2 B . 3.18 -13.18 10.47
C20 UJ2 B . 5.53 -13.87 9.18
C21 UJ2 B . 4.46 -13.38 8.45
C22 UJ2 B . 3.28 -13.04 9.09
C24 UJ2 B . -0.56 -9.78 13.88
C1 UJ2 B . -1.75 -13.97 16.06
N7 UJ2 B . -1.69 -13.71 14.73
N9 UJ2 B . -1.80 -11.78 15.73
C11 UJ2 B . -0.42 -12.14 12.47
C12 UJ2 B . -0.43 -12.36 11.11
C16 UJ2 B . 0.76 -12.25 13.19
C14 UJ2 B . 1.93 -12.82 11.17
C18 UJ2 B . 4.27 -13.68 11.20
C19 UJ2 B . 5.43 -14.01 10.54
O23 UJ2 B . -1.75 -10.34 13.35
C2 UJ2 B . -1.82 -12.73 16.71
C3 UJ2 B . -1.87 -12.68 18.10
C25 UJ2 B . -1.93 -13.83 20.31
O26 UJ2 B . -1.08 -14.39 20.97
O27 UJ2 B . -2.94 -13.17 20.92
H29 UJ2 B . -1.79 -16.02 18.75
H30 UJ2 B . -1.68 -16.11 16.32
H32 UJ2 B . -2.55 -12.10 12.60
H34 UJ2 B . 0.73 -12.87 9.40
H35 UJ2 B . 2.85 -12.68 13.11
H39 UJ2 B . 6.44 -14.14 8.67
H40 UJ2 B . 4.54 -13.27 7.38
H41 UJ2 B . 2.44 -12.67 8.53
H42 UJ2 B . -0.77 -8.77 14.25
H44 UJ2 B . 0.19 -9.71 13.08
H43 UJ2 B . -0.18 -10.39 14.69
H31 UJ2 B . -1.84 -10.82 15.85
H33 UJ2 B . -1.35 -12.27 10.55
H36 UJ2 B . 0.76 -12.08 14.26
H37 UJ2 B . 4.19 -13.79 12.27
H38 UJ2 B . 6.28 -14.40 11.10
H28 UJ2 B . -1.94 -11.72 18.61
H45 UJ2 B . -2.90 -13.11 21.88
N GLY A 1 -3.09 -17.74 22.50
CA GLY A 1 -2.85 -18.79 21.54
C GLY A 1 -3.93 -18.87 20.47
N SER A 2 -3.51 -18.95 19.22
CA SER A 2 -4.44 -19.03 18.10
C SER A 2 -3.73 -19.41 16.81
N PRO A 3 -4.50 -19.89 15.82
CA PRO A 3 -3.97 -20.30 14.53
C PRO A 3 -3.49 -19.11 13.70
N GLY A 4 -3.14 -19.38 12.43
CA GLY A 4 -2.67 -18.32 11.56
C GLY A 4 -3.78 -17.73 10.71
N GLU A 5 -4.98 -17.68 11.27
CA GLU A 5 -6.14 -17.14 10.55
C GLU A 5 -6.01 -15.63 10.39
N ASN A 6 -5.49 -14.97 11.41
CA ASN A 6 -5.33 -13.52 11.39
C ASN A 6 -4.46 -13.09 10.21
N LEU A 7 -3.47 -13.92 9.88
CA LEU A 7 -2.57 -13.63 8.77
C LEU A 7 -3.35 -13.31 7.50
N LYS A 8 -4.49 -13.96 7.34
CA LYS A 8 -5.33 -13.75 6.16
C LYS A 8 -5.67 -12.27 6.00
N HIS A 9 -5.71 -11.54 7.11
CA HIS A 9 -6.02 -10.12 7.09
C HIS A 9 -5.09 -9.39 6.12
N ILE A 10 -3.80 -9.67 6.22
CA ILE A 10 -2.81 -9.02 5.37
C ILE A 10 -2.99 -9.45 3.92
N ILE A 11 -3.39 -10.71 3.71
CA ILE A 11 -3.60 -11.23 2.37
C ILE A 11 -4.75 -10.50 1.67
N THR A 12 -5.90 -10.45 2.32
CA THR A 12 -7.08 -9.78 1.76
C THR A 12 -6.89 -8.27 1.78
N LEU A 13 -6.78 -7.70 2.97
CA LEU A 13 -6.60 -6.26 3.11
C LEU A 13 -5.42 -5.77 2.28
N GLY A 14 -4.43 -6.64 2.10
CA GLY A 14 -3.27 -6.27 1.32
C GLY A 14 -3.59 -6.03 -0.14
N GLN A 15 -4.23 -7.02 -0.77
CA GLN A 15 -4.60 -6.90 -2.17
C GLN A 15 -5.79 -5.97 -2.36
N VAL A 16 -6.63 -5.89 -1.32
CA VAL A 16 -7.82 -5.04 -1.37
C VAL A 16 -7.45 -3.61 -1.78
N ILE A 17 -6.24 -3.20 -1.42
CA ILE A 17 -5.76 -1.86 -1.75
C ILE A 17 -5.65 -1.66 -3.26
N HIS A 18 -5.09 -2.67 -3.93
CA HIS A 18 -4.93 -2.61 -5.38
C HIS A 18 -6.28 -2.71 -6.09
N LYS A 19 -7.13 -3.59 -5.58
CA LYS A 19 -8.46 -3.78 -6.17
C LYS A 19 -9.20 -2.45 -6.27
N ARG A 20 -8.89 -1.52 -5.38
CA ARG A 20 -9.52 -0.21 -5.37
C ARG A 20 -9.41 0.46 -6.73
N CYS A 21 -8.22 0.41 -7.31
CA CYS A 21 -7.98 1.02 -8.62
C CYS A 21 -9.02 0.53 -9.63
N GLU A 22 -9.51 -0.69 -9.44
CA GLU A 22 -10.50 -1.26 -10.34
C GLU A 22 -11.78 -0.41 -10.34
N GLU A 23 -12.10 0.17 -9.19
CA GLU A 23 -13.29 0.99 -9.06
C GLU A 23 -13.01 2.43 -9.48
N MET A 24 -11.76 2.85 -9.33
CA MET A 24 -11.36 4.20 -9.69
C MET A 24 -11.59 4.46 -11.17
N LYS A 25 -11.63 5.74 -11.55
CA LYS A 25 -11.84 6.11 -12.94
C LYS A 25 -10.73 7.02 -13.45
N TYR A 26 -10.29 7.94 -12.59
CA TYR A 26 -9.22 8.86 -12.95
C TYR A 26 -7.96 8.58 -12.13
N CYS A 27 -8.13 8.43 -10.83
CA CYS A 27 -7.01 8.16 -9.93
C CYS A 27 -6.44 6.77 -10.19
N LYS A 28 -7.17 5.96 -10.95
CA LYS A 28 -6.74 4.61 -11.26
C LYS A 28 -5.30 4.60 -11.77
N LYS A 29 -4.92 5.66 -12.47
CA LYS A 29 -3.58 5.78 -13.01
C LYS A 29 -2.53 5.64 -11.91
N GLN A 30 -2.67 6.45 -10.86
CA GLN A 30 -1.74 6.40 -9.74
C GLN A 30 -2.02 5.21 -8.84
N CYS A 31 -3.30 4.94 -8.59
CA CYS A 31 -3.70 3.83 -7.75
C CYS A 31 -3.04 2.53 -8.20
N ARG A 32 -3.15 2.23 -9.49
CA ARG A 32 -2.57 1.02 -10.06
C ARG A 32 -1.10 0.90 -9.67
N ARG A 33 -0.42 2.05 -9.56
CA ARG A 33 0.99 2.07 -9.21
C ARG A 33 1.17 1.80 -7.71
N LEU A 34 0.27 2.34 -6.90
CA LEU A 34 0.33 2.16 -5.45
C LEU A 34 0.01 0.73 -5.07
N GLY A 35 -1.14 0.23 -5.54
CA GLY A 35 -1.55 -1.13 -5.23
C GLY A 35 -0.51 -2.15 -5.66
N HIS A 36 -0.05 -2.04 -6.90
CA HIS A 36 0.94 -2.97 -7.43
C HIS A 36 2.17 -3.01 -6.54
N ARG A 37 2.65 -1.84 -6.15
CA ARG A 37 3.83 -1.74 -5.30
C ARG A 37 3.52 -2.26 -3.89
N VAL A 38 2.30 -2.01 -3.43
CA VAL A 38 1.88 -2.45 -2.11
C VAL A 38 1.73 -3.97 -2.06
N LEU A 39 1.38 -4.56 -3.18
CA LEU A 39 1.20 -6.01 -3.27
C LEU A 39 2.54 -6.74 -3.08
N GLY A 40 3.63 -6.01 -3.31
CA GLY A 40 4.95 -6.60 -3.17
C GLY A 40 5.23 -7.03 -1.74
N LEU A 41 4.58 -6.39 -0.78
CA LEU A 41 4.77 -6.71 0.63
C LEU A 41 3.94 -7.94 1.01
N ILE A 42 2.69 -7.97 0.56
CA ILE A 42 1.80 -9.09 0.86
C ILE A 42 2.11 -10.29 -0.03
N LYS A 43 2.76 -10.03 -1.17
CA LYS A 43 3.12 -11.09 -2.10
C LYS A 43 3.80 -12.25 -1.38
N PRO A 44 4.91 -11.96 -0.69
CA PRO A 44 5.67 -12.96 0.06
C PRO A 44 4.92 -13.45 1.29
N LEU A 45 3.77 -12.86 1.56
CA LEU A 45 2.96 -13.23 2.71
C LEU A 45 1.93 -14.30 2.33
N GLU A 46 1.62 -14.38 1.05
CA GLU A 46 0.66 -15.35 0.55
C GLU A 46 1.28 -16.75 0.49
N MET A 47 2.58 -16.80 0.19
CA MET A 47 3.29 -18.07 0.11
C MET A 47 3.38 -18.74 1.48
N LEU A 48 3.49 -17.91 2.51
CA LEU A 48 3.60 -18.42 3.88
C LEU A 48 2.21 -18.63 4.49
N GLN A 49 1.23 -17.91 3.96
CA GLN A 49 -0.14 -18.01 4.45
C GLN A 49 -0.60 -19.47 4.49
N ASP A 50 -0.16 -20.24 3.52
CA ASP A 50 -0.52 -21.66 3.44
C ASP A 50 0.08 -22.43 4.61
N GLN A 51 1.28 -22.04 5.02
CA GLN A 51 1.96 -22.71 6.13
C GLN A 51 1.25 -22.43 7.45
N GLY A 52 1.25 -21.17 7.88
CA GLY A 52 0.60 -20.81 9.12
C GLY A 52 1.47 -21.10 10.33
N LYS A 53 0.91 -20.85 11.51
CA LYS A 53 1.64 -21.09 12.76
C LYS A 53 0.74 -21.73 13.81
N ARG A 54 1.33 -22.11 14.93
CA ARG A 54 0.58 -22.74 16.01
C ARG A 54 1.19 -22.41 17.37
N SER A 55 2.41 -22.90 17.59
CA SER A 55 3.11 -22.65 18.86
C SER A 55 3.13 -21.16 19.18
N VAL A 56 3.17 -20.34 18.14
CA VAL A 56 3.21 -18.89 18.31
C VAL A 56 4.45 -18.45 19.08
N PRO A 57 5.54 -18.18 18.35
CA PRO A 57 6.81 -17.76 18.95
C PRO A 57 6.73 -16.35 19.53
N SER A 58 7.89 -15.73 19.72
CA SER A 58 7.95 -14.38 20.27
C SER A 58 6.95 -13.46 19.57
N GLU A 59 5.84 -13.17 20.25
CA GLU A 59 4.82 -12.30 19.68
C GLU A 59 5.41 -10.97 19.26
N LYS A 60 6.61 -10.68 19.75
CA LYS A 60 7.29 -9.43 19.42
C LYS A 60 7.36 -9.24 17.91
N LEU A 61 7.48 -10.33 17.17
CA LEU A 61 7.56 -10.29 15.73
C LEU A 61 6.18 -10.13 15.10
N THR A 62 5.16 -10.59 15.82
CA THR A 62 3.78 -10.50 15.34
C THR A 62 3.21 -9.11 15.56
N THR A 63 3.63 -8.47 16.65
CA THR A 63 3.16 -7.13 16.98
C THR A 63 3.33 -6.19 15.79
N ALA A 64 4.48 -6.29 15.12
CA ALA A 64 4.77 -5.44 13.97
C ALA A 64 3.66 -5.53 12.93
N MET A 65 2.96 -6.66 12.92
CA MET A 65 1.86 -6.87 11.97
C MET A 65 0.64 -6.07 12.37
N ASN A 66 0.36 -6.03 13.68
CA ASN A 66 -0.80 -5.29 14.18
C ASN A 66 -0.78 -3.85 13.69
N ARG A 67 0.38 -3.21 13.76
CA ARG A 67 0.53 -1.84 13.33
C ARG A 67 0.61 -1.75 11.80
N PHE A 68 1.21 -2.77 11.18
CA PHE A 68 1.34 -2.81 9.74
C PHE A 68 -0.02 -2.88 9.05
N LYS A 69 -0.89 -3.74 9.58
CA LYS A 69 -2.23 -3.90 9.04
C LYS A 69 -2.92 -2.54 8.87
N ALA A 70 -2.71 -1.66 9.83
CA ALA A 70 -3.31 -0.33 9.79
C ALA A 70 -2.64 0.54 8.72
N ALA A 71 -1.35 0.32 8.51
CA ALA A 71 -0.61 1.08 7.51
C ALA A 71 -1.32 1.08 6.16
N LEU A 72 -1.62 -0.12 5.67
CA LEU A 72 -2.31 -0.25 4.39
C LEU A 72 -3.80 0.06 4.53
N GLU A 73 -4.34 -0.20 5.72
CA GLU A 73 -5.75 0.06 5.99
C GLU A 73 -6.13 1.48 5.57
N GLU A 74 -5.21 2.42 5.77
CA GLU A 74 -5.45 3.80 5.42
C GLU A 74 -5.42 4.00 3.91
N ALA A 75 -4.57 3.24 3.23
CA ALA A 75 -4.45 3.33 1.79
C ALA A 75 -5.79 3.07 1.10
N ASN A 76 -6.38 1.92 1.39
CA ASN A 76 -7.66 1.56 0.81
C ASN A 76 -8.77 2.51 1.26
N GLY A 77 -8.66 2.96 2.50
CA GLY A 77 -9.66 3.88 3.04
C GLY A 77 -9.60 5.25 2.38
N GLU A 78 -8.40 5.68 2.02
CA GLU A 78 -8.21 6.98 1.38
C GLU A 78 -8.65 6.93 -0.08
N ILE A 79 -8.27 5.86 -0.77
CA ILE A 79 -8.63 5.69 -2.17
C ILE A 79 -10.13 5.85 -2.38
N GLU A 80 -10.91 5.43 -1.39
CA GLU A 80 -12.35 5.52 -1.47
C GLU A 80 -12.80 6.97 -1.69
N LYS A 81 -12.45 7.83 -0.74
CA LYS A 81 -12.81 9.24 -0.82
C LYS A 81 -12.22 9.88 -2.07
N PHE A 82 -10.93 9.61 -2.32
CA PHE A 82 -10.25 10.15 -3.48
C PHE A 82 -11.04 9.87 -4.76
N SER A 83 -11.77 8.77 -4.76
CA SER A 83 -12.57 8.39 -5.92
C SER A 83 -13.41 9.56 -6.42
N ASN A 84 -13.87 10.38 -5.49
CA ASN A 84 -14.69 11.54 -5.82
C ASN A 84 -14.02 12.38 -6.90
N ARG A 85 -14.82 12.97 -7.78
CA ARG A 85 -14.30 13.80 -8.85
C ARG A 85 -13.84 15.15 -8.32
N SER A 86 -14.72 15.85 -7.63
CA SER A 86 -14.39 17.16 -7.06
C SER A 86 -13.14 17.08 -6.19
N ASN A 87 -12.98 15.95 -5.51
CA ASN A 87 -11.82 15.75 -4.64
C ASN A 87 -10.53 15.94 -5.41
N ILE A 88 -10.40 15.25 -6.54
CA ILE A 88 -9.21 15.35 -7.37
C ILE A 88 -9.16 16.69 -8.10
N CYS A 89 -10.30 17.13 -8.60
CA CYS A 89 -10.38 18.39 -9.33
C CYS A 89 -9.83 19.54 -8.48
N ARG A 90 -10.24 19.58 -7.22
CA ARG A 90 -9.79 20.62 -6.30
C ARG A 90 -8.38 20.34 -5.81
N PHE A 91 -8.06 19.05 -5.65
CA PHE A 91 -6.74 18.64 -5.17
C PHE A 91 -5.66 19.07 -6.16
N LEU A 92 -5.80 18.64 -7.41
CA LEU A 92 -4.83 18.98 -8.45
C LEU A 92 -4.73 20.48 -8.63
N THR A 93 -5.88 21.13 -8.83
CA THR A 93 -5.92 22.58 -9.02
C THR A 93 -5.22 23.30 -7.87
N ALA A 94 -5.37 22.76 -6.66
CA ALA A 94 -4.76 23.35 -5.48
C ALA A 94 -3.24 23.35 -5.59
N SER A 95 -2.71 22.51 -6.46
CA SER A 95 -1.27 22.41 -6.66
C SER A 95 -0.59 21.84 -5.42
N GLN A 96 -0.87 20.58 -5.13
CA GLN A 96 -0.30 19.90 -3.97
C GLN A 96 0.79 18.94 -4.39
N ASP A 97 1.21 18.08 -3.46
CA ASP A 97 2.26 17.10 -3.74
C ASP A 97 1.96 16.33 -5.02
N LYS A 98 2.98 16.14 -5.84
CA LYS A 98 2.82 15.42 -7.11
C LYS A 98 2.13 14.08 -6.88
N ILE A 99 2.40 13.47 -5.73
CA ILE A 99 1.79 12.18 -5.40
C ILE A 99 0.41 12.36 -4.79
N LEU A 100 -0.37 11.27 -4.77
CA LEU A 100 -1.72 11.31 -4.22
C LEU A 100 -1.81 10.47 -2.96
N PHE A 101 -1.15 9.31 -2.97
CA PHE A 101 -1.16 8.41 -1.82
C PHE A 101 0.25 8.24 -1.26
N LYS A 102 1.03 9.31 -1.29
CA LYS A 102 2.40 9.28 -0.79
C LYS A 102 2.41 9.19 0.75
N ASP A 103 1.46 9.87 1.37
CA ASP A 103 1.36 9.87 2.83
C ASP A 103 1.24 8.44 3.36
N VAL A 104 0.33 7.68 2.77
CA VAL A 104 0.12 6.30 3.19
C VAL A 104 1.28 5.41 2.77
N ASN A 105 1.95 5.78 1.68
CA ASN A 105 3.08 5.02 1.17
C ASN A 105 4.30 5.20 2.07
N ARG A 106 4.49 6.42 2.57
CA ARG A 106 5.62 6.72 3.45
C ARG A 106 5.60 5.83 4.69
N LYS A 107 4.43 5.71 5.31
CA LYS A 107 4.28 4.90 6.50
C LYS A 107 4.30 3.41 6.15
N LEU A 108 3.61 3.05 5.07
CA LEU A 108 3.55 1.66 4.63
C LEU A 108 4.96 1.10 4.44
N SER A 109 5.85 1.90 3.88
CA SER A 109 7.22 1.48 3.63
C SER A 109 8.02 1.48 4.93
N ASP A 110 7.71 2.42 5.81
CA ASP A 110 8.42 2.52 7.09
C ASP A 110 8.07 1.35 7.99
N VAL A 111 6.78 1.17 8.27
CA VAL A 111 6.32 0.08 9.11
C VAL A 111 6.81 -1.27 8.59
N TRP A 112 6.96 -1.38 7.28
CA TRP A 112 7.42 -2.62 6.66
C TRP A 112 8.91 -2.84 6.95
N LYS A 113 9.68 -1.76 6.88
CA LYS A 113 11.12 -1.84 7.15
C LYS A 113 11.40 -2.57 8.44
N GLU A 114 10.75 -2.15 9.52
CA GLU A 114 10.93 -2.78 10.83
C GLU A 114 10.18 -4.11 10.89
N LEU A 115 8.94 -4.12 10.44
CA LEU A 115 8.13 -5.33 10.45
C LEU A 115 8.86 -6.49 9.79
N SER A 116 9.17 -6.33 8.50
CA SER A 116 9.87 -7.37 7.75
C SER A 116 11.12 -7.83 8.51
N LEU A 117 11.89 -6.87 9.01
CA LEU A 117 13.11 -7.17 9.76
C LEU A 117 12.81 -8.11 10.93
N LEU A 118 11.64 -7.94 11.53
CA LEU A 118 11.23 -8.77 12.67
C LEU A 118 10.87 -10.18 12.20
N LEU A 119 10.44 -10.29 10.95
CA LEU A 119 10.07 -11.58 10.39
C LEU A 119 11.30 -12.38 10.00
N GLN A 120 12.19 -11.76 9.23
CA GLN A 120 13.42 -12.42 8.80
C GLN A 120 14.22 -12.94 9.98
N VAL A 121 14.31 -12.13 11.03
CA VAL A 121 15.04 -12.51 12.23
C VAL A 121 14.39 -13.71 12.92
N GLU A 122 13.06 -13.77 12.85
CA GLU A 122 12.31 -14.86 13.47
C GLU A 122 12.31 -16.09 12.57
N GLN A 123 11.52 -16.05 11.51
CA GLN A 123 11.42 -17.15 10.58
C GLN A 123 11.75 -16.71 9.16
N ARG A 124 12.35 -17.60 8.38
CA ARG A 124 12.72 -17.29 7.01
C ARG A 124 11.53 -16.74 6.23
N MET A 125 11.51 -15.43 6.04
CA MET A 125 10.43 -14.77 5.32
C MET A 125 10.97 -13.71 4.37
N PRO A 126 10.68 -13.87 3.07
CA PRO A 126 11.14 -12.93 2.03
C PRO A 126 10.42 -11.59 2.12
N VAL A 127 11.21 -10.51 2.20
CA VAL A 127 10.64 -9.17 2.29
C VAL A 127 10.84 -8.41 0.98
N SER A 128 10.04 -7.36 0.78
CA SER A 128 10.12 -6.55 -0.43
C SER A 128 11.56 -6.13 -0.71
N PRO A 129 12.01 -6.37 -1.95
CA PRO A 129 13.37 -6.03 -2.38
C PRO A 129 13.58 -4.53 -2.50
N ILE A 130 12.60 -3.84 -3.09
CA ILE A 130 12.68 -2.40 -3.26
C ILE A 130 13.06 -1.70 -1.95
N SER A 131 13.81 -0.62 -2.06
CA SER A 131 14.23 0.13 -0.87
C SER A 131 13.08 0.94 -0.30
N GLN A 132 12.37 0.35 0.66
CA GLN A 132 11.24 1.01 1.31
C GLN A 132 11.68 2.29 2.00
N GLY A 133 11.27 3.42 1.44
CA GLY A 133 11.64 4.71 2.02
C GLY A 133 11.81 5.79 0.98
N ALA A 134 12.35 5.41 -0.17
CA ALA A 134 12.57 6.37 -1.26
C ALA A 134 12.18 5.75 -2.60
N SER A 135 12.52 4.48 -2.80
CA SER A 135 12.21 3.79 -4.04
C SER A 135 10.74 3.95 -4.40
N TRP A 136 9.89 3.95 -3.37
CA TRP A 136 8.45 4.08 -3.58
C TRP A 136 8.11 5.43 -4.21
N ALA A 137 8.60 6.51 -3.59
CA ALA A 137 8.34 7.85 -4.10
C ALA A 137 9.08 8.09 -5.40
N GLN A 138 10.19 7.37 -5.60
CA GLN A 138 10.98 7.51 -6.81
C GLN A 138 10.14 7.25 -8.06
N GLU A 139 9.42 6.13 -8.05
CA GLU A 139 8.56 5.77 -9.18
C GLU A 139 7.26 6.57 -9.15
N ASP A 140 6.73 6.78 -7.96
CA ASP A 140 5.50 7.53 -7.79
C ASP A 140 5.64 8.95 -8.32
N GLN A 141 6.81 9.53 -8.13
CA GLN A 141 7.07 10.89 -8.58
C GLN A 141 7.17 10.94 -10.11
N GLN A 142 7.93 10.02 -10.68
CA GLN A 142 8.10 9.95 -12.12
C GLN A 142 6.76 9.76 -12.82
N ASP A 143 5.93 8.87 -12.29
CA ASP A 143 4.62 8.60 -12.85
C ASP A 143 3.64 9.73 -12.53
N ALA A 144 3.80 10.33 -11.36
CA ALA A 144 2.93 11.42 -10.94
C ALA A 144 2.88 12.52 -12.00
N ASP A 145 4.01 12.74 -12.68
CA ASP A 145 4.09 13.76 -13.71
C ASP A 145 3.10 13.47 -14.85
N GLU A 146 3.04 12.19 -15.25
CA GLU A 146 2.14 11.78 -16.32
C GLU A 146 0.71 11.64 -15.81
N ASP A 147 0.58 11.21 -14.57
CA ASP A 147 -0.74 11.03 -13.95
C ASP A 147 -1.56 12.30 -14.05
N ARG A 148 -1.01 13.40 -13.55
CA ARG A 148 -1.69 14.68 -13.57
C ARG A 148 -2.11 15.04 -15.00
N ARG A 149 -1.26 14.73 -15.97
CA ARG A 149 -1.54 15.02 -17.37
C ARG A 149 -2.67 14.13 -17.88
N ALA A 150 -2.62 12.85 -17.53
CA ALA A 150 -3.63 11.90 -17.96
C ALA A 150 -5.02 12.33 -17.51
N PHE A 151 -5.10 12.94 -16.33
CA PHE A 151 -6.36 13.40 -15.78
C PHE A 151 -7.07 14.32 -16.76
N GLN A 152 -6.35 15.32 -17.26
CA GLN A 152 -6.92 16.28 -18.21
C GLN A 152 -7.52 15.55 -19.41
N MET A 153 -6.90 14.45 -19.81
CA MET A 153 -7.38 13.67 -20.94
C MET A 153 -8.86 13.34 -20.79
N LEU A 154 -9.24 12.88 -19.60
CA LEU A 154 -10.63 12.52 -19.33
C LEU A 154 -11.56 13.67 -19.70
N ARG A 155 -11.07 14.90 -19.56
CA ARG A 155 -11.87 16.08 -19.90
C ARG A 155 -11.81 16.37 -21.38
N ARG A 156 -12.95 16.24 -22.05
CA ARG A 156 -13.04 16.49 -23.48
C ARG A 156 -12.45 17.85 -23.84
N ASP A 157 -12.05 18.02 -25.09
CA ASP A 157 -11.46 19.27 -25.56
C ASP A 157 -12.46 20.41 -25.40
C4 UJ2 B . -1.25 -14.97 18.53
C5 UJ2 B . -1.37 -16.20 17.87
C6 UJ2 B . -1.46 -16.25 16.52
C8 UJ2 B . -1.37 -13.54 14.23
C10 UJ2 B . -1.39 -12.87 12.88
C13 UJ2 B . 1.37 -12.72 10.31
C15 UJ2 B . 2.18 -13.92 12.24
C17 UJ2 B . 3.71 -13.59 10.30
C20 UJ2 B . 6.17 -13.94 9.06
C21 UJ2 B . 6.07 -14.03 10.44
C22 UJ2 B . 4.84 -13.85 11.06
C24 UJ2 B . -0.51 -10.71 13.42
C1 UJ2 B . -1.41 -15.08 15.76
N7 UJ2 B . -1.45 -14.81 14.43
N9 UJ2 B . -1.25 -12.89 15.41
C11 UJ2 B . -0.06 -13.06 12.20
C12 UJ2 B . 0.15 -12.55 10.93
C16 UJ2 B . 0.95 -13.74 12.85
C14 UJ2 B . 2.40 -13.40 10.96
C18 UJ2 B . 3.82 -13.50 8.92
C19 UJ2 B . 5.04 -13.67 8.30
O23 UJ2 B . -1.65 -11.48 13.03
C2 UJ2 B . -1.27 -13.84 16.40
C3 UJ2 B . -1.20 -13.79 17.79
C25 UJ2 B . -1.17 -14.92 20.00
O26 UJ2 B . -1.56 -13.94 20.60
O27 UJ2 B . -0.65 -15.96 20.68
H29 UJ2 B . -1.42 -17.11 18.45
H30 UJ2 B . -1.55 -17.21 16.02
H32 UJ2 B . -2.18 -13.32 12.26
H34 UJ2 B . 1.54 -12.32 9.32
H35 UJ2 B . 2.97 -14.45 12.76
H39 UJ2 B . 7.12 -14.07 8.58
H40 UJ2 B . 6.95 -14.23 11.04
H41 UJ2 B . 4.77 -13.92 12.14
H42 UJ2 B . 0.11 -11.30 14.09
H44 UJ2 B . -0.84 -9.81 13.94
H43 UJ2 B . 0.07 -10.44 12.54
H31 UJ2 B . -1.18 -11.92 15.53
H33 UJ2 B . -0.64 -12.02 10.43
H36 UJ2 B . 0.79 -14.13 13.85
H37 UJ2 B . 2.94 -13.29 8.32
H38 UJ2 B . 5.13 -13.60 7.22
H28 UJ2 B . -1.11 -12.84 18.29
H45 UJ2 B . -0.89 -16.85 20.38
N GLY A 1 -8.99 -26.70 11.41
CA GLY A 1 -8.38 -26.77 12.73
C GLY A 1 -7.83 -25.44 13.20
N SER A 2 -8.70 -24.44 13.27
CA SER A 2 -8.28 -23.10 13.70
C SER A 2 -7.27 -22.51 12.73
N PRO A 3 -7.76 -22.08 11.56
CA PRO A 3 -6.93 -21.49 10.51
C PRO A 3 -6.41 -20.11 10.90
N GLY A 4 -5.67 -19.47 10.00
CA GLY A 4 -5.13 -18.16 10.27
C GLY A 4 -6.14 -17.06 10.05
N GLU A 5 -7.00 -16.86 11.05
CA GLU A 5 -8.03 -15.82 10.97
C GLU A 5 -7.42 -14.44 11.06
N ASN A 6 -6.38 -14.31 11.87
CA ASN A 6 -5.70 -13.03 12.04
C ASN A 6 -4.80 -12.73 10.85
N LEU A 7 -3.92 -13.67 10.52
CA LEU A 7 -3.00 -13.51 9.40
C LEU A 7 -3.75 -13.13 8.14
N LYS A 8 -4.95 -13.69 7.97
CA LYS A 8 -5.76 -13.41 6.79
C LYS A 8 -5.99 -11.91 6.64
N HIS A 9 -6.00 -11.20 7.77
CA HIS A 9 -6.20 -9.75 7.75
C HIS A 9 -5.22 -9.07 6.81
N ILE A 10 -3.95 -9.41 6.94
CA ILE A 10 -2.91 -8.81 6.10
C ILE A 10 -3.10 -9.22 4.64
N ILE A 11 -3.62 -10.42 4.43
CA ILE A 11 -3.86 -10.92 3.08
C ILE A 11 -5.00 -10.18 2.41
N THR A 12 -6.15 -10.13 3.08
CA THR A 12 -7.32 -9.44 2.55
C THR A 12 -7.13 -7.94 2.56
N LEU A 13 -6.96 -7.37 3.75
CA LEU A 13 -6.76 -5.93 3.89
C LEU A 13 -5.57 -5.46 3.06
N GLY A 14 -4.64 -6.37 2.80
CA GLY A 14 -3.47 -6.03 2.01
C GLY A 14 -3.78 -5.92 0.53
N GLN A 15 -4.44 -6.94 -0.01
CA GLN A 15 -4.79 -6.96 -1.42
C GLN A 15 -5.96 -6.03 -1.71
N VAL A 16 -6.81 -5.84 -0.70
CA VAL A 16 -7.98 -4.97 -0.84
C VAL A 16 -7.58 -3.60 -1.38
N ILE A 17 -6.37 -3.17 -1.05
CA ILE A 17 -5.87 -1.87 -1.51
C ILE A 17 -5.78 -1.83 -3.03
N HIS A 18 -5.08 -2.79 -3.61
CA HIS A 18 -4.92 -2.86 -5.05
C HIS A 18 -6.27 -2.91 -5.75
N LYS A 19 -7.20 -3.66 -5.16
CA LYS A 19 -8.54 -3.79 -5.72
C LYS A 19 -9.20 -2.43 -5.89
N ARG A 20 -8.89 -1.51 -4.98
CA ARG A 20 -9.46 -0.17 -5.04
C ARG A 20 -9.21 0.48 -6.40
N CYS A 21 -8.03 0.23 -6.95
CA CYS A 21 -7.66 0.79 -8.25
C CYS A 21 -8.71 0.45 -9.30
N GLU A 22 -9.34 -0.70 -9.15
CA GLU A 22 -10.37 -1.14 -10.09
C GLU A 22 -11.62 -0.28 -9.97
N GLU A 23 -11.86 0.24 -8.76
CA GLU A 23 -13.02 1.08 -8.52
C GLU A 23 -12.74 2.54 -8.89
N MET A 24 -11.47 2.93 -8.81
CA MET A 24 -11.07 4.28 -9.13
C MET A 24 -11.11 4.52 -10.65
N LYS A 25 -11.38 5.75 -11.05
CA LYS A 25 -11.45 6.10 -12.46
C LYS A 25 -10.48 7.23 -12.79
N TYR A 26 -10.20 8.07 -11.81
CA TYR A 26 -9.29 9.19 -12.00
C TYR A 26 -7.92 8.89 -11.39
N CYS A 27 -7.92 8.33 -10.19
CA CYS A 27 -6.69 7.98 -9.52
C CYS A 27 -6.20 6.60 -9.92
N LYS A 28 -7.01 5.90 -10.71
CA LYS A 28 -6.67 4.56 -11.17
C LYS A 28 -5.28 4.55 -11.80
N LYS A 29 -4.86 5.70 -12.31
CA LYS A 29 -3.54 5.81 -12.94
C LYS A 29 -2.43 5.75 -11.90
N GLN A 30 -2.53 6.59 -10.88
CA GLN A 30 -1.54 6.63 -9.82
C GLN A 30 -1.69 5.42 -8.88
N CYS A 31 -2.90 5.22 -8.38
CA CYS A 31 -3.18 4.11 -7.48
C CYS A 31 -2.66 2.80 -8.06
N ARG A 32 -2.67 2.69 -9.39
CA ARG A 32 -2.20 1.49 -10.07
C ARG A 32 -0.82 1.08 -9.55
N ARG A 33 0.08 2.05 -9.44
CA ARG A 33 1.43 1.79 -8.96
C ARG A 33 1.43 1.56 -7.45
N LEU A 34 0.57 2.28 -6.75
CA LEU A 34 0.47 2.16 -5.30
C LEU A 34 0.04 0.75 -4.89
N GLY A 35 -1.07 0.30 -5.44
CA GLY A 35 -1.58 -1.03 -5.12
C GLY A 35 -0.59 -2.12 -5.50
N HIS A 36 -0.13 -2.10 -6.74
CA HIS A 36 0.82 -3.09 -7.23
C HIS A 36 2.07 -3.13 -6.34
N ARG A 37 2.50 -1.95 -5.89
CA ARG A 37 3.68 -1.85 -5.04
C ARG A 37 3.36 -2.31 -3.61
N VAL A 38 2.13 -2.04 -3.18
CA VAL A 38 1.70 -2.43 -1.84
C VAL A 38 1.56 -3.94 -1.72
N LEU A 39 1.21 -4.59 -2.83
CA LEU A 39 1.05 -6.04 -2.85
C LEU A 39 2.37 -6.74 -2.61
N GLY A 40 3.47 -6.04 -2.85
CA GLY A 40 4.79 -6.61 -2.66
C GLY A 40 5.04 -6.98 -1.21
N LEU A 41 4.37 -6.30 -0.29
CA LEU A 41 4.53 -6.56 1.13
C LEU A 41 3.68 -7.77 1.56
N ILE A 42 2.44 -7.80 1.09
CA ILE A 42 1.54 -8.90 1.43
C ILE A 42 1.85 -10.14 0.60
N LYS A 43 2.56 -9.95 -0.51
CA LYS A 43 2.93 -11.05 -1.38
C LYS A 43 3.60 -12.18 -0.60
N PRO A 44 4.70 -11.85 0.08
CA PRO A 44 5.46 -12.81 0.89
C PRO A 44 4.70 -13.24 2.15
N LEU A 45 3.57 -12.59 2.39
CA LEU A 45 2.75 -12.90 3.56
C LEU A 45 1.81 -14.07 3.27
N GLU A 46 1.42 -14.20 2.00
CA GLU A 46 0.51 -15.27 1.60
C GLU A 46 1.27 -16.60 1.47
N MET A 47 2.50 -16.52 0.98
CA MET A 47 3.32 -17.72 0.80
C MET A 47 3.36 -18.55 2.08
N LEU A 48 3.32 -17.87 3.22
CA LEU A 48 3.35 -18.54 4.51
C LEU A 48 1.93 -18.78 5.02
N GLN A 49 1.03 -17.86 4.69
CA GLN A 49 -0.37 -17.97 5.13
C GLN A 49 -0.99 -19.28 4.65
N ASP A 50 -0.46 -19.81 3.55
CA ASP A 50 -0.96 -21.05 2.98
C ASP A 50 -0.75 -22.21 3.95
N GLN A 51 0.51 -22.43 4.33
CA GLN A 51 0.84 -23.51 5.26
C GLN A 51 0.36 -23.19 6.67
N GLY A 52 0.40 -21.91 7.04
CA GLY A 52 -0.04 -21.50 8.35
C GLY A 52 1.12 -21.26 9.31
N LYS A 53 1.88 -20.21 9.04
CA LYS A 53 3.03 -19.88 9.88
C LYS A 53 2.65 -18.86 10.95
N ARG A 54 1.44 -19.00 11.49
CA ARG A 54 0.96 -18.10 12.53
C ARG A 54 1.25 -18.65 13.92
N SER A 55 2.40 -19.28 14.07
CA SER A 55 2.79 -19.86 15.34
C SER A 55 3.06 -18.77 16.38
N VAL A 56 3.52 -17.62 15.90
CA VAL A 56 3.81 -16.49 16.79
C VAL A 56 4.88 -16.85 17.80
N PRO A 57 6.16 -16.73 17.40
CA PRO A 57 7.30 -17.04 18.27
C PRO A 57 7.46 -16.03 19.40
N SER A 58 7.43 -14.74 19.04
CA SER A 58 7.57 -13.68 20.03
C SER A 58 6.50 -12.61 19.83
N GLU A 59 6.25 -11.84 20.88
CA GLU A 59 5.24 -10.78 20.83
C GLU A 59 5.82 -9.52 20.19
N LYS A 60 7.14 -9.51 19.99
CA LYS A 60 7.81 -8.37 19.39
C LYS A 60 7.57 -8.34 17.88
N LEU A 61 8.04 -9.37 17.19
CA LEU A 61 7.88 -9.47 15.74
C LEU A 61 6.41 -9.42 15.35
N THR A 62 5.54 -9.82 16.28
CA THR A 62 4.10 -9.83 16.03
C THR A 62 3.53 -8.42 16.15
N THR A 63 3.94 -7.70 17.18
CA THR A 63 3.47 -6.34 17.41
C THR A 63 3.61 -5.49 16.15
N ALA A 64 4.71 -5.69 15.43
CA ALA A 64 4.97 -4.94 14.21
C ALA A 64 3.79 -5.05 13.24
N MET A 65 3.05 -6.14 13.35
CA MET A 65 1.89 -6.37 12.49
C MET A 65 0.70 -5.52 12.93
N ASN A 66 0.53 -5.40 14.24
CA ASN A 66 -0.57 -4.63 14.80
C ASN A 66 -0.59 -3.22 14.21
N ARG A 67 0.58 -2.58 14.18
CA ARG A 67 0.70 -1.22 13.64
C ARG A 67 0.68 -1.24 12.11
N PHE A 68 1.29 -2.28 11.54
CA PHE A 68 1.36 -2.41 10.09
C PHE A 68 -0.04 -2.50 9.49
N LYS A 69 -0.88 -3.34 10.09
CA LYS A 69 -2.25 -3.51 9.61
C LYS A 69 -2.94 -2.17 9.43
N ALA A 70 -2.65 -1.24 10.33
CA ALA A 70 -3.24 0.09 10.28
C ALA A 70 -2.66 0.91 9.12
N ALA A 71 -1.39 0.69 8.84
CA ALA A 71 -0.71 1.41 7.76
C ALA A 71 -1.50 1.30 6.46
N LEU A 72 -1.78 0.06 6.05
CA LEU A 72 -2.54 -0.18 4.82
C LEU A 72 -4.01 0.15 5.01
N GLU A 73 -4.49 0.01 6.23
CA GLU A 73 -5.89 0.30 6.55
C GLU A 73 -6.27 1.70 6.07
N GLU A 74 -5.34 2.64 6.18
CA GLU A 74 -5.58 4.01 5.77
C GLU A 74 -5.59 4.12 4.25
N ALA A 75 -4.73 3.34 3.60
CA ALA A 75 -4.63 3.36 2.14
C ALA A 75 -6.00 3.14 1.50
N ASN A 76 -6.65 2.04 1.86
CA ASN A 76 -7.96 1.71 1.31
C ASN A 76 -9.00 2.74 1.75
N GLY A 77 -8.85 3.23 2.98
CA GLY A 77 -9.78 4.22 3.49
C GLY A 77 -9.70 5.54 2.76
N GLU A 78 -8.50 5.87 2.29
CA GLU A 78 -8.28 7.13 1.56
C GLU A 78 -8.77 7.01 0.12
N ILE A 79 -8.39 5.93 -0.54
CA ILE A 79 -8.79 5.69 -1.92
C ILE A 79 -10.30 5.78 -2.07
N GLU A 80 -11.02 5.37 -1.03
CA GLU A 80 -12.48 5.41 -1.05
C GLU A 80 -12.99 6.83 -1.26
N LYS A 81 -12.66 7.71 -0.32
CA LYS A 81 -13.10 9.10 -0.39
C LYS A 81 -12.51 9.78 -1.62
N PHE A 82 -11.31 9.37 -2.01
CA PHE A 82 -10.64 9.94 -3.18
C PHE A 82 -11.48 9.72 -4.44
N SER A 83 -12.32 8.70 -4.42
CA SER A 83 -13.15 8.37 -5.56
C SER A 83 -13.89 9.61 -6.06
N ASN A 84 -14.27 10.48 -5.13
CA ASN A 84 -14.97 11.71 -5.47
C ASN A 84 -14.16 12.56 -6.46
N ARG A 85 -14.61 12.59 -7.71
CA ARG A 85 -13.92 13.36 -8.73
C ARG A 85 -13.68 14.80 -8.28
N SER A 86 -14.73 15.41 -7.75
CA SER A 86 -14.64 16.80 -7.27
C SER A 86 -13.53 16.94 -6.24
N ASN A 87 -13.35 15.91 -5.41
CA ASN A 87 -12.31 15.93 -4.39
C ASN A 87 -10.94 16.11 -5.01
N ILE A 88 -10.73 15.49 -6.17
CA ILE A 88 -9.45 15.59 -6.86
C ILE A 88 -9.28 16.95 -7.53
N CYS A 89 -10.33 17.40 -8.22
CA CYS A 89 -10.30 18.69 -8.90
C CYS A 89 -9.87 19.80 -7.96
N ARG A 90 -10.37 19.75 -6.73
CA ARG A 90 -10.04 20.76 -5.72
C ARG A 90 -8.66 20.50 -5.13
N PHE A 91 -8.32 19.23 -4.98
CA PHE A 91 -7.03 18.83 -4.41
C PHE A 91 -5.89 19.26 -5.33
N LEU A 92 -6.08 19.09 -6.64
CA LEU A 92 -5.07 19.45 -7.62
C LEU A 92 -5.00 20.97 -7.79
N THR A 93 -6.15 21.59 -8.04
CA THR A 93 -6.21 23.04 -8.22
C THR A 93 -5.61 23.77 -7.01
N ALA A 94 -5.80 23.20 -5.82
CA ALA A 94 -5.27 23.80 -4.61
C ALA A 94 -3.77 24.01 -4.71
N SER A 95 -3.10 23.12 -5.42
CA SER A 95 -1.65 23.21 -5.59
C SER A 95 -0.93 23.06 -4.26
N GLN A 96 -1.05 21.87 -3.66
CA GLN A 96 -0.41 21.59 -2.37
C GLN A 96 0.62 20.48 -2.52
N ASP A 97 0.33 19.50 -3.37
CA ASP A 97 1.23 18.39 -3.60
C ASP A 97 1.02 17.78 -4.99
N LYS A 98 1.90 16.85 -5.36
CA LYS A 98 1.81 16.19 -6.65
C LYS A 98 1.26 14.78 -6.51
N ILE A 99 1.62 14.11 -5.42
CA ILE A 99 1.17 12.75 -5.16
C ILE A 99 -0.22 12.74 -4.53
N LEU A 100 -0.87 11.59 -4.57
CA LEU A 100 -2.20 11.43 -4.01
C LEU A 100 -2.17 10.57 -2.75
N PHE A 101 -1.44 9.47 -2.83
CA PHE A 101 -1.32 8.55 -1.70
C PHE A 101 0.12 8.46 -1.21
N LYS A 102 0.81 9.59 -1.21
CA LYS A 102 2.20 9.65 -0.78
C LYS A 102 2.30 9.45 0.73
N ASP A 103 1.34 10.01 1.46
CA ASP A 103 1.32 9.89 2.92
C ASP A 103 1.22 8.43 3.34
N VAL A 104 0.19 7.74 2.83
CA VAL A 104 -0.02 6.33 3.16
C VAL A 104 1.12 5.47 2.65
N ASN A 105 1.76 5.91 1.56
CA ASN A 105 2.87 5.18 0.98
C ASN A 105 4.14 5.34 1.82
N ARG A 106 4.32 6.54 2.37
CA ARG A 106 5.49 6.82 3.20
C ARG A 106 5.42 6.05 4.51
N LYS A 107 4.23 5.98 5.09
CA LYS A 107 4.04 5.27 6.35
C LYS A 107 4.08 3.76 6.14
N LEU A 108 3.49 3.30 5.05
CA LEU A 108 3.47 1.87 4.73
C LEU A 108 4.88 1.34 4.54
N SER A 109 5.76 2.18 4.01
CA SER A 109 7.14 1.79 3.77
C SER A 109 7.97 1.91 5.05
N ASP A 110 7.61 2.88 5.88
CA ASP A 110 8.31 3.09 7.14
C ASP A 110 7.97 2.00 8.16
N VAL A 111 6.69 1.66 8.21
CA VAL A 111 6.22 0.63 9.14
C VAL A 111 6.70 -0.75 8.72
N TRP A 112 6.83 -0.96 7.41
CA TRP A 112 7.28 -2.24 6.88
C TRP A 112 8.78 -2.43 7.12
N LYS A 113 9.52 -1.32 7.12
CA LYS A 113 10.96 -1.36 7.34
C LYS A 113 11.29 -2.18 8.59
N GLU A 114 10.67 -1.83 9.71
CA GLU A 114 10.91 -2.53 10.97
C GLU A 114 10.19 -3.87 10.98
N LEU A 115 8.93 -3.86 10.56
CA LEU A 115 8.11 -5.07 10.52
C LEU A 115 8.84 -6.19 9.76
N SER A 116 9.07 -5.95 8.47
CA SER A 116 9.74 -6.93 7.63
C SER A 116 11.05 -7.40 8.28
N LEU A 117 11.72 -6.48 8.96
CA LEU A 117 12.99 -6.79 9.62
C LEU A 117 12.75 -7.68 10.84
N LEU A 118 11.60 -7.51 11.48
CA LEU A 118 11.26 -8.29 12.66
C LEU A 118 10.82 -9.70 12.26
N LEU A 119 10.19 -9.81 11.10
CA LEU A 119 9.72 -11.10 10.60
C LEU A 119 10.88 -11.93 10.05
N GLN A 120 11.80 -11.26 9.37
CA GLN A 120 12.96 -11.93 8.80
C GLN A 120 13.97 -12.31 9.88
N VAL A 121 14.18 -11.41 10.83
CA VAL A 121 15.11 -11.64 11.93
C VAL A 121 14.64 -12.79 12.81
N GLU A 122 13.33 -12.92 12.96
CA GLU A 122 12.75 -13.97 13.78
C GLU A 122 12.59 -15.25 12.98
N GLN A 123 11.89 -15.15 11.85
CA GLN A 123 11.66 -16.31 11.00
C GLN A 123 12.22 -16.07 9.59
N ARG A 124 12.38 -17.15 8.83
CA ARG A 124 12.91 -17.06 7.48
C ARG A 124 11.83 -16.58 6.51
N MET A 125 11.47 -15.30 6.62
CA MET A 125 10.46 -14.72 5.75
C MET A 125 11.06 -13.63 4.87
N PRO A 126 11.10 -13.89 3.56
CA PRO A 126 11.65 -12.93 2.58
C PRO A 126 10.76 -11.71 2.41
N VAL A 127 11.34 -10.53 2.60
CA VAL A 127 10.60 -9.28 2.46
C VAL A 127 10.71 -8.73 1.04
N SER A 128 9.96 -7.66 0.77
CA SER A 128 9.98 -7.05 -0.56
C SER A 128 11.40 -6.64 -0.95
N PRO A 129 11.71 -6.80 -2.25
CA PRO A 129 13.03 -6.46 -2.79
C PRO A 129 13.28 -4.96 -2.80
N ILE A 130 12.25 -4.19 -3.12
CA ILE A 130 12.36 -2.74 -3.18
C ILE A 130 12.95 -2.19 -1.88
N SER A 131 13.68 -1.08 -2.00
CA SER A 131 14.30 -0.46 -0.83
C SER A 131 13.34 0.50 -0.14
N GLN A 132 12.54 -0.03 0.78
CA GLN A 132 11.56 0.79 1.50
C GLN A 132 12.24 1.95 2.20
N GLY A 133 12.13 3.14 1.60
CA GLY A 133 12.75 4.32 2.18
C GLY A 133 12.69 5.51 1.24
N ALA A 134 13.19 5.33 0.02
CA ALA A 134 13.19 6.40 -0.97
C ALA A 134 12.64 5.91 -2.31
N SER A 135 13.01 4.69 -2.68
CA SER A 135 12.57 4.10 -3.95
C SER A 135 11.05 4.19 -4.07
N TRP A 136 10.36 4.06 -2.95
CA TRP A 136 8.90 4.13 -2.93
C TRP A 136 8.41 5.41 -3.59
N ALA A 137 9.01 6.54 -3.19
CA ALA A 137 8.63 7.83 -3.75
C ALA A 137 9.08 7.97 -5.20
N GLN A 138 10.22 7.37 -5.52
CA GLN A 138 10.76 7.42 -6.87
C GLN A 138 9.74 6.91 -7.88
N GLU A 139 8.95 5.92 -7.47
CA GLU A 139 7.93 5.33 -8.33
C GLU A 139 6.70 6.24 -8.43
N ASP A 140 6.25 6.73 -7.27
CA ASP A 140 5.08 7.61 -7.23
C ASP A 140 5.38 8.93 -7.90
N GLN A 141 6.37 9.66 -7.39
CA GLN A 141 6.75 10.95 -7.94
C GLN A 141 6.94 10.86 -9.46
N GLN A 142 7.45 9.71 -9.91
CA GLN A 142 7.68 9.49 -11.33
C GLN A 142 6.38 9.61 -12.12
N ASP A 143 5.36 8.90 -11.67
CA ASP A 143 4.06 8.91 -12.33
C ASP A 143 3.31 10.22 -12.04
N ALA A 144 3.57 10.78 -10.86
CA ALA A 144 2.92 12.03 -10.46
C ALA A 144 3.10 13.10 -11.53
N ASP A 145 4.25 13.08 -12.20
CA ASP A 145 4.54 14.05 -13.24
C ASP A 145 3.51 13.97 -14.36
N GLU A 146 3.24 12.75 -14.82
CA GLU A 146 2.27 12.55 -15.89
C GLU A 146 0.84 12.61 -15.36
N ASP A 147 0.68 12.31 -14.08
CA ASP A 147 -0.64 12.35 -13.44
C ASP A 147 -1.34 13.68 -13.69
N ARG A 148 -0.54 14.75 -13.70
CA ARG A 148 -1.08 16.09 -13.92
C ARG A 148 -1.35 16.33 -15.41
N ARG A 149 -0.51 15.76 -16.26
CA ARG A 149 -0.66 15.91 -17.70
C ARG A 149 -1.85 15.12 -18.21
N ALA A 150 -2.16 14.01 -17.54
CA ALA A 150 -3.28 13.17 -17.93
C ALA A 150 -4.60 13.72 -17.38
N PHE A 151 -4.55 14.20 -16.14
CA PHE A 151 -5.73 14.76 -15.49
C PHE A 151 -6.36 15.84 -16.36
N GLN A 152 -5.53 16.62 -17.05
CA GLN A 152 -6.01 17.69 -17.91
C GLN A 152 -7.07 17.17 -18.87
N MET A 153 -6.89 15.96 -19.37
CA MET A 153 -7.84 15.34 -20.29
C MET A 153 -9.20 15.18 -19.63
N LEU A 154 -9.20 14.87 -18.34
CA LEU A 154 -10.44 14.68 -17.60
C LEU A 154 -10.98 16.01 -17.07
N ARG A 155 -11.14 16.96 -17.98
CA ARG A 155 -11.65 18.29 -17.60
C ARG A 155 -13.04 18.18 -16.98
N ARG A 156 -13.61 19.32 -16.61
CA ARG A 156 -14.93 19.35 -16.00
C ARG A 156 -14.96 18.52 -14.73
N ASP A 157 -16.10 18.54 -14.04
CA ASP A 157 -16.27 17.78 -12.82
C ASP A 157 -16.38 16.28 -13.11
C4 UJ2 B . -1.14 -13.04 19.74
C5 UJ2 B . -1.09 -14.39 19.38
C6 UJ2 B . -1.15 -14.77 18.08
C8 UJ2 B . -1.41 -12.66 15.23
C10 UJ2 B . -1.50 -12.33 13.76
C13 UJ2 B . 1.06 -13.20 11.14
C15 UJ2 B . 2.19 -12.83 13.23
C17 UJ2 B . 3.54 -13.44 11.22
C20 UJ2 B . 5.97 -13.98 9.99
C21 UJ2 B . 5.85 -14.09 11.36
C22 UJ2 B . 4.64 -13.81 11.98
C24 UJ2 B . -0.71 -10.06 13.82
C1 UJ2 B . -1.25 -13.80 17.07
N7 UJ2 B . -1.32 -13.86 15.72
N9 UJ2 B . -1.40 -11.73 16.24
C11 UJ2 B . -0.18 -12.62 13.10
C12 UJ2 B . -0.14 -12.93 11.75
C16 UJ2 B . 0.98 -12.57 13.83
C14 UJ2 B . 2.24 -13.15 11.87
C18 UJ2 B . 3.66 -13.34 9.83
C19 UJ2 B . 4.87 -13.60 9.23
O23 UJ2 B . -1.83 -10.94 13.60
C2 UJ2 B . -1.30 -12.43 17.42
C3 UJ2 B . -1.25 -12.06 18.75
C25 UJ2 B . -1.08 -12.65 21.16
O26 UJ2 B . -2.00 -12.93 21.91
O27 UJ2 B . -0.01 -11.98 21.63
H29 UJ2 B . -1.01 -15.14 20.16
H30 UJ2 B . -1.11 -15.81 17.82
H32 UJ2 B . -2.28 -12.93 13.31
H34 UJ2 B . 1.09 -13.45 10.08
H35 UJ2 B . 3.11 -12.80 13.80
H39 UJ2 B . 6.91 -14.19 9.51
H40 UJ2 B . 6.71 -14.38 11.95
H41 UJ2 B . 4.56 -13.89 13.06
H42 UJ2 B . -0.11 -10.02 12.92
H44 UJ2 B . -0.11 -10.43 14.64
H43 UJ2 B . -1.08 -9.07 14.06
H31 UJ2 B . -1.45 -10.78 16.13
H33 UJ2 B . -1.06 -12.98 11.18
H36 UJ2 B . 0.95 -12.33 14.88
H37 UJ2 B . 2.81 -13.05 9.23
H38 UJ2 B . 4.96 -13.52 8.15
H28 UJ2 B . -1.29 -11.01 19.03
H45 UJ2 B . 0.03 -11.84 22.59
N GLY A 1 -7.14 -26.57 11.89
CA GLY A 1 -6.32 -26.62 10.70
C GLY A 1 -5.46 -25.39 10.54
N SER A 2 -5.01 -24.83 11.65
CA SER A 2 -4.17 -23.64 11.63
C SER A 2 -4.92 -22.46 11.03
N PRO A 3 -5.89 -21.92 11.78
CA PRO A 3 -6.71 -20.79 11.34
C PRO A 3 -5.90 -19.49 11.29
N GLY A 4 -6.23 -18.64 10.32
CA GLY A 4 -5.54 -17.38 10.17
C GLY A 4 -6.47 -16.23 9.84
N GLU A 5 -7.40 -15.94 10.73
CA GLU A 5 -8.36 -14.86 10.51
C GLU A 5 -7.67 -13.50 10.52
N ASN A 6 -6.66 -13.36 11.39
CA ASN A 6 -5.93 -12.10 11.49
C ASN A 6 -4.96 -11.95 10.32
N LEU A 7 -4.36 -13.06 9.90
CA LEU A 7 -3.41 -13.05 8.79
C LEU A 7 -4.09 -12.57 7.50
N LYS A 8 -5.30 -13.07 7.25
CA LYS A 8 -6.05 -12.70 6.07
C LYS A 8 -6.23 -11.18 5.99
N HIS A 9 -6.19 -10.53 7.15
CA HIS A 9 -6.35 -9.08 7.22
C HIS A 9 -5.36 -8.38 6.30
N ILE A 10 -4.08 -8.72 6.45
CA ILE A 10 -3.03 -8.12 5.64
C ILE A 10 -3.16 -8.55 4.19
N ILE A 11 -3.67 -9.76 3.97
CA ILE A 11 -3.84 -10.29 2.62
C ILE A 11 -4.91 -9.51 1.86
N THR A 12 -6.08 -9.38 2.48
CA THR A 12 -7.19 -8.66 1.86
C THR A 12 -6.92 -7.16 1.83
N LEU A 13 -6.80 -6.56 3.01
CA LEU A 13 -6.54 -5.13 3.12
C LEU A 13 -5.34 -4.73 2.26
N GLY A 14 -4.42 -5.66 2.07
CA GLY A 14 -3.24 -5.38 1.26
C GLY A 14 -3.57 -5.19 -0.20
N GLN A 15 -4.26 -6.16 -0.78
CA GLN A 15 -4.65 -6.09 -2.19
C GLN A 15 -5.81 -5.11 -2.40
N VAL A 16 -6.63 -4.96 -1.36
CA VAL A 16 -7.78 -4.05 -1.43
C VAL A 16 -7.35 -2.66 -1.88
N ILE A 17 -6.13 -2.29 -1.53
CA ILE A 17 -5.59 -0.98 -1.90
C ILE A 17 -5.48 -0.83 -3.42
N HIS A 18 -4.98 -1.87 -4.06
CA HIS A 18 -4.81 -1.87 -5.51
C HIS A 18 -6.17 -1.94 -6.21
N LYS A 19 -7.10 -2.67 -5.61
CA LYS A 19 -8.44 -2.82 -6.18
C LYS A 19 -9.15 -1.47 -6.24
N ARG A 20 -8.78 -0.56 -5.34
CA ARG A 20 -9.38 0.76 -5.29
C ARG A 20 -9.31 1.45 -6.65
N CYS A 21 -8.11 1.45 -7.24
CA CYS A 21 -7.90 2.07 -8.54
C CYS A 21 -8.92 1.57 -9.54
N GLU A 22 -9.37 0.33 -9.36
CA GLU A 22 -10.35 -0.26 -10.27
C GLU A 22 -11.66 0.52 -10.24
N GLU A 23 -12.00 1.07 -9.09
CA GLU A 23 -13.22 1.85 -8.93
C GLU A 23 -12.98 3.31 -9.26
N MET A 24 -11.75 3.77 -9.05
CA MET A 24 -11.38 5.15 -9.32
C MET A 24 -11.42 5.44 -10.81
N LYS A 25 -11.43 6.72 -11.17
CA LYS A 25 -11.46 7.13 -12.57
C LYS A 25 -10.26 8.02 -12.90
N TYR A 26 -10.13 9.13 -12.18
CA TYR A 26 -9.03 10.05 -12.40
C TYR A 26 -7.84 9.71 -11.52
N CYS A 27 -8.13 9.17 -10.33
CA CYS A 27 -7.09 8.79 -9.40
C CYS A 27 -6.49 7.43 -9.75
N LYS A 28 -7.29 6.61 -10.44
CA LYS A 28 -6.83 5.28 -10.84
C LYS A 28 -5.47 5.34 -11.51
N LYS A 29 -5.22 6.44 -12.21
CA LYS A 29 -3.95 6.62 -12.90
C LYS A 29 -2.78 6.57 -11.93
N GLN A 30 -2.85 7.37 -10.87
CA GLN A 30 -1.79 7.41 -9.87
C GLN A 30 -1.88 6.19 -8.96
N CYS A 31 -3.08 5.89 -8.47
CA CYS A 31 -3.29 4.76 -7.59
C CYS A 31 -2.71 3.48 -8.20
N ARG A 32 -2.75 3.40 -9.53
CA ARG A 32 -2.23 2.24 -10.23
C ARG A 32 -0.82 1.89 -9.76
N ARG A 33 0.01 2.92 -9.62
CA ARG A 33 1.39 2.72 -9.17
C ARG A 33 1.44 2.42 -7.68
N LEU A 34 0.57 3.07 -6.92
CA LEU A 34 0.51 2.87 -5.48
C LEU A 34 0.15 1.43 -5.13
N GLY A 35 -0.95 0.95 -5.70
CA GLY A 35 -1.38 -0.41 -5.45
C GLY A 35 -0.36 -1.44 -5.89
N HIS A 36 0.10 -1.30 -7.13
CA HIS A 36 1.08 -2.23 -7.69
C HIS A 36 2.31 -2.33 -6.78
N ARG A 37 2.70 -1.20 -6.21
CA ARG A 37 3.86 -1.15 -5.33
C ARG A 37 3.50 -1.67 -3.94
N VAL A 38 2.28 -1.40 -3.50
CA VAL A 38 1.81 -1.85 -2.20
C VAL A 38 1.64 -3.37 -2.17
N LEU A 39 1.29 -3.94 -3.31
CA LEU A 39 1.09 -5.38 -3.41
C LEU A 39 2.39 -6.13 -3.12
N GLY A 40 3.52 -5.43 -3.27
CA GLY A 40 4.81 -6.05 -3.04
C GLY A 40 4.99 -6.43 -1.58
N LEU A 41 4.26 -5.77 -0.70
CA LEU A 41 4.36 -6.06 0.74
C LEU A 41 3.47 -7.24 1.12
N ILE A 42 2.27 -7.26 0.55
CA ILE A 42 1.32 -8.34 0.84
C ILE A 42 1.67 -9.60 0.05
N LYS A 43 2.38 -9.41 -1.06
CA LYS A 43 2.78 -10.53 -1.91
C LYS A 43 3.42 -11.64 -1.08
N PRO A 44 4.50 -11.30 -0.37
CA PRO A 44 5.22 -12.25 0.48
C PRO A 44 4.41 -12.66 1.71
N LEU A 45 3.28 -12.01 1.90
CA LEU A 45 2.41 -12.31 3.04
C LEU A 45 1.41 -13.41 2.70
N GLU A 46 1.16 -13.58 1.41
CA GLU A 46 0.22 -14.60 0.94
C GLU A 46 0.86 -15.99 0.98
N MET A 47 2.10 -16.07 0.50
CA MET A 47 2.83 -17.33 0.47
C MET A 47 2.82 -17.99 1.85
N LEU A 48 2.97 -17.18 2.90
CA LEU A 48 2.97 -17.69 4.26
C LEU A 48 1.55 -17.87 4.78
N GLN A 49 0.65 -17.02 4.32
CA GLN A 49 -0.75 -17.09 4.74
C GLN A 49 -1.31 -18.49 4.53
N ASP A 50 -1.18 -19.01 3.31
CA ASP A 50 -1.66 -20.34 2.99
C ASP A 50 -0.82 -21.41 3.66
N GLN A 51 0.50 -21.22 3.65
CA GLN A 51 1.41 -22.17 4.27
C GLN A 51 1.00 -22.47 5.71
N GLY A 52 0.50 -21.45 6.39
CA GLY A 52 0.07 -21.63 7.77
C GLY A 52 1.24 -21.59 8.74
N LYS A 53 0.92 -21.47 10.03
CA LYS A 53 1.96 -21.42 11.06
C LYS A 53 1.81 -22.59 12.04
N ARG A 54 2.69 -22.64 13.03
CA ARG A 54 2.66 -23.70 14.03
C ARG A 54 2.25 -23.15 15.39
N SER A 55 2.77 -21.98 15.73
CA SER A 55 2.47 -21.36 17.01
C SER A 55 3.19 -20.02 17.15
N VAL A 56 2.49 -19.03 17.69
CA VAL A 56 3.07 -17.70 17.88
C VAL A 56 4.40 -17.77 18.61
N PRO A 57 5.49 -17.49 17.88
CA PRO A 57 6.85 -17.52 18.43
C PRO A 57 7.10 -16.38 19.42
N SER A 58 6.76 -15.16 19.00
CA SER A 58 6.95 -13.99 19.84
C SER A 58 5.85 -12.96 19.60
N GLU A 59 5.48 -12.23 20.64
CA GLU A 59 4.44 -11.22 20.54
C GLU A 59 5.00 -9.92 19.96
N LYS A 60 6.33 -9.84 19.87
CA LYS A 60 7.00 -8.67 19.33
C LYS A 60 6.86 -8.60 17.81
N LEU A 61 7.41 -9.61 17.14
CA LEU A 61 7.36 -9.67 15.68
C LEU A 61 5.91 -9.63 15.20
N THR A 62 4.99 -10.05 16.04
CA THR A 62 3.57 -10.06 15.71
C THR A 62 2.97 -8.66 15.81
N THR A 63 3.28 -7.98 16.91
CA THR A 63 2.77 -6.63 17.14
C THR A 63 3.06 -5.72 15.95
N ALA A 64 4.21 -5.95 15.31
CA ALA A 64 4.60 -5.15 14.16
C ALA A 64 3.51 -5.13 13.09
N MET A 65 2.69 -6.19 13.07
CA MET A 65 1.61 -6.29 12.11
C MET A 65 0.43 -5.41 12.52
N ASN A 66 0.18 -5.32 13.82
CA ASN A 66 -0.91 -4.51 14.33
C ASN A 66 -0.79 -3.07 13.84
N ARG A 67 0.42 -2.52 13.92
CA ARG A 67 0.67 -1.16 13.49
C ARG A 67 0.72 -1.06 11.97
N PHE A 68 1.25 -2.11 11.34
CA PHE A 68 1.36 -2.14 9.88
C PHE A 68 -0.02 -2.21 9.24
N LYS A 69 -0.93 -2.93 9.87
CA LYS A 69 -2.29 -3.08 9.36
C LYS A 69 -2.96 -1.72 9.22
N ALA A 70 -2.77 -0.86 10.21
CA ALA A 70 -3.36 0.48 10.19
C ALA A 70 -2.64 1.38 9.19
N ALA A 71 -1.35 1.13 8.99
CA ALA A 71 -0.56 1.91 8.05
C ALA A 71 -1.20 1.92 6.66
N LEU A 72 -1.43 0.73 6.12
CA LEU A 72 -2.03 0.60 4.80
C LEU A 72 -3.52 0.90 4.84
N GLU A 73 -4.12 0.73 6.02
CA GLU A 73 -5.54 0.98 6.20
C GLU A 73 -5.91 2.39 5.72
N GLU A 74 -5.00 3.33 5.94
CA GLU A 74 -5.23 4.72 5.53
C GLU A 74 -5.08 4.87 4.02
N ALA A 75 -4.24 4.04 3.43
CA ALA A 75 -4.01 4.08 1.98
C ALA A 75 -5.32 4.09 1.22
N ASN A 76 -6.15 3.08 1.47
CA ASN A 76 -7.44 2.97 0.81
C ASN A 76 -8.40 4.07 1.27
N GLY A 77 -8.29 4.43 2.55
CA GLY A 77 -9.15 5.47 3.09
C GLY A 77 -9.04 6.77 2.33
N GLU A 78 -7.81 7.21 2.08
CA GLU A 78 -7.57 8.45 1.35
C GLU A 78 -8.15 8.38 -0.06
N ILE A 79 -7.97 7.23 -0.70
CA ILE A 79 -8.47 7.03 -2.05
C ILE A 79 -9.98 7.26 -2.12
N GLU A 80 -10.68 6.89 -1.05
CA GLU A 80 -12.11 7.06 -0.99
C GLU A 80 -12.51 8.52 -1.18
N LYS A 81 -12.03 9.38 -0.28
CA LYS A 81 -12.32 10.81 -0.35
C LYS A 81 -11.73 11.42 -1.61
N PHE A 82 -10.49 11.06 -1.91
CA PHE A 82 -9.80 11.57 -3.08
C PHE A 82 -10.66 11.42 -4.34
N SER A 83 -11.48 10.37 -4.35
CA SER A 83 -12.35 10.10 -5.48
C SER A 83 -13.15 11.35 -5.87
N ASN A 84 -13.51 12.14 -4.87
CA ASN A 84 -14.27 13.36 -5.10
C ASN A 84 -13.60 14.22 -6.18
N ARG A 85 -14.31 14.42 -7.28
CA ARG A 85 -13.78 15.23 -8.38
C ARG A 85 -13.30 16.59 -7.87
N SER A 86 -14.02 17.13 -6.90
CA SER A 86 -13.68 18.44 -6.34
C SER A 86 -12.41 18.35 -5.50
N ASN A 87 -12.26 17.24 -4.78
CA ASN A 87 -11.09 17.03 -3.93
C ASN A 87 -9.81 17.13 -4.74
N ILE A 88 -9.75 16.39 -5.85
CA ILE A 88 -8.57 16.41 -6.72
C ILE A 88 -8.46 17.72 -7.47
N CYS A 89 -9.59 18.23 -7.95
CA CYS A 89 -9.62 19.48 -8.70
C CYS A 89 -8.95 20.59 -7.90
N ARG A 90 -9.36 20.75 -6.64
CA ARG A 90 -8.80 21.77 -5.78
C ARG A 90 -7.36 21.44 -5.39
N PHE A 91 -7.08 20.15 -5.23
CA PHE A 91 -5.75 19.70 -4.86
C PHE A 91 -4.73 20.07 -5.93
N LEU A 92 -4.98 19.62 -7.16
CA LEU A 92 -4.09 19.91 -8.27
C LEU A 92 -3.98 21.41 -8.51
N THR A 93 -5.12 22.07 -8.67
CA THR A 93 -5.15 23.51 -8.91
C THR A 93 -4.39 24.25 -7.81
N ALA A 94 -4.46 23.75 -6.59
CA ALA A 94 -3.77 24.37 -5.47
C ALA A 94 -2.25 24.34 -5.66
N SER A 95 -1.76 23.28 -6.29
CA SER A 95 -0.34 23.14 -6.54
C SER A 95 0.43 23.04 -5.23
N GLN A 96 0.31 21.90 -4.56
CA GLN A 96 1.00 21.68 -3.29
C GLN A 96 2.12 20.67 -3.45
N ASP A 97 1.87 19.62 -4.24
CA ASP A 97 2.87 18.58 -4.47
C ASP A 97 2.59 17.85 -5.79
N LYS A 98 3.39 16.83 -6.07
CA LYS A 98 3.24 16.05 -7.29
C LYS A 98 2.55 14.73 -7.00
N ILE A 99 2.80 14.18 -5.82
CA ILE A 99 2.21 12.91 -5.41
C ILE A 99 0.86 13.12 -4.73
N LEU A 100 0.13 12.04 -4.51
CA LEU A 100 -1.18 12.11 -3.86
C LEU A 100 -1.22 11.21 -2.63
N PHE A 101 -0.55 10.06 -2.73
CA PHE A 101 -0.51 9.11 -1.62
C PHE A 101 0.91 8.91 -1.13
N LYS A 102 1.71 9.97 -1.18
CA LYS A 102 3.09 9.92 -0.74
C LYS A 102 3.17 9.80 0.79
N ASP A 103 2.35 10.58 1.48
CA ASP A 103 2.32 10.55 2.94
C ASP A 103 2.09 9.14 3.46
N VAL A 104 1.06 8.48 2.92
CA VAL A 104 0.74 7.12 3.34
C VAL A 104 1.75 6.12 2.80
N ASN A 105 2.36 6.45 1.66
CA ASN A 105 3.35 5.58 1.04
C ASN A 105 4.65 5.58 1.85
N ARG A 106 4.96 6.72 2.46
CA ARG A 106 6.17 6.85 3.26
C ARG A 106 6.04 6.07 4.57
N LYS A 107 4.92 6.26 5.26
CA LYS A 107 4.68 5.58 6.52
C LYS A 107 4.55 4.07 6.32
N LEU A 108 3.96 3.68 5.19
CA LEU A 108 3.78 2.28 4.87
C LEU A 108 5.13 1.60 4.63
N SER A 109 6.07 2.34 4.04
CA SER A 109 7.39 1.80 3.76
C SER A 109 8.23 1.73 5.03
N ASP A 110 8.05 2.70 5.91
CA ASP A 110 8.78 2.75 7.17
C ASP A 110 8.35 1.62 8.09
N VAL A 111 7.05 1.54 8.36
CA VAL A 111 6.51 0.50 9.24
C VAL A 111 6.86 -0.89 8.72
N TRP A 112 6.90 -1.03 7.40
CA TRP A 112 7.23 -2.31 6.78
C TRP A 112 8.70 -2.63 6.95
N LYS A 113 9.54 -1.60 6.92
CA LYS A 113 10.98 -1.79 7.08
C LYS A 113 11.30 -2.52 8.37
N GLU A 114 10.80 -2.00 9.49
CA GLU A 114 11.03 -2.61 10.79
C GLU A 114 10.26 -3.92 10.92
N LEU A 115 9.07 -3.97 10.33
CA LEU A 115 8.25 -5.16 10.38
C LEU A 115 8.94 -6.35 9.73
N SER A 116 9.37 -6.16 8.49
CA SER A 116 10.06 -7.22 7.75
C SER A 116 11.23 -7.77 8.56
N LEU A 117 11.99 -6.88 9.19
CA LEU A 117 13.14 -7.27 10.00
C LEU A 117 12.71 -8.18 11.14
N LEU A 118 11.49 -7.96 11.64
CA LEU A 118 10.96 -8.77 12.74
C LEU A 118 10.49 -10.13 12.23
N LEU A 119 10.03 -10.16 10.98
CA LEU A 119 9.54 -11.40 10.39
C LEU A 119 10.71 -12.27 9.93
N GLN A 120 11.59 -11.69 9.11
CA GLN A 120 12.75 -12.42 8.60
C GLN A 120 13.57 -13.00 9.74
N VAL A 121 13.80 -12.20 10.77
CA VAL A 121 14.57 -12.64 11.93
C VAL A 121 13.89 -13.80 12.63
N GLU A 122 12.56 -13.80 12.62
CA GLU A 122 11.79 -14.86 13.27
C GLU A 122 11.66 -16.07 12.34
N GLN A 123 10.79 -15.97 11.35
CA GLN A 123 10.57 -17.05 10.40
C GLN A 123 10.94 -16.63 8.99
N ARG A 124 11.20 -17.61 8.12
CA ARG A 124 11.58 -17.33 6.75
C ARG A 124 10.54 -16.43 6.08
N MET A 125 10.86 -15.14 5.97
CA MET A 125 9.96 -14.18 5.34
C MET A 125 10.74 -13.17 4.51
N PRO A 126 10.77 -13.39 3.19
CA PRO A 126 11.49 -12.51 2.25
C PRO A 126 10.81 -11.15 2.10
N VAL A 127 11.60 -10.09 2.14
CA VAL A 127 11.07 -8.73 2.00
C VAL A 127 11.36 -8.16 0.62
N SER A 128 10.40 -7.44 0.08
CA SER A 128 10.55 -6.83 -1.24
C SER A 128 11.93 -6.20 -1.39
N PRO A 129 12.42 -6.13 -2.64
CA PRO A 129 13.73 -5.55 -2.96
C PRO A 129 13.75 -4.04 -2.76
N ILE A 130 12.71 -3.36 -3.24
CA ILE A 130 12.61 -1.92 -3.10
C ILE A 130 12.98 -1.46 -1.70
N SER A 131 13.83 -0.46 -1.61
CA SER A 131 14.27 0.07 -0.33
C SER A 131 13.16 0.91 0.32
N GLN A 132 12.17 0.22 0.89
CA GLN A 132 11.06 0.90 1.54
C GLN A 132 11.57 1.96 2.51
N GLY A 133 11.42 3.23 2.12
CA GLY A 133 11.86 4.32 2.96
C GLY A 133 11.97 5.63 2.20
N ALA A 134 12.31 5.54 0.91
CA ALA A 134 12.46 6.72 0.08
C ALA A 134 12.20 6.39 -1.39
N SER A 135 12.71 5.25 -1.83
CA SER A 135 12.54 4.82 -3.21
C SER A 135 11.06 4.89 -3.63
N TRP A 136 10.19 4.60 -2.68
CA TRP A 136 8.75 4.62 -2.94
C TRP A 136 8.34 5.94 -3.59
N ALA A 137 8.76 7.05 -3.00
CA ALA A 137 8.45 8.37 -3.52
C ALA A 137 9.28 8.69 -4.76
N GLN A 138 10.50 8.16 -4.79
CA GLN A 138 11.40 8.38 -5.92
C GLN A 138 10.75 7.96 -7.23
N GLU A 139 10.23 6.74 -7.25
CA GLU A 139 9.58 6.21 -8.44
C GLU A 139 8.21 6.85 -8.66
N ASP A 140 7.53 7.13 -7.56
CA ASP A 140 6.21 7.76 -7.62
C ASP A 140 6.29 9.13 -8.30
N GLN A 141 7.31 9.91 -7.95
CA GLN A 141 7.49 11.23 -8.52
C GLN A 141 7.45 11.17 -10.04
N GLN A 142 7.99 10.10 -10.60
CA GLN A 142 8.02 9.93 -12.06
C GLN A 142 6.61 9.79 -12.61
N ASP A 143 5.76 9.06 -11.89
CA ASP A 143 4.38 8.85 -12.32
C ASP A 143 3.57 10.13 -12.16
N ALA A 144 3.87 10.90 -11.12
CA ALA A 144 3.16 12.14 -10.86
C ALA A 144 3.30 13.10 -12.04
N ASP A 145 4.46 13.08 -12.68
CA ASP A 145 4.72 13.95 -13.82
C ASP A 145 3.67 13.74 -14.92
N GLU A 146 3.42 12.48 -15.24
CA GLU A 146 2.45 12.14 -16.27
C GLU A 146 1.03 12.24 -15.73
N ASP A 147 0.87 11.96 -14.44
CA ASP A 147 -0.44 12.01 -13.79
C ASP A 147 -1.12 13.36 -14.05
N ARG A 148 -0.43 14.43 -13.70
CA ARG A 148 -0.96 15.78 -13.89
C ARG A 148 -1.27 16.04 -15.36
N ARG A 149 -0.46 15.46 -16.24
CA ARG A 149 -0.64 15.62 -17.68
C ARG A 149 -1.88 14.88 -18.16
N ALA A 150 -2.14 13.73 -17.55
CA ALA A 150 -3.30 12.92 -17.92
C ALA A 150 -4.59 13.51 -17.38
N PHE A 151 -4.50 14.12 -16.19
CA PHE A 151 -5.66 14.73 -15.56
C PHE A 151 -6.29 15.78 -16.48
N GLN A 152 -5.44 16.59 -17.12
CA GLN A 152 -5.92 17.63 -18.03
C GLN A 152 -6.70 17.02 -19.18
N MET A 153 -6.28 15.85 -19.63
CA MET A 153 -6.96 15.17 -20.74
C MET A 153 -8.36 14.73 -20.32
N LEU A 154 -8.47 14.15 -19.13
CA LEU A 154 -9.75 13.68 -18.61
C LEU A 154 -10.80 14.78 -18.68
N ARG A 155 -11.68 14.70 -19.67
CA ARG A 155 -12.74 15.69 -19.84
C ARG A 155 -14.08 15.01 -20.11
N ARG A 156 -14.05 13.98 -20.94
CA ARG A 156 -15.28 13.25 -21.28
C ARG A 156 -15.22 11.81 -20.73
N ASP A 157 -16.38 11.30 -20.33
CA ASP A 157 -16.47 9.95 -19.79
C ASP A 157 -16.26 8.92 -20.89
C4 UJ2 B . -1.77 -15.00 18.91
C5 UJ2 B . -1.42 -13.77 19.47
C6 UJ2 B . -1.28 -12.66 18.69
C8 UJ2 B . -1.71 -12.43 15.17
C10 UJ2 B . -1.74 -11.74 13.82
C13 UJ2 B . 0.86 -11.89 11.08
C15 UJ2 B . 1.63 -13.22 12.94
C17 UJ2 B . 3.06 -13.04 10.91
C20 UJ2 B . 5.37 -13.66 9.51
C21 UJ2 B . 4.23 -13.28 8.82
C22 UJ2 B . 3.08 -12.96 9.51
C24 UJ2 B . -0.56 -9.72 14.34
C1 UJ2 B . -1.49 -12.75 17.30
N7 UJ2 B . -1.42 -11.84 16.29
N9 UJ2 B . -1.96 -13.75 15.38
C11 UJ2 B . -0.48 -12.09 13.06
C12 UJ2 B . -0.29 -11.59 11.79
C16 UJ2 B . 0.49 -12.89 13.64
C14 UJ2 B . 1.83 -12.71 11.66
C18 UJ2 B . 4.22 -13.44 11.59
C19 UJ2 B . 5.36 -13.75 10.89
O23 UJ2 B . -1.81 -10.33 14.02
C2 UJ2 B . -1.84 -13.97 16.73
C3 UJ2 B . -1.98 -15.10 17.52
C25 UJ2 B . -1.92 -16.19 19.76
O26 UJ2 B . -1.31 -16.26 20.81
O27 UJ2 B . -2.73 -17.20 19.38
H29 UJ2 B . -1.27 -13.69 20.53
H30 UJ2 B . -1.01 -11.72 19.13
H32 UJ2 B . -2.60 -12.08 13.26
H34 UJ2 B . 1.01 -11.50 10.09
H35 UJ2 B . 2.38 -13.85 13.39
H39 UJ2 B . 6.26 -13.91 8.96
H40 UJ2 B . 4.24 -13.21 7.75
H41 UJ2 B . 2.19 -12.67 8.98
H42 UJ2 B . 0.00 -9.52 13.43
H44 UJ2 B . 0.02 -10.39 14.98
H43 UJ2 B . -0.74 -8.78 14.87
H31 UJ2 B . -2.20 -14.39 14.70
H33 UJ2 B . -1.04 -10.95 11.34
H36 UJ2 B . 0.34 -13.29 14.63
H37 UJ2 B . 4.21 -13.50 12.66
H38 UJ2 B . 6.25 -14.05 11.41
H28 UJ2 B . -2.24 -16.06 17.09
H45 UJ2 B . -3.63 -17.19 19.72
N GLY A 1 -6.65 -15.35 19.39
CA GLY A 1 -7.31 -16.40 18.64
C GLY A 1 -6.64 -17.75 18.80
N SER A 2 -6.10 -18.29 17.71
CA SER A 2 -5.44 -19.59 17.74
C SER A 2 -4.94 -19.97 16.34
N PRO A 3 -5.87 -20.09 15.39
CA PRO A 3 -5.55 -20.45 14.01
C PRO A 3 -4.81 -19.34 13.28
N GLY A 4 -4.64 -19.51 11.97
CA GLY A 4 -3.96 -18.51 11.17
C GLY A 4 -4.91 -17.54 10.50
N GLU A 5 -6.05 -17.28 11.16
CA GLU A 5 -7.05 -16.38 10.62
C GLU A 5 -6.56 -14.93 10.69
N ASN A 6 -5.83 -14.62 11.76
CA ASN A 6 -5.30 -13.27 11.95
C ASN A 6 -4.37 -12.88 10.81
N LEU A 7 -3.52 -13.82 10.40
CA LEU A 7 -2.57 -13.57 9.33
C LEU A 7 -3.28 -13.11 8.07
N LYS A 8 -4.46 -13.68 7.81
CA LYS A 8 -5.24 -13.33 6.64
C LYS A 8 -5.55 -11.84 6.61
N HIS A 9 -5.55 -11.21 7.80
CA HIS A 9 -5.82 -9.79 7.91
C HIS A 9 -4.91 -8.99 6.97
N ILE A 10 -3.61 -9.21 7.09
CA ILE A 10 -2.64 -8.50 6.26
C ILE A 10 -2.78 -8.91 4.79
N ILE A 11 -3.18 -10.15 4.56
CA ILE A 11 -3.35 -10.65 3.21
C ILE A 11 -4.49 -9.93 2.50
N THR A 12 -5.65 -9.87 3.15
CA THR A 12 -6.82 -9.20 2.59
C THR A 12 -6.63 -7.68 2.57
N LEU A 13 -6.50 -7.10 3.75
CA LEU A 13 -6.32 -5.66 3.87
C LEU A 13 -5.12 -5.19 3.05
N GLY A 14 -4.17 -6.09 2.84
CA GLY A 14 -2.99 -5.75 2.07
C GLY A 14 -3.29 -5.58 0.59
N GLN A 15 -3.94 -6.58 0.01
CA GLN A 15 -4.29 -6.55 -1.41
C GLN A 15 -5.48 -5.62 -1.65
N VAL A 16 -6.33 -5.48 -0.65
CA VAL A 16 -7.50 -4.62 -0.75
C VAL A 16 -7.13 -3.23 -1.24
N ILE A 17 -5.91 -2.80 -0.90
CA ILE A 17 -5.43 -1.49 -1.31
C ILE A 17 -5.50 -1.33 -2.84
N HIS A 18 -4.92 -2.28 -3.54
CA HIS A 18 -4.92 -2.25 -5.01
C HIS A 18 -6.33 -2.46 -5.56
N LYS A 19 -7.10 -3.31 -4.90
CA LYS A 19 -8.47 -3.59 -5.31
C LYS A 19 -9.27 -2.31 -5.44
N ARG A 20 -8.93 -1.33 -4.62
CA ARG A 20 -9.64 -0.04 -4.64
C ARG A 20 -9.64 0.56 -6.04
N CYS A 21 -8.48 0.55 -6.69
CA CYS A 21 -8.36 1.09 -8.03
C CYS A 21 -9.45 0.55 -8.94
N GLU A 22 -9.85 -0.70 -8.71
CA GLU A 22 -10.90 -1.33 -9.51
C GLU A 22 -12.13 -0.44 -9.59
N GLU A 23 -12.39 0.30 -8.52
CA GLU A 23 -13.55 1.19 -8.48
C GLU A 23 -13.16 2.61 -8.87
N MET A 24 -11.91 2.97 -8.62
CA MET A 24 -11.40 4.30 -8.96
C MET A 24 -11.51 4.55 -10.46
N LYS A 25 -11.38 5.81 -10.86
CA LYS A 25 -11.45 6.19 -12.26
C LYS A 25 -10.27 7.07 -12.64
N TYR A 26 -10.16 8.23 -12.00
CA TYR A 26 -9.07 9.16 -12.28
C TYR A 26 -7.85 8.84 -11.44
N CYS A 27 -8.07 8.43 -10.19
CA CYS A 27 -6.99 8.08 -9.29
C CYS A 27 -6.33 6.78 -9.70
N LYS A 28 -6.95 6.08 -10.64
CA LYS A 28 -6.42 4.80 -11.12
C LYS A 28 -4.95 4.92 -11.48
N LYS A 29 -4.56 6.09 -11.99
CA LYS A 29 -3.17 6.33 -12.37
C LYS A 29 -2.24 6.13 -11.17
N GLN A 30 -2.55 6.81 -10.07
CA GLN A 30 -1.74 6.71 -8.86
C GLN A 30 -1.99 5.39 -8.15
N CYS A 31 -3.25 5.07 -7.91
CA CYS A 31 -3.62 3.84 -7.24
C CYS A 31 -2.94 2.64 -7.89
N ARG A 32 -2.81 2.68 -9.22
CA ARG A 32 -2.19 1.60 -9.96
C ARG A 32 -0.77 1.35 -9.46
N ARG A 33 0.00 2.43 -9.32
CA ARG A 33 1.37 2.32 -8.84
C ARG A 33 1.42 2.02 -7.35
N LEU A 34 0.70 2.83 -6.57
CA LEU A 34 0.66 2.66 -5.13
C LEU A 34 0.29 1.23 -4.76
N GLY A 35 -0.84 0.76 -5.28
CA GLY A 35 -1.28 -0.60 -5.00
C GLY A 35 -0.28 -1.64 -5.45
N HIS A 36 0.15 -1.55 -6.70
CA HIS A 36 1.12 -2.50 -7.25
C HIS A 36 2.36 -2.57 -6.37
N ARG A 37 2.81 -1.41 -5.89
CA ARG A 37 4.00 -1.33 -5.04
C ARG A 37 3.69 -1.86 -3.64
N VAL A 38 2.48 -1.60 -3.17
CA VAL A 38 2.06 -2.04 -1.84
C VAL A 38 1.89 -3.55 -1.80
N LEU A 39 1.49 -4.13 -2.93
CA LEU A 39 1.29 -5.57 -3.02
C LEU A 39 2.59 -6.33 -2.82
N GLY A 40 3.71 -5.64 -3.05
CA GLY A 40 5.01 -6.26 -2.89
C GLY A 40 5.26 -6.69 -1.45
N LEU A 41 4.56 -6.07 -0.51
CA LEU A 41 4.72 -6.39 0.91
C LEU A 41 3.85 -7.59 1.29
N ILE A 42 2.61 -7.59 0.81
CA ILE A 42 1.69 -8.68 1.11
C ILE A 42 1.99 -9.90 0.24
N LYS A 43 2.63 -9.67 -0.90
CA LYS A 43 2.98 -10.74 -1.82
C LYS A 43 3.66 -11.89 -1.08
N PRO A 44 4.80 -11.57 -0.42
CA PRO A 44 5.56 -12.56 0.34
C PRO A 44 4.84 -13.02 1.61
N LEU A 45 3.70 -12.41 1.88
CA LEU A 45 2.91 -12.75 3.05
C LEU A 45 1.86 -13.81 2.71
N GLU A 46 1.52 -13.90 1.42
CA GLU A 46 0.54 -14.87 0.97
C GLU A 46 1.14 -16.28 0.90
N MET A 47 2.42 -16.34 0.56
CA MET A 47 3.12 -17.61 0.45
C MET A 47 3.06 -18.38 1.77
N LEU A 48 3.18 -17.64 2.87
CA LEU A 48 3.15 -18.25 4.20
C LEU A 48 1.72 -18.34 4.72
N GLN A 49 0.86 -17.45 4.24
CA GLN A 49 -0.53 -17.43 4.65
C GLN A 49 -1.17 -18.80 4.49
N ASP A 50 -1.06 -19.36 3.29
CA ASP A 50 -1.62 -20.67 3.00
C ASP A 50 -0.75 -21.78 3.58
N GLN A 51 0.56 -21.63 3.44
CA GLN A 51 1.51 -22.62 3.95
C GLN A 51 1.23 -22.93 5.42
N GLY A 52 1.41 -21.93 6.27
CA GLY A 52 1.18 -22.12 7.69
C GLY A 52 -0.01 -21.32 8.19
N LYS A 53 -0.44 -21.61 9.42
CA LYS A 53 -1.58 -20.92 10.01
C LYS A 53 -1.13 -20.01 11.15
N ARG A 54 -0.80 -20.62 12.29
CA ARG A 54 -0.35 -19.86 13.46
C ARG A 54 0.79 -18.91 13.09
N SER A 55 1.96 -19.47 12.83
CA SER A 55 3.12 -18.67 12.47
C SER A 55 3.37 -17.57 13.50
N VAL A 56 3.47 -17.96 14.77
CA VAL A 56 3.70 -17.01 15.85
C VAL A 56 4.72 -17.54 16.83
N PRO A 57 6.01 -17.49 16.45
CA PRO A 57 7.12 -17.96 17.28
C PRO A 57 7.34 -17.06 18.50
N SER A 58 7.16 -15.76 18.31
CA SER A 58 7.35 -14.80 19.38
C SER A 58 6.36 -13.64 19.27
N GLU A 59 6.11 -12.97 20.39
CA GLU A 59 5.17 -11.84 20.40
C GLU A 59 5.85 -10.58 19.89
N LYS A 60 7.16 -10.64 19.73
CA LYS A 60 7.92 -9.49 19.25
C LYS A 60 7.76 -9.32 17.74
N LEU A 61 8.18 -10.33 16.98
CA LEU A 61 8.09 -10.30 15.53
C LEU A 61 6.62 -10.19 15.09
N THR A 62 5.72 -10.65 15.96
CA THR A 62 4.29 -10.61 15.66
C THR A 62 3.75 -9.19 15.78
N THR A 63 4.07 -8.52 16.89
CA THR A 63 3.61 -7.16 17.13
C THR A 63 3.91 -6.27 15.92
N ALA A 64 4.99 -6.56 15.22
CA ALA A 64 5.38 -5.79 14.05
C ALA A 64 4.23 -5.69 13.04
N MET A 65 3.36 -6.69 13.06
CA MET A 65 2.22 -6.72 12.15
C MET A 65 1.09 -5.83 12.68
N ASN A 66 0.93 -5.80 13.99
CA ASN A 66 -0.12 -4.99 14.61
C ASN A 66 -0.03 -3.54 14.13
N ARG A 67 1.18 -2.98 14.14
CA ARG A 67 1.39 -1.61 13.71
C ARG A 67 1.31 -1.49 12.20
N PHE A 68 1.79 -2.53 11.51
CA PHE A 68 1.78 -2.55 10.05
C PHE A 68 0.35 -2.55 9.52
N LYS A 69 -0.53 -3.28 10.20
CA LYS A 69 -1.93 -3.37 9.79
C LYS A 69 -2.55 -1.98 9.69
N ALA A 70 -2.13 -1.08 10.58
CA ALA A 70 -2.65 0.28 10.59
C ALA A 70 -2.09 1.08 9.41
N ALA A 71 -0.85 0.80 9.04
CA ALA A 71 -0.20 1.50 7.93
C ALA A 71 -1.04 1.40 6.66
N LEU A 72 -1.35 0.17 6.26
CA LEU A 72 -2.15 -0.07 5.07
C LEU A 72 -3.59 0.39 5.26
N GLU A 73 -3.99 0.53 6.52
CA GLU A 73 -5.34 0.96 6.85
C GLU A 73 -5.65 2.31 6.20
N GLU A 74 -4.74 3.27 6.38
CA GLU A 74 -4.92 4.60 5.82
C GLU A 74 -4.87 4.56 4.29
N ALA A 75 -4.11 3.61 3.75
CA ALA A 75 -3.98 3.45 2.31
C ALA A 75 -5.35 3.25 1.66
N ASN A 76 -6.06 2.22 2.11
CA ASN A 76 -7.38 1.90 1.56
C ASN A 76 -8.40 2.95 1.98
N GLY A 77 -8.25 3.47 3.20
CA GLY A 77 -9.17 4.46 3.71
C GLY A 77 -9.13 5.74 2.90
N GLU A 78 -7.93 6.24 2.64
CA GLU A 78 -7.76 7.47 1.87
C GLU A 78 -8.36 7.33 0.48
N ILE A 79 -8.06 6.23 -0.18
CA ILE A 79 -8.58 5.97 -1.52
C ILE A 79 -10.10 6.09 -1.55
N GLU A 80 -10.75 5.59 -0.50
CA GLU A 80 -12.21 5.64 -0.40
C GLU A 80 -12.72 7.06 -0.62
N LYS A 81 -12.16 8.01 0.13
CA LYS A 81 -12.56 9.41 0.02
C LYS A 81 -12.05 10.01 -1.29
N PHE A 82 -10.79 9.74 -1.61
CA PHE A 82 -10.19 10.26 -2.83
C PHE A 82 -11.06 9.96 -4.04
N SER A 83 -11.81 8.87 -3.98
CA SER A 83 -12.69 8.47 -5.06
C SER A 83 -13.54 9.65 -5.53
N ASN A 84 -13.92 10.50 -4.59
CA ASN A 84 -14.74 11.67 -4.90
C ASN A 84 -14.11 12.49 -6.02
N ARG A 85 -14.88 12.76 -7.06
CA ARG A 85 -14.39 13.53 -8.20
C ARG A 85 -14.02 14.94 -7.77
N SER A 86 -14.77 15.50 -6.82
CA SER A 86 -14.51 16.84 -6.33
C SER A 86 -13.24 16.87 -5.48
N ASN A 87 -13.00 15.79 -4.74
CA ASN A 87 -11.82 15.70 -3.89
C ASN A 87 -10.54 15.94 -4.70
N ILE A 88 -10.36 15.15 -5.76
CA ILE A 88 -9.20 15.27 -6.61
C ILE A 88 -9.19 16.61 -7.34
N CYS A 89 -10.36 17.05 -7.77
CA CYS A 89 -10.49 18.31 -8.48
C CYS A 89 -9.90 19.46 -7.66
N ARG A 90 -10.26 19.51 -6.39
CA ARG A 90 -9.77 20.56 -5.50
C ARG A 90 -8.33 20.28 -5.07
N PHE A 91 -8.00 19.00 -4.95
CA PHE A 91 -6.66 18.60 -4.54
C PHE A 91 -5.62 19.02 -5.58
N LEU A 92 -5.89 18.70 -6.84
CA LEU A 92 -4.98 19.07 -7.93
C LEU A 92 -4.93 20.57 -8.13
N THR A 93 -6.10 21.17 -8.29
CA THR A 93 -6.20 22.61 -8.50
C THR A 93 -5.51 23.38 -7.37
N ALA A 94 -5.59 22.83 -6.16
CA ALA A 94 -4.97 23.46 -5.00
C ALA A 94 -3.45 23.54 -5.17
N SER A 95 -2.92 22.72 -6.07
CA SER A 95 -1.49 22.70 -6.32
C SER A 95 -0.73 22.14 -5.12
N GLN A 96 -1.12 20.93 -4.70
CA GLN A 96 -0.48 20.28 -3.56
C GLN A 96 0.62 19.33 -4.02
N ASP A 97 1.08 18.49 -3.09
CA ASP A 97 2.12 17.52 -3.41
C ASP A 97 1.79 16.74 -4.69
N LYS A 98 2.79 16.55 -5.53
CA LYS A 98 2.61 15.83 -6.78
C LYS A 98 1.95 14.47 -6.54
N ILE A 99 2.28 13.86 -5.41
CA ILE A 99 1.71 12.56 -5.06
C ILE A 99 0.35 12.71 -4.40
N LEU A 100 -0.41 11.62 -4.36
CA LEU A 100 -1.73 11.63 -3.76
C LEU A 100 -1.76 10.80 -2.48
N PHE A 101 -1.10 9.65 -2.51
CA PHE A 101 -1.05 8.77 -1.35
C PHE A 101 0.39 8.60 -0.86
N LYS A 102 1.16 9.68 -0.92
CA LYS A 102 2.55 9.65 -0.49
C LYS A 102 2.64 9.54 1.03
N ASP A 103 1.71 10.18 1.73
CA ASP A 103 1.69 10.15 3.19
C ASP A 103 1.59 8.71 3.70
N VAL A 104 0.71 7.94 3.09
CA VAL A 104 0.52 6.54 3.48
C VAL A 104 1.66 5.66 2.98
N ASN A 105 2.26 6.08 1.86
CA ASN A 105 3.37 5.34 1.26
C ASN A 105 4.63 5.48 2.10
N ARG A 106 4.82 6.66 2.69
CA ARG A 106 5.99 6.93 3.52
C ARG A 106 5.96 6.08 4.79
N LYS A 107 4.79 5.98 5.41
CA LYS A 107 4.63 5.21 6.63
C LYS A 107 4.63 3.71 6.32
N LEU A 108 3.98 3.33 5.23
CA LEU A 108 3.91 1.93 4.83
C LEU A 108 5.30 1.37 4.59
N SER A 109 6.20 2.21 4.07
CA SER A 109 7.57 1.78 3.80
C SER A 109 8.40 1.81 5.07
N ASP A 110 8.14 2.78 5.94
CA ASP A 110 8.87 2.91 7.19
C ASP A 110 8.53 1.78 8.14
N VAL A 111 7.24 1.47 8.26
CA VAL A 111 6.78 0.40 9.14
C VAL A 111 7.24 -0.96 8.64
N TRP A 112 7.34 -1.10 7.32
CA TRP A 112 7.77 -2.35 6.71
C TRP A 112 9.26 -2.58 6.96
N LYS A 113 10.03 -1.50 6.97
CA LYS A 113 11.47 -1.58 7.19
C LYS A 113 11.78 -2.43 8.43
N GLU A 114 11.24 -2.02 9.57
CA GLU A 114 11.46 -2.74 10.82
C GLU A 114 10.67 -4.04 10.85
N LEU A 115 9.43 -3.99 10.39
CA LEU A 115 8.57 -5.16 10.35
C LEU A 115 9.26 -6.32 9.64
N SER A 116 9.58 -6.13 8.36
CA SER A 116 10.24 -7.15 7.58
C SER A 116 11.51 -7.64 8.28
N LEU A 117 12.19 -6.74 8.97
CA LEU A 117 13.41 -7.09 9.69
C LEU A 117 13.11 -8.05 10.84
N LEU A 118 11.93 -7.93 11.42
CA LEU A 118 11.52 -8.78 12.53
C LEU A 118 11.06 -10.14 12.01
N LEU A 119 10.53 -10.16 10.80
CA LEU A 119 10.05 -11.40 10.20
C LEU A 119 11.21 -12.24 9.68
N GLN A 120 12.17 -11.57 9.05
CA GLN A 120 13.35 -12.26 8.52
C GLN A 120 14.24 -12.78 9.64
N VAL A 121 14.52 -11.92 10.61
CA VAL A 121 15.35 -12.30 11.75
C VAL A 121 14.82 -13.54 12.44
N GLU A 122 13.49 -13.67 12.47
CA GLU A 122 12.85 -14.82 13.11
C GLU A 122 12.86 -16.03 12.18
N GLN A 123 12.00 -15.99 11.17
CA GLN A 123 11.90 -17.09 10.21
C GLN A 123 12.35 -16.64 8.82
N ARG A 124 12.70 -17.61 7.98
CA ARG A 124 13.15 -17.32 6.62
C ARG A 124 12.00 -16.76 5.77
N MET A 125 11.80 -15.45 5.84
CA MET A 125 10.75 -14.80 5.08
C MET A 125 11.31 -13.68 4.21
N PRO A 126 11.19 -13.85 2.88
CA PRO A 126 11.68 -12.86 1.91
C PRO A 126 10.85 -11.58 1.93
N VAL A 127 11.54 -10.45 2.11
CA VAL A 127 10.86 -9.16 2.13
C VAL A 127 10.91 -8.48 0.76
N SER A 128 10.12 -7.43 0.60
CA SER A 128 10.05 -6.70 -0.66
C SER A 128 11.46 -6.32 -1.13
N PRO A 129 11.72 -6.51 -2.43
CA PRO A 129 13.02 -6.19 -3.03
C PRO A 129 13.27 -4.69 -3.09
N ILE A 130 12.27 -3.94 -3.53
CA ILE A 130 12.39 -2.48 -3.64
C ILE A 130 12.93 -1.88 -2.35
N SER A 131 13.79 -0.88 -2.47
CA SER A 131 14.37 -0.22 -1.32
C SER A 131 13.35 0.68 -0.64
N GLN A 132 12.56 0.11 0.26
CA GLN A 132 11.54 0.87 0.98
C GLN A 132 12.14 2.13 1.61
N GLY A 133 11.55 3.27 1.29
CA GLY A 133 12.05 4.53 1.84
C GLY A 133 12.11 5.62 0.79
N ALA A 134 12.74 5.33 -0.33
CA ALA A 134 12.87 6.30 -1.41
C ALA A 134 12.41 5.72 -2.73
N SER A 135 12.68 4.44 -2.94
CA SER A 135 12.29 3.76 -4.17
C SER A 135 10.81 3.98 -4.47
N TRP A 136 10.00 4.01 -3.42
CA TRP A 136 8.57 4.22 -3.57
C TRP A 136 8.27 5.58 -4.19
N ALA A 137 8.82 6.64 -3.59
CA ALA A 137 8.62 7.99 -4.09
C ALA A 137 9.19 8.14 -5.50
N GLN A 138 10.27 7.42 -5.77
CA GLN A 138 10.92 7.50 -7.08
C GLN A 138 9.93 7.14 -8.19
N GLU A 139 9.15 6.09 -7.98
CA GLU A 139 8.16 5.66 -8.96
C GLU A 139 6.93 6.56 -8.92
N ASP A 140 6.39 6.75 -7.72
CA ASP A 140 5.21 7.59 -7.54
C ASP A 140 5.40 8.96 -8.20
N GLN A 141 6.51 9.61 -7.86
CA GLN A 141 6.81 10.94 -8.41
C GLN A 141 6.72 10.92 -9.94
N GLN A 142 7.15 9.81 -10.53
CA GLN A 142 7.12 9.67 -11.98
C GLN A 142 5.69 9.55 -12.49
N ASP A 143 4.85 8.87 -11.73
CA ASP A 143 3.45 8.68 -12.09
C ASP A 143 2.66 9.96 -11.88
N ALA A 144 2.98 10.69 -10.82
CA ALA A 144 2.30 11.93 -10.50
C ALA A 144 2.45 12.94 -11.64
N ASP A 145 3.62 12.95 -12.27
CA ASP A 145 3.88 13.87 -13.37
C ASP A 145 2.91 13.63 -14.51
N GLU A 146 2.78 12.38 -14.93
CA GLU A 146 1.87 12.03 -16.03
C GLU A 146 0.42 12.14 -15.59
N ASP A 147 0.16 11.79 -14.34
CA ASP A 147 -1.20 11.86 -13.79
C ASP A 147 -1.80 13.24 -13.99
N ARG A 148 -0.97 14.27 -13.89
CA ARG A 148 -1.41 15.64 -14.07
C ARG A 148 -2.18 15.81 -15.37
N ARG A 149 -1.50 15.55 -16.48
CA ARG A 149 -2.12 15.67 -17.80
C ARG A 149 -3.16 14.58 -18.00
N ALA A 150 -2.84 13.36 -17.58
CA ALA A 150 -3.76 12.23 -17.72
C ALA A 150 -5.13 12.56 -17.15
N PHE A 151 -5.13 13.22 -15.98
CA PHE A 151 -6.38 13.60 -15.33
C PHE A 151 -7.23 14.48 -16.24
N GLN A 152 -6.57 15.39 -16.95
CA GLN A 152 -7.26 16.30 -17.85
C GLN A 152 -7.81 15.57 -19.06
N MET A 153 -7.06 14.56 -19.52
CA MET A 153 -7.46 13.76 -20.67
C MET A 153 -8.88 13.24 -20.50
N LEU A 154 -9.22 12.88 -19.28
CA LEU A 154 -10.56 12.37 -18.98
C LEU A 154 -11.64 13.29 -19.53
N ARG A 155 -11.35 14.59 -19.54
CA ARG A 155 -12.29 15.58 -20.04
C ARG A 155 -11.80 16.20 -21.34
N ARG A 156 -12.74 16.66 -22.16
CA ARG A 156 -12.40 17.27 -23.44
C ARG A 156 -11.65 18.59 -23.23
N ASP A 157 -11.37 19.28 -24.33
CA ASP A 157 -10.66 20.56 -24.26
C ASP A 157 -11.64 21.71 -24.06
C4 UJ2 B . -0.81 -14.16 19.58
C5 UJ2 B . -0.97 -15.38 18.93
C6 UJ2 B . -1.12 -15.44 17.58
C8 UJ2 B . -1.12 -12.72 15.29
C10 UJ2 B . -1.21 -12.05 13.94
C13 UJ2 B . 1.14 -12.46 11.01
C15 UJ2 B . 2.17 -13.43 12.97
C17 UJ2 B . 3.40 -13.49 10.80
C20 UJ2 B . 5.62 -14.18 9.30
C21 UJ2 B . 4.42 -13.90 8.67
C22 UJ2 B . 3.31 -13.57 9.41
C24 UJ2 B . 0.01 -10.06 14.44
C1 UJ2 B . -1.10 -14.26 16.82
N7 UJ2 B . -1.22 -14.00 15.50
N9 UJ2 B . -0.95 -12.07 16.46
C11 UJ2 B . -0.01 -12.43 13.12
C12 UJ2 B . 0.04 -12.12 11.77
C16 UJ2 B . 1.06 -13.08 13.72
C14 UJ2 B . 2.21 -13.12 11.61
C18 UJ2 B . 4.62 -13.77 11.43
C19 UJ2 B . 5.72 -14.11 10.68
O23 UJ2 B . -1.25 -10.63 14.10
C2 UJ2 B . -0.92 -13.02 17.46
C3 UJ2 B . -0.78 -12.97 18.84
C25 UJ2 B . -0.65 -14.10 21.04
O26 UJ2 B . -0.18 -15.06 21.63
O27 UJ2 B . -1.04 -13.01 21.73
H29 UJ2 B . -0.99 -16.29 19.51
H30 UJ2 B . -1.25 -16.39 17.09
H32 UJ2 B . -2.12 -12.38 13.43
H34 UJ2 B . 1.17 -12.22 9.97
H35 UJ2 B . 3.00 -13.93 13.44
H39 UJ2 B . 6.49 -14.45 8.72
H40 UJ2 B . 4.35 -13.96 7.59
H41 UJ2 B . 2.38 -13.36 8.93
H42 UJ2 B . 0.57 -9.85 13.53
H44 UJ2 B . 0.58 -10.75 15.05
H43 UJ2 B . -0.15 -9.13 14.98
H31 UJ2 B . -0.86 -11.10 16.59
H33 UJ2 B . -0.80 -11.61 11.31
H36 UJ2 B . 1.03 -13.32 14.77
H37 UJ2 B . 4.69 -13.71 12.51
H38 UJ2 B . 6.66 -14.34 11.16
H28 UJ2 B . -0.65 -12.02 19.34
H45 UJ2 B . -1.73 -12.48 21.34
N GLY A 1 -12.22 -18.70 18.86
CA GLY A 1 -11.32 -19.35 17.92
C GLY A 1 -10.50 -18.36 17.12
N SER A 2 -9.28 -18.74 16.79
CA SER A 2 -8.39 -17.87 16.02
C SER A 2 -7.05 -18.55 15.77
N PRO A 3 -7.05 -19.54 14.86
CA PRO A 3 -5.85 -20.30 14.50
C PRO A 3 -4.85 -19.46 13.72
N GLY A 4 -5.34 -18.75 12.71
CA GLY A 4 -4.47 -17.92 11.90
C GLY A 4 -5.25 -16.96 11.01
N GLU A 5 -6.41 -16.53 11.49
CA GLU A 5 -7.25 -15.62 10.73
C GLU A 5 -6.64 -14.22 10.67
N ASN A 6 -5.98 -13.83 11.77
CA ASN A 6 -5.34 -12.52 11.84
C ASN A 6 -4.34 -12.33 10.71
N LEU A 7 -3.65 -13.40 10.34
CA LEU A 7 -2.67 -13.35 9.28
C LEU A 7 -3.33 -13.07 7.93
N LYS A 8 -4.44 -13.76 7.67
CA LYS A 8 -5.18 -13.59 6.43
C LYS A 8 -5.56 -12.13 6.22
N HIS A 9 -5.70 -11.39 7.32
CA HIS A 9 -6.06 -9.98 7.26
C HIS A 9 -5.12 -9.22 6.33
N ILE A 10 -3.82 -9.41 6.53
CA ILE A 10 -2.81 -8.74 5.70
C ILE A 10 -2.96 -9.13 4.24
N ILE A 11 -3.41 -10.36 4.00
CA ILE A 11 -3.60 -10.87 2.65
C ILE A 11 -4.74 -10.14 1.95
N THR A 12 -5.88 -10.06 2.63
CA THR A 12 -7.06 -9.40 2.08
C THR A 12 -6.86 -7.89 2.03
N LEU A 13 -6.69 -7.27 3.19
CA LEU A 13 -6.49 -5.83 3.27
C LEU A 13 -5.32 -5.39 2.41
N GLY A 14 -4.35 -6.28 2.24
CA GLY A 14 -3.18 -5.97 1.43
C GLY A 14 -3.52 -5.77 -0.03
N GLN A 15 -4.20 -6.76 -0.62
CA GLN A 15 -4.59 -6.69 -2.02
C GLN A 15 -5.78 -5.75 -2.21
N VAL A 16 -6.58 -5.60 -1.16
CA VAL A 16 -7.75 -4.74 -1.22
C VAL A 16 -7.38 -3.35 -1.74
N ILE A 17 -6.14 -2.93 -1.48
CA ILE A 17 -5.67 -1.64 -1.93
C ILE A 17 -5.80 -1.49 -3.44
N HIS A 18 -5.30 -2.47 -4.17
CA HIS A 18 -5.36 -2.45 -5.63
C HIS A 18 -6.80 -2.59 -6.12
N LYS A 19 -7.60 -3.33 -5.35
CA LYS A 19 -9.00 -3.54 -5.70
C LYS A 19 -9.71 -2.21 -5.93
N ARG A 20 -9.33 -1.20 -5.16
CA ARG A 20 -9.92 0.12 -5.28
C ARG A 20 -9.46 0.82 -6.56
N CYS A 21 -8.18 0.65 -6.89
CA CYS A 21 -7.63 1.26 -8.09
C CYS A 21 -8.40 0.83 -9.33
N GLU A 22 -8.91 -0.39 -9.30
CA GLU A 22 -9.67 -0.93 -10.43
C GLU A 22 -10.94 -0.10 -10.68
N GLU A 23 -11.48 0.46 -9.60
CA GLU A 23 -12.69 1.27 -9.70
C GLU A 23 -12.36 2.70 -10.10
N MET A 24 -11.17 3.15 -9.74
CA MET A 24 -10.72 4.50 -10.07
C MET A 24 -10.80 4.76 -11.57
N LYS A 25 -10.71 6.02 -11.95
CA LYS A 25 -10.78 6.40 -13.36
C LYS A 25 -9.77 7.49 -13.68
N TYR A 26 -9.59 8.42 -12.73
CA TYR A 26 -8.66 9.52 -12.92
C TYR A 26 -7.31 9.21 -12.27
N CYS A 27 -7.35 8.74 -11.02
CA CYS A 27 -6.13 8.40 -10.30
C CYS A 27 -5.58 7.05 -10.77
N LYS A 28 -6.29 6.42 -11.70
CA LYS A 28 -5.86 5.13 -12.24
C LYS A 28 -4.38 5.15 -12.58
N LYS A 29 -3.87 6.32 -12.95
CA LYS A 29 -2.46 6.47 -13.30
C LYS A 29 -1.57 6.23 -12.08
N GLN A 30 -1.82 6.97 -11.01
CA GLN A 30 -1.04 6.84 -9.80
C GLN A 30 -1.46 5.59 -9.02
N CYS A 31 -2.75 5.45 -8.77
CA CYS A 31 -3.27 4.30 -8.05
C CYS A 31 -2.71 3.00 -8.61
N ARG A 32 -2.52 2.96 -9.93
CA ARG A 32 -1.99 1.77 -10.59
C ARG A 32 -0.72 1.29 -9.91
N ARG A 33 0.26 2.19 -9.79
CA ARG A 33 1.53 1.85 -9.16
C ARG A 33 1.38 1.80 -7.64
N LEU A 34 0.50 2.64 -7.10
CA LEU A 34 0.28 2.70 -5.67
C LEU A 34 0.00 1.30 -5.11
N GLY A 35 -1.01 0.63 -5.68
CA GLY A 35 -1.35 -0.70 -5.23
C GLY A 35 -0.36 -1.75 -5.68
N HIS A 36 0.15 -1.59 -6.90
CA HIS A 36 1.11 -2.53 -7.46
C HIS A 36 2.30 -2.70 -6.51
N ARG A 37 2.82 -1.60 -6.01
CA ARG A 37 3.96 -1.63 -5.10
C ARG A 37 3.52 -2.00 -3.69
N VAL A 38 2.30 -1.60 -3.33
CA VAL A 38 1.76 -1.90 -2.02
C VAL A 38 1.61 -3.40 -1.80
N LEU A 39 1.30 -4.11 -2.88
CA LEU A 39 1.13 -5.56 -2.82
C LEU A 39 2.48 -6.26 -2.69
N GLY A 40 3.54 -5.57 -3.08
CA GLY A 40 4.87 -6.14 -3.01
C GLY A 40 5.25 -6.56 -1.61
N LEU A 41 4.58 -5.97 -0.61
CA LEU A 41 4.84 -6.29 0.79
C LEU A 41 4.05 -7.53 1.22
N ILE A 42 2.78 -7.57 0.84
CA ILE A 42 1.92 -8.69 1.19
C ILE A 42 2.19 -9.89 0.29
N LYS A 43 2.78 -9.64 -0.88
CA LYS A 43 3.09 -10.70 -1.82
C LYS A 43 3.82 -11.84 -1.12
N PRO A 44 4.96 -11.55 -0.50
CA PRO A 44 5.77 -12.54 0.23
C PRO A 44 5.09 -13.01 1.50
N LEU A 45 3.96 -12.40 1.84
CA LEU A 45 3.22 -12.75 3.03
C LEU A 45 2.19 -13.85 2.73
N GLU A 46 1.86 -14.00 1.46
CA GLU A 46 0.89 -15.01 1.05
C GLU A 46 1.53 -16.40 1.04
N MET A 47 2.82 -16.45 0.73
CA MET A 47 3.54 -17.71 0.70
C MET A 47 3.65 -18.32 2.09
N LEU A 48 3.79 -17.46 3.09
CA LEU A 48 3.91 -17.91 4.48
C LEU A 48 2.53 -18.11 5.10
N GLN A 49 1.56 -17.34 4.62
CA GLN A 49 0.19 -17.43 5.14
C GLN A 49 -0.32 -18.87 5.09
N ASP A 50 0.23 -19.65 4.16
CA ASP A 50 -0.16 -21.06 4.02
C ASP A 50 0.54 -21.93 5.04
N GLN A 51 1.79 -21.58 5.34
CA GLN A 51 2.58 -22.34 6.31
C GLN A 51 1.94 -22.30 7.68
N GLY A 52 1.70 -21.11 8.19
CA GLY A 52 1.08 -20.95 9.50
C GLY A 52 -0.20 -21.75 9.63
N LYS A 53 -0.48 -22.24 10.84
CA LYS A 53 -1.67 -23.02 11.09
C LYS A 53 -2.17 -22.81 12.51
N ARG A 54 -1.42 -23.33 13.49
CA ARG A 54 -1.78 -23.19 14.90
C ARG A 54 -0.54 -22.89 15.75
N SER A 55 0.21 -21.88 15.33
CA SER A 55 1.41 -21.50 16.06
C SER A 55 1.83 -20.07 15.71
N VAL A 56 2.31 -19.32 16.70
CA VAL A 56 2.74 -17.95 16.49
C VAL A 56 4.03 -17.65 17.24
N PRO A 57 4.97 -16.97 16.56
CA PRO A 57 6.27 -16.62 17.16
C PRO A 57 6.14 -15.56 18.24
N SER A 58 7.25 -14.93 18.58
CA SER A 58 7.26 -13.89 19.61
C SER A 58 6.15 -12.88 19.38
N GLU A 59 5.75 -12.18 20.44
CA GLU A 59 4.69 -11.18 20.35
C GLU A 59 5.24 -9.86 19.80
N LYS A 60 6.56 -9.76 19.73
CA LYS A 60 7.21 -8.55 19.22
C LYS A 60 7.10 -8.47 17.70
N LEU A 61 7.69 -9.46 17.02
CA LEU A 61 7.66 -9.50 15.57
C LEU A 61 6.23 -9.57 15.05
N THR A 62 5.33 -10.06 15.89
CA THR A 62 3.92 -10.18 15.51
C THR A 62 3.23 -8.82 15.55
N THR A 63 3.44 -8.08 16.64
CA THR A 63 2.84 -6.77 16.80
C THR A 63 3.11 -5.88 15.58
N ALA A 64 4.27 -6.06 14.98
CA ALA A 64 4.65 -5.29 13.79
C ALA A 64 3.57 -5.37 12.71
N MET A 65 2.82 -6.47 12.72
CA MET A 65 1.76 -6.67 11.75
C MET A 65 0.54 -5.83 12.08
N ASN A 66 0.27 -5.67 13.38
CA ASN A 66 -0.88 -4.90 13.83
C ASN A 66 -0.77 -3.45 13.34
N ARG A 67 0.41 -2.87 13.49
CA ARG A 67 0.64 -1.49 13.05
C ARG A 67 0.71 -1.39 11.53
N PHE A 68 1.25 -2.44 10.91
CA PHE A 68 1.38 -2.47 9.46
C PHE A 68 0.00 -2.55 8.79
N LYS A 69 -0.84 -3.44 9.30
CA LYS A 69 -2.19 -3.63 8.76
C LYS A 69 -2.91 -2.29 8.67
N ALA A 70 -2.69 -1.43 9.65
CA ALA A 70 -3.32 -0.11 9.67
C ALA A 70 -2.73 0.80 8.60
N ALA A 71 -1.43 0.65 8.35
CA ALA A 71 -0.74 1.47 7.35
C ALA A 71 -1.47 1.40 6.01
N LEU A 72 -1.70 0.20 5.51
CA LEU A 72 -2.38 0.01 4.23
C LEU A 72 -3.87 0.28 4.38
N GLU A 73 -4.40 0.04 5.57
CA GLU A 73 -5.82 0.25 5.84
C GLU A 73 -6.25 1.65 5.41
N GLU A 74 -5.40 2.63 5.67
CA GLU A 74 -5.71 4.02 5.30
C GLU A 74 -5.57 4.22 3.80
N ALA A 75 -4.64 3.49 3.19
CA ALA A 75 -4.40 3.59 1.76
C ALA A 75 -5.71 3.42 0.98
N ASN A 76 -6.39 2.31 1.19
CA ASN A 76 -7.65 2.05 0.51
C ASN A 76 -8.71 3.08 0.89
N GLY A 77 -8.65 3.55 2.13
CA GLY A 77 -9.61 4.53 2.60
C GLY A 77 -9.53 5.82 1.82
N GLU A 78 -8.32 6.18 1.38
CA GLU A 78 -8.12 7.41 0.62
C GLU A 78 -8.53 7.22 -0.83
N ILE A 79 -8.23 6.06 -1.39
CA ILE A 79 -8.57 5.76 -2.76
C ILE A 79 -10.07 5.91 -3.02
N GLU A 80 -10.86 5.62 -1.98
CA GLU A 80 -12.32 5.74 -2.10
C GLU A 80 -12.73 7.19 -2.35
N LYS A 81 -12.38 8.07 -1.41
CA LYS A 81 -12.71 9.48 -1.53
C LYS A 81 -12.09 10.08 -2.79
N PHE A 82 -10.83 9.77 -3.03
CA PHE A 82 -10.12 10.28 -4.19
C PHE A 82 -10.90 10.00 -5.47
N SER A 83 -11.67 8.92 -5.45
CA SER A 83 -12.48 8.53 -6.61
C SER A 83 -13.27 9.73 -7.15
N ASN A 84 -13.68 10.61 -6.25
CA ASN A 84 -14.44 11.78 -6.64
C ASN A 84 -13.56 12.79 -7.37
N ARG A 85 -13.97 13.16 -8.58
CA ARG A 85 -13.22 14.12 -9.38
C ARG A 85 -13.06 15.45 -8.66
N SER A 86 -14.12 15.88 -7.98
CA SER A 86 -14.11 17.14 -7.26
C SER A 86 -12.94 17.17 -6.26
N ASN A 87 -12.63 16.01 -5.69
CA ASN A 87 -11.54 15.91 -4.73
C ASN A 87 -10.19 16.10 -5.41
N ILE A 88 -10.08 15.60 -6.63
CA ILE A 88 -8.84 15.71 -7.39
C ILE A 88 -8.62 17.14 -7.87
N CYS A 89 -9.70 17.78 -8.33
CA CYS A 89 -9.62 19.15 -8.81
C CYS A 89 -8.97 20.06 -7.77
N ARG A 90 -9.56 20.12 -6.59
CA ARG A 90 -9.04 20.95 -5.50
C ARG A 90 -7.63 20.54 -5.13
N PHE A 91 -7.36 19.23 -5.20
CA PHE A 91 -6.04 18.71 -4.87
C PHE A 91 -4.98 19.24 -5.83
N LEU A 92 -5.20 19.00 -7.12
CA LEU A 92 -4.26 19.45 -8.15
C LEU A 92 -4.18 20.98 -8.17
N THR A 93 -5.34 21.64 -8.27
CA THR A 93 -5.39 23.09 -8.30
C THR A 93 -4.67 23.69 -7.10
N ALA A 94 -4.76 23.01 -5.95
CA ALA A 94 -4.12 23.48 -4.73
C ALA A 94 -2.61 23.58 -4.91
N SER A 95 -2.06 22.67 -5.71
CA SER A 95 -0.62 22.66 -5.96
C SER A 95 0.16 22.37 -4.68
N GLN A 96 -0.05 21.18 -4.12
CA GLN A 96 0.63 20.80 -2.89
C GLN A 96 1.75 19.81 -3.18
N ASP A 97 1.50 18.90 -4.11
CA ASP A 97 2.49 17.89 -4.48
C ASP A 97 2.12 17.23 -5.80
N LYS A 98 2.99 16.34 -6.27
CA LYS A 98 2.76 15.64 -7.53
C LYS A 98 2.13 14.28 -7.29
N ILE A 99 2.40 13.69 -6.13
CA ILE A 99 1.86 12.39 -5.77
C ILE A 99 0.44 12.53 -5.21
N LEU A 100 -0.24 11.39 -5.08
CA LEU A 100 -1.60 11.38 -4.56
C LEU A 100 -1.69 10.53 -3.30
N PHE A 101 -0.98 9.42 -3.27
CA PHE A 101 -0.98 8.51 -2.13
C PHE A 101 0.43 8.40 -1.53
N LYS A 102 1.15 9.52 -1.51
CA LYS A 102 2.51 9.55 -0.96
C LYS A 102 2.47 9.46 0.56
N ASP A 103 1.53 10.17 1.17
CA ASP A 103 1.40 10.17 2.62
C ASP A 103 1.27 8.74 3.15
N VAL A 104 0.29 8.02 2.64
CA VAL A 104 0.05 6.64 3.06
C VAL A 104 1.23 5.75 2.70
N ASN A 105 1.95 6.11 1.65
CA ASN A 105 3.10 5.34 1.20
C ASN A 105 4.28 5.55 2.14
N ARG A 106 4.46 6.78 2.60
CA ARG A 106 5.56 7.10 3.51
C ARG A 106 5.51 6.22 4.75
N LYS A 107 4.35 6.14 5.37
CA LYS A 107 4.17 5.33 6.57
C LYS A 107 4.19 3.85 6.23
N LEU A 108 3.62 3.50 5.08
CA LEU A 108 3.57 2.11 4.64
C LEU A 108 4.97 1.54 4.48
N SER A 109 5.90 2.38 4.04
CA SER A 109 7.28 1.96 3.85
C SER A 109 8.05 1.97 5.17
N ASP A 110 7.75 2.96 6.01
CA ASP A 110 8.42 3.09 7.30
C ASP A 110 8.02 1.93 8.22
N VAL A 111 6.73 1.63 8.28
CA VAL A 111 6.23 0.54 9.12
C VAL A 111 6.75 -0.80 8.64
N TRP A 112 6.90 -0.95 7.33
CA TRP A 112 7.40 -2.19 6.75
C TRP A 112 8.88 -2.36 7.02
N LYS A 113 9.62 -1.25 7.02
CA LYS A 113 11.04 -1.28 7.26
C LYS A 113 11.37 -2.08 8.52
N GLU A 114 10.72 -1.73 9.62
CA GLU A 114 10.93 -2.42 10.89
C GLU A 114 10.22 -3.77 10.90
N LEU A 115 8.97 -3.79 10.45
CA LEU A 115 8.19 -5.02 10.41
C LEU A 115 8.96 -6.13 9.70
N SER A 116 9.26 -5.91 8.43
CA SER A 116 10.00 -6.89 7.64
C SER A 116 11.27 -7.33 8.36
N LEU A 117 11.84 -6.42 9.13
CA LEU A 117 13.06 -6.72 9.88
C LEU A 117 12.79 -7.73 10.99
N LEU A 118 11.61 -7.66 11.59
CA LEU A 118 11.23 -8.57 12.65
C LEU A 118 10.89 -9.95 12.10
N LEU A 119 10.41 -9.98 10.86
CA LEU A 119 10.05 -11.24 10.20
C LEU A 119 11.29 -11.99 9.74
N GLN A 120 12.16 -11.28 9.02
CA GLN A 120 13.39 -11.87 8.51
C GLN A 120 14.28 -12.35 9.65
N VAL A 121 14.40 -11.54 10.68
CA VAL A 121 15.22 -11.87 11.85
C VAL A 121 14.66 -13.09 12.56
N GLU A 122 13.33 -13.22 12.57
CA GLU A 122 12.68 -14.34 13.23
C GLU A 122 12.78 -15.61 12.38
N GLN A 123 11.96 -15.68 11.33
CA GLN A 123 11.96 -16.83 10.45
C GLN A 123 12.23 -16.41 9.01
N ARG A 124 12.84 -17.31 8.23
CA ARG A 124 13.15 -17.04 6.84
C ARG A 124 11.96 -16.46 6.11
N MET A 125 11.97 -15.15 5.89
CA MET A 125 10.88 -14.48 5.21
C MET A 125 11.41 -13.38 4.29
N PRO A 126 11.39 -13.63 2.98
CA PRO A 126 11.87 -12.68 1.97
C PRO A 126 10.95 -11.47 1.84
N VAL A 127 11.50 -10.28 2.07
CA VAL A 127 10.74 -9.05 1.98
C VAL A 127 10.86 -8.42 0.60
N SER A 128 10.11 -7.37 0.36
CA SER A 128 10.13 -6.67 -0.92
C SER A 128 11.56 -6.35 -1.33
N PRO A 129 11.80 -6.30 -2.65
CA PRO A 129 13.13 -5.99 -3.21
C PRO A 129 13.53 -4.54 -2.98
N ILE A 130 12.58 -3.64 -3.14
CA ILE A 130 12.85 -2.22 -2.94
C ILE A 130 13.52 -1.95 -1.60
N SER A 131 13.97 -0.72 -1.39
CA SER A 131 14.63 -0.35 -0.15
C SER A 131 13.65 0.32 0.81
N GLN A 132 12.55 0.81 0.26
CA GLN A 132 11.52 1.48 1.06
C GLN A 132 12.08 2.75 1.71
N GLY A 133 11.71 3.90 1.14
CA GLY A 133 12.19 5.16 1.67
C GLY A 133 11.89 6.33 0.74
N ALA A 134 12.80 6.58 -0.20
CA ALA A 134 12.63 7.67 -1.15
C ALA A 134 12.23 7.14 -2.52
N SER A 135 12.73 5.97 -2.87
CA SER A 135 12.44 5.35 -4.16
C SER A 135 10.93 5.33 -4.41
N TRP A 136 10.16 5.11 -3.35
CA TRP A 136 8.71 5.06 -3.45
C TRP A 136 8.18 6.30 -4.15
N ALA A 137 8.58 7.48 -3.68
CA ALA A 137 8.15 8.73 -4.27
C ALA A 137 8.86 9.01 -5.59
N GLN A 138 10.10 8.54 -5.68
CA GLN A 138 10.89 8.74 -6.89
C GLN A 138 10.18 8.16 -8.11
N GLU A 139 9.77 6.90 -8.01
CA GLU A 139 9.07 6.22 -9.10
C GLU A 139 7.66 6.78 -9.27
N ASP A 140 7.03 7.14 -8.16
CA ASP A 140 5.69 7.69 -8.19
C ASP A 140 5.66 9.01 -8.94
N GLN A 141 6.66 9.85 -8.69
CA GLN A 141 6.75 11.15 -9.35
C GLN A 141 6.62 11.01 -10.86
N GLN A 142 7.30 10.02 -11.42
CA GLN A 142 7.26 9.78 -12.86
C GLN A 142 5.83 9.61 -13.34
N ASP A 143 5.10 8.71 -12.70
CA ASP A 143 3.71 8.46 -13.06
C ASP A 143 2.83 9.67 -12.77
N ALA A 144 3.15 10.38 -11.69
CA ALA A 144 2.40 11.56 -11.30
C ALA A 144 2.49 12.64 -12.36
N ASP A 145 3.68 12.83 -12.91
CA ASP A 145 3.91 13.84 -13.94
C ASP A 145 2.94 13.64 -15.11
N GLU A 146 2.88 12.42 -15.62
CA GLU A 146 2.00 12.10 -16.74
C GLU A 146 0.53 12.23 -16.32
N ASP A 147 0.24 11.84 -15.09
CA ASP A 147 -1.12 11.91 -14.57
C ASP A 147 -1.60 13.36 -14.48
N ARG A 148 -0.69 14.26 -14.14
CA ARG A 148 -1.01 15.68 -14.02
C ARG A 148 -1.35 16.27 -15.38
N ARG A 149 -0.47 16.04 -16.36
CA ARG A 149 -0.68 16.57 -17.70
C ARG A 149 -1.86 15.87 -18.37
N ALA A 150 -2.02 14.58 -18.10
CA ALA A 150 -3.10 13.80 -18.68
C ALA A 150 -4.46 14.28 -18.16
N PHE A 151 -4.51 14.63 -16.88
CA PHE A 151 -5.74 15.10 -16.27
C PHE A 151 -6.33 16.27 -17.06
N GLN A 152 -5.46 17.16 -17.53
CA GLN A 152 -5.90 18.32 -18.29
C GLN A 152 -6.80 17.90 -19.45
N MET A 153 -6.46 16.79 -20.09
CA MET A 153 -7.24 16.28 -21.21
C MET A 153 -8.35 15.35 -20.72
N LEU A 154 -8.07 14.60 -19.66
CA LEU A 154 -9.05 13.68 -19.10
C LEU A 154 -10.33 14.42 -18.70
N ARG A 155 -10.17 15.67 -18.26
CA ARG A 155 -11.32 16.47 -17.86
C ARG A 155 -12.25 16.74 -19.04
N ARG A 156 -13.27 15.92 -19.18
CA ARG A 156 -14.23 16.06 -20.27
C ARG A 156 -15.66 16.10 -19.73
N ASP A 157 -16.52 16.86 -20.39
CA ASP A 157 -17.91 16.97 -20.00
C ASP A 157 -18.75 15.84 -20.59
C4 UJ2 B . -1.22 -15.32 18.90
C5 UJ2 B . -0.85 -14.09 19.47
C6 UJ2 B . -0.70 -12.99 18.69
C8 UJ2 B . -1.12 -12.73 15.17
C10 UJ2 B . -1.15 -12.04 13.83
C13 UJ2 B . 1.44 -12.18 11.10
C15 UJ2 B . 2.22 -13.47 12.97
C17 UJ2 B . 3.66 -13.31 10.93
C20 UJ2 B . 5.98 -13.92 9.54
C21 UJ2 B . 5.96 -13.96 10.92
C22 UJ2 B . 4.81 -13.65 11.62
C24 UJ2 B . 0.02 -10.02 14.37
C1 UJ2 B . -0.91 -13.06 17.31
N7 UJ2 B . -0.84 -12.16 16.30
N9 UJ2 B . -1.41 -14.04 15.38
C11 UJ2 B . 0.10 -12.38 13.08
C12 UJ2 B . 0.29 -11.87 11.79
C16 UJ2 B . 1.07 -13.17 13.67
C14 UJ2 B . 2.42 -12.98 11.68
C18 UJ2 B . 3.67 -13.26 9.54
C19 UJ2 B . 4.82 -13.56 8.85
O23 UJ2 B . -1.23 -10.63 14.03
C2 UJ2 B . -1.28 -14.29 16.73
C3 UJ2 B . -1.43 -15.41 17.52
C25 UJ2 B . -1.39 -16.51 19.75
O26 UJ2 B . -0.76 -16.61 20.78
O27 UJ2 B . -2.24 -17.49 19.39
H29 UJ2 B . -0.69 -14.02 20.54
H30 UJ2 B . -0.42 -12.05 19.13
H32 UJ2 B . -2.02 -12.37 13.27
H34 UJ2 B . 1.58 -11.79 10.10
H35 UJ2 B . 2.98 -14.10 13.43
H39 UJ2 B . 6.87 -14.15 8.99
H40 UJ2 B . 6.87 -14.23 11.45
H41 UJ2 B . 4.82 -13.68 12.70
H42 UJ2 B . 0.60 -10.70 14.99
H44 UJ2 B . -0.17 -9.09 14.91
H43 UJ2 B . 0.57 -9.79 13.45
H31 UJ2 B . -1.66 -14.70 14.69
H33 UJ2 B . -0.47 -11.25 11.35
H36 UJ2 B . 0.93 -13.54 14.66
H37 UJ2 B . 2.76 -13.00 9.00
H38 UJ2 B . 4.83 -13.53 7.77
H28 UJ2 B . -1.71 -16.36 17.08
H45 UJ2 B . -2.48 -18.14 20.06
N GLY A 1 -13.52 -18.22 5.32
CA GLY A 1 -13.73 -19.22 6.34
C GLY A 1 -12.46 -19.97 6.69
N SER A 2 -11.54 -19.29 7.37
CA SER A 2 -10.28 -19.91 7.76
C SER A 2 -9.91 -19.55 9.19
N PRO A 3 -9.01 -20.34 9.80
CA PRO A 3 -8.56 -20.12 11.17
C PRO A 3 -7.69 -18.87 11.30
N GLY A 4 -6.72 -18.74 10.40
CA GLY A 4 -5.83 -17.59 10.44
C GLY A 4 -6.48 -16.34 9.87
N GLU A 5 -7.47 -15.82 10.58
CA GLU A 5 -8.18 -14.63 10.14
C GLU A 5 -7.30 -13.39 10.30
N ASN A 6 -6.51 -13.36 11.37
CA ASN A 6 -5.62 -12.23 11.63
C ASN A 6 -4.65 -12.02 10.48
N LEU A 7 -3.95 -13.08 10.11
CA LEU A 7 -2.98 -13.03 9.02
C LEU A 7 -3.66 -12.64 7.71
N LYS A 8 -4.86 -13.17 7.50
CA LYS A 8 -5.62 -12.88 6.29
C LYS A 8 -5.83 -11.38 6.12
N HIS A 9 -5.81 -10.66 7.24
CA HIS A 9 -6.00 -9.21 7.22
C HIS A 9 -5.03 -8.55 6.26
N ILE A 10 -3.74 -8.88 6.40
CA ILE A 10 -2.71 -8.31 5.53
C ILE A 10 -2.89 -8.77 4.10
N ILE A 11 -3.35 -10.01 3.92
CA ILE A 11 -3.56 -10.56 2.59
C ILE A 11 -4.69 -9.82 1.86
N THR A 12 -5.85 -9.72 2.51
CA THR A 12 -6.99 -9.05 1.93
C THR A 12 -6.78 -7.54 1.90
N LEU A 13 -6.63 -6.94 3.07
CA LEU A 13 -6.42 -5.50 3.17
C LEU A 13 -5.22 -5.06 2.34
N GLY A 14 -4.30 -5.99 2.11
CA GLY A 14 -3.11 -5.69 1.32
C GLY A 14 -3.41 -5.59 -0.16
N GLN A 15 -4.08 -6.60 -0.70
CA GLN A 15 -4.42 -6.62 -2.12
C GLN A 15 -5.59 -5.68 -2.40
N VAL A 16 -6.45 -5.49 -1.41
CA VAL A 16 -7.60 -4.61 -1.56
C VAL A 16 -7.19 -3.23 -2.08
N ILE A 17 -5.98 -2.82 -1.72
CA ILE A 17 -5.47 -1.52 -2.15
C ILE A 17 -5.32 -1.46 -3.66
N HIS A 18 -4.66 -2.46 -4.24
CA HIS A 18 -4.45 -2.53 -5.68
C HIS A 18 -5.79 -2.52 -6.42
N LYS A 19 -6.77 -3.21 -5.85
CA LYS A 19 -8.10 -3.30 -6.44
C LYS A 19 -8.73 -1.92 -6.55
N ARG A 20 -8.35 -1.02 -5.64
CA ARG A 20 -8.89 0.33 -5.63
C ARG A 20 -8.63 1.02 -6.97
N CYS A 21 -7.38 1.01 -7.42
CA CYS A 21 -7.01 1.63 -8.68
C CYS A 21 -7.92 1.16 -9.81
N GLU A 22 -8.42 -0.06 -9.68
CA GLU A 22 -9.29 -0.64 -10.69
C GLU A 22 -10.60 0.15 -10.79
N GLU A 23 -11.04 0.71 -9.66
CA GLU A 23 -12.27 1.47 -9.61
C GLU A 23 -12.01 2.94 -9.99
N MET A 24 -10.78 3.39 -9.77
CA MET A 24 -10.41 4.76 -10.09
C MET A 24 -10.43 5.00 -11.59
N LYS A 25 -10.38 6.26 -12.00
CA LYS A 25 -10.39 6.62 -13.41
C LYS A 25 -9.40 7.75 -13.69
N TYR A 26 -9.36 8.73 -12.78
CA TYR A 26 -8.46 9.86 -12.93
C TYR A 26 -7.10 9.57 -12.32
N CYS A 27 -7.10 9.14 -11.06
CA CYS A 27 -5.87 8.83 -10.35
C CYS A 27 -5.47 7.38 -10.58
N LYS A 28 -6.32 6.64 -11.28
CA LYS A 28 -6.05 5.23 -11.57
C LYS A 28 -4.65 5.05 -12.14
N LYS A 29 -4.18 6.06 -12.86
CA LYS A 29 -2.85 6.01 -13.46
C LYS A 29 -1.77 5.93 -12.39
N GLN A 30 -1.84 6.84 -11.41
CA GLN A 30 -0.87 6.86 -10.32
C GLN A 30 -1.12 5.72 -9.35
N CYS A 31 -2.39 5.41 -9.11
CA CYS A 31 -2.76 4.35 -8.19
C CYS A 31 -2.33 2.99 -8.74
N ARG A 32 -2.34 2.86 -10.06
CA ARG A 32 -1.95 1.61 -10.70
C ARG A 32 -0.61 1.12 -10.19
N ARG A 33 0.39 1.99 -10.26
CA ARG A 33 1.73 1.65 -9.80
C ARG A 33 1.77 1.48 -8.28
N LEU A 34 0.97 2.28 -7.59
CA LEU A 34 0.91 2.23 -6.13
C LEU A 34 0.50 0.84 -5.67
N GLY A 35 -0.62 0.34 -6.18
CA GLY A 35 -1.08 -0.98 -5.79
C GLY A 35 -0.08 -2.07 -6.12
N HIS A 36 0.38 -2.11 -7.38
CA HIS A 36 1.35 -3.09 -7.81
C HIS A 36 2.58 -3.09 -6.91
N ARG A 37 3.04 -1.91 -6.54
CA ARG A 37 4.21 -1.77 -5.68
C ARG A 37 3.88 -2.18 -4.25
N VAL A 38 2.64 -1.91 -3.84
CA VAL A 38 2.20 -2.26 -2.49
C VAL A 38 2.00 -3.76 -2.34
N LEU A 39 1.63 -4.42 -3.44
CA LEU A 39 1.41 -5.86 -3.43
C LEU A 39 2.72 -6.61 -3.19
N GLY A 40 3.83 -5.94 -3.48
CA GLY A 40 5.13 -6.55 -3.28
C GLY A 40 5.40 -6.91 -1.84
N LEU A 41 4.76 -6.18 -0.93
CA LEU A 41 4.94 -6.42 0.51
C LEU A 41 4.06 -7.59 0.98
N ILE A 42 2.81 -7.60 0.53
CA ILE A 42 1.88 -8.66 0.91
C ILE A 42 2.14 -9.92 0.10
N LYS A 43 2.83 -9.78 -1.02
CA LYS A 43 3.15 -10.91 -1.88
C LYS A 43 3.80 -12.04 -1.09
N PRO A 44 4.93 -11.73 -0.43
CA PRO A 44 5.67 -12.70 0.38
C PRO A 44 4.93 -13.06 1.65
N LEU A 45 3.83 -12.37 1.92
CA LEU A 45 3.02 -12.62 3.11
C LEU A 45 2.04 -13.76 2.87
N GLU A 46 1.65 -13.95 1.61
CA GLU A 46 0.71 -15.00 1.25
C GLU A 46 1.40 -16.36 1.23
N MET A 47 2.61 -16.40 0.70
CA MET A 47 3.38 -17.64 0.62
C MET A 47 3.47 -18.30 2.00
N LEU A 48 3.54 -17.49 3.04
CA LEU A 48 3.63 -18.01 4.41
C LEU A 48 2.25 -18.09 5.05
N GLN A 49 1.33 -17.28 4.54
CA GLN A 49 -0.04 -17.26 5.07
C GLN A 49 -0.63 -18.67 5.09
N ASP A 50 -0.31 -19.45 4.07
CA ASP A 50 -0.81 -20.82 3.97
C ASP A 50 -0.12 -21.73 4.98
N GLN A 51 1.17 -21.47 5.22
CA GLN A 51 1.95 -22.26 6.16
C GLN A 51 1.49 -22.00 7.59
N GLY A 52 1.69 -20.77 8.07
CA GLY A 52 1.30 -20.42 9.41
C GLY A 52 -0.16 -20.00 9.49
N LYS A 53 -0.67 -19.90 10.72
CA LYS A 53 -2.06 -19.50 10.94
C LYS A 53 -2.19 -18.69 12.22
N ARG A 54 -2.12 -19.36 13.36
CA ARG A 54 -2.23 -18.70 14.65
C ARG A 54 -1.29 -19.33 15.68
N SER A 55 0.00 -19.03 15.56
CA SER A 55 0.99 -19.58 16.47
C SER A 55 1.71 -18.45 17.21
N VAL A 56 1.87 -17.31 16.55
CA VAL A 56 2.54 -16.17 17.15
C VAL A 56 3.68 -16.60 18.06
N PRO A 57 4.85 -16.85 17.45
CA PRO A 57 6.04 -17.28 18.19
C PRO A 57 6.61 -16.17 19.07
N SER A 58 6.79 -14.99 18.49
CA SER A 58 7.33 -13.85 19.22
C SER A 58 6.44 -12.62 19.03
N GLU A 59 5.72 -12.26 20.08
CA GLU A 59 4.83 -11.11 20.04
C GLU A 59 5.54 -9.90 19.42
N LYS A 60 6.86 -9.83 19.62
CA LYS A 60 7.65 -8.74 19.09
C LYS A 60 7.41 -8.56 17.58
N LEU A 61 7.34 -9.67 16.86
CA LEU A 61 7.10 -9.64 15.43
C LEU A 61 5.64 -9.35 15.12
N THR A 62 4.75 -10.02 15.84
CA THR A 62 3.31 -9.82 15.65
C THR A 62 2.92 -8.35 15.80
N THR A 63 3.63 -7.65 16.68
CA THR A 63 3.36 -6.24 16.92
C THR A 63 3.65 -5.40 15.68
N ALA A 64 4.60 -5.87 14.86
CA ALA A 64 4.97 -5.18 13.64
C ALA A 64 3.82 -5.17 12.64
N MET A 65 2.96 -6.19 12.73
CA MET A 65 1.82 -6.30 11.83
C MET A 65 0.72 -5.32 12.21
N ASN A 66 0.58 -5.07 13.52
CA ASN A 66 -0.44 -4.15 14.01
C ASN A 66 -0.25 -2.76 13.42
N ARG A 67 1.01 -2.30 13.39
CA ARG A 67 1.33 -0.99 12.85
C ARG A 67 1.32 -1.00 11.33
N PHE A 68 1.87 -2.07 10.75
CA PHE A 68 1.92 -2.21 9.30
C PHE A 68 0.52 -2.24 8.70
N LYS A 69 -0.36 -3.04 9.31
CA LYS A 69 -1.73 -3.16 8.84
C LYS A 69 -2.37 -1.78 8.65
N ALA A 70 -2.02 -0.85 9.54
CA ALA A 70 -2.56 0.50 9.47
C ALA A 70 -1.98 1.26 8.29
N ALA A 71 -0.72 0.97 7.96
CA ALA A 71 -0.04 1.63 6.85
C ALA A 71 -0.88 1.58 5.59
N LEU A 72 -1.29 0.38 5.20
CA LEU A 72 -2.10 0.18 4.00
C LEU A 72 -3.54 0.58 4.26
N GLU A 73 -3.99 0.43 5.51
CA GLU A 73 -5.35 0.78 5.88
C GLU A 73 -5.69 2.20 5.44
N GLU A 74 -4.71 3.10 5.53
CA GLU A 74 -4.91 4.49 5.14
C GLU A 74 -4.94 4.63 3.62
N ALA A 75 -4.14 3.80 2.94
CA ALA A 75 -4.08 3.83 1.49
C ALA A 75 -5.46 3.60 0.87
N ASN A 76 -6.07 2.47 1.23
CA ASN A 76 -7.39 2.12 0.70
C ASN A 76 -8.44 3.14 1.15
N GLY A 77 -8.27 3.67 2.36
CA GLY A 77 -9.19 4.66 2.87
C GLY A 77 -9.10 5.98 2.15
N GLU A 78 -7.89 6.39 1.82
CA GLU A 78 -7.67 7.65 1.10
C GLU A 78 -8.18 7.56 -0.33
N ILE A 79 -7.87 6.46 -0.99
CA ILE A 79 -8.29 6.26 -2.38
C ILE A 79 -9.81 6.40 -2.51
N GLU A 80 -10.53 5.99 -1.47
CA GLU A 80 -11.99 6.07 -1.48
C GLU A 80 -12.44 7.52 -1.65
N LYS A 81 -12.06 8.37 -0.69
CA LYS A 81 -12.44 9.78 -0.73
C LYS A 81 -11.78 10.48 -1.91
N PHE A 82 -10.57 10.05 -2.26
CA PHE A 82 -9.83 10.64 -3.37
C PHE A 82 -10.63 10.53 -4.67
N SER A 83 -11.46 9.49 -4.77
CA SER A 83 -12.26 9.28 -5.96
C SER A 83 -13.03 10.54 -6.33
N ASN A 84 -13.45 11.30 -5.32
CA ASN A 84 -14.18 12.54 -5.56
C ASN A 84 -13.40 13.47 -6.47
N ARG A 85 -13.99 13.78 -7.63
CA ARG A 85 -13.35 14.66 -8.60
C ARG A 85 -12.90 15.96 -7.94
N SER A 86 -13.69 16.43 -6.98
CA SER A 86 -13.37 17.66 -6.27
C SER A 86 -12.11 17.51 -5.43
N ASN A 87 -11.97 16.35 -4.81
CA ASN A 87 -10.80 16.06 -3.98
C ASN A 87 -9.51 16.20 -4.77
N ILE A 88 -9.47 15.56 -5.94
CA ILE A 88 -8.30 15.62 -6.80
C ILE A 88 -8.16 16.99 -7.44
N CYS A 89 -9.28 17.57 -7.86
CA CYS A 89 -9.29 18.88 -8.50
C CYS A 89 -8.58 19.91 -7.61
N ARG A 90 -9.01 20.00 -6.37
CA ARG A 90 -8.41 20.95 -5.42
C ARG A 90 -6.97 20.59 -5.12
N PHE A 91 -6.68 19.29 -5.10
CA PHE A 91 -5.33 18.81 -4.82
C PHE A 91 -4.36 19.24 -5.92
N LEU A 92 -4.78 19.03 -7.17
CA LEU A 92 -3.95 19.39 -8.32
C LEU A 92 -3.90 20.91 -8.50
N THR A 93 -5.07 21.54 -8.57
CA THR A 93 -5.15 22.98 -8.72
C THR A 93 -4.35 23.71 -7.65
N ALA A 94 -4.35 23.16 -6.44
CA ALA A 94 -3.62 23.75 -5.34
C ALA A 94 -2.15 23.97 -5.70
N SER A 95 -1.60 23.07 -6.49
CA SER A 95 -0.20 23.17 -6.91
C SER A 95 0.73 23.15 -5.70
N GLN A 96 0.55 22.16 -4.83
CA GLN A 96 1.37 22.03 -3.63
C GLN A 96 2.18 20.73 -3.66
N ASP A 97 1.57 19.69 -4.20
CA ASP A 97 2.23 18.39 -4.30
C ASP A 97 2.10 17.81 -5.70
N LYS A 98 2.89 16.78 -5.99
CA LYS A 98 2.85 16.13 -7.30
C LYS A 98 2.31 14.72 -7.19
N ILE A 99 2.58 14.07 -6.06
CA ILE A 99 2.11 12.70 -5.84
C ILE A 99 0.69 12.70 -5.28
N LEU A 100 0.06 11.52 -5.29
CA LEU A 100 -1.30 11.38 -4.80
C LEU A 100 -1.32 10.63 -3.47
N PHE A 101 -0.64 9.49 -3.42
CA PHE A 101 -0.57 8.69 -2.21
C PHE A 101 0.86 8.57 -1.71
N LYS A 102 1.60 9.67 -1.79
CA LYS A 102 2.99 9.70 -1.34
C LYS A 102 3.07 9.59 0.18
N ASP A 103 2.11 10.19 0.87
CA ASP A 103 2.06 10.16 2.33
C ASP A 103 1.88 8.73 2.83
N VAL A 104 0.82 8.07 2.35
CA VAL A 104 0.54 6.70 2.77
C VAL A 104 1.62 5.74 2.27
N ASN A 105 2.26 6.09 1.16
CA ASN A 105 3.31 5.26 0.59
C ASN A 105 4.58 5.35 1.42
N ARG A 106 4.93 6.58 1.83
CA ARG A 106 6.13 6.80 2.62
C ARG A 106 6.10 5.95 3.89
N LYS A 107 4.95 5.93 4.56
CA LYS A 107 4.80 5.16 5.79
C LYS A 107 4.70 3.66 5.48
N LEU A 108 3.95 3.33 4.44
CA LEU A 108 3.77 1.94 4.04
C LEU A 108 5.11 1.23 3.91
N SER A 109 6.13 1.99 3.53
CA SER A 109 7.48 1.44 3.36
C SER A 109 8.22 1.40 4.70
N ASP A 110 8.25 2.53 5.39
CA ASP A 110 8.92 2.62 6.68
C ASP A 110 8.44 1.53 7.62
N VAL A 111 7.12 1.34 7.68
CA VAL A 111 6.53 0.33 8.55
C VAL A 111 6.99 -1.07 8.15
N TRP A 112 7.32 -1.24 6.87
CA TRP A 112 7.78 -2.53 6.36
C TRP A 112 9.26 -2.72 6.65
N LYS A 113 10.01 -1.62 6.67
CA LYS A 113 11.44 -1.69 6.93
C LYS A 113 11.73 -2.48 8.20
N GLU A 114 11.12 -2.08 9.31
CA GLU A 114 11.31 -2.77 10.58
C GLU A 114 10.54 -4.07 10.61
N LEU A 115 9.29 -4.03 10.14
CA LEU A 115 8.45 -5.22 10.12
C LEU A 115 9.16 -6.40 9.48
N SER A 116 9.60 -6.21 8.23
CA SER A 116 10.30 -7.26 7.50
C SER A 116 11.49 -7.78 8.30
N LEU A 117 12.12 -6.89 9.07
CA LEU A 117 13.26 -7.25 9.88
C LEU A 117 12.84 -8.12 11.06
N LEU A 118 11.63 -7.88 11.56
CA LEU A 118 11.10 -8.65 12.68
C LEU A 118 10.59 -10.02 12.21
N LEU A 119 10.11 -10.07 10.98
CA LEU A 119 9.60 -11.32 10.42
C LEU A 119 10.74 -12.24 10.01
N GLN A 120 11.78 -11.66 9.42
CA GLN A 120 12.94 -12.43 8.98
C GLN A 120 13.75 -12.94 10.17
N VAL A 121 13.97 -12.06 11.14
CA VAL A 121 14.73 -12.42 12.33
C VAL A 121 14.08 -13.59 13.07
N GLU A 122 12.75 -13.63 13.04
CA GLU A 122 12.00 -14.69 13.70
C GLU A 122 11.85 -15.90 12.79
N GLN A 123 11.71 -15.64 11.49
CA GLN A 123 11.55 -16.72 10.51
C GLN A 123 12.01 -16.26 9.14
N ARG A 124 13.00 -16.97 8.57
CA ARG A 124 13.52 -16.64 7.26
C ARG A 124 12.39 -16.45 6.25
N MET A 125 12.14 -15.19 5.88
CA MET A 125 11.09 -14.87 4.93
C MET A 125 11.55 -13.79 3.95
N PRO A 126 11.18 -13.95 2.67
CA PRO A 126 11.54 -13.01 1.62
C PRO A 126 10.82 -11.67 1.76
N VAL A 127 11.59 -10.59 1.77
CA VAL A 127 11.01 -9.25 1.91
C VAL A 127 11.12 -8.47 0.60
N SER A 128 10.42 -7.35 0.51
CA SER A 128 10.44 -6.52 -0.68
C SER A 128 11.87 -6.32 -1.18
N PRO A 129 12.06 -6.46 -2.50
CA PRO A 129 13.37 -6.29 -3.13
C PRO A 129 13.84 -4.84 -3.12
N ILE A 130 12.92 -3.92 -3.35
CA ILE A 130 13.24 -2.50 -3.36
C ILE A 130 14.02 -2.10 -2.12
N SER A 131 14.75 -0.99 -2.20
CA SER A 131 15.54 -0.50 -1.09
C SER A 131 14.64 0.00 0.04
N GLN A 132 13.44 0.44 -0.33
CA GLN A 132 12.47 0.95 0.65
C GLN A 132 12.98 2.23 1.30
N GLY A 133 13.83 2.96 0.56
CA GLY A 133 14.37 4.21 1.08
C GLY A 133 13.88 5.41 0.31
N ALA A 134 12.65 5.83 0.59
CA ALA A 134 12.07 6.99 -0.08
C ALA A 134 12.00 6.77 -1.58
N SER A 135 12.10 5.52 -2.01
CA SER A 135 12.07 5.18 -3.43
C SER A 135 10.63 5.18 -3.94
N TRP A 136 9.69 4.84 -3.06
CA TRP A 136 8.29 4.79 -3.43
C TRP A 136 7.85 6.09 -4.10
N ALA A 137 8.10 7.21 -3.43
CA ALA A 137 7.74 8.51 -3.96
C ALA A 137 8.65 8.91 -5.12
N GLN A 138 9.89 8.46 -5.07
CA GLN A 138 10.86 8.76 -6.12
C GLN A 138 10.34 8.31 -7.49
N GLU A 139 9.83 7.09 -7.54
CA GLU A 139 9.29 6.54 -8.79
C GLU A 139 7.96 7.21 -9.15
N ASP A 140 7.18 7.50 -8.13
CA ASP A 140 5.88 8.14 -8.34
C ASP A 140 6.04 9.54 -8.90
N GLN A 141 7.06 10.25 -8.44
CA GLN A 141 7.32 11.61 -8.90
C GLN A 141 7.37 11.67 -10.42
N GLN A 142 7.91 10.60 -11.03
CA GLN A 142 8.02 10.54 -12.48
C GLN A 142 6.64 10.49 -13.14
N ASP A 143 5.80 9.57 -12.68
CA ASP A 143 4.45 9.43 -13.22
C ASP A 143 3.61 10.67 -12.90
N ALA A 144 3.84 11.25 -11.72
CA ALA A 144 3.10 12.43 -11.31
C ALA A 144 3.19 13.53 -12.36
N ASP A 145 4.34 13.62 -13.02
CA ASP A 145 4.54 14.64 -14.06
C ASP A 145 3.59 14.42 -15.23
N GLU A 146 3.41 13.15 -15.60
CA GLU A 146 2.53 12.80 -16.72
C GLU A 146 1.07 12.84 -16.29
N ASP A 147 0.82 12.45 -15.04
CA ASP A 147 -0.54 12.45 -14.51
C ASP A 147 -1.21 13.80 -14.69
N ARG A 148 -0.42 14.87 -14.56
CA ARG A 148 -0.93 16.22 -14.71
C ARG A 148 -1.71 16.38 -16.01
N ARG A 149 -1.01 16.24 -17.14
CA ARG A 149 -1.64 16.36 -18.45
C ARG A 149 -2.72 15.30 -18.63
N ALA A 150 -2.44 14.08 -18.16
CA ALA A 150 -3.39 12.99 -18.27
C ALA A 150 -4.74 13.36 -17.65
N PHE A 151 -4.69 13.98 -16.47
CA PHE A 151 -5.90 14.38 -15.77
C PHE A 151 -6.76 15.28 -16.65
N GLN A 152 -6.17 16.37 -17.13
CA GLN A 152 -6.88 17.32 -17.99
C GLN A 152 -7.41 16.63 -19.23
N MET A 153 -6.64 15.69 -19.77
CA MET A 153 -7.04 14.95 -20.96
C MET A 153 -8.23 14.05 -20.67
N LEU A 154 -8.21 13.40 -19.51
CA LEU A 154 -9.30 12.51 -19.11
C LEU A 154 -10.66 13.22 -19.22
N ARG A 155 -11.43 12.84 -20.22
CA ARG A 155 -12.74 13.44 -20.44
C ARG A 155 -13.77 12.83 -19.49
N ARG A 156 -14.72 13.66 -19.05
CA ARG A 156 -15.76 13.21 -18.13
C ARG A 156 -16.69 12.21 -18.82
N ASP A 157 -17.30 11.35 -18.02
CA ASP A 157 -18.21 10.34 -18.55
C ASP A 157 -19.30 10.00 -17.53
C4 UJ2 B . -2.14 -14.80 18.61
C5 UJ2 B . -2.01 -13.56 19.22
C6 UJ2 B . -1.83 -12.43 18.47
C8 UJ2 B . -1.65 -12.21 14.92
C10 UJ2 B . -1.50 -11.53 13.58
C13 UJ2 B . 1.02 -12.41 10.92
C15 UJ2 B . 1.99 -12.86 13.08
C17 UJ2 B . 3.34 -13.31 11.02
C20 UJ2 B . 5.67 -14.17 9.80
C21 UJ2 B . 5.38 -14.57 11.08
C22 UJ2 B . 4.22 -14.14 11.71
C24 UJ2 B . -0.19 -9.65 14.30
C1 UJ2 B . -1.79 -12.52 17.07
N7 UJ2 B . -1.63 -11.62 16.08
N9 UJ2 B . -1.82 -13.55 15.09
C11 UJ2 B . -0.23 -12.00 12.92
C12 UJ2 B . -0.13 -11.98 11.54
C16 UJ2 B . 0.83 -12.43 13.69
C14 UJ2 B . 2.09 -12.86 11.68
C18 UJ2 B . 3.62 -12.91 9.72
C19 UJ2 B . 4.79 -13.34 9.12
O23 UJ2 B . -1.45 -10.11 13.79
C2 UJ2 B . -1.91 -13.78 16.45
C3 UJ2 B . -2.08 -14.92 17.22
C25 UJ2 B . -2.32 -16.01 19.45
O26 UJ2 B . -2.44 -15.91 20.65
O27 UJ2 B . -2.37 -17.23 18.87
H29 UJ2 B . -2.05 -13.47 20.30
H30 UJ2 B . -1.74 -11.47 18.94
H32 UJ2 B . -2.35 -11.77 12.95
H34 UJ2 B . 1.09 -12.39 9.84
H35 UJ2 B . 2.83 -13.20 13.67
H39 UJ2 B . 6.57 -14.50 9.32
H40 UJ2 B . 6.07 -15.22 11.61
H41 UJ2 B . 4.01 -14.45 12.72
H42 UJ2 B . -0.32 -8.66 14.75
H44 UJ2 B . 0.54 -9.58 13.48
H43 UJ2 B . 0.17 -10.35 15.05
H31 UJ2 B . -1.87 -14.22 14.38
H33 UJ2 B . -0.97 -11.63 10.94
H36 UJ2 B . 0.75 -12.43 14.76
H37 UJ2 B . 2.95 -12.27 9.19
H38 UJ2 B . 5.02 -13.03 8.10
H28 UJ2 B . -2.18 -15.89 16.75
H45 UJ2 B . -1.69 -17.87 19.12
N GLY A 1 -5.57 -15.55 18.50
CA GLY A 1 -6.27 -16.59 19.24
C GLY A 1 -6.23 -17.92 18.53
N SER A 2 -7.33 -18.66 18.61
CA SER A 2 -7.41 -19.98 17.97
C SER A 2 -7.33 -19.85 16.46
N PRO A 3 -8.29 -19.12 15.87
CA PRO A 3 -8.35 -18.91 14.43
C PRO A 3 -7.22 -18.01 13.93
N GLY A 4 -7.20 -17.79 12.62
CA GLY A 4 -6.16 -16.94 12.03
C GLY A 4 -6.74 -15.90 11.09
N GLU A 5 -7.94 -15.42 11.40
CA GLU A 5 -8.59 -14.41 10.56
C GLU A 5 -7.70 -13.19 10.39
N ASN A 6 -6.93 -12.87 11.43
CA ASN A 6 -6.04 -11.71 11.41
C ASN A 6 -5.00 -11.86 10.29
N LEU A 7 -4.59 -13.09 10.04
CA LEU A 7 -3.60 -13.37 9.00
C LEU A 7 -4.14 -12.99 7.62
N LYS A 8 -5.36 -13.43 7.33
CA LYS A 8 -5.99 -13.14 6.05
C LYS A 8 -6.19 -11.65 5.87
N HIS A 9 -6.26 -10.92 6.99
CA HIS A 9 -6.45 -9.48 6.95
C HIS A 9 -5.40 -8.81 6.06
N ILE A 10 -4.13 -9.11 6.33
CA ILE A 10 -3.03 -8.55 5.55
C ILE A 10 -3.10 -9.02 4.09
N ILE A 11 -3.58 -10.24 3.89
CA ILE A 11 -3.69 -10.80 2.56
C ILE A 11 -4.76 -10.08 1.73
N THR A 12 -5.96 -10.00 2.29
CA THR A 12 -7.07 -9.32 1.61
C THR A 12 -6.87 -7.82 1.60
N LEU A 13 -6.83 -7.21 2.78
CA LEU A 13 -6.64 -5.77 2.90
C LEU A 13 -5.41 -5.32 2.14
N GLY A 14 -4.41 -6.20 2.07
CA GLY A 14 -3.18 -5.87 1.38
C GLY A 14 -3.38 -5.69 -0.11
N GLN A 15 -3.99 -6.70 -0.75
CA GLN A 15 -4.24 -6.65 -2.18
C GLN A 15 -5.40 -5.71 -2.50
N VAL A 16 -6.31 -5.54 -1.54
CA VAL A 16 -7.46 -4.67 -1.72
C VAL A 16 -7.03 -3.29 -2.20
N ILE A 17 -5.83 -2.87 -1.81
CA ILE A 17 -5.32 -1.58 -2.21
C ILE A 17 -5.29 -1.44 -3.73
N HIS A 18 -4.64 -2.39 -4.40
CA HIS A 18 -4.53 -2.38 -5.85
C HIS A 18 -5.91 -2.54 -6.49
N LYS A 19 -6.74 -3.39 -5.89
CA LYS A 19 -8.08 -3.64 -6.40
C LYS A 19 -8.85 -2.33 -6.57
N ARG A 20 -8.51 -1.34 -5.75
CA ARG A 20 -9.18 -0.04 -5.81
C ARG A 20 -9.12 0.53 -7.23
N CYS A 21 -7.92 0.51 -7.81
CA CYS A 21 -7.73 1.03 -9.16
C CYS A 21 -8.79 0.49 -10.11
N GLU A 22 -9.25 -0.73 -9.84
CA GLU A 22 -10.28 -1.36 -10.68
C GLU A 22 -11.51 -0.46 -10.78
N GLU A 23 -11.85 0.21 -9.69
CA GLU A 23 -13.01 1.09 -9.67
C GLU A 23 -12.61 2.53 -10.00
N MET A 24 -11.36 2.87 -9.74
CA MET A 24 -10.84 4.21 -10.02
C MET A 24 -10.72 4.44 -11.53
N LYS A 25 -10.93 5.68 -11.94
CA LYS A 25 -10.84 6.04 -13.36
C LYS A 25 -9.80 7.12 -13.58
N TYR A 26 -9.63 7.99 -12.60
CA TYR A 26 -8.66 9.08 -12.69
C TYR A 26 -7.35 8.71 -11.98
N CYS A 27 -7.47 8.21 -10.76
CA CYS A 27 -6.30 7.81 -9.97
C CYS A 27 -5.73 6.49 -10.47
N LYS A 28 -6.44 5.88 -11.43
CA LYS A 28 -6.01 4.60 -11.98
C LYS A 28 -4.54 4.66 -12.41
N LYS A 29 -4.08 5.85 -12.76
CA LYS A 29 -2.70 6.04 -13.17
C LYS A 29 -1.74 5.84 -12.00
N GLN A 30 -1.99 6.54 -10.90
CA GLN A 30 -1.15 6.42 -9.71
C GLN A 30 -1.39 5.11 -9.00
N CYS A 31 -2.67 4.83 -8.70
CA CYS A 31 -3.03 3.60 -8.01
C CYS A 31 -2.41 2.38 -8.70
N ARG A 32 -2.30 2.46 -10.02
CA ARG A 32 -1.73 1.37 -10.80
C ARG A 32 -0.37 0.96 -10.25
N ARG A 33 0.54 1.92 -10.12
CA ARG A 33 1.87 1.65 -9.61
C ARG A 33 1.84 1.43 -8.10
N LEU A 34 1.12 2.30 -7.40
CA LEU A 34 1.02 2.20 -5.94
C LEU A 34 0.61 0.79 -5.52
N GLY A 35 -0.50 0.30 -6.08
CA GLY A 35 -0.97 -1.02 -5.76
C GLY A 35 0.06 -2.09 -6.05
N HIS A 36 0.62 -2.05 -7.26
CA HIS A 36 1.62 -3.02 -7.68
C HIS A 36 2.80 -3.04 -6.70
N ARG A 37 3.24 -1.86 -6.29
CA ARG A 37 4.36 -1.74 -5.36
C ARG A 37 3.95 -2.19 -3.96
N VAL A 38 2.70 -1.92 -3.59
CA VAL A 38 2.19 -2.29 -2.28
C VAL A 38 1.96 -3.79 -2.19
N LEU A 39 1.63 -4.41 -3.31
CA LEU A 39 1.39 -5.85 -3.37
C LEU A 39 2.67 -6.62 -3.05
N GLY A 40 3.82 -5.97 -3.24
CA GLY A 40 5.09 -6.61 -2.96
C GLY A 40 5.24 -7.00 -1.51
N LEU A 41 4.54 -6.30 -0.63
CA LEU A 41 4.60 -6.57 0.80
C LEU A 41 3.68 -7.73 1.17
N ILE A 42 2.47 -7.72 0.63
CA ILE A 42 1.50 -8.77 0.91
C ILE A 42 1.80 -10.02 0.08
N LYS A 43 2.58 -9.85 -0.98
CA LYS A 43 2.94 -10.97 -1.85
C LYS A 43 3.51 -12.12 -1.04
N PRO A 44 4.60 -11.85 -0.30
CA PRO A 44 5.26 -12.86 0.53
C PRO A 44 4.42 -13.25 1.74
N LEU A 45 3.32 -12.54 1.95
CA LEU A 45 2.43 -12.81 3.07
C LEU A 45 1.44 -13.93 2.72
N GLU A 46 1.18 -14.09 1.43
CA GLU A 46 0.26 -15.12 0.96
C GLU A 46 0.93 -16.49 0.95
N MET A 47 2.22 -16.50 0.66
CA MET A 47 2.98 -17.75 0.62
C MET A 47 3.07 -18.38 2.00
N LEU A 48 3.00 -17.55 3.03
CA LEU A 48 3.07 -18.02 4.41
C LEU A 48 1.69 -18.27 4.98
N GLN A 49 0.70 -17.53 4.47
CA GLN A 49 -0.67 -17.68 4.93
C GLN A 49 -1.22 -19.06 4.58
N ASP A 50 -0.67 -19.67 3.54
CA ASP A 50 -1.10 -20.99 3.10
C ASP A 50 -0.44 -22.07 3.95
N GLN A 51 0.89 -22.09 3.96
CA GLN A 51 1.63 -23.08 4.74
C GLN A 51 1.59 -22.76 6.22
N GLY A 52 2.20 -21.64 6.61
CA GLY A 52 2.22 -21.24 8.00
C GLY A 52 3.05 -22.17 8.86
N LYS A 53 4.35 -21.87 8.97
CA LYS A 53 5.26 -22.68 9.77
C LYS A 53 4.80 -22.75 11.22
N ARG A 54 4.91 -21.63 11.93
CA ARG A 54 4.50 -21.56 13.32
C ARG A 54 3.25 -20.69 13.49
N SER A 55 2.83 -20.51 14.73
CA SER A 55 1.65 -19.70 15.03
C SER A 55 2.04 -18.31 15.51
N VAL A 56 2.49 -18.24 16.76
CA VAL A 56 2.90 -16.96 17.34
C VAL A 56 4.02 -17.16 18.34
N PRO A 57 5.27 -17.00 17.89
CA PRO A 57 6.46 -17.15 18.73
C PRO A 57 6.59 -16.03 19.75
N SER A 58 6.34 -14.80 19.30
CA SER A 58 6.43 -13.63 20.18
C SER A 58 5.39 -12.59 19.81
N GLU A 59 5.03 -11.75 20.78
CA GLU A 59 4.04 -10.71 20.55
C GLU A 59 4.67 -9.49 19.87
N LYS A 60 6.00 -9.48 19.81
CA LYS A 60 6.71 -8.38 19.18
C LYS A 60 6.63 -8.48 17.66
N LEU A 61 7.16 -9.56 17.11
CA LEU A 61 7.14 -9.78 15.67
C LEU A 61 5.72 -9.76 15.12
N THR A 62 4.76 -10.08 16.00
CA THR A 62 3.35 -10.09 15.61
C THR A 62 2.78 -8.69 15.57
N THR A 63 3.07 -7.90 16.60
CA THR A 63 2.57 -6.54 16.69
C THR A 63 2.91 -5.75 15.43
N ALA A 64 4.02 -6.09 14.80
CA ALA A 64 4.46 -5.43 13.58
C ALA A 64 3.35 -5.44 12.53
N MET A 65 2.49 -6.46 12.59
CA MET A 65 1.39 -6.59 11.65
C MET A 65 0.26 -5.63 12.00
N ASN A 66 0.05 -5.43 13.30
CA ASN A 66 -1.00 -4.54 13.77
C ASN A 66 -0.83 -3.13 13.22
N ARG A 67 0.41 -2.63 13.28
CA ARG A 67 0.71 -1.30 12.78
C ARG A 67 0.74 -1.28 11.25
N PHE A 68 1.21 -2.37 10.66
CA PHE A 68 1.29 -2.47 9.21
C PHE A 68 -0.11 -2.47 8.59
N LYS A 69 -0.98 -3.31 9.12
CA LYS A 69 -2.35 -3.41 8.63
C LYS A 69 -3.00 -2.03 8.52
N ALA A 70 -2.73 -1.18 9.50
CA ALA A 70 -3.27 0.17 9.52
C ALA A 70 -2.62 1.04 8.46
N ALA A 71 -1.34 0.80 8.20
CA ALA A 71 -0.60 1.56 7.21
C ALA A 71 -1.25 1.47 5.83
N LEU A 72 -1.47 0.24 5.37
CA LEU A 72 -2.10 0.01 4.08
C LEU A 72 -3.59 0.36 4.11
N GLU A 73 -4.18 0.19 5.29
CA GLU A 73 -5.60 0.49 5.46
C GLU A 73 -5.93 1.90 4.98
N GLU A 74 -5.03 2.84 5.24
CA GLU A 74 -5.23 4.22 4.84
C GLU A 74 -5.11 4.36 3.32
N ALA A 75 -4.28 3.53 2.72
CA ALA A 75 -4.09 3.55 1.27
C ALA A 75 -5.40 3.30 0.53
N ASN A 76 -6.04 2.18 0.84
CA ASN A 76 -7.30 1.82 0.21
C ASN A 76 -8.40 2.80 0.59
N GLY A 77 -8.35 3.29 1.83
CA GLY A 77 -9.34 4.24 2.30
C GLY A 77 -9.22 5.59 1.62
N GLU A 78 -7.99 5.97 1.29
CA GLU A 78 -7.75 7.25 0.64
C GLU A 78 -8.18 7.22 -0.82
N ILE A 79 -7.84 6.12 -1.49
CA ILE A 79 -8.19 5.96 -2.90
C ILE A 79 -9.68 6.19 -3.12
N GLU A 80 -10.49 5.81 -2.13
CA GLU A 80 -11.93 5.98 -2.23
C GLU A 80 -12.30 7.45 -2.35
N LYS A 81 -11.93 8.23 -1.35
CA LYS A 81 -12.23 9.66 -1.34
C LYS A 81 -11.57 10.36 -2.53
N PHE A 82 -10.34 9.95 -2.83
CA PHE A 82 -9.60 10.54 -3.94
C PHE A 82 -10.41 10.47 -5.23
N SER A 83 -11.29 9.49 -5.32
CA SER A 83 -12.12 9.31 -6.51
C SER A 83 -12.76 10.62 -6.92
N ASN A 84 -13.11 11.45 -5.93
CA ASN A 84 -13.73 12.73 -6.18
C ASN A 84 -12.93 13.54 -7.20
N ARG A 85 -13.51 13.72 -8.39
CA ARG A 85 -12.85 14.47 -9.45
C ARG A 85 -12.35 15.83 -8.94
N SER A 86 -13.19 16.50 -8.15
CA SER A 86 -12.84 17.80 -7.60
C SER A 86 -11.71 17.67 -6.59
N ASN A 87 -11.71 16.58 -5.83
CA ASN A 87 -10.69 16.34 -4.82
C ASN A 87 -9.32 16.21 -5.46
N ILE A 88 -9.26 15.56 -6.63
CA ILE A 88 -8.02 15.35 -7.34
C ILE A 88 -7.52 16.67 -7.93
N CYS A 89 -8.43 17.47 -8.46
CA CYS A 89 -8.07 18.75 -9.06
C CYS A 89 -7.32 19.62 -8.06
N ARG A 90 -7.95 19.90 -6.92
CA ARG A 90 -7.34 20.72 -5.89
C ARG A 90 -6.02 20.13 -5.43
N PHE A 91 -5.94 18.80 -5.41
CA PHE A 91 -4.73 18.11 -4.99
C PHE A 91 -3.59 18.36 -5.98
N LEU A 92 -3.83 18.02 -7.24
CA LEU A 92 -2.83 18.20 -8.28
C LEU A 92 -2.48 19.69 -8.45
N THR A 93 -3.51 20.51 -8.59
CA THR A 93 -3.32 21.95 -8.76
C THR A 93 -2.47 22.52 -7.64
N ALA A 94 -2.57 21.91 -6.46
CA ALA A 94 -1.79 22.37 -5.31
C ALA A 94 -0.32 22.54 -5.66
N SER A 95 0.26 21.54 -6.31
CA SER A 95 1.66 21.59 -6.70
C SER A 95 2.56 21.68 -5.47
N GLN A 96 3.16 20.55 -5.11
CA GLN A 96 4.05 20.51 -3.95
C GLN A 96 4.87 19.22 -3.95
N ASP A 97 4.17 18.09 -4.02
CA ASP A 97 4.84 16.79 -4.02
C ASP A 97 4.61 16.06 -5.34
N LYS A 98 3.52 16.41 -6.01
CA LYS A 98 3.18 15.78 -7.29
C LYS A 98 2.79 14.32 -7.09
N ILE A 99 2.25 14.01 -5.93
CA ILE A 99 1.83 12.64 -5.62
C ILE A 99 0.41 12.62 -5.07
N LEU A 100 -0.17 11.43 -5.02
CA LEU A 100 -1.53 11.25 -4.53
C LEU A 100 -1.53 10.51 -3.19
N PHE A 101 -0.79 9.41 -3.13
CA PHE A 101 -0.70 8.61 -1.92
C PHE A 101 0.73 8.58 -1.39
N LYS A 102 1.41 9.72 -1.47
CA LYS A 102 2.78 9.83 -1.00
C LYS A 102 2.85 9.74 0.53
N ASP A 103 1.76 10.11 1.18
CA ASP A 103 1.69 10.07 2.64
C ASP A 103 1.47 8.65 3.12
N VAL A 104 0.69 7.88 2.38
CA VAL A 104 0.40 6.50 2.74
C VAL A 104 1.56 5.58 2.35
N ASN A 105 2.29 5.96 1.32
CA ASN A 105 3.42 5.17 0.84
C ASN A 105 4.61 5.32 1.78
N ARG A 106 4.80 6.53 2.30
CA ARG A 106 5.92 6.80 3.21
C ARG A 106 5.79 5.97 4.47
N LYS A 107 4.58 5.89 5.02
CA LYS A 107 4.33 5.12 6.23
C LYS A 107 4.33 3.63 5.94
N LEU A 108 3.73 3.25 4.82
CA LEU A 108 3.65 1.84 4.42
C LEU A 108 5.05 1.26 4.28
N SER A 109 5.99 2.07 3.82
CA SER A 109 7.38 1.62 3.65
C SER A 109 8.14 1.67 4.97
N ASP A 110 7.81 2.65 5.80
CA ASP A 110 8.46 2.81 7.09
C ASP A 110 8.05 1.69 8.04
N VAL A 111 6.76 1.37 8.05
CA VAL A 111 6.24 0.32 8.92
C VAL A 111 6.72 -1.05 8.47
N TRP A 112 6.92 -1.20 7.16
CA TRP A 112 7.37 -2.46 6.58
C TRP A 112 8.85 -2.68 6.88
N LYS A 113 9.61 -1.60 6.93
CA LYS A 113 11.04 -1.68 7.19
C LYS A 113 11.32 -2.55 8.40
N GLU A 114 10.71 -2.21 9.54
CA GLU A 114 10.90 -2.97 10.76
C GLU A 114 10.09 -4.27 10.74
N LEU A 115 8.84 -4.16 10.30
CA LEU A 115 7.96 -5.33 10.22
C LEU A 115 8.63 -6.47 9.47
N SER A 116 8.92 -6.23 8.19
CA SER A 116 9.57 -7.24 7.35
C SER A 116 10.77 -7.84 8.07
N LEU A 117 11.46 -7.03 8.86
CA LEU A 117 12.63 -7.48 9.60
C LEU A 117 12.22 -8.36 10.79
N LEU A 118 11.15 -7.96 11.47
CA LEU A 118 10.66 -8.70 12.62
C LEU A 118 10.19 -10.10 12.21
N LEU A 119 9.77 -10.22 10.95
CA LEU A 119 9.30 -11.50 10.44
C LEU A 119 10.47 -12.41 10.07
N GLN A 120 11.36 -11.92 9.22
CA GLN A 120 12.52 -12.68 8.80
C GLN A 120 13.40 -13.05 9.99
N VAL A 121 13.66 -12.06 10.84
CA VAL A 121 14.49 -12.29 12.02
C VAL A 121 13.97 -13.46 12.85
N GLU A 122 12.64 -13.62 12.86
CA GLU A 122 12.01 -14.70 13.61
C GLU A 122 12.05 -16.01 12.81
N GLN A 123 11.19 -16.11 11.81
CA GLN A 123 11.12 -17.30 10.98
C GLN A 123 11.41 -16.96 9.52
N ARG A 124 11.59 -18.00 8.71
CA ARG A 124 11.87 -17.81 7.28
C ARG A 124 10.74 -17.04 6.60
N MET A 125 11.01 -15.81 6.24
CA MET A 125 10.02 -14.96 5.58
C MET A 125 10.69 -13.92 4.70
N PRO A 126 10.78 -14.21 3.39
CA PRO A 126 11.40 -13.31 2.41
C PRO A 126 10.56 -12.06 2.16
N VAL A 127 11.16 -10.90 2.41
CA VAL A 127 10.49 -9.63 2.21
C VAL A 127 10.65 -9.12 0.78
N SER A 128 9.97 -8.03 0.46
CA SER A 128 10.04 -7.45 -0.87
C SER A 128 11.49 -7.26 -1.30
N PRO A 129 11.73 -7.30 -2.63
CA PRO A 129 13.06 -7.13 -3.19
C PRO A 129 13.59 -5.70 -3.04
N ILE A 130 12.70 -4.73 -3.20
CA ILE A 130 13.07 -3.33 -3.08
C ILE A 130 13.75 -3.05 -1.73
N SER A 131 14.18 -1.81 -1.54
CA SER A 131 14.85 -1.42 -0.30
C SER A 131 13.88 -0.68 0.63
N GLN A 132 12.82 -0.15 0.04
CA GLN A 132 11.83 0.60 0.81
C GLN A 132 12.41 1.90 1.36
N GLY A 133 11.85 3.02 0.94
CA GLY A 133 12.34 4.31 1.40
C GLY A 133 12.24 5.38 0.33
N ALA A 134 13.34 5.59 -0.40
CA ALA A 134 13.37 6.58 -1.45
C ALA A 134 12.92 5.99 -2.79
N SER A 135 13.25 4.73 -3.01
CA SER A 135 12.88 4.04 -4.24
C SER A 135 11.38 4.20 -4.52
N TRP A 136 10.58 4.09 -3.46
CA TRP A 136 9.14 4.21 -3.58
C TRP A 136 8.76 5.51 -4.28
N ALA A 137 9.29 6.62 -3.77
CA ALA A 137 9.01 7.94 -4.35
C ALA A 137 9.51 8.02 -5.79
N GLN A 138 10.66 7.42 -6.04
CA GLN A 138 11.26 7.43 -7.37
C GLN A 138 10.29 6.86 -8.41
N GLU A 139 9.54 5.85 -8.01
CA GLU A 139 8.56 5.21 -8.90
C GLU A 139 7.30 6.05 -9.02
N ASP A 140 6.80 6.52 -7.88
CA ASP A 140 5.59 7.34 -7.85
C ASP A 140 5.78 8.62 -8.67
N GLN A 141 6.84 9.36 -8.35
CA GLN A 141 7.13 10.60 -9.05
C GLN A 141 7.26 10.37 -10.54
N GLN A 142 7.83 9.23 -10.92
CA GLN A 142 8.01 8.87 -12.32
C GLN A 142 6.67 8.84 -13.05
N ASP A 143 5.73 8.09 -12.50
CA ASP A 143 4.41 7.97 -13.10
C ASP A 143 3.61 9.26 -12.94
N ALA A 144 3.80 9.93 -11.81
CA ALA A 144 3.11 11.18 -11.53
C ALA A 144 3.31 12.18 -12.67
N ASP A 145 4.53 12.22 -13.22
CA ASP A 145 4.86 13.12 -14.31
C ASP A 145 3.89 12.93 -15.47
N GLU A 146 3.63 11.67 -15.82
CA GLU A 146 2.72 11.35 -16.92
C GLU A 146 1.27 11.52 -16.50
N ASP A 147 0.99 11.19 -15.24
CA ASP A 147 -0.36 11.29 -14.71
C ASP A 147 -0.89 12.71 -14.86
N ARG A 148 -0.12 13.68 -14.41
CA ARG A 148 -0.52 15.09 -14.50
C ARG A 148 -0.68 15.52 -15.95
N ARG A 149 0.17 14.98 -16.82
CA ARG A 149 0.12 15.31 -18.24
C ARG A 149 -1.14 14.75 -18.89
N ALA A 150 -1.54 13.55 -18.44
CA ALA A 150 -2.73 12.90 -18.97
C ALA A 150 -4.00 13.50 -18.38
N PHE A 151 -3.94 13.84 -17.09
CA PHE A 151 -5.09 14.42 -16.40
C PHE A 151 -5.61 15.64 -17.14
N GLN A 152 -4.69 16.45 -17.67
CA GLN A 152 -5.05 17.65 -18.39
C GLN A 152 -6.07 17.33 -19.49
N MET A 153 -5.91 16.19 -20.13
CA MET A 153 -6.81 15.77 -21.19
C MET A 153 -7.99 14.98 -20.63
N LEU A 154 -7.72 14.20 -19.59
CA LEU A 154 -8.76 13.38 -18.96
C LEU A 154 -9.97 14.23 -18.61
N ARG A 155 -11.04 14.09 -19.38
CA ARG A 155 -12.26 14.85 -19.15
C ARG A 155 -13.49 13.96 -19.38
N ARG A 156 -14.64 14.42 -18.86
CA ARG A 156 -15.88 13.67 -19.00
C ARG A 156 -17.06 14.61 -19.24
N ASP A 157 -18.03 14.16 -20.02
CA ASP A 157 -19.21 14.96 -20.32
C ASP A 157 -19.95 15.34 -19.04
C4 UJ2 B . -2.11 -14.64 19.09
C5 UJ2 B . -1.81 -13.34 19.55
C6 UJ2 B . -1.69 -12.31 18.66
C8 UJ2 B . -2.04 -12.44 15.12
C10 UJ2 B . -2.05 -11.89 13.73
C13 UJ2 B . 0.59 -12.21 11.06
C15 UJ2 B . 1.37 -13.32 13.05
C17 UJ2 B . 2.83 -13.30 11.04
C20 UJ2 B . 5.19 -13.99 9.75
C21 UJ2 B . 4.06 -13.66 9.00
C22 UJ2 B . 2.88 -13.33 9.65
C24 UJ2 B . -0.96 -9.79 14.07
C1 UJ2 B . -1.86 -12.54 17.29
N7 UJ2 B . -1.81 -11.73 16.20
N9 UJ2 B . -2.27 -13.74 15.46
C11 UJ2 B . -0.78 -12.26 13.02
C12 UJ2 B . -0.58 -11.88 11.71
C16 UJ2 B . 0.19 -12.98 13.69
C14 UJ2 B . 1.57 -12.94 11.73
C18 UJ2 B . 3.97 -13.63 11.77
C19 UJ2 B . 5.14 -13.97 11.13
O23 UJ2 B . -2.18 -10.47 13.77
C2 UJ2 B . -2.16 -13.83 16.83
C3 UJ2 B . -2.28 -14.88 17.73
C25 UJ2 B . -2.24 -15.74 20.07
O26 UJ2 B . -1.24 -16.22 20.57
O27 UJ2 B . -3.45 -16.21 20.39
H29 UJ2 B . -1.67 -13.16 20.60
H30 UJ2 B . -1.46 -11.32 19.02
H32 UJ2 B . -2.90 -12.31 13.18
H34 UJ2 B . 0.74 -11.91 10.03
H35 UJ2 B . 2.13 -13.89 13.57
H39 UJ2 B . 6.10 -14.26 9.24
H40 UJ2 B . 4.11 -13.68 7.93
H41 UJ2 B . 2.00 -13.08 9.06
H42 UJ2 B . -0.37 -10.38 14.76
H44 UJ2 B . -1.18 -8.81 14.51
H43 UJ2 B . -0.39 -9.64 13.15
H31 UJ2 B . -2.47 -14.46 14.84
H33 UJ2 B . -1.34 -11.31 11.19
H36 UJ2 B . 0.04 -13.28 14.72
H37 UJ2 B . 3.93 -13.62 12.85
H38 UJ2 B . 6.02 -14.23 11.70
H28 UJ2 B . -2.50 -15.88 17.38
H45 UJ2 B . -3.53 -16.67 21.24
N GLY A 1 -9.25 -20.15 21.81
CA GLY A 1 -8.61 -20.47 20.54
C GLY A 1 -8.04 -19.24 19.87
N SER A 2 -7.21 -19.46 18.84
CA SER A 2 -6.59 -18.36 18.11
C SER A 2 -5.80 -18.89 16.92
N PRO A 3 -6.52 -19.33 15.88
CA PRO A 3 -5.90 -19.85 14.65
C PRO A 3 -5.20 -18.78 13.84
N GLY A 4 -4.78 -19.12 12.63
CA GLY A 4 -4.11 -18.18 11.77
C GLY A 4 -5.05 -17.46 10.84
N GLU A 5 -6.28 -17.23 11.29
CA GLU A 5 -7.28 -16.55 10.49
C GLU A 5 -6.95 -15.06 10.34
N ASN A 6 -6.40 -14.49 11.40
CA ASN A 6 -6.04 -13.07 11.38
C ASN A 6 -5.09 -12.76 10.23
N LEU A 7 -4.21 -13.71 9.92
CA LEU A 7 -3.25 -13.54 8.83
C LEU A 7 -3.96 -13.13 7.54
N LYS A 8 -5.15 -13.67 7.34
CA LYS A 8 -5.94 -13.36 6.14
C LYS A 8 -6.14 -11.86 6.00
N HIS A 9 -6.14 -11.15 7.12
CA HIS A 9 -6.31 -9.70 7.12
C HIS A 9 -5.33 -9.04 6.17
N ILE A 10 -4.05 -9.37 6.33
CA ILE A 10 -3.01 -8.79 5.49
C ILE A 10 -3.18 -9.21 4.04
N ILE A 11 -3.67 -10.44 3.84
CA ILE A 11 -3.89 -10.96 2.49
C ILE A 11 -4.97 -10.17 1.77
N THR A 12 -6.12 -10.00 2.42
CA THR A 12 -7.23 -9.26 1.83
C THR A 12 -6.94 -7.77 1.78
N LEU A 13 -6.75 -7.18 2.95
CA LEU A 13 -6.46 -5.75 3.04
C LEU A 13 -5.28 -5.37 2.15
N GLY A 14 -4.41 -6.34 1.90
CA GLY A 14 -3.24 -6.09 1.06
C GLY A 14 -3.61 -5.94 -0.41
N GLN A 15 -4.35 -6.92 -0.93
CA GLN A 15 -4.77 -6.88 -2.32
C GLN A 15 -5.90 -5.90 -2.54
N VAL A 16 -6.74 -5.75 -1.52
CA VAL A 16 -7.88 -4.82 -1.60
C VAL A 16 -7.42 -3.43 -2.02
N ILE A 17 -6.19 -3.08 -1.65
CA ILE A 17 -5.64 -1.77 -1.99
C ILE A 17 -5.47 -1.63 -3.50
N HIS A 18 -4.91 -2.66 -4.12
CA HIS A 18 -4.70 -2.65 -5.57
C HIS A 18 -6.02 -2.64 -6.32
N LYS A 19 -6.98 -3.43 -5.84
CA LYS A 19 -8.30 -3.51 -6.46
C LYS A 19 -8.91 -2.12 -6.62
N ARG A 20 -8.58 -1.23 -5.70
CA ARG A 20 -9.09 0.14 -5.74
C ARG A 20 -8.80 0.79 -7.08
N CYS A 21 -7.62 0.51 -7.63
CA CYS A 21 -7.21 1.08 -8.91
C CYS A 21 -8.26 0.80 -9.98
N GLU A 22 -8.94 -0.34 -9.86
CA GLU A 22 -9.97 -0.73 -10.83
C GLU A 22 -11.21 0.14 -10.67
N GLU A 23 -11.43 0.65 -9.46
CA GLU A 23 -12.57 1.50 -9.18
C GLU A 23 -12.28 2.96 -9.53
N MET A 24 -11.00 3.33 -9.43
CA MET A 24 -10.58 4.69 -9.73
C MET A 24 -10.57 4.94 -11.23
N LYS A 25 -10.84 6.18 -11.63
CA LYS A 25 -10.85 6.55 -13.04
C LYS A 25 -9.85 7.66 -13.32
N TYR A 26 -9.59 8.49 -12.33
CA TYR A 26 -8.65 9.60 -12.47
C TYR A 26 -7.33 9.27 -11.79
N CYS A 27 -7.40 8.75 -10.57
CA CYS A 27 -6.20 8.39 -9.81
C CYS A 27 -5.68 7.02 -10.22
N LYS A 28 -6.44 6.34 -11.09
CA LYS A 28 -6.05 5.01 -11.56
C LYS A 28 -4.60 5.01 -12.05
N LYS A 29 -4.13 6.18 -12.49
CA LYS A 29 -2.76 6.31 -12.97
C LYS A 29 -1.76 6.18 -11.82
N GLN A 30 -1.95 6.97 -10.78
CA GLN A 30 -1.07 6.94 -9.62
C GLN A 30 -1.32 5.70 -8.78
N CYS A 31 -2.59 5.44 -8.48
CA CYS A 31 -2.95 4.28 -7.68
C CYS A 31 -2.30 3.01 -8.21
N ARG A 32 -2.14 2.94 -9.53
CA ARG A 32 -1.54 1.79 -10.16
C ARG A 32 -0.20 1.44 -9.51
N ARG A 33 0.59 2.46 -9.20
CA ARG A 33 1.89 2.26 -8.57
C ARG A 33 1.72 1.91 -7.08
N LEU A 34 0.70 2.49 -6.46
CA LEU A 34 0.44 2.25 -5.05
C LEU A 34 0.10 0.79 -4.80
N GLY A 35 -0.90 0.28 -5.51
CA GLY A 35 -1.30 -1.11 -5.36
C GLY A 35 -0.20 -2.08 -5.78
N HIS A 36 0.32 -1.89 -6.99
CA HIS A 36 1.37 -2.75 -7.50
C HIS A 36 2.54 -2.82 -6.53
N ARG A 37 2.84 -1.69 -5.87
CA ARG A 37 3.93 -1.63 -4.93
C ARG A 37 3.53 -2.22 -3.58
N VAL A 38 2.25 -2.06 -3.23
CA VAL A 38 1.73 -2.59 -1.98
C VAL A 38 1.60 -4.11 -2.03
N LEU A 39 1.31 -4.62 -3.22
CA LEU A 39 1.15 -6.07 -3.41
C LEU A 39 2.47 -6.80 -3.13
N GLY A 40 3.58 -6.10 -3.30
CA GLY A 40 4.88 -6.68 -3.06
C GLY A 40 5.07 -7.09 -1.62
N LEU A 41 4.32 -6.47 -0.73
CA LEU A 41 4.42 -6.77 0.70
C LEU A 41 3.54 -7.96 1.06
N ILE A 42 2.33 -7.99 0.51
CA ILE A 42 1.39 -9.08 0.77
C ILE A 42 1.74 -10.32 -0.03
N LYS A 43 2.44 -10.12 -1.15
CA LYS A 43 2.85 -11.22 -2.00
C LYS A 43 3.52 -12.33 -1.19
N PRO A 44 4.61 -11.97 -0.50
CA PRO A 44 5.36 -12.92 0.32
C PRO A 44 4.59 -13.36 1.57
N LEU A 45 3.44 -12.72 1.79
CA LEU A 45 2.60 -13.04 2.94
C LEU A 45 1.63 -14.17 2.62
N GLU A 46 1.30 -14.32 1.34
CA GLU A 46 0.39 -15.37 0.90
C GLU A 46 1.08 -16.72 0.90
N MET A 47 2.30 -16.76 0.35
CA MET A 47 3.07 -17.99 0.30
C MET A 47 3.18 -18.64 1.67
N LEU A 48 3.25 -17.81 2.71
CA LEU A 48 3.34 -18.31 4.08
C LEU A 48 1.97 -18.44 4.71
N GLN A 49 1.03 -17.63 4.24
CA GLN A 49 -0.34 -17.66 4.76
C GLN A 49 -0.90 -19.07 4.73
N ASP A 50 -0.86 -19.69 3.55
CA ASP A 50 -1.37 -21.05 3.39
C ASP A 50 -0.51 -22.05 4.15
N GLN A 51 0.77 -21.75 4.25
CA GLN A 51 1.70 -22.63 4.95
C GLN A 51 1.19 -22.97 6.34
N GLY A 52 1.10 -21.97 7.20
CA GLY A 52 0.62 -22.19 8.56
C GLY A 52 1.36 -23.31 9.26
N LYS A 53 2.45 -22.96 9.94
CA LYS A 53 3.25 -23.95 10.66
C LYS A 53 2.59 -24.32 11.99
N ARG A 54 2.67 -23.42 12.96
CA ARG A 54 2.09 -23.65 14.27
C ARG A 54 1.63 -22.35 14.90
N SER A 55 1.16 -22.43 16.14
CA SER A 55 0.68 -21.26 16.85
C SER A 55 1.69 -20.12 16.78
N VAL A 56 1.27 -18.92 17.17
CA VAL A 56 2.14 -17.75 17.15
C VAL A 56 3.39 -17.98 18.01
N PRO A 57 4.56 -17.76 17.41
CA PRO A 57 5.84 -17.94 18.10
C PRO A 57 6.07 -16.87 19.16
N SER A 58 5.88 -15.62 18.80
CA SER A 58 6.07 -14.50 19.71
C SER A 58 5.06 -13.40 19.44
N GLU A 59 4.66 -12.69 20.50
CA GLU A 59 3.70 -11.60 20.38
C GLU A 59 4.38 -10.32 19.91
N LYS A 60 5.72 -10.33 19.91
CA LYS A 60 6.49 -9.18 19.49
C LYS A 60 6.48 -9.03 17.97
N LEU A 61 7.01 -10.04 17.28
CA LEU A 61 7.06 -10.03 15.82
C LEU A 61 5.65 -9.92 15.23
N THR A 62 4.66 -10.38 16.00
CA THR A 62 3.27 -10.35 15.55
C THR A 62 2.68 -8.94 15.68
N THR A 63 2.99 -8.28 16.79
CA THR A 63 2.50 -6.93 17.04
C THR A 63 2.78 -6.01 15.85
N ALA A 64 3.94 -6.20 15.24
CA ALA A 64 4.34 -5.40 14.09
C ALA A 64 3.27 -5.44 13.00
N MET A 65 2.50 -6.52 12.97
CA MET A 65 1.44 -6.69 11.98
C MET A 65 0.25 -5.78 12.30
N ASN A 66 0.01 -5.56 13.59
CA ASN A 66 -1.10 -4.72 14.03
C ASN A 66 -0.92 -3.28 13.54
N ARG A 67 0.30 -2.75 13.70
CA ARG A 67 0.60 -1.39 13.27
C ARG A 67 0.68 -1.30 11.75
N PHE A 68 1.18 -2.37 11.13
CA PHE A 68 1.30 -2.42 9.68
C PHE A 68 -0.07 -2.50 9.01
N LYS A 69 -0.90 -3.41 9.51
CA LYS A 69 -2.24 -3.60 8.97
C LYS A 69 -2.96 -2.27 8.82
N ALA A 70 -2.90 -1.45 9.86
CA ALA A 70 -3.55 -0.14 9.85
C ALA A 70 -2.80 0.83 8.93
N ALA A 71 -1.49 0.62 8.80
CA ALA A 71 -0.67 1.48 7.95
C ALA A 71 -1.19 1.50 6.52
N LEU A 72 -1.35 0.31 5.93
CA LEU A 72 -1.84 0.20 4.56
C LEU A 72 -3.35 0.41 4.51
N GLU A 73 -4.02 0.18 5.63
CA GLU A 73 -5.46 0.35 5.71
C GLU A 73 -5.88 1.75 5.25
N GLU A 74 -5.04 2.74 5.55
CA GLU A 74 -5.32 4.11 5.18
C GLU A 74 -5.26 4.28 3.65
N ALA A 75 -4.39 3.52 3.01
CA ALA A 75 -4.25 3.58 1.56
C ALA A 75 -5.59 3.36 0.87
N ASN A 76 -6.23 2.22 1.16
CA ASN A 76 -7.52 1.90 0.56
C ASN A 76 -8.56 2.94 0.92
N GLY A 77 -8.48 3.47 2.14
CA GLY A 77 -9.43 4.47 2.58
C GLY A 77 -9.29 5.77 1.80
N GLU A 78 -8.06 6.26 1.67
CA GLU A 78 -7.81 7.49 0.95
C GLU A 78 -8.26 7.39 -0.49
N ILE A 79 -7.97 6.26 -1.12
CA ILE A 79 -8.36 6.02 -2.51
C ILE A 79 -9.86 6.16 -2.70
N GLU A 80 -10.62 5.75 -1.68
CA GLU A 80 -12.07 5.83 -1.73
C GLU A 80 -12.53 7.28 -1.85
N LYS A 81 -12.05 8.11 -0.94
CA LYS A 81 -12.41 9.53 -0.94
C LYS A 81 -11.88 10.23 -2.18
N PHE A 82 -10.67 9.88 -2.58
CA PHE A 82 -10.05 10.47 -3.75
C PHE A 82 -10.96 10.37 -4.97
N SER A 83 -11.80 9.33 -4.98
CA SER A 83 -12.72 9.11 -6.08
C SER A 83 -13.48 10.39 -6.43
N ASN A 84 -13.79 11.18 -5.41
CA ASN A 84 -14.51 12.43 -5.60
C ASN A 84 -13.77 13.35 -6.56
N ARG A 85 -14.33 13.52 -7.76
CA ARG A 85 -13.72 14.37 -8.78
C ARG A 85 -13.39 15.75 -8.20
N SER A 86 -14.35 16.34 -7.51
CA SER A 86 -14.15 17.66 -6.91
C SER A 86 -12.90 17.68 -6.03
N ASN A 87 -12.65 16.56 -5.36
CA ASN A 87 -11.49 16.46 -4.48
C ASN A 87 -10.19 16.69 -5.25
N ILE A 88 -10.06 16.00 -6.39
CA ILE A 88 -8.86 16.14 -7.22
C ILE A 88 -8.79 17.53 -7.84
N CYS A 89 -9.94 18.05 -8.26
CA CYS A 89 -9.99 19.37 -8.87
C CYS A 89 -9.36 20.41 -7.97
N ARG A 90 -9.89 20.55 -6.76
CA ARG A 90 -9.37 21.52 -5.80
C ARG A 90 -7.90 21.26 -5.51
N PHE A 91 -7.51 19.99 -5.50
CA PHE A 91 -6.12 19.61 -5.23
C PHE A 91 -5.20 20.11 -6.33
N LEU A 92 -5.49 19.73 -7.57
CA LEU A 92 -4.69 20.14 -8.71
C LEU A 92 -4.74 21.66 -8.90
N THR A 93 -5.96 22.20 -8.94
CA THR A 93 -6.15 23.63 -9.11
C THR A 93 -5.37 24.42 -8.05
N ALA A 94 -5.29 23.85 -6.86
CA ALA A 94 -4.58 24.50 -5.76
C ALA A 94 -3.09 24.61 -6.06
N SER A 95 -2.55 23.59 -6.72
CA SER A 95 -1.13 23.57 -7.06
C SER A 95 -0.27 23.56 -5.82
N GLN A 96 -0.36 22.48 -5.04
CA GLN A 96 0.41 22.35 -3.81
C GLN A 96 1.39 21.18 -3.89
N ASP A 97 0.94 20.10 -4.53
CA ASP A 97 1.77 18.90 -4.68
C ASP A 97 1.50 18.23 -6.02
N LYS A 98 2.14 17.08 -6.24
CA LYS A 98 1.98 16.34 -7.48
C LYS A 98 1.44 14.94 -7.20
N ILE A 99 1.86 14.35 -6.08
CA ILE A 99 1.42 13.02 -5.71
C ILE A 99 0.10 13.08 -4.94
N LEU A 100 -0.57 11.93 -4.85
CA LEU A 100 -1.85 11.84 -4.14
C LEU A 100 -1.73 10.90 -2.95
N PHE A 101 -0.94 9.85 -3.10
CA PHE A 101 -0.75 8.87 -2.02
C PHE A 101 0.71 8.84 -1.56
N LYS A 102 1.37 9.99 -1.63
CA LYS A 102 2.77 10.11 -1.23
C LYS A 102 2.90 10.01 0.28
N ASP A 103 1.91 10.56 1.00
CA ASP A 103 1.92 10.53 2.46
C ASP A 103 1.76 9.10 2.98
N VAL A 104 0.88 8.34 2.33
CA VAL A 104 0.63 6.96 2.72
C VAL A 104 1.69 6.03 2.15
N ASN A 105 2.25 6.40 1.01
CA ASN A 105 3.28 5.59 0.36
C ASN A 105 4.56 5.56 1.20
N ARG A 106 4.85 6.68 1.85
CA ARG A 106 6.05 6.77 2.69
C ARG A 106 5.92 5.87 3.92
N LYS A 107 4.79 5.98 4.61
CA LYS A 107 4.55 5.18 5.81
C LYS A 107 4.41 3.70 5.45
N LEU A 108 3.70 3.43 4.36
CA LEU A 108 3.49 2.06 3.90
C LEU A 108 4.80 1.29 3.86
N SER A 109 5.88 1.99 3.50
CA SER A 109 7.20 1.38 3.41
C SER A 109 7.91 1.43 4.77
N ASP A 110 7.72 2.52 5.49
CA ASP A 110 8.34 2.69 6.80
C ASP A 110 7.89 1.60 7.77
N VAL A 111 6.58 1.35 7.79
CA VAL A 111 6.02 0.33 8.68
C VAL A 111 6.49 -1.07 8.27
N TRP A 112 6.73 -1.25 6.98
CA TRP A 112 7.19 -2.53 6.46
C TRP A 112 8.67 -2.74 6.74
N LYS A 113 9.43 -1.65 6.73
CA LYS A 113 10.86 -1.71 6.99
C LYS A 113 11.15 -2.51 8.26
N GLU A 114 10.56 -2.07 9.37
CA GLU A 114 10.75 -2.76 10.65
C GLU A 114 9.97 -4.07 10.69
N LEU A 115 8.74 -4.04 10.21
CA LEU A 115 7.90 -5.22 10.19
C LEU A 115 8.63 -6.41 9.57
N SER A 116 9.04 -6.25 8.31
CA SER A 116 9.76 -7.30 7.60
C SER A 116 10.96 -7.79 8.40
N LEU A 117 11.59 -6.86 9.12
CA LEU A 117 12.75 -7.21 9.94
C LEU A 117 12.36 -8.10 11.10
N LEU A 118 11.14 -7.92 11.60
CA LEU A 118 10.64 -8.72 12.71
C LEU A 118 10.17 -10.09 12.23
N LEU A 119 9.67 -10.13 11.00
CA LEU A 119 9.18 -11.38 10.42
C LEU A 119 10.33 -12.25 9.96
N GLN A 120 11.35 -11.62 9.37
CA GLN A 120 12.52 -12.35 8.89
C GLN A 120 13.35 -12.87 10.05
N VAL A 121 13.55 -12.04 11.06
CA VAL A 121 14.33 -12.42 12.24
C VAL A 121 13.70 -13.61 12.94
N GLU A 122 12.38 -13.67 12.93
CA GLU A 122 11.65 -14.76 13.58
C GLU A 122 11.55 -15.97 12.65
N GLN A 123 11.32 -15.70 11.37
CA GLN A 123 11.21 -16.77 10.38
C GLN A 123 11.65 -16.29 9.01
N ARG A 124 12.59 -17.01 8.40
CA ARG A 124 13.12 -16.65 7.09
C ARG A 124 11.98 -16.44 6.10
N MET A 125 11.69 -15.18 5.80
CA MET A 125 10.62 -14.83 4.87
C MET A 125 11.07 -13.72 3.92
N PRO A 126 10.66 -13.84 2.65
CA PRO A 126 11.01 -12.85 1.61
C PRO A 126 10.30 -11.52 1.83
N VAL A 127 11.08 -10.44 1.81
CA VAL A 127 10.54 -9.10 2.00
C VAL A 127 10.64 -8.27 0.73
N SER A 128 9.85 -7.22 0.64
CA SER A 128 9.86 -6.34 -0.53
C SER A 128 11.29 -5.97 -0.92
N PRO A 129 11.63 -6.20 -2.20
CA PRO A 129 12.97 -5.90 -2.72
C PRO A 129 13.23 -4.39 -2.81
N ILE A 130 12.23 -3.65 -3.27
CA ILE A 130 12.36 -2.20 -3.40
C ILE A 130 12.88 -1.58 -2.11
N SER A 131 13.69 -0.54 -2.25
CA SER A 131 14.26 0.15 -1.10
C SER A 131 13.18 0.91 -0.34
N GLN A 132 12.50 0.22 0.57
CA GLN A 132 11.44 0.83 1.37
C GLN A 132 11.93 2.12 2.02
N GLY A 133 11.53 3.25 1.47
CA GLY A 133 11.94 4.53 2.02
C GLY A 133 11.53 5.70 1.14
N ALA A 134 12.49 6.25 0.41
CA ALA A 134 12.22 7.38 -0.48
C ALA A 134 11.91 6.90 -1.89
N SER A 135 12.55 5.80 -2.30
CA SER A 135 12.35 5.25 -3.63
C SER A 135 10.86 5.07 -3.93
N TRP A 136 10.09 4.72 -2.90
CA TRP A 136 8.66 4.53 -3.04
C TRP A 136 8.01 5.72 -3.72
N ALA A 137 8.37 6.92 -3.27
CA ALA A 137 7.82 8.15 -3.84
C ALA A 137 8.43 8.43 -5.21
N GLN A 138 9.70 8.08 -5.38
CA GLN A 138 10.39 8.31 -6.63
C GLN A 138 9.66 7.64 -7.79
N GLU A 139 9.07 6.48 -7.52
CA GLU A 139 8.33 5.73 -8.53
C GLU A 139 7.01 6.41 -8.85
N ASP A 140 6.38 6.99 -7.82
CA ASP A 140 5.10 7.66 -8.00
C ASP A 140 5.29 8.99 -8.71
N GLN A 141 6.38 9.69 -8.39
CA GLN A 141 6.67 10.98 -9.01
C GLN A 141 6.60 10.87 -10.54
N GLN A 142 7.21 9.82 -11.07
CA GLN A 142 7.24 9.60 -12.51
C GLN A 142 5.82 9.59 -13.08
N ASP A 143 4.90 8.97 -12.35
CA ASP A 143 3.52 8.88 -12.78
C ASP A 143 2.80 10.21 -12.58
N ALA A 144 3.17 10.93 -11.54
CA ALA A 144 2.57 12.23 -11.23
C ALA A 144 2.72 13.19 -12.41
N ASP A 145 3.82 13.05 -13.14
CA ASP A 145 4.07 13.91 -14.29
C ASP A 145 3.04 13.67 -15.39
N GLU A 146 2.75 12.40 -15.65
CA GLU A 146 1.79 12.04 -16.67
C GLU A 146 0.36 12.20 -16.16
N ASP A 147 0.20 12.11 -14.85
CA ASP A 147 -1.12 12.24 -14.22
C ASP A 147 -1.66 13.66 -14.40
N ARG A 148 -0.87 14.64 -13.96
CA ARG A 148 -1.27 16.04 -14.07
C ARG A 148 -1.72 16.37 -15.49
N ARG A 149 -0.93 15.98 -16.47
CA ARG A 149 -1.25 16.23 -17.87
C ARG A 149 -2.44 15.38 -18.31
N ALA A 150 -2.50 14.15 -17.83
CA ALA A 150 -3.59 13.25 -18.17
C ALA A 150 -4.93 13.79 -17.67
N PHE A 151 -4.91 14.43 -16.50
CA PHE A 151 -6.12 14.98 -15.91
C PHE A 151 -6.82 15.92 -16.89
N GLN A 152 -6.03 16.63 -17.68
CA GLN A 152 -6.58 17.57 -18.67
C GLN A 152 -7.30 16.82 -19.78
N MET A 153 -6.79 15.64 -20.12
CA MET A 153 -7.39 14.83 -21.18
C MET A 153 -8.77 14.32 -20.75
N LEU A 154 -8.91 14.01 -19.47
CA LEU A 154 -10.18 13.52 -18.94
C LEU A 154 -11.34 14.42 -19.35
N ARG A 155 -12.14 13.95 -20.29
CA ARG A 155 -13.28 14.72 -20.77
C ARG A 155 -14.31 14.93 -19.66
N ARG A 156 -14.84 16.14 -19.56
CA ARG A 156 -15.83 16.46 -18.55
C ARG A 156 -17.21 16.64 -19.16
N ASP A 157 -17.25 17.02 -20.44
CA ASP A 157 -18.50 17.21 -21.15
C ASP A 157 -18.99 15.90 -21.77
C4 UJ2 B . -2.14 -15.41 18.47
C5 UJ2 B . -1.94 -14.13 18.99
C6 UJ2 B . -1.83 -13.05 18.16
C8 UJ2 B . -2.00 -13.04 14.61
C10 UJ2 B . -1.97 -12.43 13.24
C13 UJ2 B . 0.75 -12.64 10.64
C15 UJ2 B . 1.54 -13.68 12.66
C17 UJ2 B . 3.05 -13.61 10.68
C20 UJ2 B . 5.46 -14.18 9.45
C21 UJ2 B . 4.34 -13.96 8.69
C22 UJ2 B . 3.13 -13.68 9.29
C24 UJ2 B . -0.94 -10.32 13.70
C1 UJ2 B . -1.92 -13.23 16.78
N7 UJ2 B . -1.85 -12.38 15.72
N9 UJ2 B . -2.17 -14.36 14.87
C11 UJ2 B . -0.66 -12.73 12.57
C12 UJ2 B . -0.45 -12.36 11.26
C16 UJ2 B . 0.33 -13.39 13.27
C14 UJ2 B . 1.75 -13.30 11.34
C18 UJ2 B . 4.19 -13.83 11.46
C19 UJ2 B . 5.39 -14.11 10.83
O23 UJ2 B . -2.13 -11.00 13.34
C2 UJ2 B . -2.12 -14.52 16.25
C3 UJ2 B . -2.23 -15.60 17.09
C25 UJ2 B . -2.27 -16.57 19.38
O26 UJ2 B . -2.01 -16.44 20.57
O27 UJ2 B . -2.64 -17.77 18.91
H29 UJ2 B . -1.87 -14.00 20.06
H30 UJ2 B . -1.67 -12.08 18.58
H32 UJ2 B . -2.79 -12.83 12.64
H34 UJ2 B . 0.91 -12.35 9.61
H35 UJ2 B . 2.31 -14.20 13.22
H39 UJ2 B . 6.41 -14.40 8.97
H40 UJ2 B . 4.40 -14.01 7.60
H41 UJ2 B . 2.25 -13.51 8.69
H42 UJ2 B . -0.38 -10.91 14.44
H44 UJ2 B . -1.19 -9.35 14.14
H43 UJ2 B . -0.33 -10.16 12.82
H31 UJ2 B . -2.29 -15.06 14.21
H33 UJ2 B . -1.23 -11.85 10.70
H36 UJ2 B . 0.17 -13.68 14.30
H37 UJ2 B . 4.14 -13.78 12.53
H38 UJ2 B . 6.28 -14.28 11.43
H28 UJ2 B . -2.38 -16.60 16.69
H45 UJ2 B . -2.00 -18.25 18.37
N GLY A 1 -8.04 -26.12 8.54
CA GLY A 1 -8.81 -25.26 7.68
C GLY A 1 -8.67 -23.79 8.04
N SER A 2 -8.60 -22.94 7.03
CA SER A 2 -8.45 -21.50 7.24
C SER A 2 -7.25 -21.20 8.13
N PRO A 3 -6.04 -21.39 7.58
CA PRO A 3 -4.79 -21.14 8.30
C PRO A 3 -4.55 -19.66 8.57
N GLY A 4 -4.01 -19.35 9.74
CA GLY A 4 -3.74 -17.98 10.09
C GLY A 4 -4.96 -17.09 9.96
N GLU A 5 -5.95 -17.32 10.83
CA GLU A 5 -7.18 -16.55 10.80
C GLU A 5 -6.88 -15.06 10.91
N ASN A 6 -5.95 -14.70 11.79
CA ASN A 6 -5.58 -13.30 11.99
C ASN A 6 -4.69 -12.81 10.85
N LEU A 7 -3.79 -13.67 10.40
CA LEU A 7 -2.88 -13.32 9.31
C LEU A 7 -3.66 -12.93 8.05
N LYS A 8 -4.84 -13.53 7.88
CA LYS A 8 -5.67 -13.24 6.72
C LYS A 8 -5.94 -11.75 6.61
N HIS A 9 -5.93 -11.06 7.75
CA HIS A 9 -6.16 -9.62 7.77
C HIS A 9 -5.22 -8.89 6.81
N ILE A 10 -3.94 -9.20 6.90
CA ILE A 10 -2.94 -8.59 6.05
C ILE A 10 -3.10 -9.03 4.60
N ILE A 11 -3.57 -10.26 4.41
CA ILE A 11 -3.79 -10.80 3.08
C ILE A 11 -4.92 -10.07 2.36
N THR A 12 -6.08 -10.01 3.00
CA THR A 12 -7.23 -9.34 2.43
C THR A 12 -7.05 -7.82 2.43
N LEU A 13 -6.93 -7.25 3.62
CA LEU A 13 -6.74 -5.80 3.76
C LEU A 13 -5.55 -5.33 2.95
N GLY A 14 -4.59 -6.23 2.71
CA GLY A 14 -3.41 -5.88 1.95
C GLY A 14 -3.71 -5.73 0.47
N GLN A 15 -4.34 -6.74 -0.11
CA GLN A 15 -4.68 -6.72 -1.52
C GLN A 15 -5.86 -5.78 -1.79
N VAL A 16 -6.72 -5.62 -0.80
CA VAL A 16 -7.89 -4.76 -0.91
C VAL A 16 -7.50 -3.38 -1.42
N ILE A 17 -6.29 -2.95 -1.07
CA ILE A 17 -5.79 -1.65 -1.49
C ILE A 17 -5.84 -1.49 -3.01
N HIS A 18 -5.26 -2.45 -3.72
CA HIS A 18 -5.25 -2.42 -5.17
C HIS A 18 -6.65 -2.68 -5.74
N LYS A 19 -7.42 -3.49 -5.04
CA LYS A 19 -8.79 -3.81 -5.46
C LYS A 19 -9.59 -2.53 -5.70
N ARG A 20 -9.30 -1.50 -4.92
CA ARG A 20 -10.00 -0.22 -5.06
C ARG A 20 -9.82 0.35 -6.46
N CYS A 21 -8.58 0.35 -6.94
CA CYS A 21 -8.28 0.87 -8.27
C CYS A 21 -9.26 0.32 -9.30
N GLU A 22 -9.77 -0.88 -9.06
CA GLU A 22 -10.72 -1.51 -9.96
C GLU A 22 -11.91 -0.59 -10.23
N GLU A 23 -12.34 0.12 -9.20
CA GLU A 23 -13.47 1.04 -9.33
C GLU A 23 -13.00 2.44 -9.70
N MET A 24 -11.77 2.76 -9.31
CA MET A 24 -11.20 4.07 -9.59
C MET A 24 -11.09 4.30 -11.10
N LYS A 25 -11.03 5.57 -11.49
CA LYS A 25 -10.94 5.93 -12.90
C LYS A 25 -9.80 6.92 -13.14
N TYR A 26 -9.89 8.07 -12.48
CA TYR A 26 -8.86 9.10 -12.63
C TYR A 26 -7.68 8.82 -11.71
N CYS A 27 -7.97 8.30 -10.52
CA CYS A 27 -6.93 7.98 -9.55
C CYS A 27 -6.25 6.65 -9.88
N LYS A 28 -6.87 5.90 -10.80
CA LYS A 28 -6.34 4.60 -11.20
C LYS A 28 -4.86 4.71 -11.54
N LYS A 29 -4.44 5.86 -12.05
CA LYS A 29 -3.05 6.10 -12.41
C LYS A 29 -2.14 5.87 -11.21
N GLN A 30 -2.43 6.56 -10.11
CA GLN A 30 -1.63 6.43 -8.90
C GLN A 30 -1.99 5.16 -8.13
N CYS A 31 -3.29 4.89 -8.03
CA CYS A 31 -3.77 3.71 -7.32
C CYS A 31 -3.06 2.44 -7.83
N ARG A 32 -3.13 2.22 -9.14
CA ARG A 32 -2.49 1.06 -9.74
C ARG A 32 -1.04 0.95 -9.32
N ARG A 33 -0.38 2.09 -9.17
CA ARG A 33 1.01 2.13 -8.76
C ARG A 33 1.16 1.86 -7.27
N LEU A 34 0.19 2.35 -6.49
CA LEU A 34 0.22 2.16 -5.05
C LEU A 34 -0.04 0.71 -4.68
N GLY A 35 -1.15 0.16 -5.17
CA GLY A 35 -1.49 -1.22 -4.89
C GLY A 35 -0.44 -2.19 -5.39
N HIS A 36 0.00 -1.99 -6.62
CA HIS A 36 1.02 -2.86 -7.22
C HIS A 36 2.25 -2.96 -6.32
N ARG A 37 2.65 -1.82 -5.75
CA ARG A 37 3.82 -1.78 -4.87
C ARG A 37 3.46 -2.30 -3.47
N VAL A 38 2.27 -1.96 -3.01
CA VAL A 38 1.82 -2.39 -1.70
C VAL A 38 1.62 -3.90 -1.64
N LEU A 39 1.27 -4.48 -2.80
CA LEU A 39 1.05 -5.92 -2.89
C LEU A 39 2.36 -6.68 -2.73
N GLY A 40 3.47 -6.00 -3.01
CA GLY A 40 4.77 -6.64 -2.89
C GLY A 40 5.09 -7.03 -1.46
N LEU A 41 4.44 -6.37 -0.51
CA LEU A 41 4.66 -6.65 0.90
C LEU A 41 3.80 -7.83 1.37
N ILE A 42 2.56 -7.86 0.91
CA ILE A 42 1.64 -8.92 1.28
C ILE A 42 1.88 -10.17 0.44
N LYS A 43 2.46 -9.97 -0.74
CA LYS A 43 2.75 -11.09 -1.63
C LYS A 43 3.47 -12.22 -0.90
N PRO A 44 4.62 -11.88 -0.29
CA PRO A 44 5.42 -12.85 0.47
C PRO A 44 4.75 -13.28 1.76
N LEU A 45 3.59 -12.69 2.04
CA LEU A 45 2.85 -13.01 3.26
C LEU A 45 1.83 -14.11 2.99
N GLU A 46 1.44 -14.26 1.73
CA GLU A 46 0.47 -15.27 1.35
C GLU A 46 1.13 -16.64 1.24
N MET A 47 2.39 -16.65 0.81
CA MET A 47 3.14 -17.90 0.67
C MET A 47 3.18 -18.66 1.98
N LEU A 48 3.23 -17.94 3.09
CA LEU A 48 3.27 -18.54 4.42
C LEU A 48 1.87 -18.71 4.99
N GLN A 49 0.97 -17.79 4.63
CA GLN A 49 -0.40 -17.83 5.11
C GLN A 49 -1.05 -19.16 4.77
N ASP A 50 -0.73 -19.68 3.59
CA ASP A 50 -1.29 -20.95 3.14
C ASP A 50 -0.90 -22.08 4.08
N GLN A 51 0.31 -22.02 4.61
CA GLN A 51 0.81 -23.03 5.53
C GLN A 51 0.12 -22.92 6.88
N GLY A 52 0.30 -21.78 7.55
CA GLY A 52 -0.31 -21.57 8.85
C GLY A 52 0.09 -22.62 9.86
N LYS A 53 -0.77 -22.87 10.83
CA LYS A 53 -0.49 -23.85 11.87
C LYS A 53 0.83 -23.55 12.58
N ARG A 54 0.73 -22.76 13.65
CA ARG A 54 1.91 -22.38 14.42
C ARG A 54 1.51 -21.72 15.74
N SER A 55 2.50 -21.45 16.58
CA SER A 55 2.25 -20.83 17.88
C SER A 55 2.49 -19.31 17.81
N VAL A 56 2.50 -18.67 18.96
CA VAL A 56 2.71 -17.23 19.04
C VAL A 56 4.11 -16.91 19.54
N PRO A 57 5.02 -16.60 18.60
CA PRO A 57 6.41 -16.26 18.92
C PRO A 57 6.54 -14.91 19.63
N SER A 58 7.75 -14.36 19.63
CA SER A 58 7.99 -13.09 20.29
C SER A 58 6.96 -12.04 19.87
N GLU A 59 6.21 -11.54 20.85
CA GLU A 59 5.18 -10.54 20.58
C GLU A 59 5.74 -9.40 19.74
N LYS A 60 7.04 -9.14 19.88
CA LYS A 60 7.69 -8.08 19.13
C LYS A 60 7.50 -8.27 17.63
N LEU A 61 7.54 -9.52 17.19
CA LEU A 61 7.36 -9.85 15.78
C LEU A 61 5.90 -9.71 15.35
N THR A 62 5.01 -10.28 16.16
CA THR A 62 3.58 -10.23 15.87
C THR A 62 3.06 -8.80 15.96
N THR A 63 3.66 -8.02 16.85
CA THR A 63 3.26 -6.62 17.03
C THR A 63 3.53 -5.80 15.78
N ALA A 64 4.59 -6.16 15.07
CA ALA A 64 4.96 -5.45 13.84
C ALA A 64 3.78 -5.39 12.87
N MET A 65 3.05 -6.50 12.76
CA MET A 65 1.90 -6.57 11.87
C MET A 65 0.72 -5.76 12.42
N ASN A 66 0.61 -5.74 13.75
CA ASN A 66 -0.47 -5.01 14.40
C ASN A 66 -0.53 -3.57 13.91
N ARG A 67 0.62 -2.92 13.89
CA ARG A 67 0.69 -1.53 13.43
C ARG A 67 0.69 -1.45 11.91
N PHE A 68 1.39 -2.38 11.27
CA PHE A 68 1.47 -2.41 9.82
C PHE A 68 0.07 -2.46 9.20
N LYS A 69 -0.79 -3.30 9.76
CA LYS A 69 -2.15 -3.44 9.26
C LYS A 69 -2.83 -2.08 9.13
N ALA A 70 -2.54 -1.18 10.08
CA ALA A 70 -3.11 0.15 10.06
C ALA A 70 -2.49 1.00 8.95
N ALA A 71 -1.19 0.81 8.74
CA ALA A 71 -0.47 1.57 7.71
C ALA A 71 -1.20 1.49 6.37
N LEU A 72 -1.46 0.27 5.91
CA LEU A 72 -2.15 0.07 4.64
C LEU A 72 -3.63 0.42 4.76
N GLU A 73 -4.17 0.28 5.97
CA GLU A 73 -5.57 0.59 6.21
C GLU A 73 -5.93 1.97 5.70
N GLU A 74 -4.99 2.91 5.84
CA GLU A 74 -5.21 4.28 5.38
C GLU A 74 -5.18 4.36 3.86
N ALA A 75 -4.38 3.50 3.25
CA ALA A 75 -4.25 3.48 1.80
C ALA A 75 -5.59 3.17 1.13
N ASN A 76 -6.18 2.05 1.51
CA ASN A 76 -7.47 1.63 0.96
C ASN A 76 -8.57 2.61 1.36
N GLY A 77 -8.47 3.13 2.57
CA GLY A 77 -9.46 4.08 3.05
C GLY A 77 -9.39 5.42 2.34
N GLU A 78 -8.19 5.81 1.95
CA GLU A 78 -7.98 7.07 1.27
C GLU A 78 -8.46 6.99 -0.18
N ILE A 79 -8.11 5.90 -0.85
CA ILE A 79 -8.50 5.69 -2.23
C ILE A 79 -10.01 5.87 -2.41
N GLU A 80 -10.78 5.47 -1.41
CA GLU A 80 -12.23 5.59 -1.46
C GLU A 80 -12.64 7.06 -1.57
N LYS A 81 -12.21 7.87 -0.61
CA LYS A 81 -12.54 9.29 -0.59
C LYS A 81 -11.99 9.97 -1.84
N PHE A 82 -10.72 9.73 -2.15
CA PHE A 82 -10.09 10.33 -3.32
C PHE A 82 -10.94 10.10 -4.57
N SER A 83 -11.67 9.00 -4.60
CA SER A 83 -12.52 8.68 -5.74
C SER A 83 -13.38 9.87 -6.13
N ASN A 84 -13.80 10.65 -5.13
CA ASN A 84 -14.64 11.82 -5.38
C ASN A 84 -14.02 12.72 -6.44
N ARG A 85 -14.66 12.80 -7.60
CA ARG A 85 -14.18 13.62 -8.69
C ARG A 85 -13.89 15.04 -8.23
N SER A 86 -14.72 15.54 -7.31
CA SER A 86 -14.56 16.88 -6.78
C SER A 86 -13.37 16.95 -5.83
N ASN A 87 -13.16 15.89 -5.07
CA ASN A 87 -12.05 15.83 -4.13
C ASN A 87 -10.72 16.00 -4.84
N ILE A 88 -10.54 15.28 -5.94
CA ILE A 88 -9.30 15.35 -6.71
C ILE A 88 -9.19 16.69 -7.44
N CYS A 89 -10.32 17.16 -7.97
CA CYS A 89 -10.34 18.43 -8.69
C CYS A 89 -9.76 19.55 -7.85
N ARG A 90 -10.22 19.65 -6.61
CA ARG A 90 -9.74 20.68 -5.69
C ARG A 90 -8.31 20.39 -5.25
N PHE A 91 -7.99 19.12 -5.10
CA PHE A 91 -6.65 18.72 -4.67
C PHE A 91 -5.61 19.12 -5.72
N LEU A 92 -5.91 18.86 -6.98
CA LEU A 92 -5.00 19.20 -8.08
C LEU A 92 -4.97 20.70 -8.31
N THR A 93 -6.14 21.29 -8.51
CA THR A 93 -6.25 22.73 -8.74
C THR A 93 -5.58 23.53 -7.62
N ALA A 94 -5.67 23.00 -6.41
CA ALA A 94 -5.07 23.66 -5.25
C ALA A 94 -3.58 23.90 -5.47
N SER A 95 -2.92 22.94 -6.12
CA SER A 95 -1.49 23.04 -6.40
C SER A 95 -0.70 23.07 -5.10
N GLN A 96 -0.95 22.10 -4.23
CA GLN A 96 -0.26 21.99 -2.95
C GLN A 96 0.74 20.84 -2.95
N ASP A 97 0.36 19.74 -3.58
CA ASP A 97 1.22 18.56 -3.65
C ASP A 97 1.12 17.91 -5.03
N LYS A 98 1.91 16.86 -5.24
CA LYS A 98 1.92 16.14 -6.50
C LYS A 98 1.44 14.70 -6.31
N ILE A 99 1.77 14.12 -5.16
CA ILE A 99 1.38 12.75 -4.86
C ILE A 99 0.04 12.72 -4.12
N LEU A 100 -0.58 11.53 -4.08
CA LEU A 100 -1.86 11.36 -3.41
C LEU A 100 -1.72 10.44 -2.21
N PHE A 101 -0.93 9.38 -2.36
CA PHE A 101 -0.72 8.42 -1.28
C PHE A 101 0.75 8.37 -0.88
N LYS A 102 1.39 9.54 -0.89
CA LYS A 102 2.79 9.65 -0.51
C LYS A 102 2.98 9.44 0.99
N ASP A 103 2.12 10.08 1.78
CA ASP A 103 2.19 9.97 3.23
C ASP A 103 2.02 8.51 3.67
N VAL A 104 0.92 7.89 3.24
CA VAL A 104 0.64 6.50 3.58
C VAL A 104 1.73 5.58 3.05
N ASN A 105 2.35 5.98 1.94
CA ASN A 105 3.40 5.18 1.32
C ASN A 105 4.70 5.28 2.13
N ARG A 106 5.04 6.49 2.54
CA ARG A 106 6.25 6.72 3.32
C ARG A 106 6.25 5.87 4.59
N LYS A 107 5.11 5.86 5.27
CA LYS A 107 4.97 5.09 6.51
C LYS A 107 4.88 3.59 6.21
N LEU A 108 4.14 3.25 5.17
CA LEU A 108 3.98 1.85 4.78
C LEU A 108 5.32 1.18 4.59
N SER A 109 6.29 1.91 4.07
CA SER A 109 7.63 1.39 3.84
C SER A 109 8.45 1.42 5.13
N ASP A 110 8.23 2.44 5.94
CA ASP A 110 8.95 2.59 7.20
C ASP A 110 8.58 1.48 8.17
N VAL A 111 7.28 1.21 8.30
CA VAL A 111 6.80 0.17 9.20
C VAL A 111 7.22 -1.21 8.71
N TRP A 112 7.31 -1.36 7.39
CA TRP A 112 7.70 -2.63 6.80
C TRP A 112 9.19 -2.90 7.00
N LYS A 113 9.98 -1.84 7.01
CA LYS A 113 11.42 -1.96 7.20
C LYS A 113 11.74 -2.81 8.42
N GLU A 114 11.18 -2.41 9.57
CA GLU A 114 11.42 -3.14 10.81
C GLU A 114 10.59 -4.43 10.84
N LEU A 115 9.32 -4.32 10.48
CA LEU A 115 8.42 -5.47 10.46
C LEU A 115 9.06 -6.64 9.71
N SER A 116 9.32 -6.43 8.43
CA SER A 116 9.92 -7.47 7.59
C SER A 116 11.18 -8.03 8.25
N LEU A 117 11.87 -7.20 9.01
CA LEU A 117 13.09 -7.62 9.70
C LEU A 117 12.78 -8.63 10.79
N LEU A 118 11.61 -8.50 11.40
CA LEU A 118 11.19 -9.41 12.46
C LEU A 118 10.71 -10.74 11.87
N LEU A 119 10.16 -10.68 10.67
CA LEU A 119 9.65 -11.87 9.99
C LEU A 119 10.79 -12.71 9.44
N GLN A 120 11.78 -12.04 8.85
CA GLN A 120 12.93 -12.71 8.28
C GLN A 120 13.79 -13.34 9.37
N VAL A 121 13.91 -12.65 10.50
CA VAL A 121 14.70 -13.14 11.62
C VAL A 121 13.97 -14.25 12.36
N GLU A 122 12.64 -14.13 12.43
CA GLU A 122 11.83 -15.14 13.12
C GLU A 122 11.77 -16.43 12.31
N GLN A 123 11.83 -16.30 11.00
CA GLN A 123 11.78 -17.47 10.10
C GLN A 123 12.09 -17.07 8.67
N ARG A 124 12.23 -18.06 7.81
CA ARG A 124 12.54 -17.83 6.40
C ARG A 124 11.38 -17.12 5.71
N MET A 125 11.40 -15.79 5.73
CA MET A 125 10.35 -15.01 5.11
C MET A 125 10.94 -13.90 4.24
N PRO A 126 10.76 -14.04 2.91
CA PRO A 126 11.27 -13.07 1.93
C PRO A 126 10.53 -11.74 2.00
N VAL A 127 11.27 -10.65 2.14
CA VAL A 127 10.68 -9.32 2.21
C VAL A 127 10.81 -8.59 0.88
N SER A 128 10.13 -7.45 0.77
CA SER A 128 10.16 -6.66 -0.45
C SER A 128 11.60 -6.40 -0.89
N PRO A 129 11.85 -6.53 -2.21
CA PRO A 129 13.18 -6.30 -2.79
C PRO A 129 13.59 -4.84 -2.76
N ILE A 130 12.63 -3.95 -2.96
CA ILE A 130 12.89 -2.52 -2.95
C ILE A 130 13.66 -2.11 -1.69
N SER A 131 14.19 -0.89 -1.68
CA SER A 131 14.94 -0.38 -0.54
C SER A 131 14.00 0.02 0.60
N GLN A 132 12.76 0.33 0.24
CA GLN A 132 11.75 0.73 1.22
C GLN A 132 12.14 2.05 1.88
N GLY A 133 11.99 3.14 1.13
CA GLY A 133 12.33 4.45 1.66
C GLY A 133 12.15 5.55 0.63
N ALA A 134 13.26 6.00 0.04
CA ALA A 134 13.22 7.05 -0.96
C ALA A 134 12.76 6.52 -2.31
N SER A 135 13.14 5.27 -2.61
CA SER A 135 12.76 4.63 -3.86
C SER A 135 11.27 4.76 -4.11
N TRP A 136 10.49 4.75 -3.03
CA TRP A 136 9.04 4.86 -3.13
C TRP A 136 8.64 6.19 -3.73
N ALA A 137 9.14 7.28 -3.15
CA ALA A 137 8.83 8.62 -3.63
C ALA A 137 9.49 8.89 -4.97
N GLN A 138 10.59 8.19 -5.23
CA GLN A 138 11.33 8.36 -6.49
C GLN A 138 10.41 8.13 -7.68
N GLU A 139 9.69 7.01 -7.67
CA GLU A 139 8.78 6.68 -8.76
C GLU A 139 7.48 7.46 -8.63
N ASP A 140 7.00 7.60 -7.40
CA ASP A 140 5.76 8.33 -7.14
C ASP A 140 5.84 9.76 -7.68
N GLN A 141 6.89 10.46 -7.29
CA GLN A 141 7.08 11.84 -7.73
C GLN A 141 7.32 11.90 -9.23
N GLN A 142 8.16 11.01 -9.73
CA GLN A 142 8.48 10.96 -11.16
C GLN A 142 7.21 10.77 -11.98
N ASP A 143 6.43 9.75 -11.62
CA ASP A 143 5.19 9.45 -12.34
C ASP A 143 4.14 10.53 -12.08
N ALA A 144 4.17 11.11 -10.88
CA ALA A 144 3.23 12.15 -10.51
C ALA A 144 3.24 13.29 -11.53
N ASP A 145 4.41 13.56 -12.08
CA ASP A 145 4.56 14.63 -13.08
C ASP A 145 3.70 14.35 -14.30
N GLU A 146 3.60 13.07 -14.66
CA GLU A 146 2.80 12.68 -15.82
C GLU A 146 1.31 12.68 -15.49
N ASP A 147 0.98 12.30 -14.25
CA ASP A 147 -0.40 12.26 -13.81
C ASP A 147 -1.10 13.59 -14.07
N ARG A 148 -0.35 14.68 -13.93
CA ARG A 148 -0.90 16.02 -14.14
C ARG A 148 -1.59 16.10 -15.50
N ARG A 149 -0.85 15.80 -16.56
CA ARG A 149 -1.40 15.84 -17.91
C ARG A 149 -2.43 14.74 -18.11
N ALA A 150 -2.18 13.58 -17.52
CA ALA A 150 -3.09 12.44 -17.64
C ALA A 150 -4.47 12.80 -17.11
N PHE A 151 -4.51 13.59 -16.04
CA PHE A 151 -5.78 13.99 -15.44
C PHE A 151 -6.60 14.82 -16.41
N GLN A 152 -5.94 15.71 -17.14
CA GLN A 152 -6.62 16.57 -18.10
C GLN A 152 -7.14 15.74 -19.28
N MET A 153 -6.39 14.71 -19.65
CA MET A 153 -6.77 13.85 -20.76
C MET A 153 -8.21 13.36 -20.59
N LEU A 154 -8.61 13.11 -19.34
CA LEU A 154 -9.96 12.64 -19.06
C LEU A 154 -11.01 13.56 -19.67
N ARG A 155 -11.59 13.14 -20.79
CA ARG A 155 -12.60 13.93 -21.47
C ARG A 155 -13.77 13.05 -21.92
N ARG A 156 -14.95 13.65 -21.99
CA ARG A 156 -16.15 12.92 -22.40
C ARG A 156 -17.03 13.79 -23.31
N ASP A 157 -17.63 13.15 -24.31
CA ASP A 157 -18.50 13.86 -25.25
C ASP A 157 -19.60 14.62 -24.51
C4 UJ2 B . -2.11 -13.71 19.19
C5 UJ2 B . -2.03 -14.94 18.51
C6 UJ2 B . -1.89 -14.97 17.15
C8 UJ2 B . -1.69 -12.23 14.92
C10 UJ2 B . -1.56 -11.55 13.59
C13 UJ2 B . 0.88 -12.43 10.86
C15 UJ2 B . 1.85 -13.03 12.99
C17 UJ2 B . 3.16 -13.46 10.91
C20 UJ2 B . 5.43 -14.38 9.61
C21 UJ2 B . 5.42 -14.24 10.98
C22 UJ2 B . 4.30 -13.78 11.63
C24 UJ2 B . -0.24 -9.71 14.38
C1 UJ2 B . -1.83 -13.79 16.43
N7 UJ2 B . -1.71 -13.51 15.10
N9 UJ2 B . -1.82 -11.58 16.11
C11 UJ2 B . -0.33 -12.05 12.88
C12 UJ2 B . -0.24 -11.98 11.50
C16 UJ2 B . 0.72 -12.57 13.62
C14 UJ2 B . 1.94 -12.97 11.59
C18 UJ2 B . 3.16 -13.61 9.51
C19 UJ2 B . 4.30 -14.07 8.89
O23 UJ2 B . -1.46 -10.13 13.78
C2 UJ2 B . -1.91 -12.56 17.09
C3 UJ2 B . -2.05 -12.51 18.47
C25 UJ2 B . -2.26 -13.68 20.66
O26 UJ2 B . -2.79 -14.61 21.23
O27 UJ2 B . -1.81 -12.63 21.35
H29 UJ2 B . -2.08 -15.86 19.07
H30 UJ2 B . -1.84 -15.92 16.65
H32 UJ2 B . -2.44 -11.77 12.98
H34 UJ2 B . 0.94 -12.38 9.78
H35 UJ2 B . 2.67 -13.43 13.56
H39 UJ2 B . 6.31 -14.75 9.11
H40 UJ2 B . 6.31 -14.48 11.56
H41 UJ2 B . 4.30 -13.66 12.71
H42 UJ2 B . 0.51 -9.53 13.60
H44 UJ2 B . 0.12 -10.50 15.05
H43 UJ2 B . -0.40 -8.79 14.94
H31 UJ2 B . -1.84 -10.62 16.25
H33 UJ2 B . -1.06 -11.57 10.93
H36 UJ2 B . 0.65 -12.60 14.70
H37 UJ2 B . 2.28 -13.37 8.94
H38 UJ2 B . 4.30 -14.19 7.80
H28 UJ2 B . -2.12 -11.57 18.98
H45 UJ2 B . -2.19 -11.76 21.14
N GLY A 1 -6.95 -10.27 18.50
CA GLY A 1 -7.30 -11.00 17.30
C GLY A 1 -7.30 -12.50 17.51
N SER A 2 -6.57 -13.21 16.65
CA SER A 2 -6.48 -14.66 16.74
C SER A 2 -5.55 -15.22 15.67
N PRO A 3 -5.08 -16.45 15.89
CA PRO A 3 -4.17 -17.13 14.96
C PRO A 3 -4.86 -17.52 13.65
N GLY A 4 -4.11 -17.52 12.56
CA GLY A 4 -4.66 -17.88 11.27
C GLY A 4 -5.51 -16.77 10.68
N GLU A 5 -6.64 -16.47 11.32
CA GLU A 5 -7.54 -15.43 10.85
C GLU A 5 -6.78 -14.13 10.59
N ASN A 6 -6.02 -13.69 11.58
CA ASN A 6 -5.23 -12.46 11.46
C ASN A 6 -4.30 -12.53 10.26
N LEU A 7 -3.77 -13.73 10.00
CA LEU A 7 -2.86 -13.92 8.88
C LEU A 7 -3.53 -13.57 7.56
N LYS A 8 -4.72 -14.10 7.35
CA LYS A 8 -5.47 -13.84 6.12
C LYS A 8 -5.78 -12.36 5.99
N HIS A 9 -5.86 -11.67 7.12
CA HIS A 9 -6.16 -10.24 7.13
C HIS A 9 -5.19 -9.49 6.21
N ILE A 10 -3.89 -9.70 6.41
CA ILE A 10 -2.88 -9.05 5.61
C ILE A 10 -2.98 -9.45 4.15
N ILE A 11 -3.41 -10.68 3.91
CA ILE A 11 -3.56 -11.19 2.55
C ILE A 11 -4.72 -10.51 1.83
N THR A 12 -5.89 -10.52 2.45
CA THR A 12 -7.07 -9.90 1.86
C THR A 12 -6.97 -8.38 1.90
N LEU A 13 -6.90 -7.82 3.10
CA LEU A 13 -6.78 -6.37 3.27
C LEU A 13 -5.59 -5.82 2.51
N GLY A 14 -4.60 -6.67 2.27
CA GLY A 14 -3.41 -6.26 1.55
C GLY A 14 -3.65 -6.14 0.06
N GLN A 15 -4.22 -7.19 -0.53
CA GLN A 15 -4.50 -7.19 -1.96
C GLN A 15 -5.71 -6.33 -2.29
N VAL A 16 -6.62 -6.20 -1.32
CA VAL A 16 -7.82 -5.39 -1.50
C VAL A 16 -7.47 -3.99 -2.00
N ILE A 17 -6.30 -3.50 -1.61
CA ILE A 17 -5.85 -2.18 -2.03
C ILE A 17 -5.69 -2.10 -3.54
N HIS A 18 -4.93 -3.03 -4.10
CA HIS A 18 -4.70 -3.05 -5.55
C HIS A 18 -6.03 -3.18 -6.29
N LYS A 19 -6.93 -4.00 -5.77
CA LYS A 19 -8.24 -4.21 -6.40
C LYS A 19 -8.96 -2.88 -6.59
N ARG A 20 -8.73 -1.95 -5.67
CA ARG A 20 -9.36 -0.63 -5.75
C ARG A 20 -9.09 0.02 -7.09
N CYS A 21 -7.89 -0.18 -7.62
CA CYS A 21 -7.50 0.39 -8.91
C CYS A 21 -8.51 0.01 -9.99
N GLU A 22 -9.09 -1.17 -9.86
CA GLU A 22 -10.07 -1.66 -10.84
C GLU A 22 -11.39 -0.91 -10.69
N GLU A 23 -11.65 -0.42 -9.48
CA GLU A 23 -12.89 0.31 -9.21
C GLU A 23 -12.72 1.80 -9.49
N MET A 24 -11.49 2.29 -9.34
CA MET A 24 -11.19 3.69 -9.58
C MET A 24 -11.17 4.00 -11.07
N LYS A 25 -11.28 5.28 -11.40
CA LYS A 25 -11.28 5.71 -12.79
C LYS A 25 -10.28 6.84 -13.02
N TYR A 26 -10.16 7.71 -12.01
CA TYR A 26 -9.24 8.84 -12.09
C TYR A 26 -7.92 8.53 -11.39
N CYS A 27 -8.01 8.07 -10.15
CA CYS A 27 -6.82 7.74 -9.37
C CYS A 27 -6.18 6.45 -9.88
N LYS A 28 -6.86 5.79 -10.82
CA LYS A 28 -6.37 4.55 -11.39
C LYS A 28 -4.91 4.69 -11.84
N LYS A 29 -4.53 5.92 -12.18
CA LYS A 29 -3.16 6.20 -12.62
C LYS A 29 -2.18 6.04 -11.47
N GLN A 30 -2.44 6.73 -10.37
CA GLN A 30 -1.58 6.67 -9.19
C GLN A 30 -1.77 5.35 -8.45
N CYS A 31 -3.02 5.03 -8.14
CA CYS A 31 -3.33 3.79 -7.43
C CYS A 31 -2.66 2.60 -8.10
N ARG A 32 -2.54 2.65 -9.41
CA ARG A 32 -1.91 1.58 -10.17
C ARG A 32 -0.59 1.16 -9.54
N ARG A 33 0.30 2.13 -9.36
CA ARG A 33 1.61 1.86 -8.77
C ARG A 33 1.50 1.66 -7.27
N LEU A 34 0.55 2.35 -6.65
CA LEU A 34 0.33 2.25 -5.21
C LEU A 34 0.05 0.81 -4.80
N GLY A 35 -0.96 0.21 -5.43
CA GLY A 35 -1.30 -1.16 -5.12
C GLY A 35 -0.21 -2.15 -5.51
N HIS A 36 0.28 -2.02 -6.74
CA HIS A 36 1.32 -2.91 -7.23
C HIS A 36 2.52 -2.91 -6.29
N ARG A 37 2.83 -1.73 -5.74
CA ARG A 37 3.96 -1.59 -4.84
C ARG A 37 3.61 -2.11 -3.44
N VAL A 38 2.34 -1.92 -3.06
CA VAL A 38 1.86 -2.36 -1.75
C VAL A 38 1.74 -3.89 -1.69
N LEU A 39 1.43 -4.49 -2.84
CA LEU A 39 1.29 -5.93 -2.92
C LEU A 39 2.61 -6.64 -2.65
N GLY A 40 3.71 -5.90 -2.80
CA GLY A 40 5.02 -6.47 -2.56
C GLY A 40 5.26 -6.77 -1.10
N LEU A 41 4.50 -6.13 -0.23
CA LEU A 41 4.62 -6.33 1.21
C LEU A 41 3.78 -7.51 1.67
N ILE A 42 2.81 -7.90 0.85
CA ILE A 42 1.93 -9.01 1.17
C ILE A 42 2.26 -10.23 0.31
N LYS A 43 2.88 -9.99 -0.84
CA LYS A 43 3.25 -11.07 -1.75
C LYS A 43 4.02 -12.15 -1.02
N PRO A 44 5.13 -11.76 -0.38
CA PRO A 44 5.99 -12.68 0.36
C PRO A 44 5.33 -13.20 1.64
N LEU A 45 4.17 -12.62 1.96
CA LEU A 45 3.42 -13.01 3.16
C LEU A 45 2.47 -14.16 2.84
N GLU A 46 2.03 -14.22 1.59
CA GLU A 46 1.10 -15.27 1.16
C GLU A 46 1.82 -16.61 0.99
N MET A 47 3.08 -16.55 0.56
CA MET A 47 3.88 -17.75 0.37
C MET A 47 4.02 -18.53 1.68
N LEU A 48 4.09 -17.81 2.78
CA LEU A 48 4.23 -18.43 4.10
C LEU A 48 2.86 -18.61 4.76
N GLN A 49 1.89 -17.80 4.35
CA GLN A 49 0.55 -17.87 4.89
C GLN A 49 0.00 -19.29 4.79
N ASP A 50 0.48 -20.04 3.82
CA ASP A 50 0.04 -21.41 3.61
C ASP A 50 0.75 -22.36 4.59
N GLN A 51 2.08 -22.34 4.56
CA GLN A 51 2.87 -23.20 5.43
C GLN A 51 2.58 -22.88 6.90
N GLY A 52 2.92 -21.66 7.31
CA GLY A 52 2.70 -21.26 8.69
C GLY A 52 1.32 -20.68 8.90
N LYS A 53 0.32 -21.56 9.00
CA LYS A 53 -1.05 -21.12 9.20
C LYS A 53 -1.18 -20.29 10.49
N ARG A 54 -0.48 -20.73 11.54
CA ARG A 54 -0.52 -20.03 12.82
C ARG A 54 0.83 -20.14 13.52
N SER A 55 1.81 -19.38 13.05
CA SER A 55 3.15 -19.39 13.63
C SER A 55 3.43 -18.08 14.36
N VAL A 56 3.84 -18.19 15.62
CA VAL A 56 4.15 -17.02 16.42
C VAL A 56 5.37 -17.26 17.30
N PRO A 57 6.57 -17.02 16.74
CA PRO A 57 7.83 -17.20 17.46
C PRO A 57 8.03 -16.17 18.56
N SER A 58 7.82 -14.90 18.22
CA SER A 58 7.97 -13.82 19.19
C SER A 58 6.89 -12.76 19.00
N GLU A 59 6.09 -12.56 20.05
CA GLU A 59 5.00 -11.58 19.99
C GLU A 59 5.52 -10.23 19.51
N LYS A 60 6.80 -9.97 19.74
CA LYS A 60 7.42 -8.72 19.33
C LYS A 60 7.17 -8.45 17.85
N LEU A 61 7.28 -9.49 17.04
CA LEU A 61 7.06 -9.37 15.60
C LEU A 61 5.57 -9.25 15.28
N THR A 62 4.77 -10.11 15.92
CA THR A 62 3.33 -10.11 15.71
C THR A 62 2.73 -8.74 15.99
N THR A 63 3.33 -8.02 16.95
CA THR A 63 2.85 -6.69 17.32
C THR A 63 3.02 -5.71 16.17
N ALA A 64 4.05 -5.92 15.36
CA ALA A 64 4.32 -5.05 14.23
C ALA A 64 3.22 -5.17 13.18
N MET A 65 2.56 -6.32 13.14
CA MET A 65 1.49 -6.56 12.18
C MET A 65 0.24 -5.75 12.55
N ASN A 66 -0.05 -5.68 13.85
CA ASN A 66 -1.22 -4.95 14.33
C ASN A 66 -1.22 -3.53 13.79
N ARG A 67 -0.06 -2.87 13.86
CA ARG A 67 0.06 -1.50 13.38
C ARG A 67 0.18 -1.46 11.86
N PHE A 68 0.78 -2.50 11.30
CA PHE A 68 0.95 -2.59 9.85
C PHE A 68 -0.40 -2.70 9.14
N LYS A 69 -1.25 -3.57 9.66
CA LYS A 69 -2.58 -3.78 9.08
C LYS A 69 -3.30 -2.44 8.89
N ALA A 70 -3.09 -1.52 9.83
CA ALA A 70 -3.72 -0.21 9.76
C ALA A 70 -3.09 0.64 8.65
N ALA A 71 -1.79 0.47 8.44
CA ALA A 71 -1.08 1.21 7.40
C ALA A 71 -1.81 1.12 6.06
N LEU A 72 -2.05 -0.10 5.61
CA LEU A 72 -2.74 -0.33 4.35
C LEU A 72 -4.23 -0.06 4.48
N GLU A 73 -4.76 -0.23 5.68
CA GLU A 73 -6.17 0.01 5.94
C GLU A 73 -6.59 1.39 5.45
N GLU A 74 -5.78 2.39 5.77
CA GLU A 74 -6.07 3.77 5.36
C GLU A 74 -5.96 3.92 3.85
N ALA A 75 -5.08 3.12 3.24
CA ALA A 75 -4.88 3.18 1.79
C ALA A 75 -6.16 2.81 1.05
N ASN A 76 -6.70 1.63 1.34
CA ASN A 76 -7.92 1.17 0.70
C ASN A 76 -9.10 2.06 1.06
N GLY A 77 -9.09 2.56 2.29
CA GLY A 77 -10.17 3.43 2.75
C GLY A 77 -10.14 4.79 2.09
N GLU A 78 -8.92 5.28 1.80
CA GLU A 78 -8.76 6.58 1.18
C GLU A 78 -9.15 6.53 -0.30
N ILE A 79 -8.75 5.45 -0.97
CA ILE A 79 -9.07 5.27 -2.38
C ILE A 79 -10.57 5.38 -2.64
N GLU A 80 -11.35 4.92 -1.67
CA GLU A 80 -12.81 4.95 -1.79
C GLU A 80 -13.30 6.40 -1.87
N LYS A 81 -12.97 7.19 -0.86
CA LYS A 81 -13.37 8.59 -0.82
C LYS A 81 -12.81 9.37 -2.01
N PHE A 82 -11.55 9.10 -2.33
CA PHE A 82 -10.88 9.77 -3.44
C PHE A 82 -11.68 9.58 -4.74
N SER A 83 -12.46 8.51 -4.80
CA SER A 83 -13.26 8.21 -5.98
C SER A 83 -14.04 9.45 -6.42
N ASN A 84 -14.46 10.26 -5.47
CA ASN A 84 -15.21 11.48 -5.77
C ASN A 84 -14.41 12.39 -6.68
N ARG A 85 -14.89 12.56 -7.90
CA ARG A 85 -14.23 13.42 -8.88
C ARG A 85 -13.96 14.80 -8.28
N SER A 86 -14.92 15.31 -7.52
CA SER A 86 -14.78 16.63 -6.90
C SER A 86 -13.61 16.65 -5.92
N ASN A 87 -13.39 15.54 -5.24
CA ASN A 87 -12.30 15.43 -4.27
C ASN A 87 -10.96 15.65 -4.95
N ILE A 88 -10.78 15.05 -6.12
CA ILE A 88 -9.53 15.20 -6.87
C ILE A 88 -9.42 16.58 -7.51
N CYS A 89 -10.54 17.08 -8.01
CA CYS A 89 -10.58 18.39 -8.64
C CYS A 89 -10.00 19.46 -7.72
N ARG A 90 -10.49 19.50 -6.48
CA ARG A 90 -10.02 20.46 -5.50
C ARG A 90 -8.56 20.22 -5.15
N PHE A 91 -8.17 18.95 -5.11
CA PHE A 91 -6.80 18.57 -4.78
C PHE A 91 -5.83 19.05 -5.87
N LEU A 92 -6.22 18.86 -7.13
CA LEU A 92 -5.40 19.26 -8.26
C LEU A 92 -5.43 20.78 -8.44
N THR A 93 -6.63 21.33 -8.52
CA THR A 93 -6.81 22.76 -8.69
C THR A 93 -6.07 23.55 -7.61
N ALA A 94 -6.03 22.99 -6.40
CA ALA A 94 -5.35 23.63 -5.29
C ALA A 94 -3.89 23.92 -5.63
N SER A 95 -3.28 23.03 -6.41
CA SER A 95 -1.89 23.19 -6.80
C SER A 95 -0.97 23.26 -5.57
N GLN A 96 -1.07 22.24 -4.72
CA GLN A 96 -0.25 22.20 -3.51
C GLN A 96 0.58 20.91 -3.46
N ASP A 97 0.00 19.83 -3.95
CA ASP A 97 0.68 18.54 -3.97
C ASP A 97 0.59 17.89 -5.35
N LYS A 98 1.34 16.81 -5.54
CA LYS A 98 1.35 16.09 -6.81
C LYS A 98 0.88 14.65 -6.62
N ILE A 99 1.19 14.09 -5.46
CA ILE A 99 0.80 12.71 -5.15
C ILE A 99 -0.62 12.64 -4.60
N LEU A 100 -1.17 11.45 -4.53
CA LEU A 100 -2.52 11.25 -4.01
C LEU A 100 -2.50 10.45 -2.71
N PHE A 101 -1.70 9.39 -2.69
CA PHE A 101 -1.58 8.54 -1.50
C PHE A 101 -0.15 8.54 -0.98
N LYS A 102 0.48 9.71 -0.98
CA LYS A 102 1.84 9.85 -0.51
C LYS A 102 1.91 9.67 1.01
N ASP A 103 0.83 10.06 1.69
CA ASP A 103 0.77 9.94 3.14
C ASP A 103 0.72 8.48 3.57
N VAL A 104 -0.25 7.74 3.04
CA VAL A 104 -0.41 6.33 3.37
C VAL A 104 0.81 5.52 2.92
N ASN A 105 1.48 6.00 1.88
CA ASN A 105 2.66 5.33 1.35
C ASN A 105 3.84 5.48 2.30
N ARG A 106 4.07 6.70 2.76
CA ARG A 106 5.17 6.98 3.68
C ARG A 106 5.07 6.10 4.92
N LYS A 107 3.86 5.97 5.45
CA LYS A 107 3.63 5.16 6.65
C LYS A 107 3.69 3.67 6.31
N LEU A 108 3.13 3.30 5.16
CA LEU A 108 3.12 1.91 4.73
C LEU A 108 4.54 1.37 4.60
N SER A 109 5.47 2.25 4.22
CA SER A 109 6.87 1.87 4.05
C SER A 109 7.60 1.92 5.39
N ASP A 110 7.17 2.83 6.26
CA ASP A 110 7.79 2.97 7.57
C ASP A 110 7.39 1.83 8.49
N VAL A 111 6.14 1.41 8.39
CA VAL A 111 5.63 0.33 9.22
C VAL A 111 6.19 -1.02 8.77
N TRP A 112 6.42 -1.15 7.48
CA TRP A 112 6.96 -2.38 6.92
C TRP A 112 8.45 -2.52 7.21
N LYS A 113 9.14 -1.39 7.24
CA LYS A 113 10.57 -1.37 7.51
C LYS A 113 10.88 -2.13 8.80
N GLU A 114 10.27 -1.71 9.90
CA GLU A 114 10.48 -2.36 11.18
C GLU A 114 9.79 -3.71 11.24
N LEU A 115 8.53 -3.74 10.80
CA LEU A 115 7.74 -4.97 10.80
C LEU A 115 8.52 -6.10 10.12
N SER A 116 8.73 -5.96 8.82
CA SER A 116 9.45 -6.97 8.04
C SER A 116 10.77 -7.34 8.73
N LEU A 117 11.35 -6.37 9.43
CA LEU A 117 12.61 -6.60 10.14
C LEU A 117 12.48 -7.72 11.16
N LEU A 118 11.36 -7.72 11.89
CA LEU A 118 11.10 -8.74 12.90
C LEU A 118 10.65 -10.05 12.25
N LEU A 119 10.08 -9.95 11.05
CA LEU A 119 9.60 -11.12 10.33
C LEU A 119 10.76 -11.87 9.70
N GLN A 120 11.55 -11.17 8.89
CA GLN A 120 12.70 -11.78 8.22
C GLN A 120 13.62 -12.44 9.23
N VAL A 121 13.94 -11.72 10.29
CA VAL A 121 14.83 -12.24 11.34
C VAL A 121 14.26 -13.52 11.94
N GLU A 122 12.95 -13.59 12.05
CA GLU A 122 12.29 -14.75 12.62
C GLU A 122 12.35 -15.94 11.65
N GLN A 123 11.97 -15.68 10.39
CA GLN A 123 11.98 -16.72 9.37
C GLN A 123 12.54 -16.18 8.06
N ARG A 124 13.25 -17.04 7.33
CA ARG A 124 13.83 -16.64 6.05
C ARG A 124 12.74 -16.29 5.04
N MET A 125 12.42 -15.00 4.95
CA MET A 125 11.40 -14.53 4.02
C MET A 125 11.73 -13.14 3.50
N PRO A 126 11.57 -12.94 2.19
CA PRO A 126 11.84 -11.64 1.55
C PRO A 126 10.83 -10.58 1.93
N VAL A 127 11.32 -9.45 2.43
CA VAL A 127 10.46 -8.35 2.85
C VAL A 127 10.00 -7.54 1.64
N SER A 128 10.88 -7.40 0.66
CA SER A 128 10.56 -6.64 -0.55
C SER A 128 11.81 -6.41 -1.39
N PRO A 129 11.65 -6.47 -2.73
CA PRO A 129 12.75 -6.27 -3.66
C PRO A 129 13.25 -4.83 -3.68
N ILE A 130 12.34 -3.89 -3.48
CA ILE A 130 12.68 -2.47 -3.48
C ILE A 130 13.48 -2.11 -2.24
N SER A 131 13.78 -0.82 -2.09
CA SER A 131 14.56 -0.34 -0.95
C SER A 131 13.64 -0.05 0.24
N GLN A 132 12.35 0.08 -0.04
CA GLN A 132 11.37 0.35 1.01
C GLN A 132 11.64 1.70 1.66
N GLY A 133 11.07 2.75 1.10
CA GLY A 133 11.26 4.08 1.65
C GLY A 133 11.10 5.17 0.60
N ALA A 134 12.20 5.87 0.29
CA ALA A 134 12.18 6.93 -0.70
C ALA A 134 11.82 6.39 -2.08
N SER A 135 12.21 5.15 -2.34
CA SER A 135 11.92 4.52 -3.63
C SER A 135 10.45 4.65 -3.98
N TRP A 136 9.60 4.65 -2.97
CA TRP A 136 8.16 4.76 -3.18
C TRP A 136 7.81 6.12 -3.79
N ALA A 137 8.26 7.19 -3.14
CA ALA A 137 7.99 8.53 -3.62
C ALA A 137 8.66 8.78 -4.98
N GLN A 138 9.77 8.10 -5.21
CA GLN A 138 10.50 8.24 -6.47
C GLN A 138 9.60 7.96 -7.66
N GLU A 139 8.90 6.83 -7.62
CA GLU A 139 8.00 6.45 -8.69
C GLU A 139 6.68 7.21 -8.60
N ASP A 140 6.22 7.45 -7.38
CA ASP A 140 4.97 8.16 -7.15
C ASP A 140 5.03 9.55 -7.79
N GLN A 141 6.18 10.19 -7.71
CA GLN A 141 6.37 11.52 -8.28
C GLN A 141 6.52 11.45 -9.80
N GLN A 142 7.14 10.38 -10.28
CA GLN A 142 7.35 10.18 -11.70
C GLN A 142 6.02 10.14 -12.45
N ASP A 143 5.13 9.26 -11.98
CA ASP A 143 3.81 9.12 -12.60
C ASP A 143 2.93 10.33 -12.32
N ALA A 144 3.01 10.82 -11.09
CA ALA A 144 2.21 11.98 -10.68
C ALA A 144 2.41 13.14 -11.64
N ASP A 145 3.63 13.27 -12.16
CA ASP A 145 3.95 14.35 -13.10
C ASP A 145 3.07 14.25 -14.35
N GLU A 146 2.94 13.04 -14.88
CA GLU A 146 2.14 12.81 -16.07
C GLU A 146 0.65 12.78 -15.73
N ASP A 147 0.33 12.29 -14.54
CA ASP A 147 -1.05 12.21 -14.09
C ASP A 147 -1.75 13.56 -14.22
N ARG A 148 -1.17 14.58 -13.61
CA ARG A 148 -1.74 15.93 -13.67
C ARG A 148 -1.93 16.38 -15.12
N ARG A 149 -1.00 16.00 -15.98
CA ARG A 149 -1.07 16.38 -17.39
C ARG A 149 -2.19 15.63 -18.09
N ALA A 150 -2.39 14.36 -17.71
CA ALA A 150 -3.42 13.53 -18.31
C ALA A 150 -4.81 13.94 -17.80
N PHE A 151 -4.88 14.32 -16.54
CA PHE A 151 -6.14 14.74 -15.94
C PHE A 151 -6.79 15.85 -16.76
N GLN A 152 -5.97 16.74 -17.31
CA GLN A 152 -6.46 17.85 -18.11
C GLN A 152 -7.41 17.35 -19.21
N MET A 153 -7.11 16.17 -19.73
CA MET A 153 -7.94 15.58 -20.79
C MET A 153 -9.02 14.68 -20.20
N LEU A 154 -8.69 14.02 -19.10
CA LEU A 154 -9.64 13.13 -18.43
C LEU A 154 -10.95 13.85 -18.15
N ARG A 155 -10.86 15.14 -17.89
CA ARG A 155 -12.04 15.95 -17.60
C ARG A 155 -13.11 15.77 -18.68
N ARG A 156 -14.19 15.10 -18.33
CA ARG A 156 -15.28 14.85 -19.27
C ARG A 156 -16.12 16.11 -19.47
N ASP A 157 -16.12 16.97 -18.47
CA ASP A 157 -16.88 18.22 -18.54
C ASP A 157 -16.06 19.33 -19.19
C4 UJ2 B . -1.05 -15.40 18.82
C5 UJ2 B . -0.86 -14.10 19.28
C6 UJ2 B . -0.83 -13.05 18.40
C8 UJ2 B . -1.17 -13.20 14.86
C10 UJ2 B . -1.24 -12.65 13.47
C13 UJ2 B . 1.34 -13.18 10.75
C15 UJ2 B . 2.45 -13.19 12.89
C17 UJ2 B . 3.81 -13.50 10.82
C20 UJ2 B . 6.23 -13.90 9.55
C21 UJ2 B . 6.09 -14.22 10.89
C22 UJ2 B . 4.89 -14.02 11.53
C24 UJ2 B . -0.38 -10.45 13.80
C1 UJ2 B . -0.98 -13.29 17.03
N7 UJ2 B . -1.00 -12.49 15.94
N9 UJ2 B . -1.28 -14.52 15.20
C11 UJ2 B . 0.09 -12.87 12.77
C12 UJ2 B . 0.14 -12.98 11.39
C16 UJ2 B . 1.24 -12.97 13.52
C14 UJ2 B . 2.51 -13.28 11.51
C18 UJ2 B . 3.96 -13.17 9.47
C19 UJ2 B . 5.16 -13.37 8.84
O23 UJ2 B . -1.52 -11.25 13.51
C2 UJ2 B . -1.16 -14.61 16.57
C3 UJ2 B . -1.19 -15.66 17.47
C25 UJ2 B . -1.07 -16.52 19.79
O26 UJ2 B . -1.74 -17.50 19.56
O27 UJ2 B . -0.36 -16.45 20.93
H29 UJ2 B . -0.74 -13.90 20.34
H30 UJ2 B . -0.69 -12.04 18.76
H32 UJ2 B . -2.03 -13.17 12.90
H34 UJ2 B . 1.37 -13.25 9.67
H35 UJ2 B . 3.36 -13.26 13.47
H39 UJ2 B . 7.18 -14.06 9.05
H40 UJ2 B . 6.93 -14.63 11.43
H41 UJ2 B . 4.79 -14.27 12.57
H42 UJ2 B . -0.72 -9.46 14.15
H44 UJ2 B . 0.22 -10.32 12.91
H43 UJ2 B . 0.21 -10.91 14.59
H31 UJ2 B . -1.41 -15.26 14.58
H33 UJ2 B . -0.78 -12.90 10.82
H36 UJ2 B . 1.20 -12.90 14.59
H37 UJ2 B . 3.13 -12.76 8.92
H38 UJ2 B . 5.28 -13.12 7.80
H28 UJ2 B . -1.33 -16.67 17.12
H45 UJ2 B . 0.51 -16.89 20.93
N GLY A 1 -8.08 -14.23 19.32
CA GLY A 1 -8.92 -15.09 18.50
C GLY A 1 -8.55 -15.02 17.03
N SER A 2 -8.99 -16.01 16.27
CA SER A 2 -8.70 -16.05 14.84
C SER A 2 -7.22 -15.79 14.58
N PRO A 3 -6.37 -16.73 15.01
CA PRO A 3 -4.92 -16.62 14.83
C PRO A 3 -4.49 -16.75 13.37
N GLY A 4 -5.23 -17.56 12.62
CA GLY A 4 -4.92 -17.76 11.22
C GLY A 4 -5.68 -16.81 10.31
N GLU A 5 -6.87 -16.43 10.73
CA GLU A 5 -7.70 -15.51 9.94
C GLU A 5 -7.11 -14.11 9.95
N ASN A 6 -6.49 -13.74 11.07
CA ASN A 6 -5.88 -12.42 11.20
C ASN A 6 -4.87 -12.17 10.10
N LEU A 7 -4.15 -13.22 9.71
CA LEU A 7 -3.15 -13.12 8.66
C LEU A 7 -3.78 -12.69 7.34
N LYS A 8 -4.93 -13.29 7.03
CA LYS A 8 -5.64 -12.98 5.79
C LYS A 8 -5.96 -11.49 5.71
N HIS A 9 -6.05 -10.84 6.86
CA HIS A 9 -6.35 -9.42 6.93
C HIS A 9 -5.39 -8.62 6.03
N ILE A 10 -4.11 -8.92 6.14
CA ILE A 10 -3.09 -8.24 5.35
C ILE A 10 -3.21 -8.61 3.87
N ILE A 11 -3.63 -9.85 3.62
CA ILE A 11 -3.78 -10.33 2.25
C ILE A 11 -4.88 -9.56 1.52
N THR A 12 -6.07 -9.53 2.11
CA THR A 12 -7.20 -8.82 1.52
C THR A 12 -7.01 -7.31 1.59
N LEU A 13 -6.92 -6.79 2.81
CA LEU A 13 -6.74 -5.36 3.03
C LEU A 13 -5.51 -4.85 2.28
N GLY A 14 -4.56 -5.75 2.04
CA GLY A 14 -3.35 -5.37 1.35
C GLY A 14 -3.57 -5.22 -0.15
N GLN A 15 -4.18 -6.23 -0.77
CA GLN A 15 -4.44 -6.21 -2.19
C GLN A 15 -5.59 -5.26 -2.52
N VAL A 16 -6.51 -5.10 -1.56
CA VAL A 16 -7.66 -4.23 -1.75
C VAL A 16 -7.23 -2.84 -2.22
N ILE A 17 -6.03 -2.42 -1.81
CA ILE A 17 -5.50 -1.13 -2.19
C ILE A 17 -5.47 -0.96 -3.71
N HIS A 18 -4.86 -1.93 -4.38
CA HIS A 18 -4.76 -1.90 -5.84
C HIS A 18 -6.13 -2.10 -6.49
N LYS A 19 -6.94 -2.97 -5.89
CA LYS A 19 -8.27 -3.26 -6.40
C LYS A 19 -9.07 -1.97 -6.58
N ARG A 20 -8.76 -0.96 -5.77
CA ARG A 20 -9.45 0.31 -5.85
C ARG A 20 -9.42 0.86 -7.27
N CYS A 21 -8.26 0.80 -7.90
CA CYS A 21 -8.10 1.30 -9.26
C CYS A 21 -9.16 0.70 -10.18
N GLU A 22 -9.61 -0.50 -9.85
CA GLU A 22 -10.63 -1.19 -10.64
C GLU A 22 -11.93 -0.39 -10.66
N GLU A 23 -12.23 0.26 -9.54
CA GLU A 23 -13.45 1.05 -9.43
C GLU A 23 -13.17 2.52 -9.73
N MET A 24 -11.94 2.96 -9.46
CA MET A 24 -11.54 4.34 -9.70
C MET A 24 -11.46 4.63 -11.19
N LYS A 25 -11.53 5.91 -11.54
CA LYS A 25 -11.46 6.33 -12.94
C LYS A 25 -10.35 7.35 -13.14
N TYR A 26 -10.13 8.19 -12.14
CA TYR A 26 -9.11 9.23 -12.21
C TYR A 26 -7.83 8.77 -11.51
N CYS A 27 -8.00 8.19 -10.33
CA CYS A 27 -6.85 7.71 -9.55
C CYS A 27 -6.30 6.41 -10.13
N LYS A 28 -7.00 5.88 -11.13
CA LYS A 28 -6.58 4.65 -11.79
C LYS A 28 -5.12 4.72 -12.20
N LYS A 29 -4.64 5.93 -12.47
CA LYS A 29 -3.26 6.14 -12.87
C LYS A 29 -2.31 5.97 -11.68
N GLN A 30 -2.59 6.70 -10.60
CA GLN A 30 -1.77 6.63 -9.40
C GLN A 30 -1.90 5.28 -8.73
N CYS A 31 -3.13 4.88 -8.44
CA CYS A 31 -3.40 3.60 -7.79
C CYS A 31 -2.69 2.47 -8.51
N ARG A 32 -2.55 2.61 -9.83
CA ARG A 32 -1.89 1.59 -10.64
C ARG A 32 -0.48 1.33 -10.14
N ARG A 33 0.31 2.40 -10.02
CA ARG A 33 1.68 2.28 -9.55
C ARG A 33 1.73 2.04 -8.05
N LEU A 34 1.03 2.88 -7.29
CA LEU A 34 0.99 2.76 -5.84
C LEU A 34 0.61 1.34 -5.43
N GLY A 35 -0.52 0.87 -5.93
CA GLY A 35 -0.98 -0.47 -5.60
C GLY A 35 0.01 -1.54 -6.01
N HIS A 36 0.52 -1.44 -7.23
CA HIS A 36 1.49 -2.41 -7.74
C HIS A 36 2.72 -2.47 -6.83
N ARG A 37 3.13 -1.32 -6.34
CA ARG A 37 4.29 -1.23 -5.46
C ARG A 37 3.94 -1.67 -4.05
N VAL A 38 2.72 -1.36 -3.62
CA VAL A 38 2.27 -1.72 -2.27
C VAL A 38 2.02 -3.22 -2.18
N LEU A 39 1.63 -3.83 -3.29
CA LEU A 39 1.35 -5.26 -3.33
C LEU A 39 2.63 -6.07 -3.08
N GLY A 40 3.77 -5.42 -3.30
CA GLY A 40 5.04 -6.10 -3.09
C GLY A 40 5.28 -6.46 -1.65
N LEU A 41 4.57 -5.80 -0.74
CA LEU A 41 4.70 -6.06 0.68
C LEU A 41 3.80 -7.21 1.12
N ILE A 42 2.66 -7.36 0.44
CA ILE A 42 1.72 -8.42 0.75
C ILE A 42 1.97 -9.65 -0.11
N LYS A 43 2.57 -9.44 -1.28
CA LYS A 43 2.88 -10.53 -2.21
C LYS A 43 3.57 -11.68 -1.48
N PRO A 44 4.71 -11.37 -0.83
CA PRO A 44 5.49 -12.36 -0.09
C PRO A 44 4.78 -12.82 1.18
N LEU A 45 3.65 -12.20 1.48
CA LEU A 45 2.88 -12.55 2.67
C LEU A 45 1.88 -13.66 2.37
N GLU A 46 1.44 -13.74 1.11
CA GLU A 46 0.49 -14.76 0.69
C GLU A 46 1.19 -16.11 0.51
N MET A 47 2.44 -16.06 0.06
CA MET A 47 3.22 -17.28 -0.15
C MET A 47 3.23 -18.14 1.10
N LEU A 48 3.26 -17.50 2.26
CA LEU A 48 3.27 -18.21 3.54
C LEU A 48 1.86 -18.36 4.10
N GLN A 49 1.00 -17.39 3.77
CA GLN A 49 -0.37 -17.41 4.25
C GLN A 49 -1.05 -18.74 3.90
N ASP A 50 -0.58 -19.39 2.84
CA ASP A 50 -1.14 -20.66 2.41
C ASP A 50 -0.55 -21.81 3.23
N GLN A 51 0.77 -21.93 3.22
CA GLN A 51 1.46 -22.98 3.95
C GLN A 51 1.22 -22.83 5.46
N GLY A 52 1.74 -21.75 6.04
CA GLY A 52 1.57 -21.51 7.45
C GLY A 52 0.35 -20.68 7.76
N LYS A 53 -0.81 -21.31 7.79
CA LYS A 53 -2.07 -20.62 8.06
C LYS A 53 -2.04 -20.00 9.46
N ARG A 54 -1.41 -20.71 10.40
CA ARG A 54 -1.31 -20.23 11.77
C ARG A 54 0.12 -20.30 12.27
N SER A 55 0.95 -19.37 11.80
CA SER A 55 2.35 -19.34 12.20
C SER A 55 2.63 -18.11 13.07
N VAL A 56 2.98 -18.37 14.32
CA VAL A 56 3.27 -17.29 15.27
C VAL A 56 4.32 -17.73 16.29
N PRO A 57 5.60 -17.55 15.95
CA PRO A 57 6.71 -17.91 16.83
C PRO A 57 6.80 -17.01 18.06
N SER A 58 6.56 -15.72 17.86
CA SER A 58 6.62 -14.75 18.94
C SER A 58 5.56 -13.66 18.76
N GLU A 59 5.22 -13.00 19.85
CA GLU A 59 4.22 -11.93 19.81
C GLU A 59 4.83 -10.62 19.33
N LYS A 60 6.16 -10.59 19.25
CA LYS A 60 6.87 -9.40 18.81
C LYS A 60 6.78 -9.24 17.29
N LEU A 61 7.32 -10.22 16.57
CA LEU A 61 7.29 -10.18 15.12
C LEU A 61 5.87 -10.13 14.60
N THR A 62 4.92 -10.60 15.41
CA THR A 62 3.52 -10.59 15.03
C THR A 62 2.91 -9.19 15.16
N THR A 63 3.16 -8.55 16.30
CA THR A 63 2.65 -7.21 16.56
C THR A 63 2.99 -6.27 15.40
N ALA A 64 4.15 -6.48 14.80
CA ALA A 64 4.59 -5.65 13.69
C ALA A 64 3.53 -5.59 12.60
N MET A 65 2.71 -6.62 12.53
CA MET A 65 1.65 -6.69 11.52
C MET A 65 0.46 -5.82 11.92
N ASN A 66 0.15 -5.82 13.21
CA ASN A 66 -0.97 -5.02 13.72
C ASN A 66 -0.84 -3.56 13.29
N ARG A 67 0.36 -3.01 13.43
CA ARG A 67 0.61 -1.62 13.06
C ARG A 67 0.64 -1.46 11.53
N PHE A 68 1.25 -2.43 10.86
CA PHE A 68 1.34 -2.41 9.41
C PHE A 68 -0.04 -2.41 8.77
N LYS A 69 -0.93 -3.25 9.31
CA LYS A 69 -2.29 -3.35 8.80
C LYS A 69 -2.94 -1.98 8.70
N ALA A 70 -2.64 -1.11 9.67
CA ALA A 70 -3.20 0.23 9.69
C ALA A 70 -2.58 1.10 8.60
N ALA A 71 -1.28 0.90 8.37
CA ALA A 71 -0.57 1.67 7.35
C ALA A 71 -1.31 1.65 6.02
N LEU A 72 -1.61 0.45 5.53
CA LEU A 72 -2.32 0.29 4.27
C LEU A 72 -3.80 0.63 4.43
N GLU A 73 -4.31 0.46 5.64
CA GLU A 73 -5.71 0.76 5.92
C GLU A 73 -6.08 2.16 5.44
N GLU A 74 -5.13 3.09 5.56
CA GLU A 74 -5.36 4.47 5.14
C GLU A 74 -5.31 4.59 3.61
N ALA A 75 -4.44 3.79 2.99
CA ALA A 75 -4.30 3.80 1.55
C ALA A 75 -5.64 3.59 0.86
N ASN A 76 -6.31 2.50 1.19
CA ASN A 76 -7.61 2.18 0.61
C ASN A 76 -8.66 3.19 1.04
N GLY A 77 -8.56 3.66 2.28
CA GLY A 77 -9.50 4.64 2.78
C GLY A 77 -9.40 5.98 2.07
N GLU A 78 -8.20 6.33 1.65
CA GLU A 78 -7.98 7.59 0.95
C GLU A 78 -8.53 7.54 -0.46
N ILE A 79 -8.19 6.47 -1.18
CA ILE A 79 -8.65 6.29 -2.55
C ILE A 79 -10.17 6.42 -2.65
N GLU A 80 -10.86 5.96 -1.61
CA GLU A 80 -12.32 6.03 -1.57
C GLU A 80 -12.80 7.47 -1.70
N LYS A 81 -12.39 8.31 -0.75
CA LYS A 81 -12.78 9.72 -0.75
C LYS A 81 -12.22 10.43 -1.98
N PHE A 82 -11.01 10.06 -2.37
CA PHE A 82 -10.37 10.67 -3.53
C PHE A 82 -11.27 10.61 -4.75
N SER A 83 -12.12 9.59 -4.80
CA SER A 83 -13.04 9.41 -5.92
C SER A 83 -13.78 10.71 -6.22
N ASN A 84 -14.07 11.48 -5.18
CA ASN A 84 -14.77 12.75 -5.33
C ASN A 84 -14.11 13.61 -6.39
N ARG A 85 -14.82 13.84 -7.50
CA ARG A 85 -14.29 14.65 -8.59
C ARG A 85 -13.79 15.99 -8.08
N SER A 86 -14.50 16.56 -7.10
CA SER A 86 -14.13 17.84 -6.53
C SER A 86 -12.84 17.72 -5.72
N ASN A 87 -12.69 16.59 -5.04
CA ASN A 87 -11.51 16.35 -4.22
C ASN A 87 -10.23 16.47 -5.06
N ILE A 88 -10.16 15.69 -6.13
CA ILE A 88 -9.00 15.70 -7.01
C ILE A 88 -8.80 17.08 -7.63
N CYS A 89 -9.90 17.70 -8.04
CA CYS A 89 -9.84 19.03 -8.65
C CYS A 89 -9.16 20.03 -7.71
N ARG A 90 -9.72 20.18 -6.53
CA ARG A 90 -9.17 21.11 -5.53
C ARG A 90 -7.77 20.70 -5.13
N PHE A 91 -7.51 19.39 -5.12
CA PHE A 91 -6.21 18.87 -4.74
C PHE A 91 -5.15 19.26 -5.77
N LEU A 92 -5.46 19.04 -7.05
CA LEU A 92 -4.53 19.37 -8.12
C LEU A 92 -4.45 20.88 -8.31
N THR A 93 -5.60 21.52 -8.47
CA THR A 93 -5.65 22.96 -8.66
C THR A 93 -4.90 23.70 -7.54
N ALA A 94 -4.98 23.15 -6.33
CA ALA A 94 -4.30 23.75 -5.18
C ALA A 94 -2.82 23.94 -5.46
N SER A 95 -2.23 23.00 -6.19
CA SER A 95 -0.81 23.06 -6.51
C SER A 95 0.04 22.99 -5.25
N GLN A 96 0.00 21.84 -4.59
CA GLN A 96 0.77 21.63 -3.36
C GLN A 96 1.87 20.59 -3.58
N ASP A 97 1.55 19.55 -4.34
CA ASP A 97 2.51 18.49 -4.61
C ASP A 97 2.22 17.83 -5.97
N LYS A 98 2.93 16.75 -6.25
CA LYS A 98 2.75 16.04 -7.50
C LYS A 98 2.13 14.66 -7.26
N ILE A 99 2.46 14.06 -6.12
CA ILE A 99 1.94 12.75 -5.77
C ILE A 99 0.53 12.86 -5.17
N LEU A 100 -0.17 11.73 -5.12
CA LEU A 100 -1.52 11.71 -4.57
C LEU A 100 -1.56 10.90 -3.28
N PHE A 101 -0.85 9.77 -3.26
CA PHE A 101 -0.80 8.91 -2.09
C PHE A 101 0.61 8.82 -1.53
N LYS A 102 1.33 9.95 -1.56
CA LYS A 102 2.69 10.01 -1.06
C LYS A 102 2.72 9.89 0.47
N ASP A 103 1.71 10.48 1.11
CA ASP A 103 1.62 10.44 2.57
C ASP A 103 1.49 9.01 3.06
N VAL A 104 0.50 8.28 2.55
CA VAL A 104 0.28 6.89 2.93
C VAL A 104 1.43 6.00 2.49
N ASN A 105 2.08 6.39 1.39
CA ASN A 105 3.21 5.62 0.85
C ASN A 105 4.44 5.76 1.75
N ARG A 106 4.67 6.98 2.25
CA ARG A 106 5.81 7.25 3.11
C ARG A 106 5.73 6.41 4.39
N LYS A 107 4.53 6.33 4.98
CA LYS A 107 4.33 5.57 6.19
C LYS A 107 4.34 4.08 5.91
N LEU A 108 3.72 3.68 4.80
CA LEU A 108 3.66 2.29 4.42
C LEU A 108 5.07 1.70 4.26
N SER A 109 5.99 2.52 3.77
CA SER A 109 7.36 2.09 3.57
C SER A 109 8.12 2.07 4.89
N ASP A 110 7.79 3.00 5.77
CA ASP A 110 8.44 3.09 7.08
C ASP A 110 8.01 1.93 7.97
N VAL A 111 6.71 1.73 8.10
CA VAL A 111 6.16 0.66 8.93
C VAL A 111 6.64 -0.70 8.44
N TRP A 112 6.85 -0.82 7.13
CA TRP A 112 7.30 -2.07 6.54
C TRP A 112 8.77 -2.31 6.83
N LYS A 113 9.56 -1.23 6.85
CA LYS A 113 10.99 -1.32 7.13
C LYS A 113 11.24 -2.11 8.40
N GLU A 114 10.54 -1.73 9.48
CA GLU A 114 10.70 -2.41 10.76
C GLU A 114 9.99 -3.75 10.76
N LEU A 115 8.76 -3.77 10.25
CA LEU A 115 7.97 -4.99 10.19
C LEU A 115 8.74 -6.10 9.49
N SER A 116 9.08 -5.88 8.22
CA SER A 116 9.81 -6.85 7.44
C SER A 116 11.08 -7.30 8.17
N LEU A 117 11.67 -6.38 8.93
CA LEU A 117 12.89 -6.67 9.68
C LEU A 117 12.62 -7.73 10.76
N LEU A 118 11.40 -7.72 11.29
CA LEU A 118 11.02 -8.66 12.33
C LEU A 118 10.68 -10.03 11.72
N LEU A 119 10.16 -10.02 10.50
CA LEU A 119 9.81 -11.25 9.81
C LEU A 119 11.06 -11.96 9.27
N GLN A 120 11.98 -11.17 8.72
CA GLN A 120 13.22 -11.71 8.18
C GLN A 120 14.13 -12.22 9.29
N VAL A 121 14.25 -11.42 10.35
CA VAL A 121 15.09 -11.78 11.49
C VAL A 121 14.60 -13.05 12.16
N GLU A 122 13.28 -13.24 12.17
CA GLU A 122 12.68 -14.41 12.79
C GLU A 122 12.76 -15.61 11.85
N GLN A 123 12.19 -15.48 10.66
CA GLN A 123 12.21 -16.55 9.68
C GLN A 123 12.65 -16.03 8.31
N ARG A 124 12.90 -16.96 7.38
CA ARG A 124 13.33 -16.60 6.04
C ARG A 124 12.14 -16.21 5.17
N MET A 125 11.90 -14.91 5.04
CA MET A 125 10.79 -14.40 4.23
C MET A 125 11.19 -13.13 3.49
N PRO A 126 10.89 -13.10 2.19
CA PRO A 126 11.21 -11.95 1.32
C PRO A 126 10.36 -10.73 1.65
N VAL A 127 11.02 -9.61 1.90
CA VAL A 127 10.31 -8.36 2.22
C VAL A 127 9.91 -7.62 0.95
N SER A 128 10.82 -7.57 -0.02
CA SER A 128 10.56 -6.88 -1.28
C SER A 128 11.85 -6.66 -2.05
N PRO A 129 11.73 -6.50 -3.38
CA PRO A 129 12.89 -6.28 -4.26
C PRO A 129 13.52 -4.92 -4.06
N ILE A 130 12.68 -3.90 -3.84
CA ILE A 130 13.17 -2.55 -3.63
C ILE A 130 13.95 -2.43 -2.33
N SER A 131 14.44 -1.24 -2.04
CA SER A 131 15.22 -1.01 -0.83
C SER A 131 14.35 -0.40 0.27
N GLN A 132 13.28 0.29 -0.14
CA GLN A 132 12.36 0.91 0.80
C GLN A 132 13.04 2.08 1.51
N GLY A 133 13.90 2.79 0.78
CA GLY A 133 14.60 3.93 1.36
C GLY A 133 14.17 5.24 0.74
N ALA A 134 12.92 5.63 0.99
CA ALA A 134 12.38 6.88 0.46
C ALA A 134 12.38 6.87 -1.07
N SER A 135 12.50 5.67 -1.64
CA SER A 135 12.51 5.52 -3.09
C SER A 135 11.09 5.56 -3.65
N TRP A 136 10.12 5.21 -2.81
CA TRP A 136 8.72 5.20 -3.22
C TRP A 136 8.34 6.52 -3.87
N ALA A 137 8.61 7.62 -3.18
CA ALA A 137 8.29 8.94 -3.69
C ALA A 137 9.20 9.31 -4.86
N GLN A 138 10.44 8.83 -4.82
CA GLN A 138 11.40 9.10 -5.88
C GLN A 138 10.86 8.66 -7.24
N GLU A 139 10.39 7.42 -7.32
CA GLU A 139 9.85 6.88 -8.56
C GLU A 139 8.45 7.42 -8.81
N ASP A 140 7.70 7.64 -7.74
CA ASP A 140 6.34 8.16 -7.84
C ASP A 140 6.33 9.54 -8.48
N GLN A 141 7.29 10.37 -8.10
CA GLN A 141 7.40 11.73 -8.63
C GLN A 141 7.57 11.70 -10.15
N GLN A 142 8.33 10.73 -10.63
CA GLN A 142 8.57 10.60 -12.06
C GLN A 142 7.27 10.46 -12.83
N ASP A 143 6.40 9.58 -12.35
CA ASP A 143 5.11 9.36 -13.00
C ASP A 143 4.15 10.50 -12.71
N ALA A 144 4.24 11.06 -11.50
CA ALA A 144 3.39 12.16 -11.09
C ALA A 144 3.46 13.31 -12.09
N ASP A 145 4.66 13.54 -12.63
CA ASP A 145 4.86 14.60 -13.60
C ASP A 145 3.90 14.48 -14.77
N GLU A 146 3.63 13.25 -15.18
CA GLU A 146 2.72 12.98 -16.29
C GLU A 146 1.27 13.12 -15.84
N ASP A 147 1.00 12.71 -14.60
CA ASP A 147 -0.36 12.79 -14.06
C ASP A 147 -0.92 14.19 -14.19
N ARG A 148 -0.06 15.19 -14.02
CA ARG A 148 -0.48 16.58 -14.13
C ARG A 148 -1.24 16.83 -15.43
N ARG A 149 -0.56 16.64 -16.56
CA ARG A 149 -1.17 16.84 -17.86
C ARG A 149 -2.21 15.76 -18.14
N ALA A 150 -1.95 14.55 -17.69
CA ALA A 150 -2.86 13.43 -17.89
C ALA A 150 -4.23 13.74 -17.32
N PHE A 151 -4.25 14.45 -16.19
CA PHE A 151 -5.51 14.81 -15.53
C PHE A 151 -6.43 15.56 -16.50
N GLN A 152 -5.86 16.44 -17.30
CA GLN A 152 -6.62 17.21 -18.27
C GLN A 152 -7.23 16.31 -19.34
N MET A 153 -6.50 15.26 -19.69
CA MET A 153 -6.97 14.31 -20.70
C MET A 153 -7.92 13.29 -20.09
N LEU A 154 -7.84 13.13 -18.77
CA LEU A 154 -8.69 12.19 -18.06
C LEU A 154 -10.14 12.30 -18.52
N ARG A 155 -10.60 11.32 -19.29
CA ARG A 155 -11.97 11.32 -19.80
C ARG A 155 -12.60 9.94 -19.62
N ARG A 156 -11.83 8.90 -19.91
CA ARG A 156 -12.33 7.53 -19.78
C ARG A 156 -12.91 7.29 -18.40
N ASP A 157 -13.95 6.47 -18.33
CA ASP A 157 -14.60 6.14 -17.06
C ASP A 157 -14.57 4.64 -16.80
C4 UJ2 B . -2.10 -14.58 18.18
C5 UJ2 B . -2.09 -15.73 17.40
C6 UJ2 B . -2.02 -15.63 16.03
C8 UJ2 B . -1.87 -12.68 14.07
C10 UJ2 B . -1.79 -11.87 12.80
C13 UJ2 B . 0.76 -12.20 10.04
C15 UJ2 B . 1.66 -13.19 12.04
C17 UJ2 B . 3.03 -13.20 9.96
C20 UJ2 B . 5.36 -13.85 8.60
C21 UJ2 B . 5.36 -13.79 9.98
C22 UJ2 B . 4.21 -13.46 10.67
C24 UJ2 B . -0.56 -10.01 13.67
C1 UJ2 B . -1.96 -14.38 15.42
N7 UJ2 B . -1.90 -13.98 14.12
N9 UJ2 B . -1.92 -12.16 15.32
C11 UJ2 B . -0.54 -12.22 12.06
C12 UJ2 B . -0.40 -11.90 10.72
C16 UJ2 B . 0.49 -12.87 12.71
C14 UJ2 B . 1.79 -12.86 10.70
C18 UJ2 B . 3.03 -13.27 8.57
C19 UJ2 B . 4.19 -13.59 7.90
O23 UJ2 B . -1.80 -10.47 13.12
C2 UJ2 B . -1.98 -13.22 16.21
C3 UJ2 B . -2.06 -13.31 17.59
C25 UJ2 B . -2.18 -14.69 19.65
O26 UJ2 B . -2.34 -15.77 20.17
O27 UJ2 B . -2.06 -13.58 20.42
H29 UJ2 B . -2.12 -16.70 17.86
H30 UJ2 B . -2.00 -16.53 15.43
H32 UJ2 B . -2.66 -12.09 12.17
H34 UJ2 B . 0.85 -11.95 9.00
H35 UJ2 B . 2.46 -13.70 12.55
H39 UJ2 B . 6.26 -14.09 8.07
H40 UJ2 B . 6.28 -13.98 10.52
H41 UJ2 B . 4.22 -13.40 11.75
H42 UJ2 B . -0.18 -10.75 14.38
H44 UJ2 B . -0.73 -9.07 14.19
H43 UJ2 B . 0.17 -9.86 12.87
H31 UJ2 B . -1.92 -11.21 15.55
H33 UJ2 B . -1.21 -11.39 10.21
H36 UJ2 B . 0.40 -13.13 13.76
H37 UJ2 B . 2.12 -13.07 8.02
H38 UJ2 B . 4.20 -13.64 6.82
H28 UJ2 B . -2.08 -12.42 18.20
H45 UJ2 B . -1.27 -13.04 20.31
N GLY A 1 -8.20 -10.60 17.24
CA GLY A 1 -9.29 -11.54 17.06
C GLY A 1 -8.87 -12.96 17.39
N SER A 2 -8.77 -13.80 16.36
CA SER A 2 -8.39 -15.20 16.54
C SER A 2 -7.11 -15.51 15.76
N PRO A 3 -6.44 -16.61 16.15
CA PRO A 3 -5.21 -17.05 15.51
C PRO A 3 -5.44 -17.58 14.09
N GLY A 4 -4.70 -17.04 13.13
CA GLY A 4 -4.85 -17.46 11.75
C GLY A 4 -5.62 -16.47 10.91
N GLU A 5 -6.91 -16.29 11.21
CA GLU A 5 -7.75 -15.36 10.49
C GLU A 5 -7.12 -13.98 10.43
N ASN A 6 -6.43 -13.60 11.50
CA ASN A 6 -5.77 -12.30 11.58
C ASN A 6 -4.80 -12.12 10.42
N LEU A 7 -4.03 -13.15 10.12
CA LEU A 7 -3.06 -13.12 9.04
C LEU A 7 -3.73 -12.73 7.72
N LYS A 8 -4.92 -13.28 7.49
CA LYS A 8 -5.68 -12.99 6.27
C LYS A 8 -5.87 -11.49 6.10
N HIS A 9 -5.93 -10.77 7.22
CA HIS A 9 -6.12 -9.32 7.18
C HIS A 9 -5.08 -8.66 6.30
N ILE A 10 -3.80 -8.95 6.55
CA ILE A 10 -2.72 -8.39 5.77
C ILE A 10 -2.81 -8.80 4.30
N ILE A 11 -3.36 -10.00 4.07
CA ILE A 11 -3.50 -10.52 2.71
C ILE A 11 -4.59 -9.76 1.95
N THR A 12 -5.77 -9.67 2.55
CA THR A 12 -6.88 -8.97 1.93
C THR A 12 -6.65 -7.46 1.91
N LEU A 13 -6.52 -6.87 3.09
CA LEU A 13 -6.30 -5.43 3.21
C LEU A 13 -5.12 -4.99 2.33
N GLY A 14 -4.20 -5.92 2.10
CA GLY A 14 -3.04 -5.62 1.28
C GLY A 14 -3.39 -5.46 -0.19
N GLN A 15 -4.06 -6.48 -0.74
CA GLN A 15 -4.46 -6.45 -2.15
C GLN A 15 -5.63 -5.50 -2.37
N VAL A 16 -6.50 -5.40 -1.37
CA VAL A 16 -7.66 -4.53 -1.46
C VAL A 16 -7.27 -3.12 -1.86
N ILE A 17 -6.06 -2.71 -1.46
CA ILE A 17 -5.56 -1.38 -1.79
C ILE A 17 -5.49 -1.17 -3.30
N HIS A 18 -4.92 -2.15 -4.00
CA HIS A 18 -4.80 -2.08 -5.44
C HIS A 18 -6.16 -2.21 -6.12
N LYS A 19 -7.00 -3.07 -5.57
CA LYS A 19 -8.34 -3.30 -6.11
C LYS A 19 -9.10 -1.98 -6.23
N ARG A 20 -8.79 -1.03 -5.36
CA ARG A 20 -9.44 0.27 -5.37
C ARG A 20 -9.35 0.92 -6.75
N CYS A 21 -8.14 0.90 -7.32
CA CYS A 21 -7.93 1.49 -8.64
C CYS A 21 -8.97 1.00 -9.64
N GLU A 22 -9.40 -0.25 -9.46
CA GLU A 22 -10.39 -0.85 -10.35
C GLU A 22 -11.63 0.04 -10.46
N GLU A 23 -11.97 0.71 -9.35
CA GLU A 23 -13.13 1.59 -9.33
C GLU A 23 -12.74 3.02 -9.71
N MET A 24 -11.49 3.38 -9.42
CA MET A 24 -11.00 4.71 -9.73
C MET A 24 -10.99 4.95 -11.25
N LYS A 25 -10.94 6.22 -11.64
CA LYS A 25 -10.93 6.58 -13.05
C LYS A 25 -9.83 7.59 -13.34
N TYR A 26 -9.75 8.64 -12.53
CA TYR A 26 -8.74 9.67 -12.70
C TYR A 26 -7.54 9.42 -11.80
N CYS A 27 -7.81 8.95 -10.59
CA CYS A 27 -6.75 8.66 -9.63
C CYS A 27 -6.08 7.33 -9.94
N LYS A 28 -6.63 6.61 -10.93
CA LYS A 28 -6.09 5.31 -11.32
C LYS A 28 -4.58 5.40 -11.53
N LYS A 29 -4.10 6.57 -11.93
CA LYS A 29 -2.68 6.78 -12.16
C LYS A 29 -1.88 6.56 -10.88
N GLN A 30 -2.28 7.25 -9.81
CA GLN A 30 -1.60 7.13 -8.53
C GLN A 30 -1.99 5.83 -7.82
N CYS A 31 -3.24 5.43 -8.00
CA CYS A 31 -3.75 4.20 -7.38
C CYS A 31 -3.02 2.98 -7.93
N ARG A 32 -3.03 2.84 -9.25
CA ARG A 32 -2.38 1.72 -9.90
C ARG A 32 -0.90 1.63 -9.51
N ARG A 33 -0.28 2.79 -9.33
CA ARG A 33 1.13 2.85 -8.94
C ARG A 33 1.31 2.51 -7.47
N LEU A 34 0.36 2.96 -6.64
CA LEU A 34 0.42 2.70 -5.21
C LEU A 34 0.16 1.23 -4.91
N GLY A 35 -0.96 0.70 -5.42
CA GLY A 35 -1.30 -0.68 -5.20
C GLY A 35 -0.22 -1.63 -5.70
N HIS A 36 0.34 -1.31 -6.86
CA HIS A 36 1.39 -2.14 -7.46
C HIS A 36 2.60 -2.24 -6.53
N ARG A 37 2.95 -1.11 -5.91
CA ARG A 37 4.09 -1.07 -5.01
C ARG A 37 3.73 -1.65 -3.65
N VAL A 38 2.49 -1.42 -3.22
CA VAL A 38 2.02 -1.92 -1.93
C VAL A 38 1.85 -3.43 -1.97
N LEU A 39 1.47 -3.96 -3.13
CA LEU A 39 1.27 -5.39 -3.30
C LEU A 39 2.55 -6.16 -2.99
N GLY A 40 3.69 -5.47 -3.06
CA GLY A 40 4.96 -6.10 -2.78
C GLY A 40 5.11 -6.50 -1.32
N LEU A 41 4.31 -5.88 -0.46
CA LEU A 41 4.35 -6.17 0.97
C LEU A 41 3.44 -7.35 1.31
N ILE A 42 2.35 -7.49 0.56
CA ILE A 42 1.41 -8.58 0.78
C ILE A 42 1.77 -9.80 -0.07
N LYS A 43 2.45 -9.57 -1.18
CA LYS A 43 2.85 -10.64 -2.08
C LYS A 43 3.54 -11.77 -1.30
N PRO A 44 4.63 -11.42 -0.60
CA PRO A 44 5.39 -12.39 0.20
C PRO A 44 4.63 -12.86 1.44
N LEU A 45 3.47 -12.25 1.66
CA LEU A 45 2.63 -12.61 2.80
C LEU A 45 1.64 -13.70 2.44
N GLU A 46 1.33 -13.81 1.16
CA GLU A 46 0.39 -14.82 0.68
C GLU A 46 1.07 -16.18 0.57
N MET A 47 2.36 -16.17 0.23
CA MET A 47 3.12 -17.41 0.09
C MET A 47 3.24 -18.12 1.44
N LEU A 48 3.20 -17.35 2.52
CA LEU A 48 3.31 -17.92 3.86
C LEU A 48 1.92 -18.18 4.45
N GLN A 49 0.95 -17.35 4.07
CA GLN A 49 -0.41 -17.50 4.55
C GLN A 49 -0.99 -18.86 4.16
N ASP A 50 -0.48 -19.41 3.07
CA ASP A 50 -0.95 -20.70 2.57
C ASP A 50 -0.28 -21.84 3.35
N GLN A 51 1.00 -21.66 3.68
CA GLN A 51 1.75 -22.67 4.41
C GLN A 51 1.07 -23.00 5.74
N GLY A 52 1.04 -22.02 6.64
CA GLY A 52 0.42 -22.23 7.93
C GLY A 52 1.33 -22.95 8.90
N LYS A 53 0.87 -23.10 10.14
CA LYS A 53 1.66 -23.78 11.17
C LYS A 53 0.90 -23.81 12.49
N ARG A 54 1.61 -24.14 13.57
CA ARG A 54 1.01 -24.20 14.89
C ARG A 54 0.47 -22.84 15.31
N SER A 55 0.19 -22.70 16.61
CA SER A 55 -0.33 -21.45 17.14
C SER A 55 0.45 -20.25 16.59
N VAL A 56 -0.14 -19.07 16.71
CA VAL A 56 0.49 -17.85 16.23
C VAL A 56 1.93 -17.74 16.74
N PRO A 57 2.79 -17.08 15.95
CA PRO A 57 4.20 -16.89 16.30
C PRO A 57 4.38 -15.93 17.48
N SER A 58 5.62 -15.51 17.69
CA SER A 58 5.93 -14.59 18.79
C SER A 58 5.24 -13.25 18.58
N GLU A 59 4.49 -12.82 19.59
CA GLU A 59 3.77 -11.55 19.52
C GLU A 59 4.73 -10.39 19.26
N LYS A 60 6.00 -10.60 19.61
CA LYS A 60 7.02 -9.57 19.42
C LYS A 60 7.03 -9.08 17.97
N LEU A 61 7.05 -10.02 17.02
CA LEU A 61 7.06 -9.67 15.61
C LEU A 61 5.67 -9.21 15.16
N THR A 62 4.65 -9.86 15.68
CA THR A 62 3.27 -9.52 15.32
C THR A 62 2.98 -8.04 15.61
N THR A 63 3.51 -7.54 16.73
CA THR A 63 3.31 -6.16 17.11
C THR A 63 3.67 -5.21 15.97
N ALA A 64 4.61 -5.63 15.13
CA ALA A 64 5.06 -4.84 14.00
C ALA A 64 3.95 -4.71 12.95
N MET A 65 3.18 -5.78 12.77
CA MET A 65 2.10 -5.79 11.81
C MET A 65 0.86 -5.09 12.37
N ASN A 66 0.70 -5.15 13.69
CA ASN A 66 -0.44 -4.52 14.35
C ASN A 66 -0.57 -3.06 13.94
N ARG A 67 0.54 -2.34 13.96
CA ARG A 67 0.54 -0.93 13.59
C ARG A 67 0.53 -0.76 12.07
N PHE A 68 1.22 -1.67 11.38
CA PHE A 68 1.28 -1.63 9.92
C PHE A 68 -0.10 -1.81 9.31
N LYS A 69 -0.90 -2.67 9.92
CA LYS A 69 -2.25 -2.94 9.42
C LYS A 69 -2.99 -1.63 9.15
N ALA A 70 -2.86 -0.68 10.07
CA ALA A 70 -3.52 0.61 9.93
C ALA A 70 -2.84 1.46 8.87
N ALA A 71 -1.51 1.30 8.75
CA ALA A 71 -0.74 2.06 7.78
C ALA A 71 -1.32 1.91 6.37
N LEU A 72 -1.47 0.67 5.93
CA LEU A 72 -2.03 0.40 4.61
C LEU A 72 -3.53 0.63 4.59
N GLU A 73 -4.16 0.53 5.76
CA GLU A 73 -5.60 0.72 5.87
C GLU A 73 -6.01 2.09 5.33
N GLU A 74 -5.34 3.13 5.81
CA GLU A 74 -5.63 4.49 5.37
C GLU A 74 -5.50 4.62 3.86
N ALA A 75 -4.58 3.86 3.29
CA ALA A 75 -4.35 3.88 1.85
C ALA A 75 -5.65 3.69 1.08
N ASN A 76 -6.33 2.58 1.35
CA ASN A 76 -7.59 2.27 0.68
C ASN A 76 -8.70 3.21 1.16
N GLY A 77 -8.65 3.58 2.44
CA GLY A 77 -9.65 4.45 3.00
C GLY A 77 -9.67 5.81 2.31
N GLU A 78 -8.49 6.34 2.02
CA GLU A 78 -8.38 7.64 1.37
C GLU A 78 -8.81 7.55 -0.10
N ILE A 79 -8.37 6.51 -0.77
CA ILE A 79 -8.70 6.30 -2.18
C ILE A 79 -10.21 6.37 -2.39
N GLU A 80 -10.97 5.89 -1.41
CA GLU A 80 -12.42 5.89 -1.50
C GLU A 80 -12.94 7.31 -1.68
N LYS A 81 -12.66 8.18 -0.72
CA LYS A 81 -13.11 9.56 -0.77
C LYS A 81 -12.45 10.30 -1.94
N PHE A 82 -11.15 10.04 -2.13
CA PHE A 82 -10.41 10.69 -3.21
C PHE A 82 -11.12 10.50 -4.55
N SER A 83 -11.86 9.40 -4.68
CA SER A 83 -12.58 9.10 -5.91
C SER A 83 -13.38 10.31 -6.37
N ASN A 84 -13.89 11.08 -5.41
CA ASN A 84 -14.68 12.27 -5.71
C ASN A 84 -13.94 13.17 -6.71
N ARG A 85 -14.52 13.31 -7.89
CA ARG A 85 -13.91 14.15 -8.93
C ARG A 85 -13.58 15.54 -8.39
N SER A 86 -14.43 16.03 -7.49
CA SER A 86 -14.23 17.35 -6.89
C SER A 86 -13.05 17.35 -5.95
N ASN A 87 -12.87 16.24 -5.22
CA ASN A 87 -11.77 16.12 -4.27
C ASN A 87 -10.43 16.33 -4.97
N ILE A 88 -10.21 15.60 -6.06
CA ILE A 88 -8.98 15.71 -6.81
C ILE A 88 -8.88 17.06 -7.51
N CYS A 89 -10.00 17.55 -8.00
CA CYS A 89 -10.04 18.83 -8.70
C CYS A 89 -9.46 19.94 -7.83
N ARG A 90 -9.95 20.03 -6.59
CA ARG A 90 -9.49 21.05 -5.66
C ARG A 90 -8.05 20.77 -5.23
N PHE A 91 -7.69 19.49 -5.15
CA PHE A 91 -6.34 19.09 -4.75
C PHE A 91 -5.31 19.52 -5.80
N LEU A 92 -5.64 19.27 -7.07
CA LEU A 92 -4.75 19.63 -8.16
C LEU A 92 -4.73 21.14 -8.38
N THR A 93 -5.92 21.72 -8.55
CA THR A 93 -6.04 23.16 -8.76
C THR A 93 -5.33 23.94 -7.67
N ALA A 94 -5.39 23.41 -6.45
CA ALA A 94 -4.75 24.07 -5.30
C ALA A 94 -3.24 24.17 -5.50
N SER A 95 -2.67 23.15 -6.13
CA SER A 95 -1.23 23.13 -6.39
C SER A 95 -0.45 23.09 -5.07
N GLN A 96 -0.42 21.91 -4.44
CA GLN A 96 0.29 21.74 -3.18
C GLN A 96 1.39 20.71 -3.32
N ASP A 97 1.13 19.66 -4.08
CA ASP A 97 2.11 18.59 -4.30
C ASP A 97 1.83 17.85 -5.61
N LYS A 98 2.64 16.82 -5.87
CA LYS A 98 2.47 16.03 -7.09
C LYS A 98 1.81 14.70 -6.78
N ILE A 99 2.07 14.16 -5.60
CA ILE A 99 1.50 12.89 -5.19
C ILE A 99 0.18 13.10 -4.45
N LEU A 100 -0.55 12.01 -4.23
CA LEU A 100 -1.84 12.08 -3.53
C LEU A 100 -1.84 11.15 -2.31
N PHE A 101 -1.17 10.02 -2.43
CA PHE A 101 -1.09 9.05 -1.34
C PHE A 101 0.35 8.85 -0.89
N LYS A 102 1.14 9.92 -0.94
CA LYS A 102 2.53 9.87 -0.53
C LYS A 102 2.66 9.74 0.98
N ASP A 103 1.82 10.49 1.69
CA ASP A 103 1.84 10.47 3.15
C ASP A 103 1.66 9.04 3.67
N VAL A 104 0.59 8.40 3.24
CA VAL A 104 0.29 7.02 3.67
C VAL A 104 1.37 6.07 3.19
N ASN A 105 2.01 6.40 2.07
CA ASN A 105 3.06 5.56 1.51
C ASN A 105 4.34 5.67 2.33
N ARG A 106 4.65 6.88 2.77
CA ARG A 106 5.85 7.13 3.56
C ARG A 106 5.87 6.25 4.81
N LYS A 107 4.76 6.26 5.55
CA LYS A 107 4.64 5.47 6.77
C LYS A 107 4.50 3.99 6.43
N LEU A 108 3.80 3.69 5.35
CA LEU A 108 3.60 2.31 4.92
C LEU A 108 4.92 1.61 4.71
N SER A 109 5.93 2.36 4.29
CA SER A 109 7.26 1.80 4.04
C SER A 109 8.02 1.62 5.36
N ASP A 110 8.07 2.69 6.15
CA ASP A 110 8.76 2.65 7.43
C ASP A 110 8.26 1.49 8.28
N VAL A 111 6.95 1.43 8.48
CA VAL A 111 6.35 0.37 9.27
C VAL A 111 6.78 -1.01 8.77
N TRP A 112 7.01 -1.11 7.47
CA TRP A 112 7.43 -2.37 6.87
C TRP A 112 8.92 -2.58 7.04
N LYS A 113 9.68 -1.49 7.02
CA LYS A 113 11.13 -1.56 7.17
C LYS A 113 11.50 -2.38 8.41
N GLU A 114 10.96 -1.99 9.56
CA GLU A 114 11.24 -2.69 10.81
C GLU A 114 10.48 -4.00 10.89
N LEU A 115 9.21 -3.97 10.50
CA LEU A 115 8.37 -5.16 10.52
C LEU A 115 9.06 -6.32 9.79
N SER A 116 9.62 -6.03 8.62
CA SER A 116 10.29 -7.05 7.83
C SER A 116 11.44 -7.69 8.63
N LEU A 117 12.06 -6.90 9.48
CA LEU A 117 13.16 -7.38 10.31
C LEU A 117 12.67 -8.42 11.32
N LEU A 118 11.48 -8.19 11.87
CA LEU A 118 10.91 -9.11 12.85
C LEU A 118 10.38 -10.37 12.16
N LEU A 119 10.03 -10.24 10.88
CA LEU A 119 9.52 -11.36 10.11
C LEU A 119 10.64 -12.32 9.72
N GLN A 120 11.66 -11.79 9.06
CA GLN A 120 12.80 -12.58 8.62
C GLN A 120 13.44 -13.30 9.81
N VAL A 121 13.69 -12.56 10.88
CA VAL A 121 14.29 -13.13 12.08
C VAL A 121 13.44 -14.26 12.64
N GLU A 122 12.13 -14.12 12.52
CA GLU A 122 11.21 -15.13 13.02
C GLU A 122 11.29 -16.41 12.19
N GLN A 123 11.33 -16.24 10.87
CA GLN A 123 11.42 -17.39 9.96
C GLN A 123 11.76 -16.93 8.55
N ARG A 124 11.88 -17.89 7.64
CA ARG A 124 12.20 -17.59 6.25
C ARG A 124 11.05 -16.82 5.58
N MET A 125 11.10 -15.49 5.69
CA MET A 125 10.07 -14.65 5.09
C MET A 125 10.70 -13.56 4.24
N PRO A 126 10.52 -13.66 2.91
CA PRO A 126 11.06 -12.68 1.97
C PRO A 126 10.35 -11.33 2.05
N VAL A 127 11.13 -10.26 2.21
CA VAL A 127 10.58 -8.92 2.31
C VAL A 127 10.58 -8.22 0.95
N SER A 128 9.84 -7.13 0.86
CA SER A 128 9.75 -6.37 -0.38
C SER A 128 11.13 -6.08 -0.95
N PRO A 129 11.27 -6.26 -2.27
CA PRO A 129 12.54 -6.03 -2.97
C PRO A 129 12.91 -4.55 -3.03
N ILE A 130 11.96 -3.72 -3.43
CA ILE A 130 12.18 -2.29 -3.52
C ILE A 130 12.80 -1.74 -2.24
N SER A 131 13.61 -0.69 -2.37
CA SER A 131 14.27 -0.08 -1.22
C SER A 131 13.29 0.83 -0.46
N GLN A 132 12.47 0.23 0.39
CA GLN A 132 11.50 0.98 1.18
C GLN A 132 12.17 2.15 1.89
N GLY A 133 11.69 3.35 1.60
CA GLY A 133 12.25 4.54 2.22
C GLY A 133 12.08 5.78 1.37
N ALA A 134 12.97 5.97 0.41
CA ALA A 134 12.92 7.12 -0.48
C ALA A 134 12.49 6.72 -1.89
N SER A 135 12.92 5.53 -2.30
CA SER A 135 12.59 5.03 -3.64
C SER A 135 11.08 5.10 -3.88
N TRP A 136 10.31 4.86 -2.84
CA TRP A 136 8.86 4.89 -2.94
C TRP A 136 8.39 6.19 -3.58
N ALA A 137 8.87 7.31 -3.06
CA ALA A 137 8.50 8.62 -3.60
C ALA A 137 9.09 8.83 -4.99
N GLN A 138 10.29 8.30 -5.20
CA GLN A 138 10.96 8.43 -6.49
C GLN A 138 10.09 7.89 -7.62
N GLU A 139 9.39 6.80 -7.35
CA GLU A 139 8.53 6.17 -8.35
C GLU A 139 7.21 6.94 -8.48
N ASP A 140 6.55 7.17 -7.35
CA ASP A 140 5.29 7.89 -7.33
C ASP A 140 5.43 9.25 -8.00
N GLN A 141 6.57 9.90 -7.77
CA GLN A 141 6.83 11.21 -8.35
C GLN A 141 6.88 11.13 -9.87
N GLN A 142 7.54 10.10 -10.39
CA GLN A 142 7.66 9.91 -11.83
C GLN A 142 6.29 9.89 -12.49
N ASP A 143 5.36 9.14 -11.90
CA ASP A 143 4.01 9.03 -12.43
C ASP A 143 3.20 10.30 -12.15
N ALA A 144 3.46 10.91 -10.99
CA ALA A 144 2.76 12.13 -10.60
C ALA A 144 2.89 13.20 -11.69
N ASP A 145 4.06 13.26 -12.32
CA ASP A 145 4.31 14.24 -13.37
C ASP A 145 3.35 14.03 -14.55
N GLU A 146 3.18 12.77 -14.93
CA GLU A 146 2.29 12.44 -16.04
C GLU A 146 0.82 12.61 -15.65
N ASP A 147 0.53 12.31 -14.38
CA ASP A 147 -0.84 12.43 -13.88
C ASP A 147 -1.40 13.82 -14.14
N ARG A 148 -0.53 14.83 -14.06
CA ARG A 148 -0.93 16.21 -14.29
C ARG A 148 -1.64 16.35 -15.64
N ARG A 149 -0.92 16.04 -16.71
CA ARG A 149 -1.47 16.14 -18.06
C ARG A 149 -2.55 15.08 -18.28
N ALA A 150 -2.31 13.89 -17.74
CA ALA A 150 -3.25 12.78 -17.89
C ALA A 150 -4.63 13.18 -17.39
N PHE A 151 -4.69 13.80 -16.22
CA PHE A 151 -5.94 14.24 -15.63
C PHE A 151 -6.67 15.22 -16.55
N GLN A 152 -5.91 16.11 -17.16
CA GLN A 152 -6.48 17.11 -18.07
C GLN A 152 -7.19 16.43 -19.23
N MET A 153 -6.62 15.32 -19.71
CA MET A 153 -7.21 14.58 -20.81
C MET A 153 -8.68 14.26 -20.55
N LEU A 154 -8.98 13.91 -19.29
CA LEU A 154 -10.34 13.57 -18.91
C LEU A 154 -11.27 14.77 -19.10
N ARG A 155 -11.96 14.80 -20.24
CA ARG A 155 -12.88 15.89 -20.55
C ARG A 155 -14.09 15.37 -21.32
N ARG A 156 -15.19 15.16 -20.60
CA ARG A 156 -16.42 14.67 -21.21
C ARG A 156 -17.56 14.62 -20.19
N ASP A 157 -18.79 14.73 -20.68
CA ASP A 157 -19.96 14.70 -19.81
C ASP A 157 -19.94 13.46 -18.91
C4 UJ2 B . -1.60 -12.64 19.21
C5 UJ2 B . -0.48 -13.42 18.92
C6 UJ2 B . -0.04 -13.56 17.64
C8 UJ2 B . -1.42 -12.09 14.71
C10 UJ2 B . -1.53 -11.79 13.24
C13 UJ2 B . 0.87 -13.21 10.70
C15 UJ2 B . 2.14 -12.24 12.51
C17 UJ2 B . 3.37 -13.30 10.61
C20 UJ2 B . 5.71 -14.04 9.35
C21 UJ2 B . 4.66 -13.56 8.61
C22 UJ2 B . 3.48 -13.19 9.23
C24 UJ2 B . -0.75 -9.56 13.61
C1 UJ2 B . -0.71 -12.90 16.60
N7 UJ2 B . -0.52 -12.85 15.25
N9 UJ2 B . -2.27 -11.62 15.66
C11 UJ2 B . -0.25 -12.19 12.55
C12 UJ2 B . -0.30 -12.85 11.34
C16 UJ2 B . 0.96 -11.89 13.14
C14 UJ2 B . 2.10 -12.91 11.29
C18 UJ2 B . 4.43 -13.79 11.36
C19 UJ2 B . 5.61 -14.15 10.73
O23 UJ2 B . -1.76 -10.39 13.05
C2 UJ2 B . -1.84 -12.11 16.88
C3 UJ2 B . -2.29 -11.99 18.18
C25 UJ2 B . -2.07 -12.51 20.60
O26 UJ2 B . -1.61 -13.24 21.47
O27 UJ2 B . -3.00 -11.59 20.92
H29 UJ2 B . 0.04 -13.93 19.72
H30 UJ2 B . 0.83 -14.16 17.43
H32 UJ2 B . -2.36 -12.35 12.81
H34 UJ2 B . 0.83 -13.72 9.76
H35 UJ2 B . 3.09 -12.01 12.97
H39 UJ2 B . 6.63 -14.32 8.86
H40 UJ2 B . 4.75 -13.47 7.53
H41 UJ2 B . 2.64 -12.82 8.64
H42 UJ2 B . 0.08 -9.46 12.91
H44 UJ2 B . -0.38 -10.00 14.54
H43 UJ2 B . -1.16 -8.57 13.82
H31 UJ2 B . -3.03 -11.03 15.52
H33 UJ2 B . -1.25 -13.08 10.89
H36 UJ2 B . 0.99 -11.38 14.08
H37 UJ2 B . 4.35 -13.88 12.43
H38 UJ2 B . 6.44 -14.52 11.30
H28 UJ2 B . -3.16 -11.39 18.41
H45 UJ2 B . -3.82 -11.91 21.31
N GLY A 1 -8.98 -10.07 18.31
CA GLY A 1 -9.00 -10.97 17.16
C GLY A 1 -8.55 -12.37 17.51
N SER A 2 -8.53 -13.24 16.50
CA SER A 2 -8.13 -14.62 16.71
C SER A 2 -6.91 -14.96 15.86
N PRO A 3 -6.19 -16.04 16.25
CA PRO A 3 -4.99 -16.49 15.52
C PRO A 3 -5.33 -17.08 14.16
N GLY A 4 -4.34 -17.07 13.26
CA GLY A 4 -4.55 -17.61 11.94
C GLY A 4 -5.30 -16.64 11.04
N GLU A 5 -6.59 -16.45 11.34
CA GLU A 5 -7.42 -15.56 10.55
C GLU A 5 -6.77 -14.19 10.39
N ASN A 6 -6.06 -13.76 11.44
CA ASN A 6 -5.38 -12.46 11.43
C ASN A 6 -4.43 -12.37 10.25
N LEU A 7 -3.80 -13.49 9.91
CA LEU A 7 -2.86 -13.52 8.79
C LEU A 7 -3.55 -13.18 7.48
N LYS A 8 -4.74 -13.74 7.29
CA LYS A 8 -5.51 -13.49 6.07
C LYS A 8 -5.81 -12.00 5.91
N HIS A 9 -5.87 -11.29 7.04
CA HIS A 9 -6.16 -9.86 7.02
C HIS A 9 -5.19 -9.13 6.09
N ILE A 10 -3.89 -9.42 6.23
CA ILE A 10 -2.88 -8.80 5.41
C ILE A 10 -3.02 -9.21 3.95
N ILE A 11 -3.43 -10.46 3.72
CA ILE A 11 -3.60 -10.97 2.38
C ILE A 11 -4.72 -10.23 1.64
N THR A 12 -5.90 -10.19 2.27
CA THR A 12 -7.06 -9.51 1.68
C THR A 12 -6.87 -7.99 1.70
N LEU A 13 -6.77 -7.43 2.90
CA LEU A 13 -6.59 -5.99 3.05
C LEU A 13 -5.39 -5.51 2.25
N GLY A 14 -4.38 -6.37 2.12
CA GLY A 14 -3.19 -6.01 1.38
C GLY A 14 -3.48 -5.75 -0.08
N GLN A 15 -4.11 -6.71 -0.74
CA GLN A 15 -4.44 -6.58 -2.16
C GLN A 15 -5.62 -5.66 -2.36
N VAL A 16 -6.49 -5.57 -1.35
CA VAL A 16 -7.66 -4.72 -1.41
C VAL A 16 -7.29 -3.29 -1.82
N ILE A 17 -6.09 -2.88 -1.44
CA ILE A 17 -5.60 -1.55 -1.76
C ILE A 17 -5.54 -1.33 -3.28
N HIS A 18 -4.94 -2.29 -3.98
CA HIS A 18 -4.81 -2.20 -5.43
C HIS A 18 -6.18 -2.33 -6.10
N LYS A 19 -7.02 -3.21 -5.56
CA LYS A 19 -8.34 -3.43 -6.11
C LYS A 19 -9.11 -2.12 -6.22
N ARG A 20 -8.79 -1.18 -5.34
CA ARG A 20 -9.45 0.13 -5.35
C ARG A 20 -9.32 0.79 -6.72
N CYS A 21 -8.11 0.77 -7.27
CA CYS A 21 -7.85 1.37 -8.58
C CYS A 21 -8.88 0.90 -9.60
N GLU A 22 -9.39 -0.32 -9.41
CA GLU A 22 -10.37 -0.88 -10.33
C GLU A 22 -11.59 0.03 -10.44
N GLU A 23 -11.94 0.67 -9.33
CA GLU A 23 -13.09 1.56 -9.30
C GLU A 23 -12.70 2.96 -9.75
N MET A 24 -11.44 3.33 -9.51
CA MET A 24 -10.94 4.65 -9.90
C MET A 24 -10.90 4.79 -11.41
N LYS A 25 -10.87 6.04 -11.88
CA LYS A 25 -10.82 6.32 -13.31
C LYS A 25 -9.82 7.42 -13.61
N TYR A 26 -9.81 8.45 -12.76
CA TYR A 26 -8.90 9.58 -12.94
C TYR A 26 -7.55 9.30 -12.30
N CYS A 27 -7.58 8.85 -11.04
CA CYS A 27 -6.36 8.55 -10.31
C CYS A 27 -5.94 7.10 -10.52
N LYS A 28 -6.78 6.35 -11.23
CA LYS A 28 -6.50 4.94 -11.51
C LYS A 28 -5.08 4.76 -12.03
N LYS A 29 -4.58 5.77 -12.75
CA LYS A 29 -3.23 5.72 -13.30
C LYS A 29 -2.19 5.69 -12.18
N GLN A 30 -2.33 6.61 -11.23
CA GLN A 30 -1.39 6.68 -10.11
C GLN A 30 -1.64 5.54 -9.12
N CYS A 31 -2.90 5.14 -9.00
CA CYS A 31 -3.27 4.06 -8.09
C CYS A 31 -2.77 2.72 -8.60
N ARG A 32 -2.69 2.59 -9.93
CA ARG A 32 -2.24 1.35 -10.55
C ARG A 32 -0.92 0.89 -9.94
N ARG A 33 0.08 1.77 -9.96
CA ARG A 33 1.39 1.46 -9.40
C ARG A 33 1.36 1.48 -7.88
N LEU A 34 0.54 2.37 -7.32
CA LEU A 34 0.43 2.49 -5.87
C LEU A 34 0.15 1.14 -5.23
N GLY A 35 -0.89 0.46 -5.71
CA GLY A 35 -1.24 -0.84 -5.18
C GLY A 35 -0.29 -1.93 -5.63
N HIS A 36 0.18 -1.83 -6.87
CA HIS A 36 1.09 -2.81 -7.43
C HIS A 36 2.31 -2.99 -6.52
N ARG A 37 2.99 -1.89 -6.22
CA ARG A 37 4.16 -1.93 -5.37
C ARG A 37 3.79 -2.28 -3.93
N VAL A 38 2.60 -1.86 -3.53
CA VAL A 38 2.11 -2.13 -2.17
C VAL A 38 1.91 -3.62 -1.95
N LEU A 39 1.53 -4.33 -3.00
CA LEU A 39 1.29 -5.76 -2.92
C LEU A 39 2.62 -6.52 -2.79
N GLY A 40 3.71 -5.87 -3.18
CA GLY A 40 5.01 -6.49 -3.09
C GLY A 40 5.35 -6.93 -1.67
N LEU A 41 4.73 -6.28 -0.70
CA LEU A 41 4.97 -6.60 0.71
C LEU A 41 4.14 -7.81 1.13
N ILE A 42 2.87 -7.82 0.75
CA ILE A 42 1.98 -8.92 1.08
C ILE A 42 2.24 -10.13 0.19
N LYS A 43 2.83 -9.89 -0.97
CA LYS A 43 3.13 -10.96 -1.92
C LYS A 43 3.81 -12.13 -1.22
N PRO A 44 4.97 -11.84 -0.59
CA PRO A 44 5.74 -12.86 0.13
C PRO A 44 5.04 -13.33 1.40
N LEU A 45 3.93 -12.68 1.73
CA LEU A 45 3.17 -13.03 2.93
C LEU A 45 2.14 -14.10 2.63
N GLU A 46 1.80 -14.24 1.35
CA GLU A 46 0.81 -15.24 0.92
C GLU A 46 1.43 -16.63 0.91
N MET A 47 2.72 -16.71 0.60
CA MET A 47 3.42 -17.99 0.55
C MET A 47 3.51 -18.61 1.94
N LEU A 48 3.54 -17.76 2.95
CA LEU A 48 3.62 -18.22 4.33
C LEU A 48 2.23 -18.34 4.96
N GLN A 49 1.30 -17.55 4.45
CA GLN A 49 -0.07 -17.56 4.96
C GLN A 49 -0.64 -18.97 4.95
N ASP A 50 -0.11 -19.81 4.06
CA ASP A 50 -0.57 -21.19 3.96
C ASP A 50 0.09 -22.07 5.02
N GLN A 51 1.36 -21.78 5.30
CA GLN A 51 2.10 -22.54 6.31
C GLN A 51 1.34 -22.61 7.62
N GLY A 52 1.18 -21.45 8.26
CA GLY A 52 0.47 -21.39 9.53
C GLY A 52 1.03 -22.36 10.55
N LYS A 53 0.39 -22.42 11.72
CA LYS A 53 0.83 -23.31 12.78
C LYS A 53 -0.07 -23.20 14.00
N ARG A 54 0.19 -24.02 15.01
CA ARG A 54 -0.61 -24.01 16.23
C ARG A 54 -0.15 -22.91 17.18
N SER A 55 0.99 -23.14 17.83
CA SER A 55 1.54 -22.17 18.77
C SER A 55 2.06 -20.94 18.03
N VAL A 56 2.77 -20.08 18.75
CA VAL A 56 3.32 -18.86 18.17
C VAL A 56 4.54 -18.37 18.96
N PRO A 57 5.61 -18.05 18.23
CA PRO A 57 6.85 -17.56 18.85
C PRO A 57 6.71 -16.16 19.44
N SER A 58 7.84 -15.51 19.68
CA SER A 58 7.83 -14.16 20.25
C SER A 58 6.85 -13.26 19.49
N GLU A 59 5.74 -12.93 20.14
CA GLU A 59 4.73 -12.07 19.53
C GLU A 59 5.32 -10.73 19.14
N LYS A 60 6.51 -10.44 19.64
CA LYS A 60 7.19 -9.19 19.33
C LYS A 60 7.28 -8.98 17.83
N LEU A 61 7.43 -10.07 17.08
CA LEU A 61 7.52 -9.99 15.63
C LEU A 61 6.13 -9.89 15.00
N THR A 62 5.12 -10.40 15.71
CA THR A 62 3.75 -10.36 15.21
C THR A 62 3.16 -8.96 15.34
N THR A 63 3.51 -8.27 16.43
CA THR A 63 3.01 -6.93 16.68
C THR A 63 3.23 -6.02 15.47
N ALA A 64 4.36 -6.22 14.79
CA ALA A 64 4.69 -5.43 13.61
C ALA A 64 3.57 -5.48 12.59
N MET A 65 2.80 -6.56 12.61
CA MET A 65 1.69 -6.73 11.68
C MET A 65 0.51 -5.83 12.07
N ASN A 66 0.30 -5.67 13.37
CA ASN A 66 -0.78 -4.84 13.88
C ASN A 66 -0.65 -3.41 13.37
N ARG A 67 0.57 -2.88 13.42
CA ARG A 67 0.82 -1.52 12.98
C ARG A 67 0.88 -1.45 11.45
N PHE A 68 1.40 -2.50 10.84
CA PHE A 68 1.52 -2.56 9.38
C PHE A 68 0.15 -2.61 8.73
N LYS A 69 -0.74 -3.45 9.27
CA LYS A 69 -2.09 -3.59 8.75
C LYS A 69 -2.75 -2.23 8.58
N ALA A 70 -2.53 -1.35 9.55
CA ALA A 70 -3.10 -0.01 9.51
C ALA A 70 -2.43 0.85 8.44
N ALA A 71 -1.14 0.63 8.24
CA ALA A 71 -0.38 1.39 7.25
C ALA A 71 -1.09 1.39 5.90
N LEU A 72 -1.41 0.19 5.40
CA LEU A 72 -2.09 0.05 4.13
C LEU A 72 -3.58 0.37 4.26
N GLU A 73 -4.12 0.15 5.45
CA GLU A 73 -5.53 0.42 5.71
C GLU A 73 -5.91 1.82 5.27
N GLU A 74 -4.99 2.77 5.47
CA GLU A 74 -5.23 4.16 5.10
C GLU A 74 -5.19 4.32 3.58
N ALA A 75 -4.36 3.52 2.92
CA ALA A 75 -4.23 3.57 1.47
C ALA A 75 -5.58 3.29 0.79
N ASN A 76 -6.16 2.14 1.10
CA ASN A 76 -7.44 1.75 0.52
C ASN A 76 -8.54 2.72 0.93
N GLY A 77 -8.45 3.22 2.16
CA GLY A 77 -9.45 4.15 2.66
C GLY A 77 -9.36 5.50 1.97
N GLU A 78 -8.15 5.93 1.65
CA GLU A 78 -7.94 7.22 1.00
C GLU A 78 -8.42 7.17 -0.46
N ILE A 79 -8.07 6.08 -1.14
CA ILE A 79 -8.45 5.91 -2.54
C ILE A 79 -9.96 6.08 -2.71
N GLU A 80 -10.72 5.70 -1.69
CA GLU A 80 -12.17 5.82 -1.73
C GLU A 80 -12.60 7.28 -1.82
N LYS A 81 -12.26 8.06 -0.81
CA LYS A 81 -12.61 9.47 -0.77
C LYS A 81 -11.95 10.22 -1.92
N PHE A 82 -10.74 9.80 -2.29
CA PHE A 82 -10.00 10.43 -3.38
C PHE A 82 -10.87 10.53 -4.64
N SER A 83 -11.77 9.55 -4.80
CA SER A 83 -12.66 9.53 -5.96
C SER A 83 -13.40 10.85 -6.12
N ASN A 84 -13.69 11.49 -4.98
CA ASN A 84 -14.41 12.76 -4.99
C ASN A 84 -13.74 13.75 -5.93
N ARG A 85 -14.45 14.10 -7.00
CA ARG A 85 -13.93 15.04 -7.99
C ARG A 85 -13.42 16.32 -7.31
N SER A 86 -14.11 16.73 -6.25
CA SER A 86 -13.73 17.93 -5.52
C SER A 86 -12.38 17.75 -4.84
N ASN A 87 -12.11 16.54 -4.37
CA ASN A 87 -10.85 16.23 -3.71
C ASN A 87 -9.68 16.37 -4.67
N ILE A 88 -9.77 15.70 -5.82
CA ILE A 88 -8.72 15.76 -6.82
C ILE A 88 -8.65 17.13 -7.47
N CYS A 89 -9.82 17.75 -7.66
CA CYS A 89 -9.89 19.08 -8.28
C CYS A 89 -9.16 20.11 -7.44
N ARG A 90 -9.59 20.25 -6.18
CA ARG A 90 -8.97 21.21 -5.27
C ARG A 90 -7.48 20.91 -5.10
N PHE A 91 -7.13 19.63 -5.13
CA PHE A 91 -5.74 19.22 -4.98
C PHE A 91 -4.91 19.63 -6.19
N LEU A 92 -5.34 19.19 -7.36
CA LEU A 92 -4.62 19.51 -8.61
C LEU A 92 -4.52 21.02 -8.79
N THR A 93 -5.66 21.71 -8.67
CA THR A 93 -5.70 23.15 -8.83
C THR A 93 -4.70 23.83 -7.90
N ALA A 94 -4.53 23.27 -6.71
CA ALA A 94 -3.61 23.82 -5.73
C ALA A 94 -2.18 23.80 -6.24
N SER A 95 -1.82 22.70 -6.91
CA SER A 95 -0.47 22.55 -7.46
C SER A 95 0.57 22.66 -6.35
N GLN A 96 0.54 21.72 -5.41
CA GLN A 96 1.48 21.71 -4.30
C GLN A 96 2.31 20.42 -4.30
N ASP A 97 1.67 19.32 -4.65
CA ASP A 97 2.34 18.03 -4.69
C ASP A 97 2.13 17.34 -6.04
N LYS A 98 2.89 16.28 -6.29
CA LYS A 98 2.79 15.54 -7.53
C LYS A 98 2.14 14.18 -7.31
N ILE A 99 2.46 13.55 -6.19
CA ILE A 99 1.91 12.24 -5.86
C ILE A 99 0.52 12.38 -5.25
N LEU A 100 -0.22 11.28 -5.22
CA LEU A 100 -1.57 11.27 -4.67
C LEU A 100 -1.64 10.43 -3.39
N PHE A 101 -0.93 9.30 -3.39
CA PHE A 101 -0.91 8.41 -2.24
C PHE A 101 0.51 8.29 -1.68
N LYS A 102 1.26 9.38 -1.74
CA LYS A 102 2.63 9.39 -1.24
C LYS A 102 2.66 9.35 0.29
N ASP A 103 1.67 9.99 0.91
CA ASP A 103 1.57 10.01 2.37
C ASP A 103 1.43 8.60 2.93
N VAL A 104 0.51 7.83 2.36
CA VAL A 104 0.27 6.46 2.80
C VAL A 104 1.44 5.56 2.44
N ASN A 105 2.14 5.91 1.36
CA ASN A 105 3.29 5.12 0.92
C ASN A 105 4.49 5.35 1.82
N ARG A 106 4.65 6.58 2.28
CA ARG A 106 5.76 6.93 3.16
C ARG A 106 5.78 6.04 4.40
N LYS A 107 4.63 5.90 5.04
CA LYS A 107 4.51 5.08 6.24
C LYS A 107 4.52 3.60 5.88
N LEU A 108 3.82 3.25 4.80
CA LEU A 108 3.75 1.86 4.35
C LEU A 108 5.16 1.29 4.15
N SER A 109 6.05 2.09 3.61
CA SER A 109 7.43 1.67 3.38
C SER A 109 8.25 1.72 4.66
N ASP A 110 7.92 2.67 5.52
CA ASP A 110 8.62 2.84 6.78
C ASP A 110 8.36 1.65 7.71
N VAL A 111 7.09 1.35 7.93
CA VAL A 111 6.71 0.24 8.80
C VAL A 111 7.28 -1.07 8.29
N TRP A 112 7.35 -1.21 6.97
CA TRP A 112 7.88 -2.42 6.35
C TRP A 112 9.35 -2.63 6.73
N LYS A 113 10.10 -1.55 6.78
CA LYS A 113 11.51 -1.62 7.14
C LYS A 113 11.71 -2.42 8.42
N GLU A 114 10.98 -2.05 9.46
CA GLU A 114 11.07 -2.73 10.75
C GLU A 114 10.32 -4.07 10.70
N LEU A 115 9.10 -4.04 10.17
CA LEU A 115 8.29 -5.25 10.08
C LEU A 115 9.07 -6.38 9.41
N SER A 116 9.39 -6.19 8.13
CA SER A 116 10.13 -7.19 7.38
C SER A 116 11.35 -7.68 8.16
N LEU A 117 11.94 -6.77 8.93
CA LEU A 117 13.11 -7.09 9.72
C LEU A 117 12.76 -8.04 10.86
N LEU A 118 11.60 -7.81 11.48
CA LEU A 118 11.13 -8.64 12.58
C LEU A 118 10.76 -10.04 12.08
N LEU A 119 10.34 -10.11 10.83
CA LEU A 119 9.96 -11.40 10.24
C LEU A 119 11.19 -12.21 9.85
N GLN A 120 12.04 -11.62 9.02
CA GLN A 120 13.26 -12.30 8.58
C GLN A 120 14.10 -12.75 9.77
N VAL A 121 14.29 -11.84 10.73
CA VAL A 121 15.08 -12.16 11.92
C VAL A 121 14.51 -13.36 12.66
N GLU A 122 13.18 -13.50 12.62
CA GLU A 122 12.51 -14.60 13.29
C GLU A 122 12.52 -15.86 12.41
N GLN A 123 11.68 -15.86 11.39
CA GLN A 123 11.60 -17.00 10.47
C GLN A 123 11.92 -16.58 9.04
N ARG A 124 12.50 -17.49 8.28
CA ARG A 124 12.86 -17.22 6.90
C ARG A 124 11.68 -16.63 6.13
N MET A 125 11.73 -15.32 5.90
CA MET A 125 10.66 -14.63 5.19
C MET A 125 11.24 -13.59 4.23
N PRO A 126 11.04 -13.82 2.92
CA PRO A 126 11.53 -12.92 1.87
C PRO A 126 10.78 -11.59 1.86
N VAL A 127 11.52 -10.49 1.95
CA VAL A 127 10.93 -9.15 1.94
C VAL A 127 11.10 -8.49 0.60
N SER A 128 10.38 -7.39 0.38
CA SER A 128 10.46 -6.65 -0.87
C SER A 128 11.91 -6.34 -1.24
N PRO A 129 12.24 -6.48 -2.53
CA PRO A 129 13.59 -6.21 -3.04
C PRO A 129 13.95 -4.74 -3.00
N ILE A 130 12.99 -3.89 -3.36
CA ILE A 130 13.21 -2.45 -3.36
C ILE A 130 13.78 -1.97 -2.03
N SER A 131 14.41 -0.80 -2.03
CA SER A 131 15.01 -0.25 -0.84
C SER A 131 13.94 0.08 0.20
N GLN A 132 12.70 0.25 -0.26
CA GLN A 132 11.58 0.57 0.62
C GLN A 132 11.77 1.93 1.27
N GLY A 133 11.52 2.98 0.51
CA GLY A 133 11.67 4.32 1.03
C GLY A 133 11.55 5.39 -0.05
N ALA A 134 12.70 5.84 -0.55
CA ALA A 134 12.72 6.85 -1.60
C ALA A 134 12.34 6.26 -2.95
N SER A 135 12.74 5.02 -3.18
CA SER A 135 12.44 4.34 -4.43
C SER A 135 10.95 4.41 -4.75
N TRP A 136 10.13 4.32 -3.71
CA TRP A 136 8.69 4.37 -3.86
C TRP A 136 8.25 5.65 -4.57
N ALA A 137 8.69 6.79 -4.04
CA ALA A 137 8.35 8.09 -4.62
C ALA A 137 9.14 8.32 -5.91
N GLN A 138 10.31 7.71 -6.02
CA GLN A 138 11.14 7.85 -7.20
C GLN A 138 10.38 7.47 -8.46
N GLU A 139 9.74 6.30 -8.43
CA GLU A 139 8.97 5.82 -9.57
C GLU A 139 7.63 6.52 -9.66
N ASP A 140 7.06 6.84 -8.49
CA ASP A 140 5.76 7.52 -8.43
C ASP A 140 5.84 8.89 -9.09
N GLN A 141 6.90 9.63 -8.79
CA GLN A 141 7.08 10.97 -9.35
C GLN A 141 7.05 10.92 -10.88
N GLN A 142 7.65 9.88 -11.46
CA GLN A 142 7.68 9.73 -12.91
C GLN A 142 6.27 9.76 -13.49
N ASP A 143 5.36 9.03 -12.84
CA ASP A 143 3.97 8.97 -13.30
C ASP A 143 3.23 10.25 -12.95
N ALA A 144 3.40 10.71 -11.72
CA ALA A 144 2.75 11.93 -11.25
C ALA A 144 3.02 13.09 -12.20
N ASP A 145 4.24 13.12 -12.75
CA ASP A 145 4.62 14.18 -13.68
C ASP A 145 3.64 14.27 -14.85
N GLU A 146 3.41 13.14 -15.49
CA GLU A 146 2.49 13.08 -16.64
C GLU A 146 1.04 13.14 -16.17
N ASP A 147 0.78 12.55 -15.01
CA ASP A 147 -0.57 12.53 -14.45
C ASP A 147 -1.16 13.93 -14.38
N ARG A 148 -0.29 14.90 -14.09
CA ARG A 148 -0.73 16.29 -13.98
C ARG A 148 -1.52 16.71 -15.22
N ARG A 149 -0.83 16.78 -16.36
CA ARG A 149 -1.48 17.16 -17.61
C ARG A 149 -2.59 16.18 -17.98
N ALA A 150 -2.36 14.91 -17.71
CA ALA A 150 -3.34 13.87 -18.01
C ALA A 150 -4.69 14.20 -17.38
N PHE A 151 -4.66 14.75 -16.18
CA PHE A 151 -5.89 15.11 -15.47
C PHE A 151 -6.75 16.03 -16.32
N GLN A 152 -6.12 17.03 -16.93
CA GLN A 152 -6.83 17.98 -17.77
C GLN A 152 -7.57 17.27 -18.90
N MET A 153 -6.95 16.23 -19.43
CA MET A 153 -7.55 15.46 -20.52
C MET A 153 -8.94 14.97 -20.14
N LEU A 154 -9.11 14.57 -18.88
CA LEU A 154 -10.39 14.09 -18.39
C LEU A 154 -11.40 15.22 -18.30
N ARG A 155 -12.35 15.24 -19.24
CA ARG A 155 -13.38 16.27 -19.26
C ARG A 155 -14.76 15.65 -19.46
N ARG A 156 -14.86 14.75 -20.43
CA ARG A 156 -16.13 14.08 -20.72
C ARG A 156 -16.15 12.68 -20.13
N ASP A 157 -17.35 12.22 -19.78
CA ASP A 157 -17.51 10.89 -19.21
C ASP A 157 -17.00 9.81 -20.16
C4 UJ2 B . -1.15 -15.99 18.25
C5 UJ2 B . -0.90 -14.76 18.87
C6 UJ2 B . -0.83 -13.61 18.14
C8 UJ2 B . -1.22 -13.27 14.62
C10 UJ2 B . -1.27 -12.52 13.31
C13 UJ2 B . 1.37 -12.30 10.64
C15 UJ2 B . 2.19 -13.72 12.42
C17 UJ2 B . 3.65 -13.31 10.44
C20 UJ2 B . 6.02 -13.68 9.05
C21 UJ2 B . 5.99 -13.88 10.42
C22 UJ2 B . 4.80 -13.69 11.12
C24 UJ2 B . -0.27 -10.44 13.95
C1 UJ2 B . -1.01 -13.66 16.75
N7 UJ2 B . -0.99 -12.71 15.78
N9 UJ2 B . -1.39 -14.60 14.77
C11 UJ2 B . 0.01 -12.73 12.56
C12 UJ2 B . 0.20 -12.12 11.33
C16 UJ2 B . 1.02 -13.52 13.10
C14 UJ2 B . 2.39 -13.10 11.18
C18 UJ2 B . 3.70 -13.12 9.05
C19 UJ2 B . 4.89 -13.31 8.37
O23 UJ2 B . -1.46 -11.13 13.55
C2 UJ2 B . -1.26 -14.89 16.11
C3 UJ2 B . -1.33 -16.05 16.86
C25 UJ2 B . -1.23 -17.23 19.05
O26 UJ2 B . -1.39 -18.30 18.50
O27 UJ2 B . -1.12 -17.16 20.39
H29 UJ2 B . -0.75 -14.73 19.93
H30 UJ2 B . -0.63 -12.67 18.63
H32 UJ2 B . -2.11 -12.90 12.71
H34 UJ2 B . 1.53 -11.83 9.68
H35 UJ2 B . 2.97 -14.34 12.85
H39 UJ2 B . 6.95 -13.83 8.53
H40 UJ2 B . 6.88 -14.18 10.95
H41 UJ2 B . 4.78 -13.83 12.19
H42 UJ2 B . -0.54 -9.59 14.58
H44 UJ2 B . 0.25 -10.09 13.06
H43 UJ2 B . 0.36 -11.12 14.52
H31 UJ2 B . -1.57 -15.23 14.06
H33 UJ2 B . -0.58 -11.49 10.91
H36 UJ2 B . 0.86 -13.99 14.06
H37 UJ2 B . 2.81 -12.82 8.53
H38 UJ2 B . 4.92 -13.16 7.30
H28 UJ2 B . -1.52 -17.00 16.37
H45 UJ2 B . -1.75 -17.70 20.90
#